data_8HMG
#
_entry.id   8HMG
#
_cell.length_a   244.410
_cell.length_b   244.410
_cell.length_c   63.650
_cell.angle_alpha   90.00
_cell.angle_beta   90.00
_cell.angle_gamma   120.00
#
_symmetry.space_group_name_H-M   'P 31'
#
loop_
_entity.id
_entity.type
_entity.pdbx_description
1 polymer 'E3 ubiquitin-protein ligase RGLG2'
2 non-polymer 'CALCIUM ION'
3 non-polymer 'MAGNESIUM ION'
4 non-polymer 'SULFATE ION'
5 water water
#
_entity_poly.entity_id   1
_entity_poly.type   'polypeptide(L)'
_entity_poly.pdbx_seq_one_letter_code
;GTSSMADIGSEFSDNKKRLERKYSKISDDYSSLEQVTEALARAGLESSNLIVGIDFTKSNEWTGARSFNRKSLHFIGSSP
NPYEQAITIIGRTLAAFDEDNLIPCYGFGDASTHDQDVFSFNSEDRFCNGFEEVLSRYKEIVPQLKLAGPTSFAPIIDMA
MTIVEQSGGQYHVLVIIADGQVTRSVDTENGQLSPQEQKTVDAIVQASKLPLSIVLVGVGDGPWDMMREFDDNIPARAFD
NFQFVNFTEIMAKNKAQSLKETEFALSALMEIPQQYKATIELNLLGRRNGYIPERFPLPPPMRGGSS
;
_entity_poly.pdbx_strand_id   A,B,C,D,E,F,G,H,I
#
loop_
_chem_comp.id
_chem_comp.type
_chem_comp.name
_chem_comp.formula
CA non-polymer 'CALCIUM ION' 'Ca 2'
MG non-polymer 'MAGNESIUM ION' 'Mg 2'
SO4 non-polymer 'SULFATE ION' 'O4 S -2'
#
# COMPACT_ATOMS: atom_id res chain seq x y z
N LYS A 16 -45.77 -21.28 -17.11
CA LYS A 16 -45.27 -20.56 -15.92
C LYS A 16 -43.87 -19.99 -16.19
N LYS A 17 -43.02 -20.74 -16.90
CA LYS A 17 -41.66 -20.34 -17.36
C LYS A 17 -41.72 -18.98 -18.06
N ARG A 18 -42.60 -18.88 -19.07
CA ARG A 18 -42.67 -17.74 -20.05
C ARG A 18 -43.31 -16.50 -19.40
N LEU A 19 -44.23 -16.69 -18.45
CA LEU A 19 -45.00 -15.62 -17.73
C LEU A 19 -44.09 -14.90 -16.71
N GLU A 20 -43.02 -15.56 -16.25
CA GLU A 20 -42.06 -15.00 -15.27
C GLU A 20 -41.05 -14.11 -16.01
N ARG A 21 -40.65 -14.51 -17.22
CA ARG A 21 -39.75 -13.70 -18.11
C ARG A 21 -40.56 -12.56 -18.76
N LYS A 22 -41.89 -12.63 -18.74
CA LYS A 22 -42.75 -11.47 -19.12
C LYS A 22 -42.65 -10.37 -18.06
N TYR A 23 -42.49 -10.74 -16.78
CA TYR A 23 -42.54 -9.82 -15.60
C TYR A 23 -41.17 -9.69 -14.95
N SER A 24 -40.11 -10.21 -15.61
CA SER A 24 -38.68 -10.10 -15.25
C SER A 24 -38.34 -8.74 -14.67
N LYS A 25 -38.37 -7.68 -15.48
CA LYS A 25 -38.00 -6.33 -15.02
C LYS A 25 -39.07 -5.35 -15.45
N ILE A 26 -39.38 -4.39 -14.60
CA ILE A 26 -40.45 -3.39 -14.82
C ILE A 26 -39.77 -2.04 -14.89
N SER A 27 -39.71 -1.45 -16.09
CA SER A 27 -39.18 -0.09 -16.32
C SER A 27 -40.14 0.98 -15.81
N ASP A 28 -39.63 2.20 -15.72
CA ASP A 28 -40.46 3.41 -15.48
C ASP A 28 -41.25 3.66 -16.75
N ASP A 29 -42.54 3.29 -16.79
CA ASP A 29 -43.36 3.35 -18.02
C ASP A 29 -44.40 4.46 -17.89
N TYR A 30 -44.25 5.40 -16.95
CA TYR A 30 -45.29 6.42 -16.65
C TYR A 30 -44.60 7.73 -16.28
N SER A 31 -45.07 8.85 -16.82
CA SER A 31 -44.40 10.17 -16.75
C SER A 31 -45.18 11.10 -15.82
N SER A 32 -46.38 10.71 -15.42
CA SER A 32 -47.24 11.53 -14.51
C SER A 32 -48.01 10.60 -13.57
N LEU A 33 -48.48 11.15 -12.45
CA LEU A 33 -49.33 10.40 -11.48
C LEU A 33 -50.62 9.97 -12.19
N GLU A 34 -51.20 10.84 -13.01
CA GLU A 34 -52.49 10.59 -13.75
C GLU A 34 -52.34 9.31 -14.59
N GLN A 35 -51.24 9.16 -15.34
CA GLN A 35 -50.98 7.99 -16.21
C GLN A 35 -51.06 6.70 -15.38
N VAL A 36 -50.47 6.73 -14.18
CA VAL A 36 -50.40 5.57 -13.24
C VAL A 36 -51.79 5.33 -12.67
N THR A 37 -52.45 6.38 -12.17
CA THR A 37 -53.84 6.31 -11.64
C THR A 37 -54.73 5.61 -12.67
N GLU A 38 -54.55 5.94 -13.95
CA GLU A 38 -55.32 5.38 -15.08
C GLU A 38 -54.93 3.91 -15.24
N ALA A 39 -53.62 3.64 -15.34
CA ALA A 39 -53.07 2.28 -15.52
C ALA A 39 -53.56 1.37 -14.40
N LEU A 40 -53.77 1.91 -13.20
CA LEU A 40 -54.25 1.15 -12.01
C LEU A 40 -55.73 0.80 -12.20
N ALA A 41 -56.53 1.75 -12.69
CA ALA A 41 -57.95 1.51 -13.06
C ALA A 41 -57.98 0.40 -14.12
N ARG A 42 -57.31 0.60 -15.26
CA ARG A 42 -57.26 -0.36 -16.39
C ARG A 42 -56.77 -1.72 -15.90
N ALA A 43 -55.97 -1.78 -14.83
CA ALA A 43 -55.42 -3.05 -14.27
C ALA A 43 -56.51 -3.79 -13.48
N GLY A 44 -57.50 -3.05 -12.99
CA GLY A 44 -58.61 -3.56 -12.16
C GLY A 44 -58.22 -3.70 -10.71
N LEU A 45 -57.44 -2.75 -10.16
CA LEU A 45 -57.07 -2.71 -8.74
C LEU A 45 -58.24 -2.10 -7.97
N GLU A 46 -58.87 -2.90 -7.08
CA GLU A 46 -60.11 -2.50 -6.36
C GLU A 46 -59.87 -2.37 -4.85
N SER A 47 -58.85 -3.04 -4.32
CA SER A 47 -58.56 -3.19 -2.87
C SER A 47 -57.04 -3.38 -2.74
N SER A 48 -56.42 -2.63 -1.84
CA SER A 48 -54.99 -2.69 -1.45
C SER A 48 -54.86 -2.36 0.03
N ASN A 49 -53.78 -2.82 0.67
CA ASN A 49 -53.41 -2.45 2.06
C ASN A 49 -51.90 -2.19 2.13
N LEU A 50 -51.51 -1.27 3.01
CA LEU A 50 -50.09 -0.94 3.21
C LEU A 50 -49.57 -1.68 4.43
N ILE A 51 -48.28 -2.01 4.41
CA ILE A 51 -47.48 -2.38 5.61
C ILE A 51 -46.26 -1.45 5.64
N VAL A 52 -45.86 -1.00 6.81
CA VAL A 52 -44.68 -0.10 6.94
C VAL A 52 -43.61 -0.78 7.80
N GLY A 53 -42.38 -0.70 7.34
CA GLY A 53 -41.17 -1.14 8.06
C GLY A 53 -40.19 0.00 8.19
N ILE A 54 -39.62 0.20 9.36
CA ILE A 54 -38.67 1.31 9.58
C ILE A 54 -37.34 0.77 10.11
N ASP A 55 -36.27 1.12 9.38
CA ASP A 55 -34.84 0.80 9.66
C ASP A 55 -34.36 1.62 10.85
N PHE A 56 -34.09 0.97 11.98
CA PHE A 56 -33.49 1.61 13.17
C PHE A 56 -32.07 1.06 13.37
N THR A 57 -31.31 0.83 12.29
CA THR A 57 -29.92 0.34 12.38
C THR A 57 -28.99 1.53 12.65
N LYS A 58 -27.78 1.24 13.11
CA LYS A 58 -26.78 2.24 13.57
C LYS A 58 -26.26 2.99 12.35
N SER A 59 -26.29 2.40 11.14
CA SER A 59 -25.83 3.09 9.90
C SER A 59 -26.53 4.44 9.77
N ASN A 60 -27.77 4.55 10.25
CA ASN A 60 -28.53 5.81 10.21
C ASN A 60 -27.75 6.94 10.91
N GLU A 61 -26.77 6.59 11.75
CA GLU A 61 -25.98 7.59 12.52
C GLU A 61 -25.07 8.33 11.55
N TRP A 62 -24.54 7.67 10.52
CA TRP A 62 -23.55 8.28 9.61
C TRP A 62 -24.07 8.51 8.18
N THR A 63 -25.24 8.00 7.82
CA THR A 63 -25.81 8.21 6.46
C THR A 63 -26.50 9.58 6.41
N GLY A 64 -26.35 10.42 7.45
CA GLY A 64 -26.84 11.80 7.43
C GLY A 64 -25.76 12.83 7.11
N ALA A 65 -24.55 12.37 6.78
CA ALA A 65 -23.34 13.21 6.55
C ALA A 65 -23.71 14.42 5.68
N ARG A 66 -23.95 14.22 4.37
CA ARG A 66 -24.26 15.31 3.40
C ARG A 66 -25.74 15.72 3.53
N SER A 67 -26.65 14.76 3.44
CA SER A 67 -28.09 14.98 3.22
C SER A 67 -28.79 15.60 4.43
N PHE A 68 -28.25 15.46 5.64
CA PHE A 68 -28.94 15.92 6.87
C PHE A 68 -27.95 16.55 7.86
N ASN A 69 -26.87 17.16 7.34
CA ASN A 69 -26.06 18.15 8.09
C ASN A 69 -25.31 17.44 9.24
N ARG A 70 -24.68 16.30 8.93
CA ARG A 70 -23.78 15.53 9.82
C ARG A 70 -24.54 15.02 11.05
N LYS A 71 -25.88 15.05 11.05
CA LYS A 71 -26.73 14.45 12.13
C LYS A 71 -27.18 13.02 11.75
N SER A 72 -27.74 12.33 12.74
CA SER A 72 -28.35 10.98 12.60
C SER A 72 -29.69 11.15 11.90
N LEU A 73 -30.03 10.25 10.97
CA LEU A 73 -31.33 10.29 10.26
C LEU A 73 -32.47 10.14 11.27
N HIS A 74 -32.20 9.58 12.45
CA HIS A 74 -33.22 9.37 13.52
C HIS A 74 -33.10 10.47 14.60
N PHE A 75 -32.29 11.50 14.36
CA PHE A 75 -32.11 12.61 15.34
C PHE A 75 -33.46 13.30 15.57
N ILE A 76 -33.83 13.57 16.82
CA ILE A 76 -35.04 14.38 17.15
C ILE A 76 -34.61 15.83 17.44
N GLY A 77 -34.84 16.73 16.48
CA GLY A 77 -34.50 18.16 16.55
C GLY A 77 -35.76 19.02 16.64
N SER A 78 -35.66 20.28 16.21
CA SER A 78 -36.74 21.28 16.17
C SER A 78 -37.53 21.12 14.87
N SER A 79 -36.87 20.60 13.83
CA SER A 79 -37.49 20.32 12.52
C SER A 79 -37.50 18.82 12.28
N PRO A 80 -38.38 18.29 11.39
CA PRO A 80 -38.48 16.85 11.20
C PRO A 80 -37.30 16.24 10.46
N ASN A 81 -36.93 15.01 10.82
CA ASN A 81 -35.79 14.26 10.24
C ASN A 81 -36.30 13.51 9.02
N PRO A 82 -35.42 12.97 8.16
CA PRO A 82 -35.87 12.30 6.94
C PRO A 82 -36.87 11.16 7.14
N TYR A 83 -36.85 10.47 8.27
CA TYR A 83 -37.83 9.40 8.59
C TYR A 83 -39.19 10.07 8.82
N GLU A 84 -39.23 11.10 9.65
CA GLU A 84 -40.46 11.87 9.95
C GLU A 84 -41.03 12.43 8.64
N GLN A 85 -40.17 12.92 7.75
CA GLN A 85 -40.59 13.54 6.46
C GLN A 85 -41.28 12.49 5.60
N ALA A 86 -40.60 11.35 5.41
CA ALA A 86 -41.06 10.21 4.59
C ALA A 86 -42.38 9.67 5.16
N ILE A 87 -42.46 9.46 6.46
CA ILE A 87 -43.74 9.00 7.08
C ILE A 87 -44.82 10.01 6.69
N THR A 88 -44.55 11.30 6.88
CA THR A 88 -45.54 12.38 6.62
C THR A 88 -45.96 12.32 5.14
N ILE A 89 -45.01 12.31 4.20
CA ILE A 89 -45.27 12.35 2.74
C ILE A 89 -45.94 11.05 2.28
N ILE A 90 -45.59 9.90 2.84
CA ILE A 90 -46.28 8.61 2.53
C ILE A 90 -47.75 8.77 2.93
N GLY A 91 -48.02 9.28 4.12
CA GLY A 91 -49.38 9.54 4.62
C GLY A 91 -50.16 10.49 3.72
N ARG A 92 -49.51 11.46 3.09
CA ARG A 92 -50.19 12.49 2.28
C ARG A 92 -50.44 11.93 0.86
N THR A 93 -49.57 11.05 0.35
CA THR A 93 -49.61 10.58 -1.06
C THR A 93 -50.17 9.17 -1.22
N LEU A 94 -50.03 8.26 -0.25
CA LEU A 94 -50.37 6.83 -0.47
C LEU A 94 -51.45 6.35 0.50
N ALA A 95 -51.93 7.18 1.44
CA ALA A 95 -52.87 6.73 2.49
C ALA A 95 -54.12 6.11 1.84
N ALA A 96 -54.47 6.60 0.66
CA ALA A 96 -55.58 6.09 -0.20
C ALA A 96 -55.43 4.59 -0.42
N PHE A 97 -54.21 4.08 -0.60
CA PHE A 97 -53.95 2.66 -0.98
C PHE A 97 -54.04 1.75 0.24
N ASP A 98 -54.33 2.26 1.45
CA ASP A 98 -54.74 1.41 2.59
C ASP A 98 -56.24 1.57 2.79
N GLU A 99 -57.03 0.54 2.47
CA GLU A 99 -58.49 0.69 2.32
C GLU A 99 -59.12 0.96 3.68
N ASP A 100 -58.63 0.33 4.76
CA ASP A 100 -59.25 0.42 6.12
C ASP A 100 -58.54 1.47 6.99
N ASN A 101 -57.52 2.14 6.46
CA ASN A 101 -56.73 3.18 7.17
C ASN A 101 -56.16 2.66 8.50
N LEU A 102 -56.02 1.35 8.66
CA LEU A 102 -55.25 0.72 9.76
C LEU A 102 -53.93 0.24 9.17
N ILE A 103 -52.79 0.75 9.66
CA ILE A 103 -51.45 0.50 9.06
C ILE A 103 -50.64 -0.35 10.01
N PRO A 104 -50.33 -1.62 9.67
CA PRO A 104 -49.36 -2.41 10.42
C PRO A 104 -47.99 -1.75 10.26
N CYS A 105 -47.34 -1.43 11.37
CA CYS A 105 -46.04 -0.71 11.38
C CYS A 105 -45.05 -1.48 12.25
N TYR A 106 -43.84 -1.69 11.73
CA TYR A 106 -42.77 -2.52 12.36
C TYR A 106 -41.45 -1.78 12.32
N GLY A 107 -40.69 -1.87 13.41
CA GLY A 107 -39.29 -1.45 13.49
C GLY A 107 -38.38 -2.66 13.36
N PHE A 108 -37.15 -2.46 12.90
CA PHE A 108 -36.11 -3.52 12.82
C PHE A 108 -34.72 -2.90 12.87
N GLY A 109 -33.78 -3.62 13.48
CA GLY A 109 -32.36 -3.25 13.51
C GLY A 109 -31.95 -2.48 14.75
N ASP A 110 -32.87 -2.28 15.70
CA ASP A 110 -32.53 -1.80 17.06
C ASP A 110 -31.94 -2.97 17.84
N ALA A 111 -31.44 -2.72 19.05
CA ALA A 111 -30.80 -3.72 19.93
C ALA A 111 -31.75 -4.89 20.21
N SER A 112 -33.08 -4.64 20.25
CA SER A 112 -34.08 -5.67 20.63
C SER A 112 -34.34 -6.67 19.48
N THR A 113 -33.91 -6.36 18.25
CA THR A 113 -34.27 -7.15 17.05
C THR A 113 -33.05 -7.54 16.20
N HIS A 114 -32.04 -6.68 16.13
CA HIS A 114 -30.86 -6.88 15.26
C HIS A 114 -31.33 -7.28 13.85
N ASP A 115 -30.78 -8.38 13.34
CA ASP A 115 -30.99 -8.85 11.96
C ASP A 115 -31.93 -10.06 11.99
N GLN A 116 -32.53 -10.39 13.15
CA GLN A 116 -33.31 -11.62 13.34
C GLN A 116 -34.81 -11.30 13.39
N ASP A 117 -35.23 -10.17 13.99
CA ASP A 117 -36.67 -9.94 14.25
C ASP A 117 -37.10 -8.55 13.78
N VAL A 118 -38.40 -8.30 13.90
CA VAL A 118 -39.07 -6.97 13.85
C VAL A 118 -39.82 -6.77 15.17
N PHE A 119 -40.13 -5.53 15.52
CA PHE A 119 -41.04 -5.21 16.64
C PHE A 119 -42.23 -4.43 16.09
N SER A 120 -43.42 -4.66 16.66
CA SER A 120 -44.65 -3.87 16.35
C SER A 120 -44.56 -2.51 17.05
N PHE A 121 -45.08 -1.47 16.40
CA PHE A 121 -45.11 -0.09 16.94
C PHE A 121 -46.04 -0.07 18.16
N ASN A 122 -47.06 -0.91 18.19
CA ASN A 122 -48.05 -0.92 19.31
C ASN A 122 -48.08 -2.31 19.92
N SER A 123 -48.74 -2.48 21.08
CA SER A 123 -48.57 -3.61 22.02
C SER A 123 -49.02 -4.95 21.47
N GLU A 124 -50.31 -5.20 21.23
CA GLU A 124 -50.75 -6.57 20.83
C GLU A 124 -50.61 -6.71 19.32
N ASP A 125 -49.59 -6.10 18.73
CA ASP A 125 -49.47 -5.85 17.27
C ASP A 125 -50.76 -5.16 16.80
N ARG A 126 -51.26 -4.22 17.58
CA ARG A 126 -52.38 -3.35 17.15
C ARG A 126 -51.85 -2.46 16.03
N PHE A 127 -52.60 -2.41 14.93
CA PHE A 127 -52.24 -1.59 13.75
C PHE A 127 -52.42 -0.13 14.14
N CYS A 128 -51.60 0.74 13.54
CA CYS A 128 -51.63 2.20 13.77
C CYS A 128 -52.91 2.76 13.14
N ASN A 129 -53.54 3.71 13.83
CA ASN A 129 -54.72 4.45 13.35
C ASN A 129 -54.22 5.54 12.42
N GLY A 130 -53.95 5.16 11.17
CA GLY A 130 -53.50 6.06 10.11
C GLY A 130 -52.06 6.46 10.30
N PHE A 131 -51.51 7.15 9.31
CA PHE A 131 -50.12 7.67 9.34
C PHE A 131 -49.97 8.72 10.45
N GLU A 132 -51.07 9.31 10.94
CA GLU A 132 -51.09 10.18 12.15
C GLU A 132 -50.39 9.43 13.29
N GLU A 133 -50.83 8.19 13.55
CA GLU A 133 -50.34 7.39 14.70
C GLU A 133 -48.96 6.79 14.36
N VAL A 134 -48.68 6.50 13.09
CA VAL A 134 -47.34 6.00 12.69
C VAL A 134 -46.32 7.04 13.11
N LEU A 135 -46.54 8.30 12.72
CA LEU A 135 -45.66 9.45 13.07
C LEU A 135 -45.65 9.66 14.60
N SER A 136 -46.81 9.78 15.23
CA SER A 136 -46.97 9.93 16.69
C SER A 136 -46.03 8.92 17.39
N ARG A 137 -46.10 7.65 17.00
CA ARG A 137 -45.42 6.53 17.70
C ARG A 137 -43.94 6.51 17.36
N TYR A 138 -43.59 6.81 16.11
CA TYR A 138 -42.17 6.93 15.71
C TYR A 138 -41.45 7.83 16.72
N LYS A 139 -42.02 9.01 16.94
CA LYS A 139 -41.50 10.04 17.88
C LYS A 139 -41.41 9.47 19.29
N GLU A 140 -42.42 8.73 19.79
CA GLU A 140 -42.42 8.18 21.17
C GLU A 140 -41.38 7.05 21.27
N ILE A 141 -41.10 6.35 20.17
CA ILE A 141 -40.33 5.07 20.17
C ILE A 141 -38.83 5.35 20.03
N VAL A 142 -38.45 6.21 19.09
CA VAL A 142 -37.04 6.32 18.63
C VAL A 142 -36.12 6.74 19.78
N PRO A 143 -36.53 7.64 20.72
CA PRO A 143 -35.66 8.03 21.83
C PRO A 143 -35.41 6.89 22.83
N GLN A 144 -36.24 5.85 22.80
CA GLN A 144 -36.12 4.67 23.70
C GLN A 144 -35.36 3.53 23.02
N LEU A 145 -34.77 3.77 21.85
CA LEU A 145 -34.16 2.69 21.02
C LEU A 145 -32.65 2.77 21.15
N LYS A 146 -31.95 1.65 21.04
CA LYS A 146 -30.51 1.63 20.70
C LYS A 146 -30.39 1.24 19.23
N LEU A 147 -30.07 2.19 18.36
CA LEU A 147 -29.78 1.87 16.93
C LEU A 147 -28.69 0.81 16.94
N ALA A 148 -28.89 -0.27 16.18
CA ALA A 148 -28.06 -1.48 16.25
C ALA A 148 -27.90 -2.08 14.85
N GLY A 149 -27.99 -3.40 14.73
CA GLY A 149 -27.71 -4.14 13.49
C GLY A 149 -27.41 -5.59 13.82
N PRO A 150 -26.92 -6.41 12.86
CA PRO A 150 -26.73 -5.96 11.49
C PRO A 150 -28.03 -5.65 10.74
N THR A 151 -27.91 -5.16 9.51
CA THR A 151 -29.03 -4.68 8.67
C THR A 151 -29.45 -5.78 7.69
N SER A 152 -30.71 -6.25 7.80
CA SER A 152 -31.36 -7.20 6.85
C SER A 152 -32.84 -6.86 6.69
N PHE A 153 -33.37 -7.03 5.48
CA PHE A 153 -34.82 -6.83 5.17
C PHE A 153 -35.58 -8.14 5.30
N ALA A 154 -34.89 -9.27 5.52
CA ALA A 154 -35.54 -10.60 5.64
C ALA A 154 -36.67 -10.56 6.68
N PRO A 155 -36.43 -10.11 7.92
CA PRO A 155 -37.49 -10.15 8.93
C PRO A 155 -38.72 -9.31 8.53
N ILE A 156 -38.53 -8.07 8.06
CA ILE A 156 -39.69 -7.20 7.69
C ILE A 156 -40.42 -7.80 6.48
N ILE A 157 -39.70 -8.35 5.52
CA ILE A 157 -40.35 -9.00 4.35
C ILE A 157 -41.11 -10.24 4.83
N ASP A 158 -40.52 -11.04 5.74
CA ASP A 158 -41.21 -12.21 6.33
C ASP A 158 -42.47 -11.75 7.05
N MET A 159 -42.39 -10.65 7.81
CA MET A 159 -43.56 -10.14 8.54
C MET A 159 -44.66 -9.84 7.51
N ALA A 160 -44.32 -9.12 6.44
CA ALA A 160 -45.27 -8.76 5.37
C ALA A 160 -45.86 -10.03 4.76
N MET A 161 -45.02 -11.01 4.46
CA MET A 161 -45.47 -12.31 3.89
C MET A 161 -46.53 -12.92 4.81
N THR A 162 -46.28 -12.93 6.11
CA THR A 162 -47.19 -13.52 7.11
C THR A 162 -48.51 -12.74 7.09
N ILE A 163 -48.45 -11.41 7.08
CA ILE A 163 -49.68 -10.57 7.04
C ILE A 163 -50.51 -10.95 5.81
N VAL A 164 -49.85 -11.09 4.66
CA VAL A 164 -50.53 -11.35 3.37
C VAL A 164 -51.16 -12.75 3.43
N GLU A 165 -50.36 -13.73 3.84
CA GLU A 165 -50.83 -15.14 3.94
C GLU A 165 -52.04 -15.20 4.87
N GLN A 166 -51.96 -14.64 6.08
CA GLN A 166 -53.08 -14.68 7.06
C GLN A 166 -54.32 -13.96 6.53
N SER A 167 -54.18 -13.00 5.62
CA SER A 167 -55.33 -12.28 4.99
C SER A 167 -56.01 -13.13 3.92
N GLY A 168 -55.44 -14.31 3.61
CA GLY A 168 -55.90 -15.15 2.47
C GLY A 168 -55.56 -14.54 1.12
N GLY A 169 -54.35 -14.00 0.98
CA GLY A 169 -53.81 -13.52 -0.31
C GLY A 169 -54.41 -12.19 -0.75
N GLN A 170 -54.71 -11.29 0.18
CA GLN A 170 -55.12 -9.91 -0.18
C GLN A 170 -53.87 -9.12 -0.56
N TYR A 171 -53.95 -8.37 -1.66
CA TYR A 171 -52.84 -7.54 -2.19
C TYR A 171 -52.40 -6.55 -1.13
N HIS A 172 -51.10 -6.58 -0.78
CA HIS A 172 -50.46 -5.61 0.13
C HIS A 172 -49.25 -4.97 -0.55
N VAL A 173 -48.96 -3.74 -0.14
CA VAL A 173 -47.71 -3.01 -0.49
C VAL A 173 -46.93 -2.80 0.81
N LEU A 174 -45.78 -3.45 0.93
CA LEU A 174 -44.79 -3.22 2.01
C LEU A 174 -43.96 -1.98 1.65
N VAL A 175 -43.99 -0.97 2.50
CA VAL A 175 -43.18 0.26 2.34
C VAL A 175 -42.10 0.22 3.42
N ILE A 176 -40.85 -0.01 3.01
CA ILE A 176 -39.66 -0.01 3.90
C ILE A 176 -38.98 1.35 3.77
N ILE A 177 -38.92 2.10 4.86
CA ILE A 177 -38.13 3.36 4.96
C ILE A 177 -36.77 2.99 5.55
N ALA A 178 -35.68 3.25 4.84
CA ALA A 178 -34.33 2.73 5.19
C ALA A 178 -33.25 3.58 4.54
N ASP A 179 -32.02 3.50 5.07
CA ASP A 179 -30.84 4.23 4.54
C ASP A 179 -30.13 3.35 3.51
N GLY A 180 -30.63 2.14 3.29
CA GLY A 180 -30.18 1.28 2.17
C GLY A 180 -28.90 0.52 2.50
N GLN A 181 -28.31 0.75 3.66
CA GLN A 181 -26.99 0.17 4.03
C GLN A 181 -27.20 -1.20 4.70
N VAL A 182 -27.53 -2.17 3.87
CA VAL A 182 -27.61 -3.62 4.24
C VAL A 182 -26.16 -4.08 4.42
N THR A 183 -25.96 -4.91 5.43
CA THR A 183 -24.63 -5.43 5.85
C THR A 183 -23.99 -6.14 4.66
N ARG A 184 -22.76 -5.75 4.31
CA ARG A 184 -22.04 -6.30 3.14
C ARG A 184 -20.57 -6.56 3.48
N SER A 185 -19.98 -7.51 2.76
CA SER A 185 -18.53 -7.90 2.83
C SER A 185 -17.68 -6.81 2.14
N VAL A 186 -17.12 -5.90 2.94
CA VAL A 186 -16.58 -4.58 2.44
C VAL A 186 -15.44 -4.81 1.43
N ASP A 187 -14.82 -6.00 1.43
CA ASP A 187 -13.58 -6.28 0.64
C ASP A 187 -13.84 -7.32 -0.47
N THR A 188 -15.02 -7.96 -0.51
CA THR A 188 -15.29 -9.05 -1.49
C THR A 188 -15.21 -8.46 -2.89
N GLU A 189 -14.50 -9.13 -3.80
CA GLU A 189 -14.08 -8.59 -5.13
C GLU A 189 -15.06 -9.05 -6.21
N ASN A 190 -15.39 -10.35 -6.25
CA ASN A 190 -16.54 -10.89 -7.03
C ASN A 190 -17.84 -10.44 -6.35
N GLY A 191 -18.97 -10.97 -6.80
CA GLY A 191 -20.29 -10.77 -6.18
C GLY A 191 -20.64 -11.91 -5.23
N GLN A 192 -19.85 -12.10 -4.17
CA GLN A 192 -20.13 -13.03 -3.04
C GLN A 192 -20.90 -12.22 -1.98
N LEU A 193 -21.99 -12.79 -1.47
CA LEU A 193 -23.03 -12.06 -0.69
C LEU A 193 -22.85 -12.31 0.82
N SER A 194 -23.01 -11.27 1.63
CA SER A 194 -23.09 -11.38 3.10
C SER A 194 -24.27 -12.29 3.48
N PRO A 195 -24.31 -12.86 4.70
CA PRO A 195 -25.50 -13.57 5.16
C PRO A 195 -26.76 -12.70 5.11
N GLN A 196 -26.60 -11.42 5.40
CA GLN A 196 -27.71 -10.44 5.48
C GLN A 196 -28.29 -10.25 4.06
N GLU A 197 -27.43 -9.94 3.09
CA GLU A 197 -27.81 -9.86 1.66
C GLU A 197 -28.51 -11.16 1.26
N GLN A 198 -27.89 -12.29 1.53
CA GLN A 198 -28.36 -13.60 1.03
C GLN A 198 -29.78 -13.82 1.54
N LYS A 199 -30.01 -13.61 2.83
CA LYS A 199 -31.32 -13.85 3.49
C LYS A 199 -32.35 -12.87 2.95
N THR A 200 -31.93 -11.62 2.70
CA THR A 200 -32.78 -10.52 2.16
C THR A 200 -33.22 -10.90 0.74
N VAL A 201 -32.29 -11.39 -0.08
CA VAL A 201 -32.62 -11.83 -1.45
C VAL A 201 -33.56 -13.04 -1.38
N ASP A 202 -33.24 -14.04 -0.57
CA ASP A 202 -34.08 -15.25 -0.40
C ASP A 202 -35.50 -14.81 -0.03
N ALA A 203 -35.63 -13.76 0.77
CA ALA A 203 -36.92 -13.25 1.27
C ALA A 203 -37.68 -12.61 0.12
N ILE A 204 -37.02 -11.73 -0.63
CA ILE A 204 -37.60 -11.11 -1.85
C ILE A 204 -38.07 -12.23 -2.78
N VAL A 205 -37.31 -13.30 -2.94
CA VAL A 205 -37.67 -14.44 -3.83
C VAL A 205 -38.91 -15.15 -3.25
N GLN A 206 -38.84 -15.57 -2.00
CA GLN A 206 -39.97 -16.21 -1.28
C GLN A 206 -41.25 -15.39 -1.45
N ALA A 207 -41.14 -14.07 -1.36
CA ALA A 207 -42.29 -13.14 -1.36
C ALA A 207 -42.94 -13.04 -2.75
N SER A 208 -42.26 -13.49 -3.80
CA SER A 208 -42.83 -13.48 -5.16
C SER A 208 -43.76 -14.69 -5.33
N LYS A 209 -43.93 -15.49 -4.29
CA LYS A 209 -44.96 -16.56 -4.21
C LYS A 209 -46.26 -15.98 -3.64
N LEU A 210 -46.31 -14.67 -3.39
CA LEU A 210 -47.44 -13.99 -2.70
C LEU A 210 -47.77 -12.68 -3.37
N PRO A 211 -49.04 -12.24 -3.27
CA PRO A 211 -49.46 -10.96 -3.83
C PRO A 211 -48.97 -9.79 -2.98
N LEU A 212 -47.66 -9.56 -3.02
CA LEU A 212 -46.94 -8.55 -2.23
C LEU A 212 -46.05 -7.72 -3.16
N SER A 213 -46.25 -6.42 -3.15
CA SER A 213 -45.37 -5.39 -3.73
C SER A 213 -44.50 -4.82 -2.60
N ILE A 214 -43.23 -4.54 -2.90
CA ILE A 214 -42.25 -3.90 -1.98
C ILE A 214 -41.82 -2.57 -2.59
N VAL A 215 -41.79 -1.53 -1.76
CA VAL A 215 -41.31 -0.18 -2.13
C VAL A 215 -40.31 0.26 -1.05
N LEU A 216 -39.06 0.43 -1.45
CA LEU A 216 -37.96 0.92 -0.58
C LEU A 216 -37.94 2.43 -0.73
N VAL A 217 -38.38 3.15 0.31
CA VAL A 217 -38.24 4.63 0.40
C VAL A 217 -36.88 4.93 1.03
N GLY A 218 -35.88 5.21 0.19
CA GLY A 218 -34.50 5.51 0.60
C GLY A 218 -34.36 6.90 1.21
N VAL A 219 -33.85 6.99 2.43
CA VAL A 219 -33.49 8.28 3.07
C VAL A 219 -31.97 8.34 3.24
N GLY A 220 -31.44 9.56 3.29
CA GLY A 220 -30.00 9.83 3.51
C GLY A 220 -29.14 9.64 2.26
N ASP A 221 -27.84 9.48 2.48
CA ASP A 221 -26.77 9.72 1.50
C ASP A 221 -26.61 8.54 0.53
N GLY A 222 -27.12 7.36 0.88
CA GLY A 222 -26.73 6.14 0.17
C GLY A 222 -25.33 5.73 0.63
N PRO A 223 -24.56 4.95 -0.15
CA PRO A 223 -24.88 4.63 -1.54
C PRO A 223 -26.10 3.71 -1.73
N TRP A 224 -26.52 3.52 -2.98
CA TRP A 224 -27.79 2.83 -3.32
C TRP A 224 -27.59 1.65 -4.26
N ASP A 225 -26.35 1.24 -4.50
CA ASP A 225 -26.03 0.18 -5.51
C ASP A 225 -26.90 -1.03 -5.23
N MET A 226 -27.10 -1.38 -3.95
CA MET A 226 -27.75 -2.65 -3.54
C MET A 226 -29.27 -2.54 -3.67
N MET A 227 -29.83 -1.37 -3.35
CA MET A 227 -31.29 -1.12 -3.50
C MET A 227 -31.64 -1.22 -4.99
N ARG A 228 -30.78 -0.72 -5.88
CA ARG A 228 -30.95 -0.86 -7.34
C ARG A 228 -30.85 -2.33 -7.74
N GLU A 229 -29.96 -3.09 -7.13
CA GLU A 229 -29.83 -4.55 -7.39
C GLU A 229 -31.18 -5.20 -7.08
N PHE A 230 -31.80 -4.82 -5.95
CA PHE A 230 -33.09 -5.39 -5.48
C PHE A 230 -34.20 -4.94 -6.43
N ASP A 231 -34.12 -3.71 -6.92
CA ASP A 231 -35.11 -3.12 -7.86
C ASP A 231 -35.10 -3.89 -9.19
N ASP A 232 -33.92 -4.12 -9.78
CA ASP A 232 -33.79 -4.36 -11.24
C ASP A 232 -33.22 -5.75 -11.55
N ASN A 233 -32.67 -6.47 -10.59
CA ASN A 233 -31.80 -7.60 -10.98
C ASN A 233 -31.81 -8.70 -9.91
N ILE A 234 -32.89 -9.49 -9.82
CA ILE A 234 -32.93 -10.70 -8.95
C ILE A 234 -33.57 -11.81 -9.77
N PRO A 235 -32.74 -12.51 -10.58
CA PRO A 235 -33.24 -13.47 -11.54
C PRO A 235 -34.22 -14.51 -10.96
N ALA A 236 -33.96 -15.03 -9.76
CA ALA A 236 -34.62 -16.22 -9.18
C ALA A 236 -36.09 -15.96 -8.82
N ARG A 237 -36.52 -14.71 -8.76
CA ARG A 237 -37.87 -14.35 -8.28
C ARG A 237 -38.87 -14.46 -9.44
N ALA A 238 -40.13 -14.71 -9.11
CA ALA A 238 -41.24 -14.97 -10.04
C ALA A 238 -41.64 -13.70 -10.79
N PHE A 239 -41.45 -12.54 -10.18
CA PHE A 239 -41.78 -11.24 -10.83
C PHE A 239 -41.09 -10.10 -10.10
N ASP A 240 -40.90 -8.98 -10.79
CA ASP A 240 -40.23 -7.80 -10.20
C ASP A 240 -41.18 -7.25 -9.14
N ASN A 241 -40.91 -7.57 -7.88
CA ASN A 241 -41.79 -7.22 -6.75
C ASN A 241 -41.16 -6.10 -5.91
N PHE A 242 -40.15 -5.40 -6.42
CA PHE A 242 -39.34 -4.45 -5.62
C PHE A 242 -39.15 -3.15 -6.41
N GLN A 243 -39.55 -2.03 -5.81
CA GLN A 243 -39.26 -0.69 -6.37
C GLN A 243 -38.37 0.06 -5.39
N PHE A 244 -37.38 0.78 -5.93
CA PHE A 244 -36.51 1.70 -5.17
C PHE A 244 -36.95 3.14 -5.45
N VAL A 245 -37.10 3.93 -4.40
CA VAL A 245 -37.43 5.37 -4.49
C VAL A 245 -36.38 6.15 -3.71
N ASN A 246 -35.54 6.90 -4.41
CA ASN A 246 -34.55 7.78 -3.76
C ASN A 246 -35.28 9.03 -3.24
N PHE A 247 -35.80 8.96 -2.02
CA PHE A 247 -36.63 10.03 -1.44
C PHE A 247 -35.79 11.28 -1.18
N THR A 248 -34.52 11.17 -0.80
CA THR A 248 -33.71 12.39 -0.48
C THR A 248 -33.32 13.07 -1.80
N GLU A 249 -33.02 12.32 -2.87
CA GLU A 249 -32.76 12.91 -4.21
C GLU A 249 -33.97 13.76 -4.64
N ILE A 250 -35.20 13.29 -4.37
CA ILE A 250 -36.45 13.97 -4.77
C ILE A 250 -36.65 15.24 -3.93
N MET A 251 -36.46 15.17 -2.61
CA MET A 251 -36.72 16.34 -1.73
C MET A 251 -35.58 17.36 -1.88
N ALA A 252 -34.41 16.95 -2.37
CA ALA A 252 -33.22 17.81 -2.59
C ALA A 252 -33.54 18.85 -3.67
N LYS A 253 -34.30 18.45 -4.69
CA LYS A 253 -34.56 19.23 -5.92
C LYS A 253 -35.15 20.61 -5.57
N ASN A 254 -35.00 21.53 -6.54
CA ASN A 254 -35.18 23.00 -6.43
C ASN A 254 -36.67 23.38 -6.41
N LYS A 255 -37.52 22.57 -7.05
CA LYS A 255 -38.97 22.82 -7.29
C LYS A 255 -39.77 22.92 -5.97
N ALA A 256 -41.07 23.21 -6.08
CA ALA A 256 -41.98 23.49 -4.94
C ALA A 256 -42.37 22.17 -4.26
N GLN A 257 -42.86 22.25 -3.02
CA GLN A 257 -43.16 21.09 -2.15
C GLN A 257 -44.10 20.14 -2.88
N SER A 258 -45.32 20.60 -3.22
CA SER A 258 -46.40 19.79 -3.82
C SER A 258 -45.94 19.14 -5.13
N LEU A 259 -44.92 19.70 -5.80
CA LEU A 259 -44.40 19.14 -7.07
C LEU A 259 -43.49 17.94 -6.78
N LYS A 260 -42.87 17.91 -5.60
CA LYS A 260 -42.02 16.78 -5.10
C LYS A 260 -42.93 15.66 -4.57
N GLU A 261 -43.90 16.00 -3.71
CA GLU A 261 -44.91 15.03 -3.21
C GLU A 261 -45.44 14.22 -4.40
N THR A 262 -45.79 14.89 -5.50
CA THR A 262 -46.29 14.23 -6.74
C THR A 262 -45.21 13.30 -7.30
N GLU A 263 -43.96 13.75 -7.41
CA GLU A 263 -42.85 12.93 -7.97
C GLU A 263 -42.62 11.70 -7.09
N PHE A 264 -42.75 11.85 -5.78
CA PHE A 264 -42.61 10.71 -4.83
C PHE A 264 -43.67 9.67 -5.18
N ALA A 265 -44.93 10.10 -5.13
CA ALA A 265 -46.13 9.27 -5.41
C ALA A 265 -45.96 8.54 -6.74
N LEU A 266 -45.51 9.24 -7.77
CA LEU A 266 -45.29 8.61 -9.10
C LEU A 266 -44.25 7.50 -8.94
N SER A 267 -43.13 7.79 -8.28
CA SER A 267 -41.98 6.86 -8.14
C SER A 267 -42.40 5.63 -7.31
N ALA A 268 -43.19 5.81 -6.23
CA ALA A 268 -43.66 4.71 -5.35
C ALA A 268 -44.53 3.74 -6.18
N LEU A 269 -45.52 4.31 -6.87
CA LEU A 269 -46.58 3.58 -7.60
C LEU A 269 -46.08 3.07 -8.96
N MET A 270 -44.92 3.51 -9.43
CA MET A 270 -44.39 3.21 -10.79
C MET A 270 -44.55 1.72 -11.15
N GLU A 271 -44.30 0.79 -10.22
CA GLU A 271 -44.21 -0.65 -10.59
C GLU A 271 -45.53 -1.36 -10.22
N ILE A 272 -46.48 -0.67 -9.63
CA ILE A 272 -47.68 -1.29 -8.99
C ILE A 272 -48.62 -1.87 -10.06
N PRO A 273 -48.96 -1.16 -11.15
CA PRO A 273 -49.80 -1.73 -12.19
C PRO A 273 -49.30 -3.11 -12.65
N GLN A 274 -48.03 -3.23 -13.09
CA GLN A 274 -47.52 -4.51 -13.66
C GLN A 274 -47.42 -5.53 -12.51
N GLN A 275 -47.08 -5.06 -11.30
CA GLN A 275 -46.94 -5.95 -10.11
C GLN A 275 -48.31 -6.58 -9.80
N TYR A 276 -49.36 -5.76 -9.72
CA TYR A 276 -50.74 -6.23 -9.46
C TYR A 276 -51.11 -7.26 -10.52
N LYS A 277 -50.96 -6.90 -11.80
CA LYS A 277 -51.27 -7.82 -12.93
C LYS A 277 -50.56 -9.14 -12.70
N ALA A 278 -49.29 -9.08 -12.31
CA ALA A 278 -48.47 -10.29 -12.10
C ALA A 278 -49.15 -11.20 -11.06
N THR A 279 -49.69 -10.64 -9.98
CA THR A 279 -50.31 -11.42 -8.88
C THR A 279 -51.50 -12.21 -9.45
N ILE A 280 -52.17 -11.65 -10.45
CA ILE A 280 -53.31 -12.30 -11.15
C ILE A 280 -52.76 -13.36 -12.10
N GLU A 281 -51.95 -12.95 -13.09
CA GLU A 281 -51.44 -13.83 -14.17
C GLU A 281 -50.67 -15.01 -13.58
N LEU A 282 -50.03 -14.84 -12.41
CA LEU A 282 -49.20 -15.90 -11.77
C LEU A 282 -50.04 -16.68 -10.75
N ASN A 283 -51.32 -16.33 -10.62
CA ASN A 283 -52.32 -17.13 -9.88
C ASN A 283 -52.05 -17.04 -8.37
N LEU A 284 -51.83 -15.83 -7.86
CA LEU A 284 -51.47 -15.56 -6.44
C LEU A 284 -52.60 -14.82 -5.72
N LEU A 285 -53.21 -13.83 -6.40
CA LEU A 285 -54.21 -12.92 -5.80
C LEU A 285 -55.39 -13.71 -5.21
N GLY A 286 -55.64 -13.55 -3.91
CA GLY A 286 -56.75 -14.18 -3.20
C GLY A 286 -56.49 -15.65 -2.91
N ARG A 287 -55.25 -16.12 -3.09
CA ARG A 287 -54.85 -17.52 -2.77
C ARG A 287 -53.91 -17.54 -1.56
N ARG A 288 -53.99 -18.61 -0.76
CA ARG A 288 -52.93 -18.99 0.21
C ARG A 288 -51.88 -19.82 -0.52
N ASN A 289 -50.60 -19.60 -0.21
CA ASN A 289 -49.48 -20.44 -0.68
C ASN A 289 -49.51 -21.75 0.12
N GLY A 290 -49.65 -21.65 1.45
CA GLY A 290 -49.79 -22.80 2.36
C GLY A 290 -48.54 -23.06 3.19
N TYR A 291 -47.36 -22.67 2.74
CA TYR A 291 -46.07 -23.07 3.37
C TYR A 291 -45.24 -21.86 3.76
N ILE A 292 -45.91 -20.80 4.23
CA ILE A 292 -45.22 -19.57 4.73
C ILE A 292 -45.16 -19.65 6.24
N PRO A 293 -43.99 -19.93 6.85
CA PRO A 293 -43.92 -20.02 8.30
C PRO A 293 -44.35 -18.67 8.90
N GLU A 294 -45.22 -18.74 9.91
CA GLU A 294 -45.79 -17.58 10.64
C GLU A 294 -44.66 -16.85 11.37
N ARG A 295 -44.55 -15.54 11.17
CA ARG A 295 -43.60 -14.70 11.95
C ARG A 295 -44.35 -13.91 13.04
N PHE A 296 -43.77 -13.83 14.22
CA PHE A 296 -44.33 -13.12 15.39
C PHE A 296 -43.48 -11.89 15.68
N PRO A 297 -44.07 -10.69 15.64
CA PRO A 297 -43.33 -9.48 15.97
C PRO A 297 -43.08 -9.40 17.47
N LEU A 298 -41.89 -8.97 17.88
CA LEU A 298 -41.61 -8.61 19.30
C LEU A 298 -42.42 -7.37 19.65
N PRO A 299 -42.64 -7.13 20.95
CA PRO A 299 -43.34 -5.91 21.38
C PRO A 299 -42.46 -4.69 21.24
N PRO A 300 -43.04 -3.47 21.27
CA PRO A 300 -42.27 -2.24 21.13
C PRO A 300 -41.44 -2.05 22.38
N PRO A 301 -40.23 -1.45 22.29
CA PRO A 301 -39.41 -1.21 23.48
C PRO A 301 -40.02 -0.10 24.36
N MET A 302 -39.88 -0.20 25.69
CA MET A 302 -40.80 0.39 26.72
C MET A 302 -40.06 1.37 27.65
N SER B 13 11.37 26.41 -45.98
CA SER B 13 10.65 25.18 -45.50
C SER B 13 11.58 23.94 -45.54
N ASP B 14 12.90 24.14 -45.59
CA ASP B 14 13.94 23.12 -45.30
C ASP B 14 14.07 22.99 -43.78
N ASN B 15 14.00 24.14 -43.11
CA ASN B 15 14.00 24.31 -41.63
C ASN B 15 12.73 23.67 -41.04
N LYS B 16 11.55 24.11 -41.53
CA LYS B 16 10.18 23.71 -41.08
C LYS B 16 10.07 22.18 -40.99
N LYS B 17 10.62 21.47 -41.96
CA LYS B 17 10.72 19.97 -42.03
C LYS B 17 11.32 19.43 -40.73
N ARG B 18 12.49 19.95 -40.34
CA ARG B 18 13.35 19.41 -39.24
C ARG B 18 12.78 19.80 -37.87
N LEU B 19 12.07 20.93 -37.76
CA LEU B 19 11.47 21.48 -36.51
C LEU B 19 10.19 20.70 -36.13
N GLU B 20 9.56 20.03 -37.10
CA GLU B 20 8.34 19.20 -36.90
C GLU B 20 8.76 17.82 -36.36
N ARG B 21 9.88 17.28 -36.86
CA ARG B 21 10.49 16.01 -36.37
C ARG B 21 11.18 16.24 -35.02
N LYS B 22 11.46 17.49 -34.64
CA LYS B 22 11.90 17.83 -33.27
C LYS B 22 10.74 17.61 -32.29
N TYR B 23 9.49 17.89 -32.71
CA TYR B 23 8.28 17.93 -31.85
C TYR B 23 7.34 16.75 -32.19
N SER B 24 7.80 15.81 -33.02
CA SER B 24 7.14 14.54 -33.42
C SER B 24 6.42 13.89 -32.25
N LYS B 25 7.16 13.41 -31.24
CA LYS B 25 6.55 12.75 -30.07
C LYS B 25 7.11 13.38 -28.80
N ILE B 26 6.27 13.55 -27.81
CA ILE B 26 6.61 14.18 -26.50
C ILE B 26 6.42 13.09 -25.45
N SER B 27 7.51 12.58 -24.90
CA SER B 27 7.50 11.58 -23.80
C SER B 27 7.10 12.23 -22.48
N ASP B 28 6.81 11.38 -21.50
CA ASP B 28 6.62 11.81 -20.09
C ASP B 28 8.01 12.19 -19.58
N ASP B 29 8.32 13.48 -19.49
CA ASP B 29 9.69 13.96 -19.15
C ASP B 29 9.69 14.58 -17.76
N TYR B 30 8.66 14.34 -16.95
CA TYR B 30 8.49 15.01 -15.63
C TYR B 30 7.87 13.99 -14.66
N SER B 31 8.41 13.92 -13.44
CA SER B 31 8.06 12.89 -12.44
C SER B 31 7.23 13.49 -11.31
N SER B 32 7.13 14.82 -11.26
CA SER B 32 6.33 15.53 -10.24
C SER B 32 5.66 16.75 -10.87
N LEU B 33 4.60 17.25 -10.25
CA LEU B 33 3.90 18.50 -10.66
C LEU B 33 4.91 19.65 -10.58
N GLU B 34 5.74 19.71 -9.53
CA GLU B 34 6.74 20.79 -9.28
C GLU B 34 7.65 20.92 -10.51
N GLN B 35 8.18 19.80 -11.02
CA GLN B 35 9.08 19.77 -12.20
C GLN B 35 8.40 20.49 -13.39
N VAL B 36 7.12 20.20 -13.61
CA VAL B 36 6.30 20.76 -14.72
C VAL B 36 6.05 22.25 -14.46
N THR B 37 5.58 22.59 -13.25
CA THR B 37 5.38 23.99 -12.80
C THR B 37 6.64 24.81 -13.11
N GLU B 38 7.81 24.23 -12.84
CA GLU B 38 9.13 24.86 -13.05
C GLU B 38 9.36 24.99 -14.57
N ALA B 39 9.19 23.90 -15.31
CA ALA B 39 9.38 23.85 -16.78
C ALA B 39 8.50 24.93 -17.45
N LEU B 40 7.32 25.18 -16.88
CA LEU B 40 6.36 26.18 -17.40
C LEU B 40 6.88 27.60 -17.11
N ALA B 41 7.43 27.83 -15.91
CA ALA B 41 8.11 29.10 -15.54
C ALA B 41 9.24 29.34 -16.53
N ARG B 42 10.20 28.41 -16.61
CA ARG B 42 11.39 28.51 -17.50
C ARG B 42 10.92 28.72 -18.95
N ALA B 43 9.74 28.26 -19.34
CA ALA B 43 9.21 28.40 -20.72
C ALA B 43 8.73 29.83 -20.96
N GLY B 44 8.35 30.54 -19.89
CA GLY B 44 7.89 31.94 -19.92
C GLY B 44 6.43 32.08 -20.38
N LEU B 45 5.58 31.22 -19.85
CA LEU B 45 4.13 31.13 -20.23
C LEU B 45 3.40 32.25 -19.47
N GLU B 46 2.77 33.17 -20.21
CA GLU B 46 2.15 34.39 -19.62
C GLU B 46 0.62 34.41 -19.71
N SER B 47 0.05 33.64 -20.64
CA SER B 47 -1.39 33.62 -20.97
C SER B 47 -1.74 32.21 -21.49
N SER B 48 -2.80 31.61 -20.97
CA SER B 48 -3.45 30.38 -21.48
C SER B 48 -4.96 30.47 -21.21
N ASN B 49 -5.76 29.75 -21.99
CA ASN B 49 -7.23 29.60 -21.77
C ASN B 49 -7.63 28.15 -21.99
N LEU B 50 -8.65 27.70 -21.25
CA LEU B 50 -9.16 26.32 -21.39
C LEU B 50 -10.40 26.36 -22.29
N ILE B 51 -10.62 25.26 -23.01
CA ILE B 51 -11.92 24.91 -23.63
C ILE B 51 -12.28 23.50 -23.15
N VAL B 52 -13.57 23.25 -22.86
CA VAL B 52 -14.00 21.92 -22.38
C VAL B 52 -15.01 21.33 -23.36
N GLY B 53 -14.82 20.05 -23.67
CA GLY B 53 -15.74 19.25 -24.49
C GLY B 53 -16.17 18.02 -23.74
N ILE B 54 -17.45 17.70 -23.74
CA ILE B 54 -17.98 16.52 -22.99
C ILE B 54 -18.73 15.58 -23.93
N ASP B 55 -18.27 14.32 -23.93
CA ASP B 55 -18.80 13.16 -24.69
C ASP B 55 -20.14 12.74 -24.08
N PHE B 56 -21.24 12.95 -24.79
CA PHE B 56 -22.58 12.47 -24.40
C PHE B 56 -23.05 11.36 -25.35
N THR B 57 -22.13 10.48 -25.80
CA THR B 57 -22.48 9.35 -26.69
C THR B 57 -23.04 8.20 -25.85
N LYS B 58 -23.72 7.27 -26.51
CA LYS B 58 -24.45 6.16 -25.88
C LYS B 58 -23.44 5.16 -25.32
N SER B 59 -22.21 5.09 -25.85
CA SER B 59 -21.17 4.16 -25.33
C SER B 59 -20.99 4.37 -23.83
N ASN B 60 -21.19 5.60 -23.35
CA ASN B 60 -21.09 5.92 -21.90
C ASN B 60 -22.03 5.01 -21.10
N GLU B 61 -23.03 4.40 -21.74
CA GLU B 61 -24.03 3.53 -21.05
C GLU B 61 -23.34 2.24 -20.61
N TRP B 62 -22.40 1.72 -21.38
CA TRP B 62 -21.78 0.40 -21.10
C TRP B 62 -20.29 0.49 -20.73
N THR B 63 -19.65 1.65 -20.84
CA THR B 63 -18.21 1.80 -20.45
C THR B 63 -18.12 2.01 -18.92
N GLY B 64 -19.23 1.87 -18.20
CA GLY B 64 -19.23 1.91 -16.72
C GLY B 64 -19.24 0.54 -16.08
N ALA B 65 -19.13 -0.52 -16.88
CA ALA B 65 -19.21 -1.94 -16.44
C ALA B 65 -18.38 -2.16 -15.17
N ARG B 66 -17.04 -2.17 -15.27
CA ARG B 66 -16.13 -2.41 -14.11
C ARG B 66 -15.97 -1.14 -13.28
N SER B 67 -15.62 -0.03 -13.93
CA SER B 67 -15.09 1.20 -13.27
C SER B 67 -16.18 1.94 -12.50
N PHE B 68 -17.47 1.76 -12.81
CA PHE B 68 -18.56 2.53 -12.18
C PHE B 68 -19.77 1.65 -11.88
N ASN B 69 -19.53 0.36 -11.63
CA ASN B 69 -20.49 -0.53 -10.93
C ASN B 69 -21.72 -0.78 -11.82
N ARG B 70 -21.48 -1.10 -13.09
CA ARG B 70 -22.48 -1.54 -14.09
C ARG B 70 -23.46 -0.38 -14.39
N LYS B 71 -23.20 0.85 -13.95
CA LYS B 71 -24.02 2.05 -14.28
C LYS B 71 -23.47 2.83 -15.49
N SER B 72 -24.26 3.79 -15.99
CA SER B 72 -23.90 4.73 -17.08
C SER B 72 -22.95 5.77 -16.49
N LEU B 73 -21.91 6.14 -17.23
CA LEU B 73 -20.94 7.18 -16.78
C LEU B 73 -21.68 8.50 -16.59
N HIS B 74 -22.84 8.70 -17.22
CA HIS B 74 -23.65 9.94 -17.11
C HIS B 74 -24.82 9.74 -16.14
N PHE B 75 -24.85 8.63 -15.40
CA PHE B 75 -25.93 8.35 -14.42
C PHE B 75 -25.95 9.44 -13.36
N ILE B 76 -27.13 9.98 -13.03
CA ILE B 76 -27.29 10.95 -11.91
C ILE B 76 -27.78 10.19 -10.67
N GLY B 77 -26.88 9.99 -9.71
CA GLY B 77 -27.14 9.29 -8.42
C GLY B 77 -27.10 10.29 -7.26
N SER B 78 -26.85 9.82 -6.04
CA SER B 78 -26.66 10.65 -4.82
C SER B 78 -25.20 11.07 -4.71
N SER B 79 -24.32 10.31 -5.33
CA SER B 79 -22.87 10.59 -5.37
C SER B 79 -22.45 10.89 -6.81
N PRO B 80 -21.32 11.62 -7.01
CA PRO B 80 -20.96 12.07 -8.35
C PRO B 80 -20.45 10.96 -9.27
N ASN B 81 -20.75 11.08 -10.56
CA ASN B 81 -20.34 10.12 -11.62
C ASN B 81 -18.98 10.52 -12.16
N PRO B 82 -18.29 9.68 -12.94
CA PRO B 82 -16.93 10.01 -13.39
C PRO B 82 -16.82 11.33 -14.18
N TYR B 83 -17.88 11.77 -14.86
CA TYR B 83 -17.88 13.08 -15.57
C TYR B 83 -17.87 14.19 -14.50
N GLU B 84 -18.76 14.10 -13.52
CA GLU B 84 -18.86 15.08 -12.40
C GLU B 84 -17.51 15.12 -11.67
N GLN B 85 -16.86 13.97 -11.47
CA GLN B 85 -15.58 13.88 -10.74
C GLN B 85 -14.49 14.63 -11.50
N ALA B 86 -14.36 14.32 -12.79
CA ALA B 86 -13.37 14.90 -13.72
C ALA B 86 -13.61 16.41 -13.81
N ILE B 87 -14.84 16.86 -14.00
CA ILE B 87 -15.13 18.32 -14.03
C ILE B 87 -14.61 18.90 -12.73
N THR B 88 -14.96 18.31 -11.60
CA THR B 88 -14.59 18.82 -10.25
C THR B 88 -13.06 18.90 -10.17
N ILE B 89 -12.35 17.81 -10.46
CA ILE B 89 -10.86 17.71 -10.32
C ILE B 89 -10.16 18.63 -11.33
N ILE B 90 -10.69 18.78 -12.55
CA ILE B 90 -10.12 19.73 -13.54
C ILE B 90 -10.21 21.14 -12.94
N GLY B 91 -11.36 21.50 -12.39
CA GLY B 91 -11.59 22.80 -11.72
C GLY B 91 -10.63 23.04 -10.57
N ARG B 92 -10.26 22.00 -9.84
CA ARG B 92 -9.41 22.15 -8.63
C ARG B 92 -7.94 22.22 -9.05
N THR B 93 -7.54 21.58 -10.14
CA THR B 93 -6.11 21.43 -10.52
C THR B 93 -5.70 22.34 -11.70
N LEU B 94 -6.59 22.70 -12.62
CA LEU B 94 -6.16 23.40 -13.87
C LEU B 94 -6.84 24.76 -14.01
N ALA B 95 -7.72 25.17 -13.09
CA ALA B 95 -8.50 26.42 -13.23
C ALA B 95 -7.55 27.61 -13.43
N ALA B 96 -6.36 27.51 -12.84
CA ALA B 96 -5.24 28.48 -12.96
C ALA B 96 -4.94 28.76 -14.44
N PHE B 97 -4.98 27.74 -15.30
CA PHE B 97 -4.57 27.85 -16.72
C PHE B 97 -5.67 28.48 -17.58
N ASP B 98 -6.81 28.88 -17.01
CA ASP B 98 -7.77 29.78 -17.69
C ASP B 98 -7.66 31.16 -17.06
N GLU B 99 -7.10 32.13 -17.78
CA GLU B 99 -6.64 33.42 -17.18
C GLU B 99 -7.87 34.22 -16.72
N ASP B 100 -8.97 34.20 -17.47
CA ASP B 100 -10.16 35.06 -17.22
C ASP B 100 -11.24 34.27 -16.47
N ASN B 101 -11.00 33.00 -16.16
CA ASN B 101 -11.96 32.12 -15.43
C ASN B 101 -13.33 32.06 -16.12
N LEU B 102 -13.40 32.37 -17.41
CA LEU B 102 -14.58 32.10 -18.28
C LEU B 102 -14.25 30.88 -19.14
N ILE B 103 -15.00 29.80 -19.01
CA ILE B 103 -14.69 28.49 -19.68
C ILE B 103 -15.72 28.21 -20.77
N PRO B 104 -15.32 28.24 -22.06
CA PRO B 104 -16.19 27.76 -23.13
C PRO B 104 -16.40 26.26 -22.94
N CYS B 105 -17.66 25.82 -22.87
CA CYS B 105 -17.99 24.40 -22.60
C CYS B 105 -18.97 23.90 -23.66
N TYR B 106 -18.70 22.73 -24.23
CA TYR B 106 -19.47 22.14 -25.36
C TYR B 106 -19.77 20.68 -25.08
N GLY B 107 -20.99 20.25 -25.43
CA GLY B 107 -21.39 18.83 -25.47
C GLY B 107 -21.37 18.34 -26.90
N PHE B 108 -21.19 17.03 -27.08
CA PHE B 108 -21.23 16.38 -28.42
C PHE B 108 -21.64 14.93 -28.27
N GLY B 109 -22.38 14.41 -29.26
CA GLY B 109 -22.73 12.97 -29.35
C GLY B 109 -24.09 12.65 -28.77
N ASP B 110 -24.83 13.67 -28.31
CA ASP B 110 -26.26 13.51 -27.96
C ASP B 110 -27.07 13.52 -29.28
N ALA B 111 -28.37 13.24 -29.19
CA ALA B 111 -29.27 13.15 -30.37
C ALA B 111 -29.26 14.47 -31.16
N SER B 112 -29.02 15.62 -30.53
CA SER B 112 -29.09 16.95 -31.19
C SER B 112 -27.84 17.21 -32.05
N THR B 113 -26.76 16.45 -31.88
CA THR B 113 -25.44 16.76 -32.51
C THR B 113 -24.83 15.55 -33.24
N HIS B 114 -25.05 14.33 -32.74
CA HIS B 114 -24.45 13.11 -33.31
C HIS B 114 -22.95 13.33 -33.52
N ASP B 115 -22.49 13.03 -34.72
CA ASP B 115 -21.05 13.05 -35.09
C ASP B 115 -20.77 14.30 -35.94
N GLN B 116 -21.74 15.21 -36.06
CA GLN B 116 -21.68 16.36 -37.01
C GLN B 116 -21.43 17.67 -36.24
N ASP B 117 -22.02 17.86 -35.05
CA ASP B 117 -21.99 19.18 -34.37
C ASP B 117 -21.56 19.04 -32.91
N VAL B 118 -21.41 20.20 -32.26
CA VAL B 118 -21.33 20.39 -30.78
C VAL B 118 -22.46 21.33 -30.37
N PHE B 119 -22.84 21.32 -29.10
CA PHE B 119 -23.77 22.33 -28.53
C PHE B 119 -23.06 23.06 -27.40
N SER B 120 -23.32 24.36 -27.25
CA SER B 120 -22.83 25.20 -26.12
C SER B 120 -23.64 24.86 -24.86
N PHE B 121 -23.00 24.88 -23.71
CA PHE B 121 -23.64 24.61 -22.39
C PHE B 121 -24.62 25.74 -22.09
N ASN B 122 -24.37 26.95 -22.55
CA ASN B 122 -25.23 28.13 -22.28
C ASN B 122 -25.70 28.73 -23.61
N SER B 123 -26.64 29.67 -23.56
CA SER B 123 -27.54 30.04 -24.69
C SER B 123 -26.79 30.70 -25.85
N GLU B 124 -26.28 31.94 -25.72
CA GLU B 124 -25.68 32.66 -26.86
C GLU B 124 -24.21 32.25 -26.96
N ASP B 125 -23.90 30.97 -26.69
CA ASP B 125 -22.52 30.46 -26.45
C ASP B 125 -21.86 31.32 -25.38
N ARG B 126 -22.61 31.70 -24.33
CA ARG B 126 -22.02 32.37 -23.15
C ARG B 126 -21.10 31.36 -22.46
N PHE B 127 -19.88 31.78 -22.17
CA PHE B 127 -18.88 30.94 -21.48
C PHE B 127 -19.35 30.75 -20.04
N CYS B 128 -19.02 29.59 -19.46
CA CYS B 128 -19.36 29.23 -18.07
C CYS B 128 -18.54 30.10 -17.12
N ASN B 129 -19.15 30.54 -16.03
CA ASN B 129 -18.50 31.28 -14.92
C ASN B 129 -17.79 30.27 -14.04
N GLY B 130 -16.61 29.86 -14.47
CA GLY B 130 -15.74 28.93 -13.74
C GLY B 130 -16.28 27.51 -13.83
N PHE B 131 -15.49 26.56 -13.36
CA PHE B 131 -15.85 25.12 -13.31
C PHE B 131 -17.05 24.91 -12.36
N GLU B 132 -17.33 25.86 -11.46
CA GLU B 132 -18.60 25.87 -10.66
C GLU B 132 -19.78 25.74 -11.61
N GLU B 133 -19.84 26.59 -12.63
CA GLU B 133 -20.99 26.64 -13.58
C GLU B 133 -20.90 25.49 -14.58
N VAL B 134 -19.70 25.01 -14.92
CA VAL B 134 -19.55 23.84 -15.82
C VAL B 134 -20.28 22.67 -15.15
N LEU B 135 -19.96 22.40 -13.89
CA LEU B 135 -20.59 21.32 -13.08
C LEU B 135 -22.09 21.59 -12.92
N SER B 136 -22.46 22.77 -12.45
CA SER B 136 -23.88 23.21 -12.29
C SER B 136 -24.67 22.82 -13.54
N ARG B 137 -24.15 23.18 -14.72
CA ARG B 137 -24.89 23.07 -16.02
C ARG B 137 -24.87 21.62 -16.50
N TYR B 138 -23.77 20.91 -16.29
CA TYR B 138 -23.69 19.47 -16.64
C TYR B 138 -24.90 18.78 -16.02
N LYS B 139 -25.08 18.98 -14.72
CA LYS B 139 -26.19 18.41 -13.92
C LYS B 139 -27.55 18.82 -14.51
N GLU B 140 -27.75 20.08 -14.90
CA GLU B 140 -29.05 20.57 -15.43
C GLU B 140 -29.28 19.99 -16.84
N ILE B 141 -28.20 19.69 -17.58
CA ILE B 141 -28.27 19.37 -19.04
C ILE B 141 -28.45 17.86 -19.25
N VAL B 142 -27.70 17.03 -18.53
CA VAL B 142 -27.57 15.59 -18.88
C VAL B 142 -28.93 14.88 -18.77
N PRO B 143 -29.84 15.21 -17.82
CA PRO B 143 -31.15 14.56 -17.76
C PRO B 143 -32.06 14.93 -18.94
N GLN B 144 -31.76 16.00 -19.66
CA GLN B 144 -32.52 16.47 -20.84
C GLN B 144 -31.91 15.95 -22.14
N LEU B 145 -30.94 15.04 -22.08
CA LEU B 145 -30.17 14.60 -23.27
C LEU B 145 -30.63 13.20 -23.65
N LYS B 146 -30.56 12.85 -24.94
CA LYS B 146 -30.55 11.44 -25.39
C LYS B 146 -29.11 11.10 -25.77
N LEU B 147 -28.42 10.32 -24.95
CA LEU B 147 -27.07 9.82 -25.33
C LEU B 147 -27.20 9.15 -26.70
N ALA B 148 -26.34 9.48 -27.64
CA ALA B 148 -26.47 9.09 -29.06
C ALA B 148 -25.10 8.81 -29.66
N GLY B 149 -24.85 9.27 -30.89
CA GLY B 149 -23.65 8.95 -31.66
C GLY B 149 -23.91 9.20 -33.14
N PRO B 150 -23.02 8.75 -34.05
CA PRO B 150 -21.77 8.10 -33.66
C PRO B 150 -20.78 9.03 -32.94
N THR B 151 -19.65 8.48 -32.50
CA THR B 151 -18.64 9.20 -31.68
C THR B 151 -17.50 9.70 -32.57
N SER B 152 -17.30 11.02 -32.63
CA SER B 152 -16.17 11.68 -33.33
C SER B 152 -15.73 12.93 -32.55
N PHE B 153 -14.42 13.18 -32.51
CA PHE B 153 -13.83 14.38 -31.87
C PHE B 153 -13.66 15.51 -32.88
N ALA B 154 -13.94 15.27 -34.17
CA ALA B 154 -13.81 16.31 -35.22
C ALA B 154 -14.56 17.57 -34.82
N PRO B 155 -15.87 17.51 -34.48
CA PRO B 155 -16.62 18.74 -34.21
C PRO B 155 -16.03 19.51 -33.02
N ILE B 156 -15.72 18.85 -31.89
CA ILE B 156 -15.20 19.57 -30.69
C ILE B 156 -13.81 20.16 -31.01
N ILE B 157 -12.98 19.44 -31.77
CA ILE B 157 -11.64 19.96 -32.14
C ILE B 157 -11.84 21.13 -33.10
N ASP B 158 -12.77 21.05 -34.06
CA ASP B 158 -13.12 22.17 -34.96
C ASP B 158 -13.57 23.37 -34.13
N MET B 159 -14.42 23.14 -33.12
CA MET B 159 -14.93 24.25 -32.28
C MET B 159 -13.72 24.94 -31.64
N ALA B 160 -12.81 24.15 -31.04
CA ALA B 160 -11.60 24.68 -30.40
C ALA B 160 -10.78 25.47 -31.42
N MET B 161 -10.57 24.90 -32.61
CA MET B 161 -9.80 25.57 -33.68
C MET B 161 -10.42 26.94 -33.97
N THR B 162 -11.74 27.00 -34.08
CA THR B 162 -12.47 28.25 -34.40
C THR B 162 -12.23 29.24 -33.26
N ILE B 163 -12.36 28.81 -32.01
CA ILE B 163 -12.14 29.71 -30.83
C ILE B 163 -10.74 30.30 -30.94
N VAL B 164 -9.75 29.46 -31.23
CA VAL B 164 -8.31 29.88 -31.26
C VAL B 164 -8.11 30.86 -32.40
N GLU B 165 -8.58 30.49 -33.59
CA GLU B 165 -8.45 31.33 -34.81
C GLU B 165 -9.09 32.70 -34.54
N GLN B 166 -10.34 32.75 -34.06
CA GLN B 166 -11.05 34.02 -33.83
C GLN B 166 -10.35 34.85 -32.75
N SER B 167 -9.58 34.24 -31.84
CA SER B 167 -8.82 34.96 -30.79
C SER B 167 -7.55 35.59 -31.37
N GLY B 168 -7.24 35.31 -32.64
CA GLY B 168 -5.97 35.71 -33.27
C GLY B 168 -4.79 34.92 -32.74
N GLY B 169 -4.95 33.60 -32.58
CA GLY B 169 -3.86 32.68 -32.23
C GLY B 169 -3.45 32.77 -30.77
N GLN B 170 -4.39 33.00 -29.86
CA GLN B 170 -4.10 32.90 -28.40
C GLN B 170 -4.03 31.43 -28.00
N TYR B 171 -3.01 31.05 -27.25
CA TYR B 171 -2.79 29.66 -26.76
C TYR B 171 -4.00 29.20 -25.96
N HIS B 172 -4.60 28.10 -26.39
CA HIS B 172 -5.71 27.42 -25.67
C HIS B 172 -5.36 25.95 -25.43
N VAL B 173 -5.91 25.39 -24.36
CA VAL B 173 -5.89 23.95 -24.05
C VAL B 173 -7.33 23.43 -24.10
N LEU B 174 -7.63 22.59 -25.09
CA LEU B 174 -8.91 21.84 -25.21
C LEU B 174 -8.84 20.61 -24.30
N VAL B 175 -9.75 20.53 -23.34
CA VAL B 175 -9.87 19.36 -22.43
C VAL B 175 -11.14 18.62 -22.81
N ILE B 176 -10.99 17.44 -23.41
CA ILE B 176 -12.10 16.54 -23.82
C ILE B 176 -12.24 15.48 -22.74
N ILE B 177 -13.39 15.45 -22.06
CA ILE B 177 -13.76 14.34 -21.13
C ILE B 177 -14.59 13.33 -21.93
N ALA B 178 -14.15 12.09 -22.03
CA ALA B 178 -14.74 11.07 -22.94
C ALA B 178 -14.41 9.65 -22.48
N ASP B 179 -15.17 8.67 -22.94
CA ASP B 179 -14.97 7.23 -22.62
C ASP B 179 -14.04 6.60 -23.65
N GLY B 180 -13.62 7.37 -24.65
CA GLY B 180 -12.55 6.98 -25.58
C GLY B 180 -13.06 6.12 -26.71
N GLN B 181 -14.34 5.76 -26.69
CA GLN B 181 -14.93 4.79 -27.66
C GLN B 181 -15.41 5.56 -28.90
N VAL B 182 -14.45 5.98 -29.71
CA VAL B 182 -14.67 6.57 -31.06
C VAL B 182 -15.11 5.43 -31.96
N THR B 183 -16.08 5.71 -32.81
CA THR B 183 -16.73 4.72 -33.71
C THR B 183 -15.65 4.07 -34.57
N ARG B 184 -15.57 2.74 -34.57
CA ARG B 184 -14.51 1.97 -35.28
C ARG B 184 -15.10 0.72 -35.94
N SER B 185 -14.46 0.26 -37.01
CA SER B 185 -14.68 -1.06 -37.65
C SER B 185 -14.08 -2.15 -36.76
N VAL B 186 -14.87 -2.78 -35.88
CA VAL B 186 -14.34 -3.67 -34.78
C VAL B 186 -13.65 -4.90 -35.39
N ASP B 187 -13.91 -5.21 -36.67
CA ASP B 187 -13.44 -6.44 -37.36
C ASP B 187 -12.44 -6.14 -38.48
N THR B 188 -12.14 -4.87 -38.79
CA THR B 188 -11.12 -4.53 -39.83
C THR B 188 -9.78 -5.11 -39.39
N GLU B 189 -9.06 -5.75 -40.31
CA GLU B 189 -7.89 -6.64 -40.04
C GLU B 189 -6.59 -5.83 -40.20
N ASN B 190 -6.43 -5.09 -41.31
CA ASN B 190 -5.39 -4.04 -41.46
C ASN B 190 -5.79 -2.84 -40.58
N GLY B 191 -5.09 -1.72 -40.72
CA GLY B 191 -5.45 -0.43 -40.06
C GLY B 191 -6.25 0.46 -40.99
N GLN B 192 -7.44 0.01 -41.42
CA GLN B 192 -8.40 0.83 -42.20
C GLN B 192 -9.34 1.54 -41.23
N LEU B 193 -9.56 2.84 -41.44
CA LEU B 193 -10.16 3.77 -40.45
C LEU B 193 -11.65 4.01 -40.75
N SER B 194 -12.49 4.02 -39.71
CA SER B 194 -13.90 4.46 -39.81
C SER B 194 -13.96 5.90 -40.31
N PRO B 195 -15.10 6.38 -40.84
CA PRO B 195 -15.23 7.79 -41.18
C PRO B 195 -14.99 8.70 -39.96
N GLN B 196 -15.41 8.23 -38.79
CA GLN B 196 -15.32 9.00 -37.52
C GLN B 196 -13.84 9.14 -37.14
N GLU B 197 -13.10 8.04 -37.11
CA GLU B 197 -11.62 8.05 -36.90
C GLU B 197 -10.98 8.99 -37.91
N GLN B 198 -11.30 8.83 -39.18
CA GLN B 198 -10.61 9.54 -40.28
C GLN B 198 -10.79 11.05 -40.05
N LYS B 199 -12.02 11.48 -39.79
CA LYS B 199 -12.34 12.92 -39.63
C LYS B 199 -11.67 13.45 -38.35
N THR B 200 -11.63 12.63 -37.30
CA THR B 200 -11.01 12.95 -35.99
C THR B 200 -9.51 13.14 -36.19
N VAL B 201 -8.87 12.26 -36.94
CA VAL B 201 -7.41 12.36 -37.23
C VAL B 201 -7.19 13.61 -38.08
N ASP B 202 -7.97 13.81 -39.13
CA ASP B 202 -7.85 15.00 -40.02
C ASP B 202 -7.92 16.26 -39.16
N ALA B 203 -8.77 16.25 -38.14
CA ALA B 203 -9.02 17.40 -37.24
C ALA B 203 -7.79 17.63 -36.37
N ILE B 204 -7.27 16.58 -35.74
CA ILE B 204 -6.01 16.64 -34.95
C ILE B 204 -4.89 17.21 -35.84
N VAL B 205 -4.82 16.79 -37.09
CA VAL B 205 -3.78 17.28 -38.05
C VAL B 205 -4.02 18.77 -38.33
N GLN B 206 -5.23 19.13 -38.76
CA GLN B 206 -5.64 20.54 -39.04
C GLN B 206 -5.25 21.41 -37.84
N ALA B 207 -5.47 20.93 -36.63
CA ALA B 207 -5.32 21.70 -35.38
C ALA B 207 -3.86 21.97 -35.05
N SER B 208 -2.93 21.24 -35.67
CA SER B 208 -1.48 21.44 -35.46
C SER B 208 -1.00 22.63 -36.29
N LYS B 209 -1.93 23.28 -37.02
CA LYS B 209 -1.67 24.56 -37.72
C LYS B 209 -1.97 25.73 -36.79
N LEU B 210 -2.31 25.44 -35.53
CA LEU B 210 -2.83 26.44 -34.54
C LEU B 210 -2.21 26.21 -33.19
N PRO B 211 -2.09 27.26 -32.36
CA PRO B 211 -1.53 27.14 -31.01
C PRO B 211 -2.58 26.55 -30.07
N LEU B 212 -2.85 25.26 -30.27
CA LEU B 212 -3.87 24.48 -29.53
C LEU B 212 -3.23 23.20 -29.00
N SER B 213 -3.32 23.02 -27.69
CA SER B 213 -3.02 21.76 -26.97
C SER B 213 -4.33 21.03 -26.71
N ILE B 214 -4.34 19.70 -26.85
CA ILE B 214 -5.50 18.81 -26.57
C ILE B 214 -5.10 17.86 -25.43
N VAL B 215 -6.01 17.70 -24.48
CA VAL B 215 -5.89 16.75 -23.35
C VAL B 215 -7.17 15.95 -23.27
N LEU B 216 -7.07 14.64 -23.52
CA LEU B 216 -8.18 13.67 -23.42
C LEU B 216 -8.18 13.15 -21.98
N VAL B 217 -9.16 13.56 -21.18
CA VAL B 217 -9.40 13.01 -19.83
C VAL B 217 -10.33 11.80 -19.99
N GLY B 218 -9.74 10.60 -20.02
CA GLY B 218 -10.46 9.33 -20.20
C GLY B 218 -11.17 8.91 -18.92
N VAL B 219 -12.49 8.69 -19.02
CA VAL B 219 -13.30 8.12 -17.92
C VAL B 219 -13.78 6.73 -18.34
N GLY B 220 -14.04 5.87 -17.36
CA GLY B 220 -14.58 4.52 -17.58
C GLY B 220 -13.53 3.51 -18.01
N ASP B 221 -14.02 2.40 -18.58
CA ASP B 221 -13.29 1.12 -18.68
C ASP B 221 -12.30 1.12 -19.83
N GLY B 222 -12.43 2.02 -20.80
CA GLY B 222 -11.70 1.86 -22.07
C GLY B 222 -12.40 0.79 -22.90
N PRO B 223 -11.74 0.13 -23.87
CA PRO B 223 -10.28 0.21 -24.06
C PRO B 223 -9.77 1.58 -24.54
N TRP B 224 -8.47 1.75 -24.57
CA TRP B 224 -7.80 3.05 -24.82
C TRP B 224 -6.80 2.97 -25.98
N ASP B 225 -6.81 1.89 -26.75
CA ASP B 225 -5.84 1.69 -27.87
C ASP B 225 -5.79 2.98 -28.72
N MET B 226 -6.97 3.56 -28.99
CA MET B 226 -7.11 4.64 -30.01
C MET B 226 -6.68 5.97 -29.39
N MET B 227 -6.98 6.20 -28.12
CA MET B 227 -6.56 7.43 -27.41
C MET B 227 -5.02 7.47 -27.36
N ARG B 228 -4.38 6.31 -27.15
CA ARG B 228 -2.90 6.19 -27.20
C ARG B 228 -2.41 6.48 -28.63
N GLU B 229 -3.12 6.02 -29.64
CA GLU B 229 -2.77 6.30 -31.05
C GLU B 229 -2.76 7.81 -31.26
N PHE B 230 -3.75 8.52 -30.71
CA PHE B 230 -3.90 9.99 -30.84
C PHE B 230 -2.78 10.67 -30.05
N ASP B 231 -2.43 10.10 -28.90
CA ASP B 231 -1.36 10.63 -28.02
C ASP B 231 0.00 10.56 -28.74
N ASP B 232 0.35 9.40 -29.33
CA ASP B 232 1.77 9.04 -29.58
C ASP B 232 2.06 8.88 -31.08
N ASN B 233 1.07 8.77 -31.94
CA ASN B 233 1.35 8.23 -33.29
C ASN B 233 0.39 8.81 -34.35
N ILE B 234 0.59 10.06 -34.75
CA ILE B 234 -0.13 10.65 -35.91
C ILE B 234 0.90 11.39 -36.76
N PRO B 235 1.57 10.65 -37.66
CA PRO B 235 2.68 11.18 -38.44
C PRO B 235 2.41 12.53 -39.12
N ALA B 236 1.23 12.73 -39.69
CA ALA B 236 0.91 13.85 -40.63
C ALA B 236 0.86 15.20 -39.90
N ARG B 237 0.79 15.22 -38.58
CA ARG B 237 0.61 16.47 -37.81
C ARG B 237 1.95 17.17 -37.59
N ALA B 238 1.92 18.48 -37.44
CA ALA B 238 3.09 19.37 -37.33
C ALA B 238 3.77 19.20 -35.97
N PHE B 239 3.04 18.80 -34.93
CA PHE B 239 3.63 18.60 -33.58
C PHE B 239 2.66 17.77 -32.71
N ASP B 240 3.19 17.11 -31.70
CA ASP B 240 2.40 16.26 -30.80
C ASP B 240 1.51 17.22 -30.00
N ASN B 241 0.25 17.33 -30.40
CA ASN B 241 -0.70 18.31 -29.81
C ASN B 241 -1.74 17.59 -28.96
N PHE B 242 -1.51 16.32 -28.60
CA PHE B 242 -2.54 15.46 -27.96
C PHE B 242 -1.92 14.71 -26.78
N GLN B 243 -2.50 14.86 -25.60
CA GLN B 243 -2.13 14.05 -24.42
C GLN B 243 -3.34 13.21 -24.00
N PHE B 244 -3.08 11.96 -23.63
CA PHE B 244 -4.09 11.03 -23.05
C PHE B 244 -3.85 10.92 -21.54
N VAL B 245 -4.91 11.06 -20.76
CA VAL B 245 -4.88 10.93 -19.28
C VAL B 245 -5.92 9.87 -18.90
N ASN B 246 -5.47 8.71 -18.44
CA ASN B 246 -6.38 7.67 -17.92
C ASN B 246 -6.84 8.10 -16.53
N PHE B 247 -7.92 8.87 -16.45
CA PHE B 247 -8.41 9.45 -15.18
C PHE B 247 -8.94 8.35 -14.26
N THR B 248 -9.58 7.28 -14.78
CA THR B 248 -10.17 6.26 -13.88
C THR B 248 -9.03 5.39 -13.34
N GLU B 249 -7.98 5.09 -14.11
CA GLU B 249 -6.79 4.36 -13.60
C GLU B 249 -6.20 5.12 -12.40
N ILE B 250 -6.14 6.45 -12.46
CA ILE B 250 -5.56 7.31 -11.38
C ILE B 250 -6.47 7.31 -10.16
N MET B 251 -7.78 7.48 -10.33
CA MET B 251 -8.72 7.57 -9.18
C MET B 251 -8.93 6.18 -8.55
N ALA B 252 -8.65 5.10 -9.30
CA ALA B 252 -8.78 3.69 -8.84
C ALA B 252 -7.78 3.43 -7.71
N LYS B 253 -6.59 4.01 -7.82
CA LYS B 253 -5.43 3.74 -6.95
C LYS B 253 -5.79 4.00 -5.47
N ASN B 254 -4.99 3.38 -4.59
CA ASN B 254 -5.26 3.16 -3.15
C ASN B 254 -4.98 4.42 -2.33
N LYS B 255 -4.08 5.29 -2.81
CA LYS B 255 -3.56 6.49 -2.09
C LYS B 255 -4.66 7.53 -1.82
N ALA B 256 -4.32 8.61 -1.12
CA ALA B 256 -5.24 9.64 -0.61
C ALA B 256 -5.66 10.57 -1.75
N GLN B 257 -6.76 11.29 -1.56
CA GLN B 257 -7.44 12.13 -2.60
C GLN B 257 -6.42 13.09 -3.21
N SER B 258 -5.89 14.01 -2.41
CA SER B 258 -5.01 15.12 -2.87
C SER B 258 -3.75 14.55 -3.56
N LEU B 259 -3.37 13.29 -3.29
CA LEU B 259 -2.19 12.67 -3.94
C LEU B 259 -2.54 12.23 -5.37
N LYS B 260 -3.83 11.93 -5.63
CA LYS B 260 -4.36 11.60 -6.97
C LYS B 260 -4.59 12.89 -7.78
N GLU B 261 -5.25 13.89 -7.19
CA GLU B 261 -5.43 15.23 -7.82
C GLU B 261 -4.09 15.68 -8.40
N THR B 262 -3.00 15.55 -7.63
CA THR B 262 -1.63 15.92 -8.07
C THR B 262 -1.22 15.06 -9.27
N GLU B 263 -1.44 13.75 -9.21
CA GLU B 263 -1.04 12.83 -10.32
C GLU B 263 -1.84 13.19 -11.60
N PHE B 264 -3.11 13.57 -11.44
CA PHE B 264 -3.96 13.98 -12.58
C PHE B 264 -3.29 15.19 -13.24
N ALA B 265 -3.10 16.25 -12.45
CA ALA B 265 -2.50 17.54 -12.86
C ALA B 265 -1.17 17.30 -13.58
N LEU B 266 -0.32 16.43 -13.04
CA LEU B 266 0.98 16.10 -13.66
C LEU B 266 0.69 15.51 -15.05
N SER B 267 -0.23 14.54 -15.13
CA SER B 267 -0.53 13.79 -16.39
C SER B 267 -1.14 14.75 -17.44
N ALA B 268 -2.02 15.68 -17.04
CA ALA B 268 -2.68 16.65 -17.93
C ALA B 268 -1.62 17.56 -18.56
N LEU B 269 -0.77 18.13 -17.69
CA LEU B 269 0.22 19.17 -18.04
C LEU B 269 1.49 18.57 -18.66
N MET B 270 1.65 17.25 -18.61
CA MET B 270 2.89 16.55 -19.07
C MET B 270 3.40 17.10 -20.41
N GLU B 271 2.52 17.38 -21.37
CA GLU B 271 2.98 17.68 -22.75
C GLU B 271 2.98 19.20 -23.00
N ILE B 272 2.53 19.99 -22.02
CA ILE B 272 2.21 21.44 -22.23
C ILE B 272 3.48 22.25 -22.45
N PRO B 273 4.55 22.12 -21.63
CA PRO B 273 5.80 22.84 -21.90
C PRO B 273 6.28 22.70 -23.34
N GLN B 274 6.45 21.49 -23.86
CA GLN B 274 7.03 21.29 -25.23
C GLN B 274 5.97 21.75 -26.24
N GLN B 275 4.68 21.58 -25.93
CA GLN B 275 3.57 22.00 -26.85
C GLN B 275 3.61 23.53 -26.99
N TYR B 276 3.68 24.26 -25.88
CA TYR B 276 3.77 25.76 -25.87
C TYR B 276 4.99 26.16 -26.71
N LYS B 277 6.16 25.59 -26.41
CA LYS B 277 7.42 25.91 -27.15
C LYS B 277 7.16 25.69 -28.63
N ALA B 278 6.51 24.60 -28.99
CA ALA B 278 6.22 24.24 -30.39
C ALA B 278 5.46 25.40 -31.05
N THR B 279 4.48 25.99 -30.37
CA THR B 279 3.62 27.05 -30.95
C THR B 279 4.50 28.24 -31.33
N ILE B 280 5.57 28.47 -30.55
CA ILE B 280 6.54 29.56 -30.80
C ILE B 280 7.47 29.14 -31.96
N GLU B 281 8.22 28.05 -31.78
CA GLU B 281 9.26 27.61 -32.75
C GLU B 281 8.64 27.32 -34.12
N LEU B 282 7.36 26.95 -34.19
CA LEU B 282 6.67 26.60 -35.47
C LEU B 282 5.92 27.81 -35.99
N ASN B 283 6.02 28.94 -35.29
CA ASN B 283 5.55 30.25 -35.81
C ASN B 283 4.01 30.30 -35.85
N LEU B 284 3.37 29.86 -34.77
CA LEU B 284 1.88 29.75 -34.65
C LEU B 284 1.33 30.76 -33.64
N LEU B 285 2.02 30.94 -32.51
CA LEU B 285 1.53 31.74 -31.35
C LEU B 285 1.25 33.17 -31.80
N GLY B 286 0.01 33.63 -31.62
CA GLY B 286 -0.41 35.00 -31.95
C GLY B 286 -0.60 35.21 -33.44
N ARG B 287 -0.62 34.13 -34.23
CA ARG B 287 -0.88 34.20 -35.69
C ARG B 287 -2.24 33.56 -36.02
N ARG B 288 -2.90 34.09 -37.03
CA ARG B 288 -4.03 33.44 -37.73
C ARG B 288 -3.45 32.53 -38.81
N ASN B 289 -4.07 31.37 -39.01
CA ASN B 289 -3.79 30.47 -40.16
C ASN B 289 -4.42 31.07 -41.42
N GLY B 290 -5.69 31.49 -41.31
CA GLY B 290 -6.43 32.18 -42.39
C GLY B 290 -7.47 31.29 -43.06
N TYR B 291 -7.35 29.96 -43.01
CA TYR B 291 -8.20 29.04 -43.81
C TYR B 291 -8.90 28.02 -42.90
N ILE B 292 -9.31 28.46 -41.72
CA ILE B 292 -10.06 27.59 -40.76
C ILE B 292 -11.53 27.93 -40.87
N PRO B 293 -12.36 27.08 -41.48
CA PRO B 293 -13.79 27.38 -41.60
C PRO B 293 -14.38 27.55 -40.19
N GLU B 294 -15.14 28.62 -40.00
CA GLU B 294 -15.83 28.98 -38.72
C GLU B 294 -16.87 27.89 -38.39
N ARG B 295 -16.82 27.37 -37.17
CA ARG B 295 -17.86 26.45 -36.65
C ARG B 295 -18.80 27.20 -35.70
N PHE B 296 -20.09 26.90 -35.81
CA PHE B 296 -21.17 27.49 -34.98
C PHE B 296 -21.75 26.40 -34.08
N PRO B 297 -21.68 26.58 -32.76
CA PRO B 297 -22.25 25.60 -31.84
C PRO B 297 -23.78 25.67 -31.86
N LEU B 298 -24.46 24.53 -31.84
CA LEU B 298 -25.93 24.49 -31.60
C LEU B 298 -26.21 24.94 -30.18
N PRO B 299 -27.46 25.39 -29.88
CA PRO B 299 -27.83 25.76 -28.53
C PRO B 299 -27.98 24.53 -27.63
N PRO B 300 -28.00 24.73 -26.29
CA PRO B 300 -28.13 23.60 -25.36
C PRO B 300 -29.54 23.05 -25.45
N PRO B 301 -29.73 21.72 -25.28
CA PRO B 301 -31.05 21.12 -25.47
C PRO B 301 -31.99 21.46 -24.32
N MET B 302 -33.31 21.47 -24.61
CA MET B 302 -34.41 22.09 -23.82
C MET B 302 -35.43 21.04 -23.36
N SER C 13 18.19 57.24 -55.55
CA SER C 13 18.36 56.22 -54.47
C SER C 13 19.75 55.56 -54.52
N ASP C 14 20.74 56.22 -55.17
CA ASP C 14 22.20 56.05 -54.90
C ASP C 14 22.53 56.73 -53.58
N ASN C 15 21.94 57.91 -53.39
CA ASN C 15 22.02 58.79 -52.19
C ASN C 15 21.38 58.07 -50.99
N LYS C 16 20.10 57.65 -51.13
CA LYS C 16 19.25 57.07 -50.05
C LYS C 16 19.99 55.90 -49.38
N LYS C 17 20.67 55.08 -50.18
CA LYS C 17 21.54 53.94 -49.75
C LYS C 17 22.53 54.42 -48.68
N ARG C 18 23.28 55.48 -48.99
CA ARG C 18 24.47 55.96 -48.24
C ARG C 18 24.04 56.72 -46.98
N LEU C 19 22.86 57.38 -47.01
CA LEU C 19 22.29 58.19 -45.89
C LEU C 19 21.76 57.29 -44.77
N GLU C 20 21.41 56.04 -45.09
CA GLU C 20 20.86 55.04 -44.13
C GLU C 20 22.04 54.41 -43.37
N ARG C 21 23.16 54.17 -44.06
CA ARG C 21 24.42 53.66 -43.45
C ARG C 21 25.14 54.79 -42.69
N LYS C 22 24.78 56.05 -42.94
CA LYS C 22 25.24 57.18 -42.09
C LYS C 22 24.57 57.10 -40.71
N TYR C 23 23.31 56.63 -40.65
CA TYR C 23 22.45 56.65 -39.44
C TYR C 23 22.21 55.22 -38.90
N SER C 24 22.94 54.24 -39.46
CA SER C 24 22.98 52.81 -39.05
C SER C 24 22.93 52.66 -37.53
N LYS C 25 23.98 53.08 -36.83
CA LYS C 25 24.05 52.93 -35.36
C LYS C 25 24.44 54.26 -34.74
N ILE C 26 23.85 54.59 -33.61
CA ILE C 26 24.07 55.88 -32.92
C ILE C 26 24.71 55.56 -31.58
N SER C 27 25.99 55.89 -31.42
CA SER C 27 26.73 55.74 -30.14
C SER C 27 26.30 56.78 -29.11
N ASP C 28 26.67 56.54 -27.86
CA ASP C 28 26.58 57.53 -26.76
C ASP C 28 27.62 58.61 -27.04
N ASP C 29 27.21 59.76 -27.58
CA ASP C 29 28.16 60.81 -28.02
C ASP C 29 28.11 62.01 -27.08
N TYR C 30 27.57 61.88 -25.87
CA TYR C 30 27.32 63.04 -24.96
C TYR C 30 27.52 62.58 -23.52
N SER C 31 28.20 63.40 -22.70
CA SER C 31 28.64 63.04 -21.33
C SER C 31 27.82 63.80 -20.30
N SER C 32 27.02 64.78 -20.72
CA SER C 32 26.21 65.61 -19.79
C SER C 32 24.89 65.95 -20.46
N LEU C 33 23.89 66.31 -19.64
CA LEU C 33 22.57 66.77 -20.15
C LEU C 33 22.78 68.05 -20.99
N GLU C 34 23.63 68.96 -20.52
CA GLU C 34 23.91 70.28 -21.18
C GLU C 34 24.37 70.03 -22.62
N GLN C 35 25.31 69.09 -22.83
CA GLN C 35 25.85 68.77 -24.17
C GLN C 35 24.71 68.39 -25.12
N VAL C 36 23.76 67.59 -24.63
CA VAL C 36 22.60 67.09 -25.41
C VAL C 36 21.65 68.26 -25.65
N THR C 37 21.28 69.01 -24.61
CA THR C 37 20.42 70.21 -24.71
C THR C 37 20.95 71.11 -25.83
N GLU C 38 22.28 71.28 -25.89
CA GLU C 38 22.96 72.12 -26.89
C GLU C 38 22.84 71.46 -28.25
N ALA C 39 23.18 70.17 -28.34
CA ALA C 39 23.13 69.38 -29.60
C ALA C 39 21.72 69.43 -30.19
N LEU C 40 20.70 69.49 -29.33
CA LEU C 40 19.26 69.57 -29.74
C LEU C 40 18.98 70.95 -30.33
N ALA C 41 19.48 72.02 -29.71
CA ALA C 41 19.41 73.40 -30.24
C ALA C 41 20.08 73.43 -31.62
N ARG C 42 21.36 73.05 -31.69
CA ARG C 42 22.15 73.04 -32.94
C ARG C 42 21.44 72.19 -34.00
N ALA C 43 20.66 71.19 -33.61
CA ALA C 43 19.94 70.29 -34.56
C ALA C 43 18.72 71.01 -35.15
N GLY C 44 18.20 72.01 -34.43
CA GLY C 44 17.01 72.80 -34.80
C GLY C 44 15.74 72.09 -34.39
N LEU C 45 15.71 71.46 -33.21
CA LEU C 45 14.48 70.82 -32.66
C LEU C 45 13.64 71.92 -32.02
N GLU C 46 12.44 72.16 -32.58
CA GLU C 46 11.56 73.29 -32.18
C GLU C 46 10.25 72.77 -31.57
N SER C 47 9.85 71.55 -31.91
CA SER C 47 8.56 70.92 -31.51
C SER C 47 8.79 69.41 -31.35
N SER C 48 8.32 68.85 -30.24
CA SER C 48 8.28 67.38 -29.99
C SER C 48 7.04 67.03 -29.17
N ASN C 49 6.58 65.78 -29.25
CA ASN C 49 5.50 65.24 -28.40
C ASN C 49 5.90 63.83 -27.92
N LEU C 50 5.45 63.49 -26.72
CA LEU C 50 5.71 62.15 -26.14
C LEU C 50 4.50 61.27 -26.38
N ILE C 51 4.75 59.97 -26.51
CA ILE C 51 3.74 58.89 -26.37
C ILE C 51 4.28 57.91 -25.32
N VAL C 52 3.40 57.40 -24.47
CA VAL C 52 3.82 56.44 -23.41
C VAL C 52 3.09 55.11 -23.62
N GLY C 53 3.85 54.02 -23.53
CA GLY C 53 3.34 52.64 -23.52
C GLY C 53 3.80 51.93 -22.28
N ILE C 54 2.89 51.20 -21.63
CA ILE C 54 3.24 50.47 -20.38
C ILE C 54 2.92 48.98 -20.52
N ASP C 55 3.96 48.16 -20.29
CA ASP C 55 3.98 46.68 -20.30
C ASP C 55 3.22 46.16 -19.07
N PHE C 56 2.06 45.55 -19.28
CA PHE C 56 1.27 44.89 -18.21
C PHE C 56 1.28 43.38 -18.43
N THR C 57 2.40 42.81 -18.89
CA THR C 57 2.52 41.34 -19.11
C THR C 57 2.84 40.66 -17.78
N LYS C 58 2.63 39.34 -17.74
CA LYS C 58 2.74 38.52 -16.52
C LYS C 58 4.22 38.39 -16.13
N SER C 59 5.16 38.53 -17.07
CA SER C 59 6.62 38.47 -16.78
C SER C 59 6.95 39.46 -15.65
N ASN C 60 6.24 40.58 -15.58
CA ASN C 60 6.44 41.59 -14.51
C ASN C 60 6.33 40.94 -13.13
N GLU C 61 5.68 39.78 -13.04
CA GLU C 61 5.46 39.09 -11.74
C GLU C 61 6.79 38.56 -11.21
N TRP C 62 7.68 38.09 -12.10
CA TRP C 62 8.95 37.43 -11.68
C TRP C 62 10.21 38.25 -12.02
N THR C 63 10.11 39.34 -12.79
CA THR C 63 11.29 40.19 -13.11
C THR C 63 11.55 41.14 -11.94
N GLY C 64 10.87 40.99 -10.80
CA GLY C 64 11.15 41.77 -9.58
C GLY C 64 12.00 41.03 -8.57
N ALA C 65 12.48 39.83 -8.93
CA ALA C 65 13.24 38.91 -8.03
C ALA C 65 14.30 39.70 -7.25
N ARG C 66 15.39 40.13 -7.90
CA ARG C 66 16.52 40.86 -7.25
C ARG C 66 16.15 42.33 -7.05
N SER C 67 15.74 43.00 -8.12
CA SER C 67 15.65 44.47 -8.22
C SER C 67 14.53 45.05 -7.35
N PHE C 68 13.51 44.28 -7.01
CA PHE C 68 12.32 44.82 -6.27
C PHE C 68 11.84 43.83 -5.20
N ASN C 69 12.77 43.05 -4.65
CA ASN C 69 12.59 42.36 -3.34
C ASN C 69 11.52 41.26 -3.49
N ARG C 70 11.63 40.46 -4.54
CA ARG C 70 10.84 39.22 -4.77
C ARG C 70 9.37 39.61 -5.04
N LYS C 71 9.02 40.90 -5.21
CA LYS C 71 7.64 41.36 -5.55
C LYS C 71 7.45 41.55 -7.08
N SER C 72 6.21 41.75 -7.48
CA SER C 72 5.78 42.08 -8.87
C SER C 72 6.14 43.53 -9.14
N LEU C 73 6.65 43.83 -10.34
CA LEU C 73 6.99 45.22 -10.72
C LEU C 73 5.74 46.10 -10.69
N HIS C 74 4.54 45.50 -10.79
CA HIS C 74 3.25 46.23 -10.77
C HIS C 74 2.59 46.16 -9.37
N PHE C 75 3.30 45.63 -8.37
CA PHE C 75 2.76 45.52 -6.99
C PHE C 75 2.50 46.93 -6.45
N ILE C 76 1.35 47.16 -5.82
CA ILE C 76 1.05 48.45 -5.11
C ILE C 76 1.34 48.29 -3.61
N GLY C 77 2.46 48.84 -3.15
CA GLY C 77 2.95 48.73 -1.76
C GLY C 77 2.92 49.99 -0.96
N SER C 78 3.84 50.11 -0.01
CA SER C 78 4.05 51.26 0.89
C SER C 78 4.93 52.30 0.20
N SER C 79 5.78 51.85 -0.72
CA SER C 79 6.61 52.75 -1.57
C SER C 79 6.15 52.61 -3.01
N PRO C 80 6.51 53.55 -3.92
CA PRO C 80 6.26 53.37 -5.35
C PRO C 80 7.09 52.23 -5.99
N ASN C 81 6.47 51.54 -6.96
CA ASN C 81 7.07 50.40 -7.68
C ASN C 81 7.84 50.94 -8.87
N PRO C 82 8.70 50.15 -9.52
CA PRO C 82 9.53 50.66 -10.61
C PRO C 82 8.75 51.34 -11.76
N TYR C 83 7.52 50.94 -12.03
CA TYR C 83 6.67 51.60 -13.06
C TYR C 83 6.31 53.01 -12.56
N GLU C 84 5.83 53.10 -11.32
CA GLU C 84 5.46 54.39 -10.68
C GLU C 84 6.68 55.31 -10.68
N GLN C 85 7.87 54.76 -10.39
CA GLN C 85 9.12 55.55 -10.29
C GLN C 85 9.44 56.14 -11.66
N ALA C 86 9.46 55.29 -12.69
CA ALA C 86 9.78 55.64 -14.08
C ALA C 86 8.78 56.69 -14.58
N ILE C 87 7.48 56.47 -14.38
CA ILE C 87 6.47 57.49 -14.77
C ILE C 87 6.85 58.81 -14.10
N THR C 88 7.10 58.78 -12.79
CA THR C 88 7.40 60.00 -12.00
C THR C 88 8.64 60.68 -12.59
N ILE C 89 9.74 59.94 -12.78
CA ILE C 89 11.05 60.49 -13.24
C ILE C 89 10.95 60.95 -14.70
N ILE C 90 10.19 60.26 -15.54
CA ILE C 90 9.95 60.72 -16.95
C ILE C 90 9.26 62.09 -16.88
N GLY C 91 8.23 62.21 -16.04
CA GLY C 91 7.51 63.48 -15.83
C GLY C 91 8.41 64.60 -15.34
N ARG C 92 9.41 64.30 -14.54
CA ARG C 92 10.28 65.32 -13.93
C ARG C 92 11.38 65.71 -14.91
N THR C 93 11.82 64.81 -15.78
CA THR C 93 13.00 65.04 -16.66
C THR C 93 12.61 65.32 -18.12
N LEU C 94 11.50 64.79 -18.65
CA LEU C 94 11.23 64.86 -20.10
C LEU C 94 9.91 65.60 -20.39
N ALA C 95 9.17 66.06 -19.39
CA ALA C 95 7.82 66.65 -19.60
C ALA C 95 7.94 67.83 -20.57
N ALA C 96 9.09 68.51 -20.55
CA ALA C 96 9.47 69.60 -21.49
C ALA C 96 9.27 69.15 -22.94
N PHE C 97 9.60 67.92 -23.28
CA PHE C 97 9.61 67.41 -24.68
C PHE C 97 8.21 67.05 -25.14
N ASP C 98 7.16 67.22 -24.31
CA ASP C 98 5.75 67.22 -24.80
C ASP C 98 5.25 68.66 -24.79
N GLU C 99 5.07 69.25 -25.97
CA GLU C 99 4.92 70.72 -26.10
C GLU C 99 3.57 71.13 -25.48
N ASP C 100 2.51 70.33 -25.67
CA ASP C 100 1.12 70.70 -25.25
C ASP C 100 0.78 70.07 -23.89
N ASN C 101 1.71 69.33 -23.29
CA ASN C 101 1.52 68.67 -21.97
C ASN C 101 0.28 67.75 -21.94
N LEU C 102 -0.20 67.31 -23.10
CA LEU C 102 -1.21 66.23 -23.23
C LEU C 102 -0.47 64.98 -23.68
N ILE C 103 -0.49 63.91 -22.88
CA ILE C 103 0.34 62.69 -23.13
C ILE C 103 -0.58 61.54 -23.50
N PRO C 104 -0.53 61.03 -24.76
CA PRO C 104 -1.20 59.79 -25.12
C PRO C 104 -0.53 58.65 -24.36
N CYS C 105 -1.32 57.89 -23.61
CA CYS C 105 -0.79 56.80 -22.75
C CYS C 105 -1.58 55.52 -23.05
N TYR C 106 -0.86 54.40 -23.23
CA TYR C 106 -1.43 53.09 -23.64
C TYR C 106 -0.85 51.99 -22.77
N GLY C 107 -1.71 51.03 -22.41
CA GLY C 107 -1.30 49.76 -21.78
C GLY C 107 -1.31 48.66 -22.82
N PHE C 108 -0.52 47.61 -22.61
CA PHE C 108 -0.50 46.42 -23.48
C PHE C 108 -0.03 45.20 -22.69
N GLY C 109 -0.57 44.03 -23.03
CA GLY C 109 -0.15 42.73 -22.47
C GLY C 109 -0.98 42.28 -21.28
N ASP C 110 -2.03 43.02 -20.92
CA ASP C 110 -3.06 42.55 -19.98
C ASP C 110 -3.98 41.59 -20.74
N ALA C 111 -4.90 40.93 -20.02
CA ALA C 111 -5.86 39.94 -20.58
C ALA C 111 -6.69 40.56 -21.72
N SER C 112 -6.97 41.87 -21.67
CA SER C 112 -7.85 42.56 -22.66
C SER C 112 -7.15 42.78 -23.99
N THR C 113 -5.81 42.68 -24.06
CA THR C 113 -5.02 43.08 -25.24
C THR C 113 -4.04 41.99 -25.71
N HIS C 114 -3.48 41.21 -24.78
CA HIS C 114 -2.46 40.21 -25.09
C HIS C 114 -1.38 40.84 -25.98
N ASP C 115 -1.08 40.17 -27.09
CA ASP C 115 0.01 40.53 -28.01
C ASP C 115 -0.59 41.16 -29.27
N GLN C 116 -1.91 41.45 -29.28
CA GLN C 116 -2.64 41.90 -30.49
C GLN C 116 -2.94 43.40 -30.38
N ASP C 117 -3.29 43.93 -29.20
CA ASP C 117 -3.81 45.32 -29.09
C ASP C 117 -3.08 46.10 -28.00
N VAL C 118 -3.45 47.37 -27.90
CA VAL C 118 -3.18 48.30 -26.77
C VAL C 118 -4.52 48.82 -26.28
N PHE C 119 -4.57 49.31 -25.04
CA PHE C 119 -5.74 50.04 -24.51
C PHE C 119 -5.30 51.45 -24.13
N SER C 120 -6.17 52.43 -24.34
CA SER C 120 -5.96 53.85 -23.89
C SER C 120 -6.19 53.93 -22.38
N PHE C 121 -5.43 54.76 -21.69
CA PHE C 121 -5.55 54.98 -20.23
C PHE C 121 -6.90 55.64 -19.94
N ASN C 122 -7.42 56.44 -20.86
CA ASN C 122 -8.70 57.17 -20.66
C ASN C 122 -9.66 56.78 -21.79
N SER C 123 -10.94 57.18 -21.70
CA SER C 123 -12.09 56.53 -22.39
C SER C 123 -12.08 56.75 -23.90
N GLU C 124 -12.27 57.98 -24.40
CA GLU C 124 -12.40 58.22 -25.87
C GLU C 124 -10.99 58.36 -26.44
N ASP C 125 -10.02 57.63 -25.91
CA ASP C 125 -8.55 57.86 -26.13
C ASP C 125 -8.25 59.33 -25.81
N ARG C 126 -8.85 59.85 -24.74
CA ARG C 126 -8.48 61.19 -24.23
C ARG C 126 -7.04 61.08 -23.70
N PHE C 127 -6.19 62.01 -24.11
CA PHE C 127 -4.79 62.07 -23.68
C PHE C 127 -4.78 62.49 -22.21
N CYS C 128 -3.79 62.02 -21.46
CA CYS C 128 -3.60 62.33 -20.03
C CYS C 128 -3.18 63.79 -19.89
N ASN C 129 -3.70 64.46 -18.88
CA ASN C 129 -3.35 65.85 -18.49
C ASN C 129 -2.04 65.79 -17.71
N GLY C 130 -0.93 65.69 -18.44
CA GLY C 130 0.42 65.68 -17.85
C GLY C 130 0.72 64.34 -17.23
N PHE C 131 1.98 64.15 -16.83
CA PHE C 131 2.45 62.91 -16.16
C PHE C 131 1.76 62.76 -14.79
N GLU C 132 1.21 63.85 -14.23
CA GLU C 132 0.34 63.80 -13.02
C GLU C 132 -0.76 62.77 -13.26
N GLU C 133 -1.48 62.89 -14.39
CA GLU C 133 -2.64 62.02 -14.69
C GLU C 133 -2.17 60.65 -15.18
N VAL C 134 -0.99 60.56 -15.83
CA VAL C 134 -0.43 59.24 -16.23
C VAL C 134 -0.28 58.39 -14.98
N LEU C 135 0.39 58.95 -13.96
CA LEU C 135 0.62 58.28 -12.65
C LEU C 135 -0.72 58.02 -11.95
N SER C 136 -1.55 59.04 -11.80
CA SER C 136 -2.91 58.94 -11.20
C SER C 136 -3.61 57.69 -11.79
N ARG C 137 -3.63 57.57 -13.11
CA ARG C 137 -4.43 56.55 -13.84
C ARG C 137 -3.74 55.18 -13.76
N TYR C 138 -2.42 55.14 -13.82
CA TYR C 138 -1.66 53.88 -13.66
C TYR C 138 -2.16 53.20 -12.39
N LYS C 139 -2.15 53.95 -11.29
CA LYS C 139 -2.59 53.48 -9.95
C LYS C 139 -4.05 53.02 -9.99
N GLU C 140 -4.95 53.73 -10.67
CA GLU C 140 -6.40 53.36 -10.72
C GLU C 140 -6.58 52.12 -11.60
N ILE C 141 -5.69 51.90 -12.57
CA ILE C 141 -5.87 50.87 -13.65
C ILE C 141 -5.27 49.53 -13.21
N VAL C 142 -4.07 49.53 -12.64
CA VAL C 142 -3.27 48.28 -12.48
C VAL C 142 -4.00 47.29 -11.56
N PRO C 143 -4.72 47.70 -10.49
CA PRO C 143 -5.44 46.75 -9.64
C PRO C 143 -6.63 46.07 -10.34
N GLN C 144 -7.09 46.65 -11.46
CA GLN C 144 -8.22 46.11 -12.25
C GLN C 144 -7.72 45.28 -13.43
N LEU C 145 -6.42 44.97 -13.49
CA LEU C 145 -5.80 44.32 -14.67
C LEU C 145 -5.54 42.86 -14.34
N LYS C 146 -5.59 41.99 -15.34
CA LYS C 146 -4.94 40.65 -15.27
C LYS C 146 -3.67 40.74 -16.12
N LEU C 147 -2.51 40.81 -15.47
CA LEU C 147 -1.21 40.71 -16.19
C LEU C 147 -1.27 39.43 -17.02
N ALA C 148 -0.93 39.53 -18.31
CA ALA C 148 -1.13 38.46 -19.29
C ALA C 148 0.02 38.46 -20.30
N GLY C 149 -0.27 38.31 -21.59
CA GLY C 149 0.73 38.12 -22.64
C GLY C 149 0.08 37.48 -23.85
N PRO C 150 0.87 36.98 -24.83
CA PRO C 150 2.32 37.13 -24.81
C PRO C 150 2.79 38.59 -24.97
N THR C 151 4.11 38.79 -24.87
CA THR C 151 4.75 40.13 -24.86
C THR C 151 5.25 40.49 -26.27
N SER C 152 4.73 41.57 -26.85
CA SER C 152 5.14 42.15 -28.16
C SER C 152 5.00 43.68 -28.11
N PHE C 153 5.96 44.39 -28.73
CA PHE C 153 5.95 45.86 -28.84
C PHE C 153 5.27 46.29 -30.14
N ALA C 154 4.91 45.35 -31.02
CA ALA C 154 4.25 45.68 -32.31
C ALA C 154 3.05 46.59 -32.09
N PRO C 155 2.07 46.23 -31.23
CA PRO C 155 0.89 47.05 -31.08
C PRO C 155 1.20 48.48 -30.61
N ILE C 156 2.04 48.65 -29.59
CA ILE C 156 2.33 50.02 -29.06
C ILE C 156 3.11 50.82 -30.12
N ILE C 157 4.01 50.19 -30.86
CA ILE C 157 4.77 50.91 -31.91
C ILE C 157 3.79 51.26 -33.03
N ASP C 158 2.87 50.36 -33.40
CA ASP C 158 1.82 50.66 -34.40
C ASP C 158 0.99 51.84 -33.92
N MET C 159 0.61 51.86 -32.63
CA MET C 159 -0.20 52.96 -32.09
C MET C 159 0.55 54.26 -32.29
N ALA C 160 1.84 54.29 -31.92
CA ALA C 160 2.70 55.49 -32.08
C ALA C 160 2.73 55.89 -33.56
N MET C 161 2.94 54.93 -34.45
CA MET C 161 3.00 55.20 -35.90
C MET C 161 1.70 55.90 -36.33
N THR C 162 0.56 55.40 -35.88
CA THR C 162 -0.76 55.96 -36.25
C THR C 162 -0.86 57.39 -35.72
N ILE C 163 -0.46 57.63 -34.47
CA ILE C 163 -0.51 59.00 -33.88
C ILE C 163 0.33 59.94 -34.75
N VAL C 164 1.53 59.51 -35.15
CA VAL C 164 2.47 60.36 -35.91
C VAL C 164 1.88 60.64 -37.28
N GLU C 165 1.42 59.59 -37.96
CA GLU C 165 0.84 59.71 -39.31
C GLU C 165 -0.35 60.69 -39.25
N GLN C 166 -1.29 60.49 -38.34
CA GLN C 166 -2.49 61.36 -38.24
C GLN C 166 -2.11 62.81 -37.90
N SER C 167 -0.97 63.06 -37.28
CA SER C 167 -0.48 64.43 -36.95
C SER C 167 0.12 65.11 -38.19
N GLY C 168 0.22 64.38 -39.32
CA GLY C 168 0.92 64.87 -40.52
C GLY C 168 2.44 64.93 -40.33
N GLY C 169 3.02 63.91 -39.70
CA GLY C 169 4.48 63.75 -39.60
C GLY C 169 5.10 64.68 -38.58
N GLN C 170 4.42 64.97 -37.47
CA GLN C 170 5.03 65.73 -36.36
C GLN C 170 5.93 64.77 -35.57
N TYR C 171 7.14 65.22 -35.25
CA TYR C 171 8.13 64.44 -34.48
C TYR C 171 7.55 64.03 -33.14
N HIS C 172 7.54 62.72 -32.87
CA HIS C 172 7.13 62.13 -31.58
C HIS C 172 8.24 61.24 -31.02
N VAL C 173 8.30 61.14 -29.70
CA VAL C 173 9.14 60.17 -28.96
C VAL C 173 8.20 59.22 -28.22
N LEU C 174 8.18 57.94 -28.62
CA LEU C 174 7.49 56.84 -27.92
C LEU C 174 8.38 56.37 -26.77
N VAL C 175 7.88 56.44 -25.56
CA VAL C 175 8.57 55.94 -24.34
C VAL C 175 7.82 54.69 -23.87
N ILE C 176 8.43 53.53 -24.05
CA ILE C 176 7.91 52.21 -23.61
C ILE C 176 8.58 51.86 -22.28
N ILE C 177 7.78 51.77 -21.21
CA ILE C 177 8.25 51.26 -19.89
C ILE C 177 7.93 49.76 -19.85
N ALA C 178 8.94 48.90 -19.69
CA ALA C 178 8.79 47.44 -19.86
C ALA C 178 9.90 46.69 -19.11
N ASP C 179 9.69 45.41 -18.83
CA ASP C 179 10.67 44.52 -18.16
C ASP C 179 11.55 43.84 -19.21
N GLY C 180 11.28 44.11 -20.49
CA GLY C 180 12.17 43.72 -21.60
C GLY C 180 11.96 42.29 -22.02
N GLN C 181 11.10 41.54 -21.33
CA GLN C 181 10.92 40.08 -21.56
C GLN C 181 9.88 39.84 -22.67
N VAL C 182 10.29 40.12 -23.89
CA VAL C 182 9.52 39.82 -25.13
C VAL C 182 9.57 38.31 -25.31
N THR C 183 8.44 37.74 -25.71
CA THR C 183 8.22 36.28 -25.84
C THR C 183 9.27 35.72 -26.80
N ARG C 184 9.99 34.70 -26.35
CA ARG C 184 11.01 33.92 -27.08
C ARG C 184 10.92 32.45 -26.58
N SER C 185 11.41 31.47 -27.33
CA SER C 185 11.72 30.11 -26.76
C SER C 185 13.08 30.11 -26.06
N VAL C 186 13.24 29.44 -24.91
CA VAL C 186 14.56 29.21 -24.24
C VAL C 186 15.50 28.41 -25.16
N ASP C 187 14.95 27.67 -26.14
CA ASP C 187 15.68 26.71 -27.01
C ASP C 187 15.64 27.13 -28.48
N THR C 188 15.09 28.28 -28.85
CA THR C 188 15.07 28.77 -30.26
C THR C 188 16.52 28.89 -30.73
N GLU C 189 16.81 28.41 -31.93
CA GLU C 189 18.16 28.16 -32.49
C GLU C 189 18.80 29.47 -32.98
N ASN C 190 19.92 29.86 -32.36
CA ASN C 190 20.69 31.10 -32.74
C ASN C 190 19.74 32.31 -32.72
N GLY C 191 19.70 33.20 -33.73
CA GLY C 191 18.62 34.16 -33.94
C GLY C 191 17.57 33.61 -34.91
N GLN C 192 16.88 32.52 -34.54
CA GLN C 192 15.51 32.19 -35.05
C GLN C 192 14.48 32.86 -34.13
N LEU C 193 13.53 33.62 -34.68
CA LEU C 193 12.73 34.62 -33.92
C LEU C 193 11.33 34.08 -33.64
N SER C 194 10.82 34.30 -32.42
CA SER C 194 9.40 34.06 -32.07
C SER C 194 8.51 34.93 -32.97
N PRO C 195 7.21 34.62 -33.10
CA PRO C 195 6.28 35.52 -33.79
C PRO C 195 6.27 36.92 -33.19
N GLN C 196 6.42 36.99 -31.87
CA GLN C 196 6.36 38.25 -31.09
C GLN C 196 7.58 39.10 -31.45
N GLU C 197 8.79 38.53 -31.37
CA GLU C 197 10.04 39.19 -31.81
C GLU C 197 9.87 39.65 -33.26
N GLN C 198 9.43 38.75 -34.14
CA GLN C 198 9.41 39.02 -35.59
C GLN C 198 8.54 40.26 -35.84
N LYS C 199 7.35 40.28 -35.25
CA LYS C 199 6.35 41.37 -35.47
C LYS C 199 6.89 42.66 -34.86
N THR C 200 7.57 42.56 -33.71
CA THR C 200 8.17 43.71 -32.99
C THR C 200 9.27 44.31 -33.86
N VAL C 201 10.12 43.48 -34.46
CA VAL C 201 11.21 43.97 -35.35
C VAL C 201 10.56 44.60 -36.59
N ASP C 202 9.59 43.92 -37.22
CA ASP C 202 8.90 44.45 -38.41
C ASP C 202 8.34 45.83 -38.09
N ALA C 203 7.86 46.03 -36.87
CA ALA C 203 7.22 47.28 -36.41
C ALA C 203 8.29 48.36 -36.29
N ILE C 204 9.40 48.05 -35.62
CA ILE C 204 10.57 48.97 -35.52
C ILE C 204 11.01 49.37 -36.94
N VAL C 205 11.03 48.44 -37.88
CA VAL C 205 11.45 48.72 -39.29
C VAL C 205 10.41 49.65 -39.94
N GLN C 206 9.14 49.27 -39.92
CA GLN C 206 8.01 50.06 -40.46
C GLN C 206 8.10 51.49 -39.92
N ALA C 207 8.42 51.66 -38.64
CA ALA C 207 8.40 52.95 -37.92
C ALA C 207 9.55 53.86 -38.37
N SER C 208 10.55 53.32 -39.04
CA SER C 208 11.69 54.13 -39.56
C SER C 208 11.28 54.80 -40.88
N LYS C 209 10.02 54.59 -41.31
CA LYS C 209 9.41 55.34 -42.43
C LYS C 209 8.72 56.59 -41.91
N LEU C 210 8.85 56.89 -40.60
CA LEU C 210 8.13 57.98 -39.90
C LEU C 210 9.04 58.71 -38.94
N PRO C 211 8.74 59.99 -38.66
CA PRO C 211 9.54 60.78 -37.74
C PRO C 211 9.22 60.41 -36.28
N LEU C 212 9.67 59.21 -35.91
CA LEU C 212 9.37 58.59 -34.60
C LEU C 212 10.67 58.06 -34.01
N SER C 213 10.97 58.54 -32.81
CA SER C 213 12.03 58.03 -31.91
C SER C 213 11.37 57.11 -30.88
N ILE C 214 12.05 56.01 -30.53
CA ILE C 214 11.61 55.03 -29.49
C ILE C 214 12.67 55.01 -28.39
N VAL C 215 12.19 55.02 -27.15
CA VAL C 215 13.03 54.90 -25.93
C VAL C 215 12.40 53.83 -25.05
N LEU C 216 13.11 52.72 -24.86
CA LEU C 216 12.73 51.62 -23.95
C LEU C 216 13.30 51.95 -22.57
N VAL C 217 12.45 52.32 -21.63
CA VAL C 217 12.82 52.50 -20.20
C VAL C 217 12.64 51.13 -19.53
N GLY C 218 13.74 50.39 -19.39
CA GLY C 218 13.78 49.05 -18.78
C GLY C 218 13.66 49.10 -17.26
N VAL C 219 12.69 48.39 -16.71
CA VAL C 219 12.55 48.21 -15.23
C VAL C 219 12.80 46.73 -14.90
N GLY C 220 13.22 46.47 -13.66
CA GLY C 220 13.45 45.10 -13.16
C GLY C 220 14.76 44.48 -13.62
N ASP C 221 14.82 43.15 -13.52
CA ASP C 221 16.07 42.35 -13.48
C ASP C 221 16.64 42.14 -14.88
N GLY C 222 15.86 42.31 -15.93
CA GLY C 222 16.29 41.81 -17.24
C GLY C 222 16.10 40.29 -17.28
N PRO C 223 16.79 39.54 -18.16
CA PRO C 223 17.90 40.05 -18.96
C PRO C 223 17.51 41.05 -20.05
N TRP C 224 18.50 41.67 -20.69
CA TRP C 224 18.30 42.80 -21.63
C TRP C 224 18.93 42.53 -22.99
N ASP C 225 19.33 41.31 -23.29
CA ASP C 225 20.04 40.96 -24.55
C ASP C 225 19.22 41.51 -25.72
N MET C 226 17.89 41.39 -25.66
CA MET C 226 17.00 41.65 -26.82
C MET C 226 16.77 43.16 -26.95
N MET C 227 16.66 43.88 -25.84
CA MET C 227 16.51 45.36 -25.84
C MET C 227 17.78 45.97 -26.46
N ARG C 228 18.95 45.42 -26.17
CA ARG C 228 20.23 45.83 -26.79
C ARG C 228 20.21 45.51 -28.28
N GLU C 229 19.64 44.39 -28.67
CA GLU C 229 19.51 44.01 -30.11
C GLU C 229 18.70 45.11 -30.81
N PHE C 230 17.61 45.56 -30.17
CA PHE C 230 16.69 46.58 -30.72
C PHE C 230 17.42 47.92 -30.77
N ASP C 231 18.25 48.20 -29.75
CA ASP C 231 19.04 49.45 -29.64
C ASP C 231 20.05 49.54 -30.79
N ASP C 232 20.82 48.48 -31.04
CA ASP C 232 22.14 48.59 -31.74
C ASP C 232 22.14 47.84 -33.08
N ASN C 233 21.20 46.97 -33.36
CA ASN C 233 21.45 45.98 -34.43
C ASN C 233 20.13 45.54 -35.09
N ILE C 234 19.56 46.38 -35.95
CA ILE C 234 18.41 45.97 -36.80
C ILE C 234 18.69 46.48 -38.21
N PRO C 235 19.42 45.68 -39.00
CA PRO C 235 19.87 46.08 -40.32
C PRO C 235 18.80 46.71 -41.22
N ALA C 236 17.59 46.14 -41.25
CA ALA C 236 16.55 46.42 -42.28
C ALA C 236 15.97 47.84 -42.13
N ARG C 237 16.19 48.50 -40.99
CA ARG C 237 15.53 49.79 -40.68
C ARG C 237 16.33 50.94 -41.32
N ALA C 238 15.65 52.03 -41.63
CA ALA C 238 16.18 53.22 -42.34
C ALA C 238 17.13 54.00 -41.43
N PHE C 239 16.93 53.95 -40.11
CA PHE C 239 17.83 54.67 -39.16
C PHE C 239 17.65 54.12 -37.75
N ASP C 240 18.64 54.31 -36.90
CA ASP C 240 18.61 53.81 -35.51
C ASP C 240 17.55 54.63 -34.80
N ASN C 241 16.35 54.05 -34.64
CA ASN C 241 15.18 54.76 -34.08
C ASN C 241 14.88 54.24 -32.67
N PHE C 242 15.80 53.52 -32.04
CA PHE C 242 15.54 52.79 -30.77
C PHE C 242 16.68 53.04 -29.78
N GLN C 243 16.36 53.54 -28.59
CA GLN C 243 17.32 53.66 -27.48
C GLN C 243 16.85 52.76 -26.32
N PHE C 244 17.79 52.08 -25.67
CA PHE C 244 17.57 51.28 -24.46
C PHE C 244 18.12 52.05 -23.26
N VAL C 245 17.33 52.16 -22.20
CA VAL C 245 17.73 52.81 -20.92
C VAL C 245 17.49 51.82 -19.80
N ASN C 246 18.54 51.31 -19.20
CA ASN C 246 18.44 50.43 -18.01
C ASN C 246 18.13 51.31 -16.80
N PHE C 247 16.86 51.57 -16.55
CA PHE C 247 16.39 52.47 -15.48
C PHE C 247 16.70 51.87 -14.10
N THR C 248 16.62 50.55 -13.89
CA THR C 248 16.87 50.00 -12.53
C THR C 248 18.38 50.05 -12.25
N GLU C 249 19.25 49.82 -13.24
CA GLU C 249 20.71 49.98 -13.06
C GLU C 249 21.04 51.40 -12.57
N ILE C 250 20.36 52.41 -13.11
CA ILE C 250 20.59 53.85 -12.78
C ILE C 250 20.09 54.14 -11.36
N MET C 251 18.89 53.68 -11.00
CA MET C 251 18.30 54.00 -9.67
C MET C 251 18.99 53.17 -8.57
N ALA C 252 19.64 52.06 -8.94
CA ALA C 252 20.37 51.17 -8.00
C ALA C 252 21.54 51.93 -7.39
N LYS C 253 22.19 52.79 -8.20
CA LYS C 253 23.46 53.49 -7.85
C LYS C 253 23.33 54.25 -6.53
N ASN C 254 24.50 54.51 -5.94
CA ASN C 254 24.71 54.99 -4.55
C ASN C 254 24.43 56.49 -4.42
N LYS C 255 24.60 57.25 -5.51
CA LYS C 255 24.54 58.74 -5.56
C LYS C 255 23.14 59.26 -5.20
N ALA C 256 23.00 60.59 -5.12
CA ALA C 256 21.78 61.29 -4.65
C ALA C 256 20.73 61.30 -5.78
N GLN C 257 19.48 61.55 -5.41
CA GLN C 257 18.29 61.39 -6.30
C GLN C 257 18.49 62.20 -7.58
N SER C 258 18.59 63.52 -7.45
CA SER C 258 18.67 64.47 -8.59
C SER C 258 19.87 64.16 -9.49
N LEU C 259 20.89 63.47 -8.99
CA LEU C 259 22.08 63.09 -9.80
C LEU C 259 21.74 61.88 -10.70
N LYS C 260 20.79 61.04 -10.28
CA LYS C 260 20.26 59.90 -11.07
C LYS C 260 19.25 60.40 -12.10
N GLU C 261 18.30 61.23 -11.68
CA GLU C 261 17.32 61.88 -12.59
C GLU C 261 18.07 62.44 -13.79
N THR C 262 19.20 63.13 -13.56
CA THR C 262 20.05 63.71 -14.63
C THR C 262 20.58 62.58 -15.53
N GLU C 263 21.12 61.50 -14.92
CA GLU C 263 21.70 60.39 -15.71
C GLU C 263 20.60 59.72 -16.57
N PHE C 264 19.38 59.61 -16.02
CA PHE C 264 18.24 59.05 -16.77
C PHE C 264 18.02 59.89 -18.03
N ALA C 265 17.76 61.19 -17.80
CA ALA C 265 17.49 62.21 -18.84
C ALA C 265 18.56 62.13 -19.93
N LEU C 266 19.83 62.06 -19.53
CA LEU C 266 20.94 61.98 -20.51
C LEU C 266 20.75 60.70 -21.34
N SER C 267 20.52 59.57 -20.68
CA SER C 267 20.41 58.23 -21.34
C SER C 267 19.21 58.20 -22.30
N ALA C 268 18.06 58.78 -21.90
CA ALA C 268 16.82 58.81 -22.72
C ALA C 268 17.07 59.60 -24.00
N LEU C 269 17.63 60.81 -23.84
CA LEU C 269 17.82 61.80 -24.93
C LEU C 269 19.05 61.48 -25.78
N MET C 270 19.92 60.57 -25.33
CA MET C 270 21.21 60.27 -25.99
C MET C 270 21.10 60.17 -27.53
N GLU C 271 20.04 59.56 -28.06
CA GLU C 271 20.00 59.23 -29.51
C GLU C 271 19.14 60.27 -30.26
N ILE C 272 18.54 61.22 -29.55
CA ILE C 272 17.46 62.10 -30.09
C ILE C 272 18.03 63.09 -31.10
N PRO C 273 19.14 63.80 -30.82
CA PRO C 273 19.74 64.68 -31.82
C PRO C 273 19.93 64.00 -33.18
N GLN C 274 20.62 62.85 -33.26
CA GLN C 274 20.92 62.20 -34.57
C GLN C 274 19.61 61.66 -35.14
N GLN C 275 18.69 61.19 -34.27
CA GLN C 275 17.38 60.63 -34.72
C GLN C 275 16.58 61.75 -35.40
N TYR C 276 16.47 62.92 -34.74
CA TYR C 276 15.77 64.11 -35.29
C TYR C 276 16.37 64.45 -36.64
N LYS C 277 17.69 64.62 -36.70
CA LYS C 277 18.40 64.94 -37.96
C LYS C 277 18.00 63.93 -39.04
N ALA C 278 17.96 62.65 -38.67
CA ALA C 278 17.63 61.57 -39.61
C ALA C 278 16.25 61.83 -40.22
N THR C 279 15.27 62.27 -39.42
CA THR C 279 13.88 62.49 -39.90
C THR C 279 13.89 63.57 -40.99
N ILE C 280 14.82 64.52 -40.88
CA ILE C 280 14.99 65.61 -41.88
C ILE C 280 15.72 65.04 -43.11
N GLU C 281 16.95 64.55 -42.91
CA GLU C 281 17.83 64.09 -44.01
C GLU C 281 17.15 62.98 -44.82
N LEU C 282 16.28 62.17 -44.20
CA LEU C 282 15.60 61.03 -44.87
C LEU C 282 14.23 61.47 -45.40
N ASN C 283 13.88 62.74 -45.21
CA ASN C 283 12.71 63.37 -45.87
C ASN C 283 11.39 62.85 -45.25
N LEU C 284 11.33 62.79 -43.92
CA LEU C 284 10.18 62.25 -43.16
C LEU C 284 9.44 63.35 -42.39
N LEU C 285 10.19 64.28 -41.78
CA LEU C 285 9.64 65.32 -40.86
C LEU C 285 8.58 66.16 -41.59
N GLY C 286 7.36 66.19 -41.04
CA GLY C 286 6.23 66.98 -41.56
C GLY C 286 5.63 66.35 -42.80
N ARG C 287 5.98 65.10 -43.13
CA ARG C 287 5.39 64.37 -44.28
C ARG C 287 4.51 63.21 -43.78
N ARG C 288 3.46 62.91 -44.53
CA ARG C 288 2.71 61.63 -44.42
C ARG C 288 3.42 60.59 -45.28
N ASN C 289 3.49 59.35 -44.80
CA ASN C 289 3.94 58.18 -45.58
C ASN C 289 2.82 57.78 -46.55
N GLY C 290 1.59 57.69 -46.05
CA GLY C 290 0.38 57.43 -46.85
C GLY C 290 -0.17 56.03 -46.65
N TYR C 291 0.64 55.05 -46.24
CA TYR C 291 0.26 53.60 -46.24
C TYR C 291 0.44 53.01 -44.85
N ILE C 292 0.14 53.77 -43.80
CA ILE C 292 0.19 53.27 -42.40
C ILE C 292 -1.21 52.91 -41.97
N PRO C 293 -1.58 51.62 -41.88
CA PRO C 293 -2.94 51.26 -41.48
C PRO C 293 -3.22 51.82 -40.09
N GLU C 294 -4.39 52.45 -39.94
CA GLU C 294 -4.85 53.12 -38.68
C GLU C 294 -5.05 52.04 -37.61
N ARG C 295 -4.46 52.24 -36.43
CA ARG C 295 -4.72 51.38 -35.26
C ARG C 295 -5.69 52.06 -34.29
N PHE C 296 -6.62 51.28 -33.74
CA PHE C 296 -7.64 51.76 -32.77
C PHE C 296 -7.37 51.16 -31.41
N PRO C 297 -7.13 51.99 -30.38
CA PRO C 297 -6.90 51.47 -29.04
C PRO C 297 -8.21 50.97 -28.43
N LEU C 298 -8.18 49.83 -27.74
CA LEU C 298 -9.30 49.37 -26.89
C LEU C 298 -9.48 50.35 -25.74
N PRO C 299 -10.67 50.36 -25.11
CA PRO C 299 -10.90 51.21 -23.95
C PRO C 299 -10.20 50.65 -22.72
N PRO C 300 -10.01 51.47 -21.66
CA PRO C 300 -9.34 51.01 -20.45
C PRO C 300 -10.24 50.04 -19.72
N PRO C 301 -9.67 49.11 -18.94
CA PRO C 301 -10.44 48.43 -17.90
C PRO C 301 -10.68 49.34 -16.71
N SER D 13 -17.42 -25.51 -2.37
CA SER D 13 -16.32 -25.69 -1.35
C SER D 13 -14.94 -25.80 -2.02
N ASP D 14 -14.81 -25.34 -3.27
CA ASP D 14 -13.53 -24.92 -3.92
C ASP D 14 -13.17 -23.54 -3.36
N ASN D 15 -14.19 -22.69 -3.22
CA ASN D 15 -14.18 -21.33 -2.66
C ASN D 15 -13.81 -21.39 -1.17
N LYS D 16 -14.57 -22.16 -0.38
CA LYS D 16 -14.50 -22.25 1.11
C LYS D 16 -13.06 -22.55 1.54
N LYS D 17 -12.38 -23.43 0.79
CA LYS D 17 -10.94 -23.79 0.96
C LYS D 17 -10.08 -22.53 1.00
N ARG D 18 -10.22 -21.67 -0.02
CA ARG D 18 -9.33 -20.52 -0.35
C ARG D 18 -9.62 -19.35 0.62
N LEU D 19 -10.87 -19.22 1.11
CA LEU D 19 -11.34 -18.13 2.01
C LEU D 19 -10.84 -18.34 3.44
N GLU D 20 -10.52 -19.60 3.80
CA GLU D 20 -10.02 -19.96 5.16
C GLU D 20 -8.50 -19.69 5.20
N ARG D 21 -7.79 -19.93 4.10
CA ARG D 21 -6.34 -19.61 3.94
C ARG D 21 -6.17 -18.09 3.74
N LYS D 22 -7.22 -17.36 3.37
CA LYS D 22 -7.19 -15.87 3.38
C LYS D 22 -7.14 -15.37 4.82
N TYR D 23 -7.80 -16.07 5.76
CA TYR D 23 -8.01 -15.63 7.17
C TYR D 23 -7.18 -16.49 8.14
N SER D 24 -6.31 -17.36 7.61
CA SER D 24 -5.33 -18.22 8.33
C SER D 24 -4.71 -17.51 9.52
N LYS D 25 -3.89 -16.50 9.25
CA LYS D 25 -3.23 -15.71 10.31
C LYS D 25 -3.50 -14.22 10.03
N ILE D 26 -3.71 -13.46 11.07
CA ILE D 26 -3.99 -12.01 11.03
C ILE D 26 -2.81 -11.34 11.72
N SER D 27 -1.97 -10.66 10.95
CA SER D 27 -0.80 -9.90 11.49
C SER D 27 -1.28 -8.61 12.15
N ASP D 28 -0.37 -7.96 12.86
CA ASP D 28 -0.56 -6.57 13.35
C ASP D 28 -0.51 -5.66 12.12
N ASP D 29 -1.66 -5.21 11.61
CA ASP D 29 -1.74 -4.44 10.34
C ASP D 29 -2.13 -3.00 10.63
N TYR D 30 -2.00 -2.54 11.88
CA TYR D 30 -2.43 -1.19 12.31
C TYR D 30 -1.43 -0.70 13.35
N SER D 31 -1.02 0.56 13.23
CA SER D 31 0.09 1.16 14.03
C SER D 31 -0.48 2.14 15.05
N SER D 32 -1.76 2.49 14.94
CA SER D 32 -2.43 3.43 15.86
C SER D 32 -3.87 2.97 16.09
N LEU D 33 -4.47 3.43 17.19
CA LEU D 33 -5.90 3.17 17.50
C LEU D 33 -6.77 3.77 16.38
N GLU D 34 -6.43 4.97 15.89
CA GLU D 34 -7.17 5.72 14.84
C GLU D 34 -7.31 4.83 13.60
N GLN D 35 -6.23 4.20 13.16
CA GLN D 35 -6.22 3.32 11.95
C GLN D 35 -7.28 2.21 12.12
N VAL D 36 -7.35 1.63 13.31
CA VAL D 36 -8.30 0.51 13.64
C VAL D 36 -9.72 1.08 13.69
N THR D 37 -9.91 2.18 14.46
CA THR D 37 -11.20 2.90 14.55
C THR D 37 -11.74 3.13 13.14
N GLU D 38 -10.88 3.53 12.21
CA GLU D 38 -11.22 3.83 10.80
C GLU D 38 -11.59 2.52 10.11
N ALA D 39 -10.73 1.50 10.21
CA ALA D 39 -10.95 0.16 9.60
C ALA D 39 -12.34 -0.38 10.02
N LEU D 40 -12.71 -0.11 11.27
CA LEU D 40 -13.99 -0.57 11.86
C LEU D 40 -15.16 0.22 11.24
N ALA D 41 -15.01 1.54 11.09
CA ALA D 41 -15.98 2.41 10.37
C ALA D 41 -16.16 1.88 8.95
N ARG D 42 -15.08 1.80 8.17
CA ARG D 42 -15.10 1.33 6.76
C ARG D 42 -15.73 -0.07 6.70
N ALA D 43 -15.63 -0.87 7.76
CA ALA D 43 -16.20 -2.25 7.79
C ALA D 43 -17.73 -2.20 7.96
N GLY D 44 -18.24 -1.11 8.54
CA GLY D 44 -19.68 -0.83 8.69
C GLY D 44 -20.31 -1.55 9.88
N LEU D 45 -19.62 -1.52 11.00
CA LEU D 45 -19.96 -2.32 12.22
C LEU D 45 -21.09 -1.63 12.96
N GLU D 46 -22.23 -2.32 13.12
CA GLU D 46 -23.46 -1.73 13.73
C GLU D 46 -23.80 -2.32 15.12
N SER D 47 -23.26 -3.50 15.44
CA SER D 47 -23.57 -4.23 16.69
C SER D 47 -22.35 -5.07 17.07
N SER D 48 -21.93 -4.99 18.34
CA SER D 48 -21.03 -5.95 19.01
C SER D 48 -21.44 -6.09 20.49
N ASN D 49 -21.08 -7.21 21.12
CA ASN D 49 -21.25 -7.43 22.58
C ASN D 49 -19.99 -8.09 23.15
N LEU D 50 -19.68 -7.78 24.41
CA LEU D 50 -18.54 -8.39 25.11
C LEU D 50 -19.03 -9.55 25.97
N ILE D 51 -18.15 -10.52 26.17
CA ILE D 51 -18.23 -11.55 27.25
C ILE D 51 -16.91 -11.51 28.00
N VAL D 52 -16.92 -11.63 29.32
CA VAL D 52 -15.69 -11.61 30.13
C VAL D 52 -15.56 -12.94 30.88
N GLY D 53 -14.34 -13.49 30.84
CA GLY D 53 -13.94 -14.67 31.62
C GLY D 53 -12.75 -14.33 32.49
N ILE D 54 -12.78 -14.75 33.75
CA ILE D 54 -11.65 -14.47 34.68
C ILE D 54 -11.10 -15.79 35.25
N ASP D 55 -9.80 -15.98 35.06
CA ASP D 55 -8.97 -17.13 35.54
C ASP D 55 -8.80 -17.02 37.05
N PHE D 56 -9.40 -17.93 37.82
CA PHE D 56 -9.22 -18.02 39.28
C PHE D 56 -8.46 -19.31 39.61
N THR D 57 -7.48 -19.71 38.80
CA THR D 57 -6.66 -20.92 39.06
C THR D 57 -5.57 -20.57 40.05
N LYS D 58 -4.98 -21.61 40.65
CA LYS D 58 -3.99 -21.47 41.75
C LYS D 58 -2.67 -20.94 41.17
N SER D 59 -2.40 -21.13 39.87
CA SER D 59 -1.16 -20.61 39.23
C SER D 59 -1.03 -19.11 39.50
N ASN D 60 -2.15 -18.40 39.60
CA ASN D 60 -2.16 -16.94 39.89
C ASN D 60 -1.38 -16.67 41.19
N GLU D 61 -1.19 -17.67 42.04
CA GLU D 61 -0.49 -17.49 43.34
C GLU D 61 1.00 -17.22 43.07
N TRP D 62 1.58 -17.86 42.06
CA TRP D 62 3.04 -17.77 41.82
C TRP D 62 3.41 -17.03 40.52
N THR D 63 2.45 -16.68 39.67
CA THR D 63 2.74 -15.91 38.43
C THR D 63 2.86 -14.42 38.76
N GLY D 64 2.87 -14.05 40.05
CA GLY D 64 3.11 -12.67 40.50
C GLY D 64 4.54 -12.43 40.95
N ALA D 65 5.43 -13.43 40.79
CA ALA D 65 6.82 -13.43 41.28
C ALA D 65 7.49 -12.09 40.94
N ARG D 66 7.82 -11.84 39.66
CA ARG D 66 8.52 -10.60 39.22
C ARG D 66 7.52 -9.45 39.09
N SER D 67 6.44 -9.68 38.35
CA SER D 67 5.54 -8.61 37.83
C SER D 67 4.72 -7.97 38.95
N PHE D 68 4.50 -8.63 40.09
CA PHE D 68 3.60 -8.11 41.16
C PHE D 68 4.18 -8.37 42.54
N ASN D 69 5.52 -8.42 42.65
CA ASN D 69 6.25 -8.24 43.93
C ASN D 69 5.98 -9.47 44.83
N ARG D 70 6.09 -10.67 44.27
CA ARG D 70 6.01 -11.97 44.97
C ARG D 70 4.63 -12.18 45.61
N LYS D 71 3.62 -11.38 45.25
CA LYS D 71 2.20 -11.57 45.70
C LYS D 71 1.38 -12.34 44.65
N SER D 72 0.18 -12.76 45.06
CA SER D 72 -0.82 -13.45 44.20
C SER D 72 -1.45 -12.39 43.30
N LEU D 73 -1.68 -12.73 42.03
CA LEU D 73 -2.32 -11.80 41.06
C LEU D 73 -3.74 -11.48 41.56
N HIS D 74 -4.34 -12.31 42.42
CA HIS D 74 -5.70 -12.09 42.97
C HIS D 74 -5.62 -11.52 44.40
N PHE D 75 -4.44 -11.11 44.86
CA PHE D 75 -4.27 -10.53 46.22
C PHE D 75 -5.10 -9.26 46.34
N ILE D 76 -5.85 -9.07 47.41
CA ILE D 76 -6.59 -7.80 47.69
C ILE D 76 -5.76 -6.96 48.67
N GLY D 77 -5.10 -5.91 48.16
CA GLY D 77 -4.26 -4.98 48.92
C GLY D 77 -4.90 -3.61 49.05
N SER D 78 -4.09 -2.57 49.25
CA SER D 78 -4.50 -1.15 49.32
C SER D 78 -4.57 -0.58 47.90
N SER D 79 -3.77 -1.14 47.01
CA SER D 79 -3.69 -0.74 45.59
C SER D 79 -4.16 -1.90 44.72
N PRO D 80 -4.61 -1.64 43.47
CA PRO D 80 -5.26 -2.68 42.67
C PRO D 80 -4.27 -3.73 42.12
N ASN D 81 -4.74 -4.97 42.02
CA ASN D 81 -3.94 -6.11 41.50
C ASN D 81 -4.11 -6.16 39.99
N PRO D 82 -3.28 -6.93 39.26
CA PRO D 82 -3.35 -6.94 37.80
C PRO D 82 -4.74 -7.29 37.22
N TYR D 83 -5.55 -8.07 37.91
CA TYR D 83 -6.92 -8.40 37.45
C TYR D 83 -7.76 -7.12 37.55
N GLU D 84 -7.71 -6.45 38.71
CA GLU D 84 -8.44 -5.18 38.94
C GLU D 84 -8.02 -4.15 37.89
N GLN D 85 -6.73 -4.09 37.57
CA GLN D 85 -6.17 -3.11 36.61
C GLN D 85 -6.75 -3.36 35.22
N ALA D 86 -6.67 -4.60 34.76
CA ALA D 86 -7.15 -5.08 33.44
C ALA D 86 -8.67 -4.83 33.35
N ILE D 87 -9.45 -5.20 34.36
CA ILE D 87 -10.90 -4.93 34.37
C ILE D 87 -11.07 -3.42 34.18
N THR D 88 -10.37 -2.61 34.95
CA THR D 88 -10.48 -1.12 34.91
C THR D 88 -10.17 -0.64 33.50
N ILE D 89 -9.03 -1.04 32.92
CA ILE D 89 -8.54 -0.56 31.60
C ILE D 89 -9.45 -1.10 30.47
N ILE D 90 -9.96 -2.31 30.58
CA ILE D 90 -10.95 -2.85 29.60
C ILE D 90 -12.18 -1.95 29.62
N GLY D 91 -12.69 -1.62 30.81
CA GLY D 91 -13.86 -0.74 30.99
C GLY D 91 -13.61 0.65 30.38
N ARG D 92 -12.37 1.15 30.43
CA ARG D 92 -12.05 2.52 29.95
C ARG D 92 -11.86 2.51 28.43
N THR D 93 -11.38 1.42 27.84
CA THR D 93 -10.99 1.36 26.41
C THR D 93 -12.01 0.59 25.55
N LEU D 94 -12.74 -0.40 26.05
CA LEU D 94 -13.54 -1.31 25.17
C LEU D 94 -15.04 -1.26 25.50
N ALA D 95 -15.47 -0.52 26.53
CA ALA D 95 -16.86 -0.57 27.03
C ALA D 95 -17.82 -0.25 25.87
N ALA D 96 -17.35 0.60 24.96
CA ALA D 96 -18.04 1.02 23.72
C ALA D 96 -18.49 -0.21 22.92
N PHE D 97 -17.71 -1.28 22.87
CA PHE D 97 -17.98 -2.45 22.01
C PHE D 97 -19.04 -3.37 22.64
N ASP D 98 -19.58 -3.05 23.83
CA ASP D 98 -20.81 -3.71 24.33
C ASP D 98 -21.98 -2.73 24.16
N GLU D 99 -22.90 -3.03 23.24
CA GLU D 99 -23.92 -2.08 22.76
C GLU D 99 -24.89 -1.74 23.90
N ASP D 100 -25.27 -2.72 24.73
CA ASP D 100 -26.34 -2.57 25.75
C ASP D 100 -25.73 -2.35 27.14
N ASN D 101 -24.39 -2.31 27.23
CA ASN D 101 -23.66 -2.09 28.51
C ASN D 101 -24.06 -3.12 29.59
N LEU D 102 -24.61 -4.26 29.20
CA LEU D 102 -24.79 -5.44 30.09
C LEU D 102 -23.72 -6.46 29.73
N ILE D 103 -22.84 -6.80 30.67
CA ILE D 103 -21.64 -7.66 30.39
C ILE D 103 -21.83 -9.01 31.07
N PRO D 104 -21.99 -10.11 30.31
CA PRO D 104 -21.93 -11.45 30.88
C PRO D 104 -20.50 -11.68 31.37
N CYS D 105 -20.37 -12.03 32.66
CA CYS D 105 -19.06 -12.21 33.31
C CYS D 105 -19.03 -13.57 34.01
N TYR D 106 -17.95 -14.33 33.80
CA TYR D 106 -17.79 -15.72 34.29
C TYR D 106 -16.42 -15.89 34.93
N GLY D 107 -16.39 -16.65 36.04
CA GLY D 107 -15.15 -17.15 36.67
C GLY D 107 -14.94 -18.58 36.28
N PHE D 108 -13.69 -19.04 36.30
CA PHE D 108 -13.34 -20.46 36.03
C PHE D 108 -12.02 -20.80 36.72
N GLY D 109 -11.90 -22.04 37.20
CA GLY D 109 -10.65 -22.58 37.78
C GLY D 109 -10.58 -22.46 39.30
N ASP D 110 -11.63 -21.98 39.94
CA ASP D 110 -11.79 -22.07 41.41
C ASP D 110 -12.23 -23.50 41.75
N ALA D 111 -12.28 -23.83 43.04
CA ALA D 111 -12.64 -25.19 43.54
C ALA D 111 -14.02 -25.61 43.03
N SER D 112 -14.94 -24.67 42.80
CA SER D 112 -16.35 -24.97 42.40
C SER D 112 -16.44 -25.39 40.92
N THR D 113 -15.41 -25.14 40.11
CA THR D 113 -15.47 -25.31 38.63
C THR D 113 -14.31 -26.11 38.06
N HIS D 114 -13.11 -26.00 38.64
CA HIS D 114 -11.90 -26.67 38.14
C HIS D 114 -11.78 -26.42 36.63
N ASP D 115 -11.60 -27.51 35.88
CA ASP D 115 -11.34 -27.46 34.42
C ASP D 115 -12.60 -27.88 33.67
N GLN D 116 -13.73 -28.01 34.37
CA GLN D 116 -14.98 -28.61 33.81
C GLN D 116 -16.02 -27.50 33.57
N ASP D 117 -16.12 -26.50 34.46
CA ASP D 117 -17.24 -25.52 34.39
C ASP D 117 -16.74 -24.09 34.46
N VAL D 118 -17.68 -23.16 34.33
CA VAL D 118 -17.57 -21.71 34.68
C VAL D 118 -18.67 -21.38 35.69
N PHE D 119 -18.53 -20.31 36.44
CA PHE D 119 -19.61 -19.76 37.30
C PHE D 119 -19.93 -18.33 36.83
N SER D 120 -21.21 -17.95 36.89
CA SER D 120 -21.68 -16.57 36.63
C SER D 120 -21.33 -15.68 37.83
N PHE D 121 -20.97 -14.43 37.58
CA PHE D 121 -20.63 -13.44 38.64
C PHE D 121 -21.87 -13.16 39.47
N ASN D 122 -23.06 -13.23 38.87
CA ASN D 122 -24.33 -12.90 39.56
C ASN D 122 -25.25 -14.12 39.47
N SER D 123 -26.36 -14.11 40.23
CA SER D 123 -27.16 -15.32 40.61
C SER D 123 -27.85 -16.01 39.45
N GLU D 124 -28.85 -15.43 38.79
CA GLU D 124 -29.61 -16.16 37.74
C GLU D 124 -28.86 -16.02 36.40
N ASP D 125 -27.53 -15.98 36.43
CA ASP D 125 -26.66 -15.53 35.30
C ASP D 125 -27.14 -14.15 34.86
N ARG D 126 -27.48 -13.29 35.81
CA ARG D 126 -27.73 -11.86 35.52
C ARG D 126 -26.41 -11.25 35.07
N PHE D 127 -26.46 -10.54 33.94
CA PHE D 127 -25.28 -9.86 33.37
C PHE D 127 -24.94 -8.69 34.28
N CYS D 128 -23.66 -8.34 34.34
CA CYS D 128 -23.15 -7.21 35.15
C CYS D 128 -23.61 -5.91 34.50
N ASN D 129 -23.98 -4.93 35.32
CA ASN D 129 -24.33 -3.54 34.92
C ASN D 129 -23.04 -2.79 34.69
N GLY D 130 -22.45 -2.99 33.52
CA GLY D 130 -21.21 -2.33 33.10
C GLY D 130 -20.00 -2.92 33.80
N PHE D 131 -18.81 -2.51 33.37
CA PHE D 131 -17.52 -2.85 33.98
C PHE D 131 -17.45 -2.33 35.44
N GLU D 132 -18.26 -1.34 35.80
CA GLU D 132 -18.45 -0.88 37.21
C GLU D 132 -18.76 -2.11 38.07
N GLU D 133 -19.76 -2.89 37.66
CA GLU D 133 -20.26 -4.05 38.45
C GLU D 133 -19.31 -5.24 38.27
N VAL D 134 -18.64 -5.38 37.13
CA VAL D 134 -17.64 -6.46 36.93
C VAL D 134 -16.58 -6.30 38.02
N LEU D 135 -16.01 -5.10 38.14
CA LEU D 135 -14.99 -4.77 39.16
C LEU D 135 -15.57 -4.92 40.57
N SER D 136 -16.71 -4.28 40.85
CA SER D 136 -17.42 -4.37 42.15
C SER D 136 -17.49 -5.84 42.58
N ARG D 137 -17.93 -6.74 41.69
CA ARG D 137 -18.24 -8.15 42.01
C ARG D 137 -16.95 -8.96 42.11
N TYR D 138 -15.97 -8.67 41.26
CA TYR D 138 -14.65 -9.34 41.34
C TYR D 138 -14.17 -9.24 42.78
N LYS D 139 -14.16 -8.03 43.32
CA LYS D 139 -13.72 -7.71 44.70
C LYS D 139 -14.57 -8.49 45.72
N GLU D 140 -15.89 -8.58 45.55
CA GLU D 140 -16.78 -9.28 46.51
C GLU D 140 -16.57 -10.80 46.40
N ILE D 141 -16.15 -11.30 45.24
CA ILE D 141 -16.15 -12.75 44.91
C ILE D 141 -14.80 -13.38 45.32
N VAL D 142 -13.68 -12.73 44.99
CA VAL D 142 -12.35 -13.38 45.03
C VAL D 142 -12.00 -13.81 46.46
N PRO D 143 -12.36 -13.06 47.53
CA PRO D 143 -12.05 -13.50 48.90
C PRO D 143 -12.84 -14.75 49.33
N GLN D 144 -13.92 -15.07 48.63
CA GLN D 144 -14.80 -16.24 48.92
C GLN D 144 -14.41 -17.43 48.03
N LEU D 145 -13.30 -17.36 47.31
CA LEU D 145 -12.92 -18.39 46.32
C LEU D 145 -11.79 -19.23 46.89
N LYS D 146 -11.69 -20.48 46.49
CA LYS D 146 -10.44 -21.27 46.60
C LYS D 146 -9.85 -21.34 45.19
N LEU D 147 -8.77 -20.61 44.94
CA LEU D 147 -8.02 -20.73 43.66
C LEU D 147 -7.68 -22.22 43.50
N ALA D 148 -7.94 -22.79 42.33
CA ALA D 148 -7.87 -24.24 42.10
C ALA D 148 -7.36 -24.51 40.67
N GLY D 149 -7.97 -25.49 39.99
CA GLY D 149 -7.47 -25.98 38.69
C GLY D 149 -8.02 -27.38 38.41
N PRO D 150 -7.54 -28.10 37.38
CA PRO D 150 -6.51 -27.57 36.47
C PRO D 150 -7.04 -26.41 35.59
N THR D 151 -6.15 -25.83 34.78
CA THR D 151 -6.44 -24.63 33.97
C THR D 151 -6.78 -25.03 32.53
N SER D 152 -8.00 -24.70 32.08
CA SER D 152 -8.47 -24.88 30.68
C SER D 152 -9.38 -23.73 30.26
N PHE D 153 -9.28 -23.30 29.00
CA PHE D 153 -10.16 -22.25 28.42
C PHE D 153 -11.39 -22.87 27.76
N ALA D 154 -11.46 -24.19 27.67
CA ALA D 154 -12.60 -24.89 27.02
C ALA D 154 -13.92 -24.43 27.63
N PRO D 155 -14.12 -24.47 28.95
CA PRO D 155 -15.42 -24.09 29.51
C PRO D 155 -15.80 -22.63 29.20
N ILE D 156 -14.89 -21.67 29.37
CA ILE D 156 -15.23 -20.25 29.13
C ILE D 156 -15.50 -20.04 27.63
N ILE D 157 -14.76 -20.69 26.75
CA ILE D 157 -14.98 -20.57 25.29
C ILE D 157 -16.32 -21.23 24.98
N ASP D 158 -16.64 -22.39 25.57
CA ASP D 158 -17.97 -23.04 25.40
C ASP D 158 -19.07 -22.09 25.87
N MET D 159 -18.87 -21.42 27.01
CA MET D 159 -19.89 -20.50 27.55
C MET D 159 -20.12 -19.41 26.48
N ALA D 160 -19.06 -18.82 25.96
CA ALA D 160 -19.14 -17.78 24.92
C ALA D 160 -19.88 -18.34 23.70
N MET D 161 -19.51 -19.54 23.25
CA MET D 161 -20.14 -20.18 22.08
C MET D 161 -21.65 -20.28 22.32
N THR D 162 -22.06 -20.70 23.52
CA THR D 162 -23.48 -20.88 23.88
C THR D 162 -24.15 -19.51 23.81
N ILE D 163 -23.55 -18.48 24.38
CA ILE D 163 -24.14 -17.11 24.37
C ILE D 163 -24.38 -16.70 22.92
N VAL D 164 -23.39 -16.93 22.06
CA VAL D 164 -23.45 -16.48 20.64
C VAL D 164 -24.55 -17.27 19.92
N GLU D 165 -24.53 -18.58 20.07
CA GLU D 165 -25.51 -19.48 19.42
C GLU D 165 -26.92 -19.05 19.87
N GLN D 166 -27.19 -18.93 21.17
CA GLN D 166 -28.54 -18.56 21.67
C GLN D 166 -28.96 -17.17 21.19
N SER D 167 -28.03 -16.27 20.87
CA SER D 167 -28.33 -14.91 20.35
C SER D 167 -28.72 -14.97 18.86
N GLY D 168 -28.61 -16.15 18.23
CA GLY D 168 -28.79 -16.30 16.78
C GLY D 168 -27.66 -15.71 15.98
N GLY D 169 -26.42 -15.92 16.42
CA GLY D 169 -25.20 -15.54 15.67
C GLY D 169 -24.93 -14.04 15.73
N GLN D 170 -25.21 -13.38 16.83
CA GLN D 170 -24.79 -11.96 17.02
C GLN D 170 -23.30 -11.93 17.36
N TYR D 171 -22.55 -11.04 16.71
CA TYR D 171 -21.08 -10.89 16.90
C TYR D 171 -20.79 -10.58 18.36
N HIS D 172 -19.96 -11.41 18.98
CA HIS D 172 -19.46 -11.20 20.36
C HIS D 172 -17.93 -11.24 20.38
N VAL D 173 -17.35 -10.52 21.34
CA VAL D 173 -15.90 -10.59 21.68
C VAL D 173 -15.80 -11.14 23.09
N LEU D 174 -15.24 -12.36 23.23
CA LEU D 174 -14.85 -12.97 24.53
C LEU D 174 -13.51 -12.39 24.96
N VAL D 175 -13.48 -11.74 26.12
CA VAL D 175 -12.24 -11.20 26.73
C VAL D 175 -11.92 -12.09 27.94
N ILE D 176 -10.86 -12.89 27.82
CA ILE D 176 -10.34 -13.76 28.91
C ILE D 176 -9.17 -13.06 29.57
N ILE D 177 -9.30 -12.73 30.84
CA ILE D 177 -8.16 -12.22 31.67
C ILE D 177 -7.57 -13.43 32.40
N ALA D 178 -6.29 -13.73 32.20
CA ALA D 178 -5.64 -14.98 32.67
C ALA D 178 -4.12 -14.81 32.78
N ASP D 179 -3.46 -15.69 33.53
CA ASP D 179 -1.99 -15.70 33.71
C ASP D 179 -1.35 -16.58 32.63
N GLY D 180 -2.17 -17.19 31.79
CA GLY D 180 -1.71 -17.90 30.58
C GLY D 180 -1.23 -19.30 30.86
N GLN D 181 -1.20 -19.71 32.13
CA GLN D 181 -0.62 -21.01 32.56
C GLN D 181 -1.67 -22.10 32.48
N VAL D 182 -2.00 -22.49 31.24
CA VAL D 182 -2.86 -23.66 30.93
C VAL D 182 -2.03 -24.89 31.27
N THR D 183 -2.68 -25.88 31.85
CA THR D 183 -2.05 -27.14 32.35
C THR D 183 -1.33 -27.81 31.18
N ARG D 184 -0.04 -28.11 31.33
CA ARG D 184 0.80 -28.63 30.20
C ARG D 184 1.75 -29.73 30.67
N SER D 185 2.11 -30.63 29.75
CA SER D 185 3.24 -31.58 29.93
C SER D 185 4.57 -30.82 29.79
N VAL D 186 5.15 -30.36 30.91
CA VAL D 186 6.32 -29.44 30.92
C VAL D 186 7.54 -30.13 30.27
N ASP D 187 7.49 -31.46 30.14
CA ASP D 187 8.63 -32.35 29.81
C ASP D 187 8.38 -33.06 28.46
N THR D 188 7.18 -32.96 27.86
CA THR D 188 6.93 -33.57 26.53
C THR D 188 7.87 -32.90 25.51
N GLU D 189 8.51 -33.69 24.64
CA GLU D 189 9.65 -33.26 23.79
C GLU D 189 9.13 -32.87 22.39
N ASN D 190 8.30 -33.72 21.76
CA ASN D 190 7.47 -33.36 20.58
C ASN D 190 6.36 -32.39 21.04
N GLY D 191 5.41 -32.08 20.17
CA GLY D 191 4.21 -31.29 20.49
C GLY D 191 3.01 -32.17 20.81
N GLN D 192 3.11 -33.00 21.85
CA GLN D 192 1.99 -33.82 22.39
C GLN D 192 1.31 -33.00 23.50
N LEU D 193 -0.03 -32.91 23.47
CA LEU D 193 -0.83 -31.91 24.21
C LEU D 193 -1.44 -32.52 25.48
N SER D 194 -1.44 -31.78 26.59
CA SER D 194 -2.21 -32.14 27.81
C SER D 194 -3.68 -32.27 27.47
N PRO D 195 -4.51 -32.94 28.29
CA PRO D 195 -5.96 -32.95 28.07
C PRO D 195 -6.53 -31.52 28.04
N GLN D 196 -5.98 -30.65 28.88
CA GLN D 196 -6.46 -29.26 29.06
C GLN D 196 -6.17 -28.48 27.76
N GLU D 197 -4.93 -28.52 27.28
CA GLU D 197 -4.55 -27.93 25.97
C GLU D 197 -5.45 -28.48 24.88
N GLN D 198 -5.60 -29.80 24.81
CA GLN D 198 -6.31 -30.45 23.68
C GLN D 198 -7.74 -29.91 23.66
N LYS D 199 -8.41 -29.88 24.81
CA LYS D 199 -9.83 -29.47 24.90
C LYS D 199 -9.93 -27.97 24.58
N THR D 200 -8.95 -27.19 25.01
CA THR D 200 -8.86 -25.71 24.78
C THR D 200 -8.72 -25.46 23.28
N VAL D 201 -7.85 -26.21 22.61
CA VAL D 201 -7.64 -26.09 21.14
C VAL D 201 -8.94 -26.52 20.44
N ASP D 202 -9.51 -27.65 20.80
CA ASP D 202 -10.78 -28.15 20.19
C ASP D 202 -11.84 -27.06 20.30
N ALA D 203 -11.84 -26.32 21.41
CA ALA D 203 -12.83 -25.28 21.71
C ALA D 203 -12.60 -24.09 20.78
N ILE D 204 -11.35 -23.63 20.68
CA ILE D 204 -10.96 -22.55 19.73
C ILE D 204 -11.39 -22.95 18.30
N VAL D 205 -11.21 -24.21 17.94
CA VAL D 205 -11.58 -24.70 16.58
C VAL D 205 -13.11 -24.66 16.44
N GLN D 206 -13.83 -25.29 17.37
CA GLN D 206 -15.32 -25.31 17.42
C GLN D 206 -15.85 -23.88 17.26
N ALA D 207 -15.22 -22.91 17.93
CA ALA D 207 -15.69 -21.51 18.03
C ALA D 207 -15.52 -20.78 16.69
N SER D 208 -14.72 -21.30 15.78
CA SER D 208 -14.52 -20.68 14.44
C SER D 208 -15.67 -21.05 13.52
N LYS D 209 -16.64 -21.81 14.05
CA LYS D 209 -17.93 -22.08 13.35
C LYS D 209 -18.94 -20.99 13.70
N LEU D 210 -18.53 -19.98 14.48
CA LEU D 210 -19.42 -18.96 15.08
C LEU D 210 -18.80 -17.58 14.99
N PRO D 211 -19.63 -16.53 14.93
CA PRO D 211 -19.15 -15.15 14.87
C PRO D 211 -18.65 -14.68 16.24
N LEU D 212 -17.53 -15.25 16.66
CA LEU D 212 -16.90 -15.02 17.98
C LEU D 212 -15.43 -14.68 17.79
N SER D 213 -15.03 -13.52 18.31
CA SER D 213 -13.64 -13.08 18.49
C SER D 213 -13.22 -13.37 19.93
N ILE D 214 -11.98 -13.82 20.13
CA ILE D 214 -11.37 -14.10 21.46
C ILE D 214 -10.16 -13.17 21.62
N VAL D 215 -10.06 -12.57 22.80
CA VAL D 215 -8.92 -11.70 23.19
C VAL D 215 -8.46 -12.15 24.57
N LEU D 216 -7.24 -12.67 24.64
CA LEU D 216 -6.58 -13.10 25.89
C LEU D 216 -5.82 -11.89 26.42
N VAL D 217 -6.29 -11.30 27.50
CA VAL D 217 -5.56 -10.24 28.25
C VAL D 217 -4.68 -10.94 29.29
N GLY D 218 -3.40 -11.13 28.95
CA GLY D 218 -2.40 -11.78 29.81
C GLY D 218 -1.94 -10.88 30.96
N VAL D 219 -2.07 -11.35 32.20
CA VAL D 219 -1.51 -10.66 33.39
C VAL D 219 -0.40 -11.53 33.98
N GLY D 220 0.54 -10.90 34.69
CA GLY D 220 1.65 -11.57 35.38
C GLY D 220 2.79 -12.00 34.47
N ASP D 221 3.59 -12.94 34.95
CA ASP D 221 4.98 -13.20 34.49
C ASP D 221 5.01 -14.02 33.21
N GLY D 222 3.94 -14.71 32.85
CA GLY D 222 4.06 -15.74 31.80
C GLY D 222 4.75 -16.97 32.37
N PRO D 223 5.34 -17.87 31.57
CA PRO D 223 5.58 -17.64 30.14
C PRO D 223 4.31 -17.62 29.27
N TRP D 224 4.47 -17.25 28.00
CA TRP D 224 3.36 -16.97 27.07
C TRP D 224 3.50 -17.79 25.78
N ASP D 225 4.38 -18.78 25.72
CA ASP D 225 4.59 -19.59 24.49
C ASP D 225 3.24 -20.08 23.98
N MET D 226 2.35 -20.50 24.88
CA MET D 226 1.10 -21.22 24.50
C MET D 226 0.04 -20.20 24.04
N MET D 227 -0.02 -19.03 24.68
CA MET D 227 -0.95 -17.96 24.28
C MET D 227 -0.59 -17.50 22.85
N ARG D 228 0.70 -17.42 22.53
CA ARG D 228 1.18 -17.11 21.15
C ARG D 228 0.78 -18.23 20.19
N GLU D 229 0.85 -19.48 20.64
CA GLU D 229 0.41 -20.63 19.81
C GLU D 229 -1.06 -20.44 19.46
N PHE D 230 -1.89 -20.02 20.42
CA PHE D 230 -3.35 -19.82 20.25
C PHE D 230 -3.57 -18.63 19.32
N ASP D 231 -2.72 -17.60 19.45
CA ASP D 231 -2.80 -16.37 18.62
C ASP D 231 -2.54 -16.70 17.14
N ASP D 232 -1.45 -17.44 16.86
CA ASP D 232 -0.80 -17.41 15.52
C ASP D 232 -0.84 -18.76 14.81
N ASN D 233 -1.17 -19.85 15.49
CA ASN D 233 -0.82 -21.16 14.89
C ASN D 233 -1.80 -22.26 15.37
N ILE D 234 -3.02 -22.27 14.82
CA ILE D 234 -3.98 -23.39 15.04
C ILE D 234 -4.57 -23.75 13.69
N PRO D 235 -3.86 -24.61 12.94
CA PRO D 235 -4.23 -24.92 11.56
C PRO D 235 -5.71 -25.27 11.33
N ALA D 236 -6.30 -26.07 12.22
CA ALA D 236 -7.61 -26.75 12.02
C ALA D 236 -8.77 -25.76 12.01
N ARG D 237 -8.58 -24.53 12.50
CA ARG D 237 -9.67 -23.56 12.68
C ARG D 237 -9.97 -22.83 11.36
N ALA D 238 -11.20 -22.38 11.19
CA ALA D 238 -11.73 -21.75 9.94
C ALA D 238 -11.16 -20.33 9.78
N PHE D 239 -10.79 -19.66 10.88
CA PHE D 239 -10.18 -18.30 10.79
C PHE D 239 -9.49 -17.95 12.11
N ASP D 240 -8.54 -17.02 12.06
CA ASP D 240 -7.77 -16.61 13.26
C ASP D 240 -8.75 -15.85 14.14
N ASN D 241 -9.25 -16.53 15.16
CA ASN D 241 -10.30 -15.98 16.06
C ASN D 241 -9.71 -15.64 17.42
N PHE D 242 -8.38 -15.56 17.55
CA PHE D 242 -7.69 -15.45 18.87
C PHE D 242 -6.62 -14.37 18.80
N GLN D 243 -6.70 -13.39 19.69
CA GLN D 243 -5.63 -12.38 19.85
C GLN D 243 -5.05 -12.51 21.26
N PHE D 244 -3.72 -12.41 21.36
CA PHE D 244 -3.00 -12.37 22.64
C PHE D 244 -2.55 -10.93 22.91
N VAL D 245 -2.80 -10.45 24.12
CA VAL D 245 -2.37 -9.09 24.57
C VAL D 245 -1.56 -9.28 25.85
N ASN D 246 -0.26 -9.05 25.78
CA ASN D 246 0.60 -9.05 26.98
C ASN D 246 0.36 -7.76 27.76
N PHE D 247 -0.62 -7.76 28.65
CA PHE D 247 -1.04 -6.55 29.39
C PHE D 247 0.06 -6.12 30.37
N THR D 248 0.82 -7.04 31.00
CA THR D 248 1.84 -6.60 32.00
C THR D 248 3.04 -6.03 31.24
N GLU D 249 3.42 -6.58 30.09
CA GLU D 249 4.49 -5.98 29.22
C GLU D 249 4.14 -4.54 28.87
N ILE D 250 2.86 -4.25 28.58
CA ILE D 250 2.39 -2.89 28.17
C ILE D 250 2.44 -1.94 29.38
N MET D 251 1.94 -2.37 30.54
CA MET D 251 1.89 -1.47 31.73
C MET D 251 3.30 -1.29 32.32
N ALA D 252 4.23 -2.21 32.04
CA ALA D 252 5.64 -2.17 32.51
C ALA D 252 6.35 -0.95 31.92
N LYS D 253 6.04 -0.63 30.67
CA LYS D 253 6.74 0.40 29.86
C LYS D 253 6.78 1.75 30.56
N ASN D 254 7.74 2.58 30.13
CA ASN D 254 8.22 3.84 30.75
C ASN D 254 7.21 4.99 30.56
N LYS D 255 6.45 4.99 29.47
CA LYS D 255 5.58 6.10 29.00
C LYS D 255 4.43 6.37 29.98
N ALA D 256 3.61 7.38 29.70
CA ALA D 256 2.52 7.86 30.60
C ALA D 256 1.31 6.94 30.48
N GLN D 257 0.42 6.98 31.48
CA GLN D 257 -0.74 6.07 31.63
C GLN D 257 -1.56 6.06 30.33
N SER D 258 -2.13 7.20 29.93
CA SER D 258 -3.05 7.32 28.77
C SER D 258 -2.39 6.84 27.48
N LEU D 259 -1.06 6.82 27.40
CA LEU D 259 -0.35 6.32 26.19
C LEU D 259 -0.32 4.78 26.19
N LYS D 260 -0.38 4.15 27.36
CA LYS D 260 -0.49 2.68 27.55
C LYS D 260 -1.94 2.23 27.31
N GLU D 261 -2.91 2.90 27.93
CA GLU D 261 -4.36 2.64 27.69
C GLU D 261 -4.59 2.53 26.18
N THR D 262 -4.04 3.47 25.42
CA THR D 262 -4.15 3.50 23.93
C THR D 262 -3.49 2.24 23.35
N GLU D 263 -2.29 1.89 23.79
CA GLU D 263 -1.55 0.71 23.25
C GLU D 263 -2.33 -0.57 23.58
N PHE D 264 -2.97 -0.65 24.74
CA PHE D 264 -3.80 -1.81 25.13
C PHE D 264 -4.91 -1.95 24.09
N ALA D 265 -5.72 -0.88 23.97
CA ALA D 265 -6.88 -0.79 23.05
C ALA D 265 -6.46 -1.20 21.64
N LEU D 266 -5.33 -0.69 21.15
CA LEU D 266 -4.82 -1.04 19.80
C LEU D 266 -4.59 -2.55 19.77
N SER D 267 -3.91 -3.11 20.76
CA SER D 267 -3.52 -4.54 20.81
C SER D 267 -4.77 -5.44 20.89
N ALA D 268 -5.78 -5.05 21.69
CA ALA D 268 -7.04 -5.81 21.86
C ALA D 268 -7.77 -5.91 20.52
N LEU D 269 -7.95 -4.73 19.89
CA LEU D 269 -8.78 -4.54 18.67
C LEU D 269 -8.01 -4.94 17.41
N MET D 270 -6.70 -5.19 17.49
CA MET D 270 -5.83 -5.46 16.32
C MET D 270 -6.48 -6.42 15.32
N GLU D 271 -7.13 -7.48 15.78
CA GLU D 271 -7.55 -8.57 14.89
C GLU D 271 -9.05 -8.43 14.57
N ILE D 272 -9.74 -7.44 15.15
CA ILE D 272 -11.22 -7.36 15.13
C ILE D 272 -11.74 -7.03 13.74
N PRO D 273 -11.20 -6.03 13.02
CA PRO D 273 -11.63 -5.78 11.64
C PRO D 273 -11.63 -7.05 10.77
N GLN D 274 -10.51 -7.78 10.67
CA GLN D 274 -10.44 -8.96 9.75
C GLN D 274 -11.32 -10.06 10.35
N GLN D 275 -11.41 -10.16 11.68
CA GLN D 275 -12.25 -11.19 12.35
C GLN D 275 -13.72 -10.95 11.99
N TYR D 276 -14.20 -9.71 12.15
CA TYR D 276 -15.59 -9.30 11.79
C TYR D 276 -15.84 -9.67 10.32
N LYS D 277 -14.97 -9.21 9.43
CA LYS D 277 -15.08 -9.50 7.98
C LYS D 277 -15.21 -11.00 7.79
N ALA D 278 -14.40 -11.78 8.49
CA ALA D 278 -14.38 -13.26 8.38
C ALA D 278 -15.78 -13.78 8.67
N THR D 279 -16.45 -13.26 9.70
CA THR D 279 -17.78 -13.76 10.11
C THR D 279 -18.76 -13.59 8.96
N ILE D 280 -18.58 -12.53 8.17
CA ILE D 280 -19.42 -12.25 6.97
C ILE D 280 -18.99 -13.17 5.83
N GLU D 281 -17.74 -13.07 5.38
CA GLU D 281 -17.23 -13.80 4.20
C GLU D 281 -17.36 -15.32 4.38
N LEU D 282 -17.33 -15.81 5.62
CA LEU D 282 -17.42 -17.27 5.92
C LEU D 282 -18.85 -17.66 6.23
N ASN D 283 -19.79 -16.70 6.16
CA ASN D 283 -21.24 -16.97 6.20
C ASN D 283 -21.67 -17.42 7.63
N LEU D 284 -21.21 -16.69 8.64
CA LEU D 284 -21.45 -17.01 10.08
C LEU D 284 -22.35 -15.96 10.73
N LEU D 285 -22.14 -14.68 10.42
CA LEU D 285 -22.82 -13.53 11.08
C LEU D 285 -24.34 -13.67 10.95
N GLY D 286 -25.04 -13.71 12.07
CA GLY D 286 -26.51 -13.81 12.12
C GLY D 286 -27.02 -15.21 11.81
N ARG D 287 -26.14 -16.21 11.77
CA ARG D 287 -26.53 -17.64 11.55
C ARG D 287 -26.30 -18.47 12.83
N ARG D 288 -27.18 -19.43 13.05
CA ARG D 288 -26.97 -20.54 14.02
C ARG D 288 -26.17 -21.64 13.32
N ASN D 289 -25.26 -22.28 14.04
CA ASN D 289 -24.56 -23.51 13.59
C ASN D 289 -25.53 -24.69 13.71
N GLY D 290 -26.22 -24.81 14.84
CA GLY D 290 -27.24 -25.84 15.10
C GLY D 290 -26.77 -26.94 16.05
N TYR D 291 -25.47 -27.20 16.17
CA TYR D 291 -24.94 -28.39 16.89
C TYR D 291 -23.97 -27.97 18.01
N ILE D 292 -24.26 -26.86 18.67
CA ILE D 292 -23.44 -26.37 19.82
C ILE D 292 -24.17 -26.76 21.08
N PRO D 293 -23.71 -27.78 21.84
CA PRO D 293 -24.42 -28.17 23.06
C PRO D 293 -24.45 -26.96 24.01
N GLU D 294 -25.62 -26.70 24.60
CA GLU D 294 -25.87 -25.59 25.54
C GLU D 294 -25.04 -25.81 26.81
N ARG D 295 -24.26 -24.82 27.23
CA ARG D 295 -23.54 -24.86 28.52
C ARG D 295 -24.26 -24.00 29.57
N PHE D 296 -24.30 -24.52 30.80
CA PHE D 296 -24.96 -23.88 31.96
C PHE D 296 -23.90 -23.43 32.94
N PRO D 297 -23.85 -22.12 33.25
CA PRO D 297 -22.93 -21.64 34.28
C PRO D 297 -23.40 -22.05 35.67
N LEU D 298 -22.49 -22.48 36.54
CA LEU D 298 -22.76 -22.65 37.98
C LEU D 298 -23.02 -21.29 38.59
N PRO D 299 -23.70 -21.23 39.75
CA PRO D 299 -23.89 -19.97 40.45
C PRO D 299 -22.61 -19.50 41.12
N PRO D 300 -22.53 -18.21 41.51
CA PRO D 300 -21.31 -17.67 42.12
C PRO D 300 -21.16 -18.27 43.50
N PRO D 301 -19.91 -18.49 43.98
CA PRO D 301 -19.72 -19.10 45.29
C PRO D 301 -20.06 -18.13 46.43
N MET D 302 -20.51 -18.69 47.58
CA MET D 302 -21.17 -17.97 48.72
C MET D 302 -20.35 -18.12 50.01
N SER E 13 22.31 24.76 8.35
CA SER E 13 21.78 23.46 8.89
C SER E 13 20.29 23.58 9.28
N ASP E 14 19.59 24.61 8.78
CA ASP E 14 18.11 24.72 8.73
C ASP E 14 17.59 23.84 7.60
N ASN E 15 18.32 23.87 6.48
CA ASN E 15 18.12 23.09 5.24
C ASN E 15 18.32 21.60 5.54
N LYS E 16 19.49 21.23 6.09
CA LYS E 16 19.94 19.82 6.32
C LYS E 16 18.89 19.06 7.12
N LYS E 17 18.28 19.72 8.12
CA LYS E 17 17.15 19.22 8.95
C LYS E 17 16.03 18.68 8.03
N ARG E 18 15.57 19.51 7.10
CA ARG E 18 14.34 19.29 6.27
C ARG E 18 14.61 18.26 5.17
N LEU E 19 15.85 18.17 4.67
CA LEU E 19 16.28 17.25 3.58
C LEU E 19 16.39 15.80 4.08
N GLU E 20 16.57 15.61 5.40
CA GLU E 20 16.70 14.26 6.04
C GLU E 20 15.29 13.71 6.27
N ARG E 21 14.32 14.57 6.63
CA ARG E 21 12.89 14.20 6.77
C ARG E 21 12.24 14.04 5.39
N LYS E 22 12.86 14.57 4.32
CA LYS E 22 12.43 14.27 2.93
C LYS E 22 12.75 12.80 2.60
N TYR E 23 13.86 12.26 3.14
CA TYR E 23 14.43 10.92 2.79
C TYR E 23 14.28 9.93 3.96
N SER E 24 13.53 10.33 5.00
CA SER E 24 13.14 9.52 6.20
C SER E 24 12.84 8.07 5.83
N LYS E 25 11.77 7.83 5.10
CA LYS E 25 11.35 6.47 4.72
C LYS E 25 11.07 6.46 3.22
N ILE E 26 11.44 5.38 2.56
CA ILE E 26 11.29 5.20 1.10
C ILE E 26 10.32 4.05 0.91
N SER E 27 9.11 4.33 0.46
CA SER E 27 8.07 3.33 0.14
C SER E 27 8.41 2.61 -1.16
N ASP E 28 7.72 1.50 -1.41
CA ASP E 28 7.76 0.78 -2.71
C ASP E 28 7.00 1.67 -3.71
N ASP E 29 7.71 2.41 -4.56
CA ASP E 29 7.09 3.42 -5.46
C ASP E 29 7.16 2.94 -6.91
N TYR E 30 7.41 1.66 -7.16
CA TYR E 30 7.61 1.11 -8.52
C TYR E 30 6.99 -0.28 -8.59
N SER E 31 6.30 -0.60 -9.68
CA SER E 31 5.49 -1.83 -9.83
C SER E 31 6.17 -2.77 -10.83
N SER E 32 7.19 -2.30 -11.55
CA SER E 32 7.90 -3.11 -12.57
C SER E 32 9.37 -2.76 -12.58
N LEU E 33 10.20 -3.65 -13.11
CA LEU E 33 11.66 -3.41 -13.28
C LEU E 33 11.85 -2.21 -14.21
N GLU E 34 11.07 -2.12 -15.30
CA GLU E 34 11.16 -1.05 -16.32
C GLU E 34 11.03 0.32 -15.64
N GLN E 35 10.03 0.49 -14.77
CA GLN E 35 9.78 1.77 -14.05
C GLN E 35 11.04 2.20 -13.30
N VAL E 36 11.70 1.25 -12.64
CA VAL E 36 12.92 1.48 -11.81
C VAL E 36 14.08 1.80 -12.75
N THR E 37 14.29 0.97 -13.79
CA THR E 37 15.35 1.18 -14.81
C THR E 37 15.26 2.61 -15.32
N GLU E 38 14.02 3.08 -15.57
CA GLU E 38 13.75 4.43 -16.09
C GLU E 38 14.11 5.45 -15.00
N ALA E 39 13.58 5.26 -13.78
CA ALA E 39 13.80 6.15 -12.62
C ALA E 39 15.31 6.32 -12.38
N LEU E 40 16.09 5.26 -12.64
CA LEU E 40 17.56 5.26 -12.45
C LEU E 40 18.23 6.12 -13.53
N ALA E 41 17.77 6.00 -14.79
CA ALA E 41 18.21 6.86 -15.91
C ALA E 41 17.91 8.32 -15.53
N ARG E 42 16.63 8.64 -15.28
CA ARG E 42 16.16 10.00 -14.95
C ARG E 42 16.93 10.53 -13.74
N ALA E 43 17.43 9.67 -12.85
CA ALA E 43 18.18 10.07 -11.63
C ALA E 43 19.59 10.51 -12.00
N GLY E 44 20.11 10.00 -13.13
CA GLY E 44 21.48 10.25 -13.63
C GLY E 44 22.49 9.37 -12.91
N LEU E 45 22.17 8.09 -12.73
CA LEU E 45 23.12 7.08 -12.19
C LEU E 45 24.04 6.65 -13.33
N GLU E 46 25.35 6.91 -13.21
CA GLU E 46 26.34 6.70 -14.30
C GLU E 46 27.37 5.62 -13.91
N SER E 47 27.55 5.39 -12.62
CA SER E 47 28.59 4.52 -12.03
C SER E 47 28.04 3.97 -10.70
N SER E 48 28.17 2.66 -10.50
CA SER E 48 27.87 1.96 -9.22
C SER E 48 28.81 0.78 -9.04
N ASN E 49 29.03 0.32 -7.81
CA ASN E 49 29.78 -0.92 -7.49
C ASN E 49 29.06 -1.70 -6.40
N LEU E 50 29.15 -3.02 -6.44
CA LEU E 50 28.55 -3.91 -5.44
C LEU E 50 29.62 -4.30 -4.42
N ILE E 51 29.16 -4.54 -3.20
CA ILE E 51 29.90 -5.29 -2.15
C ILE E 51 28.99 -6.40 -1.66
N VAL E 52 29.54 -7.58 -1.40
CA VAL E 52 28.73 -8.73 -0.92
C VAL E 52 29.23 -9.17 0.45
N GLY E 53 28.30 -9.41 1.36
CA GLY E 53 28.54 -9.96 2.69
C GLY E 53 27.70 -11.21 2.88
N ILE E 54 28.30 -12.27 3.41
CA ILE E 54 27.59 -13.55 3.62
C ILE E 54 27.66 -13.98 5.09
N ASP E 55 26.48 -14.18 5.67
CA ASP E 55 26.20 -14.63 7.05
C ASP E 55 26.57 -16.11 7.16
N PHE E 56 27.62 -16.43 7.91
CA PHE E 56 28.01 -17.82 8.23
C PHE E 56 27.80 -18.09 9.72
N THR E 57 26.72 -17.57 10.31
CA THR E 57 26.39 -17.80 11.75
C THR E 57 25.69 -19.15 11.88
N LYS E 58 25.66 -19.66 13.10
CA LYS E 58 25.14 -21.01 13.43
C LYS E 58 23.61 -21.02 13.26
N SER E 59 22.93 -19.87 13.39
CA SER E 59 21.45 -19.80 13.20
C SER E 59 21.06 -20.41 11.85
N ASN E 60 21.93 -20.30 10.85
CA ASN E 60 21.68 -20.88 9.50
C ASN E 60 21.40 -22.38 9.62
N GLU E 61 21.79 -23.01 10.72
CA GLU E 61 21.61 -24.48 10.92
C GLU E 61 20.11 -24.77 11.10
N TRP E 62 19.36 -23.89 11.76
CA TRP E 62 17.94 -24.16 12.08
C TRP E 62 16.95 -23.25 11.34
N THR E 63 17.41 -22.22 10.62
CA THR E 63 16.48 -21.34 9.85
C THR E 63 16.13 -22.00 8.52
N GLY E 64 16.50 -23.26 8.31
CA GLY E 64 16.11 -24.05 7.12
C GLY E 64 14.93 -24.97 7.39
N ALA E 65 14.34 -24.90 8.58
CA ALA E 65 13.24 -25.80 9.03
C ALA E 65 12.19 -25.97 7.93
N ARG E 66 11.37 -24.95 7.64
CA ARG E 66 10.28 -25.02 6.63
C ARG E 66 10.86 -24.83 5.22
N SER E 67 11.62 -23.75 5.02
CA SER E 67 11.99 -23.22 3.69
C SER E 67 12.98 -24.14 2.96
N PHE E 68 13.74 -24.98 3.66
CA PHE E 68 14.80 -25.80 3.03
C PHE E 68 14.85 -27.21 3.60
N ASN E 69 13.69 -27.73 4.06
CA ASN E 69 13.48 -29.18 4.28
C ASN E 69 14.34 -29.67 5.46
N ARG E 70 14.32 -28.92 6.56
CA ARG E 70 14.92 -29.28 7.87
C ARG E 70 16.46 -29.35 7.73
N LYS E 71 17.05 -28.88 6.62
CA LYS E 71 18.53 -28.79 6.44
C LYS E 71 19.08 -27.40 6.82
N SER E 72 20.41 -27.30 6.87
CA SER E 72 21.17 -26.04 7.10
C SER E 72 21.14 -25.23 5.81
N LEU E 73 20.96 -23.92 5.90
CA LEU E 73 20.96 -23.03 4.73
C LEU E 73 22.31 -23.11 4.01
N HIS E 74 23.37 -23.52 4.71
CA HIS E 74 24.74 -23.65 4.14
C HIS E 74 25.05 -25.11 3.77
N PHE E 75 24.06 -26.00 3.84
CA PHE E 75 24.25 -27.43 3.47
C PHE E 75 24.67 -27.53 1.99
N ILE E 76 25.67 -28.31 1.65
CA ILE E 76 26.05 -28.60 0.23
C ILE E 76 25.45 -29.94 -0.18
N GLY E 77 24.38 -29.91 -0.96
CA GLY E 77 23.64 -31.11 -1.42
C GLY E 77 23.79 -31.43 -2.87
N SER E 78 22.80 -32.09 -3.44
CA SER E 78 22.66 -32.46 -4.87
C SER E 78 22.04 -31.29 -5.62
N SER E 79 21.25 -30.45 -4.94
CA SER E 79 20.72 -29.20 -5.52
C SER E 79 21.30 -28.02 -4.76
N PRO E 80 21.31 -26.79 -5.33
CA PRO E 80 21.87 -25.62 -4.65
C PRO E 80 21.04 -25.13 -3.44
N ASN E 81 21.72 -24.62 -2.42
CA ASN E 81 21.12 -24.14 -1.17
C ASN E 81 20.73 -22.68 -1.33
N PRO E 82 19.90 -22.10 -0.43
CA PRO E 82 19.44 -20.72 -0.58
C PRO E 82 20.54 -19.68 -0.76
N TYR E 83 21.73 -19.88 -0.19
CA TYR E 83 22.88 -18.96 -0.37
C TYR E 83 23.34 -19.07 -1.82
N GLU E 84 23.55 -20.29 -2.32
CA GLU E 84 23.97 -20.56 -3.71
C GLU E 84 22.96 -19.94 -4.67
N GLN E 85 21.66 -20.06 -4.35
CA GLN E 85 20.57 -19.57 -5.23
C GLN E 85 20.65 -18.05 -5.33
N ALA E 86 20.72 -17.39 -4.17
CA ALA E 86 20.79 -15.92 -4.02
C ALA E 86 22.04 -15.40 -4.74
N ILE E 87 23.19 -16.00 -4.50
CA ILE E 87 24.44 -15.58 -5.21
C ILE E 87 24.15 -15.67 -6.71
N THR E 88 23.61 -16.79 -7.18
CA THR E 88 23.36 -17.03 -8.62
C THR E 88 22.42 -15.94 -9.15
N ILE E 89 21.28 -15.72 -8.49
CA ILE E 89 20.22 -14.76 -8.96
C ILE E 89 20.73 -13.32 -8.85
N ILE E 90 21.52 -12.98 -7.83
CA ILE E 90 22.14 -11.63 -7.73
C ILE E 90 23.04 -11.44 -8.95
N GLY E 91 23.86 -12.43 -9.29
CA GLY E 91 24.74 -12.40 -10.47
C GLY E 91 23.96 -12.23 -11.77
N ARG E 92 22.76 -12.78 -11.87
CA ARG E 92 21.97 -12.77 -13.11
C ARG E 92 21.22 -11.44 -13.22
N THR E 93 20.83 -10.82 -12.10
CA THR E 93 19.94 -9.63 -12.10
C THR E 93 20.70 -8.33 -11.79
N LEU E 94 21.79 -8.33 -11.03
CA LEU E 94 22.40 -7.06 -10.53
C LEU E 94 23.84 -6.91 -10.99
N ALA E 95 24.42 -7.87 -11.71
CA ALA E 95 25.86 -7.84 -12.08
C ALA E 95 26.14 -6.55 -12.84
N ALA E 96 25.14 -6.04 -13.58
CA ALA E 96 25.16 -4.75 -14.31
C ALA E 96 25.62 -3.63 -13.39
N PHE E 97 25.16 -3.61 -12.13
CA PHE E 97 25.39 -2.49 -11.19
C PHE E 97 26.78 -2.56 -10.57
N ASP E 98 27.62 -3.53 -10.93
CA ASP E 98 29.08 -3.47 -10.63
C ASP E 98 29.81 -3.14 -11.93
N GLU E 99 30.37 -1.93 -12.06
CA GLU E 99 30.82 -1.39 -13.36
C GLU E 99 32.04 -2.19 -13.84
N ASP E 100 32.95 -2.56 -12.92
CA ASP E 100 34.24 -3.21 -13.28
C ASP E 100 34.14 -4.75 -13.16
N ASN E 101 32.99 -5.28 -12.76
CA ASN E 101 32.74 -6.74 -12.58
C ASN E 101 33.78 -7.38 -11.64
N LEU E 102 34.42 -6.60 -10.78
CA LEU E 102 35.21 -7.11 -9.63
C LEU E 102 34.38 -6.91 -8.37
N ILE E 103 34.04 -7.99 -7.65
CA ILE E 103 33.09 -7.94 -6.51
C ILE E 103 33.86 -8.22 -5.22
N PRO E 104 34.02 -7.22 -4.32
CA PRO E 104 34.55 -7.48 -2.98
C PRO E 104 33.52 -8.35 -2.25
N CYS E 105 33.97 -9.49 -1.73
CA CYS E 105 33.08 -10.47 -1.07
C CYS E 105 33.67 -10.81 0.30
N TYR E 106 32.82 -10.80 1.34
CA TYR E 106 33.22 -10.99 2.76
C TYR E 106 32.28 -11.98 3.43
N GLY E 107 32.85 -12.85 4.26
CA GLY E 107 32.11 -13.71 5.21
C GLY E 107 32.17 -13.12 6.59
N PHE E 108 31.17 -13.44 7.42
CA PHE E 108 31.13 -13.01 8.84
C PHE E 108 30.30 -14.00 9.65
N GLY E 109 30.70 -14.21 10.91
CA GLY E 109 29.93 -15.02 11.88
C GLY E 109 30.40 -16.46 11.97
N ASP E 110 31.45 -16.83 11.25
CA ASP E 110 32.16 -18.11 11.45
C ASP E 110 33.04 -17.97 12.70
N ALA E 111 33.66 -19.07 13.14
CA ALA E 111 34.53 -19.13 14.33
C ALA E 111 35.67 -18.12 14.23
N SER E 112 36.17 -17.80 13.03
CA SER E 112 37.35 -16.92 12.84
C SER E 112 36.98 -15.44 13.02
N THR E 113 35.70 -15.08 13.02
CA THR E 113 35.25 -13.66 12.98
C THR E 113 34.20 -13.33 14.06
N HIS E 114 33.33 -14.27 14.40
CA HIS E 114 32.23 -14.05 15.36
C HIS E 114 31.50 -12.75 14.99
N ASP E 115 31.34 -11.88 15.98
CA ASP E 115 30.56 -10.63 15.88
C ASP E 115 31.53 -9.44 15.79
N GLN E 116 32.83 -9.69 15.63
CA GLN E 116 33.90 -8.65 15.72
C GLN E 116 34.45 -8.34 14.32
N ASP E 117 34.61 -9.33 13.45
CA ASP E 117 35.33 -9.14 12.16
C ASP E 117 34.53 -9.67 10.98
N VAL E 118 35.09 -9.44 9.79
CA VAL E 118 34.75 -10.11 8.49
C VAL E 118 36.02 -10.75 7.94
N PHE E 119 35.88 -11.74 7.06
CA PHE E 119 37.01 -12.32 6.30
C PHE E 119 36.75 -12.10 4.81
N SER E 120 37.81 -11.83 4.04
CA SER E 120 37.76 -11.75 2.56
C SER E 120 37.66 -13.16 1.97
N PHE E 121 36.93 -13.31 0.87
CA PHE E 121 36.75 -14.61 0.18
C PHE E 121 38.09 -15.05 -0.41
N ASN E 122 38.95 -14.11 -0.78
CA ASN E 122 40.26 -14.41 -1.42
C ASN E 122 41.38 -13.82 -0.56
N SER E 123 42.59 -14.36 -0.73
CA SER E 123 43.79 -13.88 -0.01
C SER E 123 44.08 -12.47 -0.54
N GLU E 124 44.69 -11.67 0.30
CA GLU E 124 45.14 -10.29 -0.05
C GLU E 124 43.94 -9.37 -0.24
N ASP E 125 42.74 -9.82 0.13
CA ASP E 125 41.45 -9.15 -0.14
C ASP E 125 41.36 -8.91 -1.65
N ARG E 126 41.80 -9.88 -2.46
CA ARG E 126 41.53 -9.80 -3.92
C ARG E 126 40.02 -9.94 -4.14
N PHE E 127 39.47 -9.04 -4.93
CA PHE E 127 38.03 -9.03 -5.27
C PHE E 127 37.77 -10.23 -6.18
N CYS E 128 36.57 -10.78 -6.09
CA CYS E 128 36.13 -11.93 -6.91
C CYS E 128 35.95 -11.46 -8.35
N ASN E 129 36.34 -12.31 -9.30
CA ASN E 129 36.15 -12.11 -10.76
C ASN E 129 34.72 -12.50 -11.09
N GLY E 130 33.81 -11.57 -10.85
CA GLY E 130 32.38 -11.74 -11.13
C GLY E 130 31.73 -12.68 -10.14
N PHE E 131 30.40 -12.77 -10.22
CA PHE E 131 29.58 -13.66 -9.38
C PHE E 131 29.91 -15.13 -9.67
N GLU E 132 30.52 -15.44 -10.82
CA GLU E 132 31.10 -16.78 -11.13
C GLU E 132 32.01 -17.18 -9.98
N GLU E 133 32.96 -16.32 -9.61
CA GLU E 133 33.99 -16.63 -8.59
C GLU E 133 33.38 -16.49 -7.18
N VAL E 134 32.39 -15.62 -6.98
CA VAL E 134 31.70 -15.52 -5.67
C VAL E 134 31.12 -16.89 -5.35
N LEU E 135 30.37 -17.47 -6.28
CA LEU E 135 29.74 -18.81 -6.14
C LEU E 135 30.83 -19.87 -6.02
N SER E 136 31.79 -19.91 -6.95
CA SER E 136 32.93 -20.86 -6.93
C SER E 136 33.51 -20.90 -5.50
N ARG E 137 33.79 -19.74 -4.91
CA ARG E 137 34.54 -19.62 -3.64
C ARG E 137 33.63 -19.94 -2.46
N TYR E 138 32.37 -19.52 -2.52
CA TYR E 138 31.39 -19.88 -1.47
C TYR E 138 31.45 -21.39 -1.24
N LYS E 139 31.33 -22.15 -2.33
CA LYS E 139 31.36 -23.63 -2.32
C LYS E 139 32.68 -24.14 -1.74
N GLU E 140 33.84 -23.54 -2.09
CA GLU E 140 35.17 -24.01 -1.59
C GLU E 140 35.32 -23.65 -0.12
N ILE E 141 34.66 -22.59 0.35
CA ILE E 141 34.90 -21.98 1.69
C ILE E 141 34.00 -22.65 2.74
N VAL E 142 32.72 -22.83 2.45
CA VAL E 142 31.71 -23.17 3.49
C VAL E 142 32.03 -24.51 4.16
N PRO E 143 32.55 -25.55 3.46
CA PRO E 143 32.91 -26.81 4.12
C PRO E 143 34.10 -26.68 5.08
N GLN E 144 34.89 -25.61 4.96
CA GLN E 144 36.06 -25.35 5.83
C GLN E 144 35.70 -24.39 6.98
N LEU E 145 34.42 -24.10 7.19
CA LEU E 145 33.96 -23.07 8.16
C LEU E 145 33.40 -23.77 9.38
N LYS E 146 33.50 -23.14 10.55
CA LYS E 146 32.63 -23.48 11.70
C LYS E 146 31.61 -22.36 11.81
N LEU E 147 30.36 -22.63 11.43
CA LEU E 147 29.26 -21.66 11.65
C LEU E 147 29.27 -21.30 13.13
N ALA E 148 29.23 -20.02 13.45
CA ALA E 148 29.45 -19.51 14.83
C ALA E 148 28.56 -18.30 15.07
N GLY E 149 29.09 -17.26 15.72
CA GLY E 149 28.30 -16.10 16.18
C GLY E 149 29.05 -15.38 17.29
N PRO E 150 28.41 -14.43 18.01
CA PRO E 150 27.04 -14.02 17.72
C PRO E 150 26.89 -13.29 16.37
N THR E 151 25.65 -12.95 16.02
CA THR E 151 25.29 -12.36 14.71
C THR E 151 25.18 -10.83 14.82
N SER E 152 26.01 -10.10 14.08
CA SER E 152 25.98 -8.61 13.95
C SER E 152 26.37 -8.20 12.53
N PHE E 153 25.72 -7.16 12.00
CA PHE E 153 26.01 -6.58 10.67
C PHE E 153 27.02 -5.44 10.80
N ALA E 154 27.39 -5.04 12.01
CA ALA E 154 28.36 -3.93 12.24
C ALA E 154 29.63 -4.16 11.43
N PRO E 155 30.31 -5.31 11.54
CA PRO E 155 31.57 -5.51 10.83
C PRO E 155 31.42 -5.41 9.30
N ILE E 156 30.42 -6.07 8.71
CA ILE E 156 30.25 -6.03 7.23
C ILE E 156 29.89 -4.61 6.78
N ILE E 157 29.07 -3.90 7.55
CA ILE E 157 28.70 -2.50 7.19
C ILE E 157 29.96 -1.64 7.34
N ASP E 158 30.76 -1.83 8.39
CA ASP E 158 32.04 -1.10 8.55
C ASP E 158 32.95 -1.39 7.35
N MET E 159 33.03 -2.66 6.93
CA MET E 159 33.88 -3.04 5.78
C MET E 159 33.42 -2.23 4.56
N ALA E 160 32.12 -2.21 4.29
CA ALA E 160 31.54 -1.46 3.16
C ALA E 160 31.88 0.02 3.30
N MET E 161 31.70 0.58 4.50
CA MET E 161 32.01 2.00 4.75
C MET E 161 33.47 2.27 4.37
N THR E 162 34.39 1.40 4.77
CA THR E 162 35.84 1.55 4.50
C THR E 162 36.05 1.52 2.99
N ILE E 163 35.45 0.56 2.29
CA ILE E 163 35.60 0.45 0.80
C ILE E 163 35.16 1.78 0.17
N VAL E 164 34.03 2.31 0.60
CA VAL E 164 33.43 3.53 0.01
C VAL E 164 34.35 4.72 0.30
N GLU E 165 34.75 4.87 1.55
CA GLU E 165 35.63 5.97 1.99
C GLU E 165 36.92 5.92 1.17
N GLN E 166 37.60 4.78 1.12
CA GLN E 166 38.88 4.66 0.38
C GLN E 166 38.71 4.92 -1.12
N SER E 167 37.52 4.74 -1.69
CA SER E 167 37.22 5.02 -3.11
C SER E 167 37.05 6.52 -3.35
N GLY E 168 37.04 7.33 -2.29
CA GLY E 168 36.72 8.77 -2.37
C GLY E 168 35.24 9.01 -2.65
N GLY E 169 34.36 8.27 -1.99
CA GLY E 169 32.90 8.50 -2.02
C GLY E 169 32.26 8.05 -3.31
N GLN E 170 32.74 6.95 -3.91
CA GLN E 170 32.05 6.34 -5.07
C GLN E 170 30.84 5.55 -4.56
N TYR E 171 29.70 5.72 -5.22
CA TYR E 171 28.43 5.05 -4.87
C TYR E 171 28.63 3.54 -4.88
N HIS E 172 28.34 2.88 -3.77
CA HIS E 172 28.36 1.40 -3.63
C HIS E 172 27.01 0.90 -3.09
N VAL E 173 26.65 -0.31 -3.47
CA VAL E 173 25.51 -1.08 -2.91
C VAL E 173 26.10 -2.30 -2.20
N LEU E 174 25.97 -2.34 -0.88
CA LEU E 174 26.28 -3.52 -0.03
C LEU E 174 25.09 -4.48 -0.08
N VAL E 175 25.32 -5.70 -0.54
CA VAL E 175 24.31 -6.78 -0.57
C VAL E 175 24.70 -7.79 0.50
N ILE E 176 23.93 -7.84 1.59
CA ILE E 176 24.09 -8.81 2.70
C ILE E 176 23.10 -9.95 2.48
N ILE E 177 23.61 -11.16 2.27
CA ILE E 177 22.78 -12.40 2.24
C ILE E 177 22.84 -13.01 3.64
N ALA E 178 21.70 -13.17 4.30
CA ALA E 178 21.62 -13.53 5.74
C ALA E 178 20.25 -14.14 6.06
N ASP E 179 20.17 -14.86 7.18
CA ASP E 179 18.92 -15.51 7.67
C ASP E 179 18.18 -14.53 8.59
N GLY E 180 18.76 -13.35 8.82
CA GLY E 180 18.08 -12.23 9.48
C GLY E 180 18.12 -12.36 10.98
N GLN E 181 18.67 -13.44 11.52
CA GLN E 181 18.64 -13.74 12.98
C GLN E 181 19.86 -13.09 13.65
N VAL E 182 19.80 -11.76 13.77
CA VAL E 182 20.73 -10.94 14.58
C VAL E 182 20.44 -11.25 16.05
N THR E 183 21.48 -11.37 16.85
CA THR E 183 21.43 -11.74 18.28
C THR E 183 20.52 -10.74 19.02
N ARG E 184 19.50 -11.22 19.72
CA ARG E 184 18.46 -10.33 20.34
C ARG E 184 18.04 -10.86 21.71
N SER E 185 17.62 -9.97 22.59
CA SER E 185 17.00 -10.28 23.92
C SER E 185 15.55 -10.75 23.69
N VAL E 186 15.33 -12.06 23.60
CA VAL E 186 14.05 -12.68 23.10
C VAL E 186 12.87 -12.25 24.00
N ASP E 187 13.14 -11.84 25.24
CA ASP E 187 12.13 -11.62 26.32
C ASP E 187 12.06 -10.14 26.72
N THR E 188 12.93 -9.26 26.22
CA THR E 188 13.00 -7.86 26.69
C THR E 188 11.65 -7.16 26.42
N GLN E 192 14.50 -2.42 24.32
CA GLN E 192 15.91 -2.40 24.79
C GLN E 192 16.72 -3.38 23.93
N LEU E 193 17.88 -2.93 23.41
CA LEU E 193 18.59 -3.59 22.28
C LEU E 193 19.78 -4.42 22.78
N SER E 194 19.99 -5.62 22.20
CA SER E 194 21.22 -6.42 22.43
C SER E 194 22.44 -5.61 22.04
N PRO E 195 23.66 -5.96 22.50
CA PRO E 195 24.87 -5.28 22.02
C PRO E 195 25.02 -5.39 20.50
N GLN E 196 24.60 -6.52 19.94
CA GLN E 196 24.73 -6.84 18.50
C GLN E 196 23.80 -5.90 17.73
N GLU E 197 22.52 -5.85 18.09
CA GLU E 197 21.55 -4.89 17.52
C GLU E 197 22.11 -3.47 17.63
N GLN E 198 22.56 -3.07 18.82
CA GLN E 198 22.94 -1.67 19.09
C GLN E 198 24.07 -1.29 18.13
N LYS E 199 25.09 -2.15 18.01
CA LYS E 199 26.28 -1.87 17.18
C LYS E 199 25.87 -1.86 15.71
N THR E 200 24.95 -2.75 15.32
CA THR E 200 24.41 -2.89 13.93
C THR E 200 23.65 -1.61 13.58
N VAL E 201 22.83 -1.11 14.48
CA VAL E 201 22.07 0.16 14.25
C VAL E 201 23.08 1.31 14.17
N ASP E 202 24.01 1.40 15.11
CA ASP E 202 25.04 2.48 15.10
C ASP E 202 25.74 2.47 13.75
N ALA E 203 25.98 1.29 13.18
CA ALA E 203 26.70 1.11 11.91
C ALA E 203 25.83 1.62 10.76
N ILE E 204 24.56 1.22 10.72
CA ILE E 204 23.58 1.73 9.72
C ILE E 204 23.54 3.25 9.79
N VAL E 205 23.55 3.82 11.00
CA VAL E 205 23.52 5.30 11.19
C VAL E 205 24.82 5.90 10.64
N GLN E 206 25.97 5.42 11.11
CA GLN E 206 27.31 5.86 10.66
C GLN E 206 27.36 5.85 9.13
N ALA E 207 26.79 4.83 8.49
CA ALA E 207 26.89 4.57 7.04
C ALA E 207 26.05 5.58 6.25
N SER E 208 25.14 6.29 6.89
CA SER E 208 24.30 7.30 6.21
C SER E 208 25.11 8.60 6.09
N LYS E 209 26.36 8.60 6.54
CA LYS E 209 27.32 9.71 6.31
C LYS E 209 28.08 9.46 5.02
N LEU E 210 27.73 8.40 4.27
CA LEU E 210 28.47 7.90 3.10
C LEU E 210 27.51 7.51 1.99
N PRO E 211 27.95 7.60 0.71
CA PRO E 211 27.11 7.23 -0.42
C PRO E 211 27.05 5.70 -0.57
N LEU E 212 26.37 5.07 0.39
CA LEU E 212 26.26 3.60 0.53
C LEU E 212 24.78 3.24 0.69
N SER E 213 24.30 2.40 -0.21
CA SER E 213 22.99 1.70 -0.16
C SER E 213 23.23 0.30 0.40
N ILE E 214 22.31 -0.20 1.22
CA ILE E 214 22.34 -1.56 1.82
C ILE E 214 21.08 -2.30 1.35
N VAL E 215 21.27 -3.55 0.94
CA VAL E 215 20.18 -4.47 0.53
C VAL E 215 20.39 -5.79 1.26
N LEU E 216 19.46 -6.13 2.14
CA LEU E 216 19.44 -7.40 2.90
C LEU E 216 18.65 -8.39 2.07
N VAL E 217 19.33 -9.37 1.47
CA VAL E 217 18.69 -10.52 0.77
C VAL E 217 18.47 -11.60 1.82
N GLY E 218 17.25 -11.68 2.36
CA GLY E 218 16.84 -12.64 3.39
C GLY E 218 16.65 -14.03 2.81
N VAL E 219 17.35 -15.03 3.36
CA VAL E 219 17.14 -16.45 3.02
C VAL E 219 16.57 -17.16 4.26
N GLY E 220 15.85 -18.26 4.02
CA GLY E 220 15.27 -19.10 5.09
C GLY E 220 14.01 -18.53 5.73
N ASP E 221 13.69 -19.04 6.91
CA ASP E 221 12.34 -19.00 7.51
C ASP E 221 12.05 -17.64 8.16
N GLY E 222 13.06 -16.83 8.45
CA GLY E 222 12.85 -15.69 9.35
C GLY E 222 12.78 -16.19 10.78
N PRO E 223 12.18 -15.45 11.73
CA PRO E 223 11.39 -14.26 11.45
C PRO E 223 12.19 -13.05 10.94
N TRP E 224 11.49 -12.00 10.51
CA TRP E 224 12.07 -10.84 9.80
C TRP E 224 11.72 -9.52 10.49
N ASP E 225 11.23 -9.55 11.73
CA ASP E 225 10.72 -8.33 12.39
C ASP E 225 11.83 -7.28 12.36
N MET E 226 13.07 -7.71 12.59
CA MET E 226 14.22 -6.81 12.82
C MET E 226 14.74 -6.28 11.48
N MET E 227 14.73 -7.10 10.43
CA MET E 227 15.14 -6.66 9.07
C MET E 227 14.18 -5.56 8.61
N ARG E 228 12.89 -5.70 8.90
CA ARG E 228 11.87 -4.66 8.61
C ARG E 228 12.15 -3.40 9.43
N GLU E 229 12.57 -3.56 10.69
CA GLU E 229 12.95 -2.41 11.54
C GLU E 229 14.08 -1.64 10.86
N PHE E 230 15.07 -2.36 10.32
CA PHE E 230 16.26 -1.77 9.65
C PHE E 230 15.80 -1.11 8.35
N ASP E 231 14.84 -1.72 7.66
CA ASP E 231 14.28 -1.21 6.38
C ASP E 231 13.58 0.14 6.63
N ASP E 232 12.70 0.23 7.64
CA ASP E 232 11.62 1.24 7.66
C ASP E 232 11.75 2.22 8.82
N ASN E 233 12.56 1.93 9.83
CA ASN E 233 12.38 2.65 11.10
C ASN E 233 13.70 2.76 11.87
N ILE E 234 14.59 3.65 11.44
CA ILE E 234 15.82 4.00 12.22
C ILE E 234 15.94 5.51 12.21
N PRO E 235 15.27 6.17 13.17
CA PRO E 235 15.18 7.63 13.20
C PRO E 235 16.51 8.37 13.03
N ALA E 236 17.58 7.89 13.70
CA ALA E 236 18.85 8.65 13.88
C ALA E 236 19.64 8.82 12.57
N ARG E 237 19.31 8.05 11.54
CA ARG E 237 20.09 8.02 10.29
C ARG E 237 19.67 9.18 9.37
N ALA E 238 20.60 9.62 8.53
CA ALA E 238 20.45 10.78 7.61
C ALA E 238 19.48 10.45 6.47
N PHE E 239 19.37 9.19 6.08
CA PHE E 239 18.44 8.79 4.99
C PHE E 239 18.21 7.29 5.02
N ASP E 240 17.09 6.85 4.45
CA ASP E 240 16.73 5.41 4.44
C ASP E 240 17.74 4.72 3.51
N ASN E 241 18.76 4.09 4.10
CA ASN E 241 19.88 3.49 3.35
C ASN E 241 19.77 1.96 3.36
N PHE E 242 18.61 1.40 3.73
CA PHE E 242 18.46 -0.05 3.98
C PHE E 242 17.19 -0.57 3.30
N GLN E 243 17.32 -1.57 2.45
CA GLN E 243 16.18 -2.29 1.86
C GLN E 243 16.21 -3.75 2.33
N PHE E 244 15.05 -4.30 2.65
CA PHE E 244 14.85 -5.73 2.98
C PHE E 244 14.19 -6.42 1.79
N VAL E 245 14.73 -7.56 1.38
CA VAL E 245 14.18 -8.40 0.30
C VAL E 245 13.98 -9.81 0.85
N ASN E 246 12.73 -10.23 1.03
CA ASN E 246 12.42 -11.61 1.45
C ASN E 246 12.61 -12.54 0.23
N PHE E 247 13.82 -13.03 0.03
CA PHE E 247 14.18 -13.82 -1.17
C PHE E 247 13.47 -15.19 -1.14
N THR E 248 13.26 -15.81 0.02
CA THR E 248 12.64 -17.17 0.03
C THR E 248 11.14 -17.01 -0.22
N GLU E 249 10.48 -15.95 0.28
CA GLU E 249 9.06 -15.66 -0.04
C GLU E 249 8.88 -15.55 -1.57
N ILE E 250 9.83 -14.93 -2.27
CA ILE E 250 9.76 -14.69 -3.74
C ILE E 250 9.97 -16.02 -4.47
N MET E 251 10.96 -16.81 -4.09
CA MET E 251 11.27 -18.08 -4.80
C MET E 251 10.21 -19.14 -4.48
N ALA E 252 9.48 -19.01 -3.37
CA ALA E 252 8.40 -19.91 -2.93
C ALA E 252 7.26 -19.90 -3.94
N LYS E 253 6.96 -18.73 -4.48
CA LYS E 253 5.78 -18.45 -5.34
C LYS E 253 5.75 -19.39 -6.55
N ASN E 254 4.54 -19.52 -7.12
CA ASN E 254 4.12 -20.59 -8.07
C ASN E 254 4.63 -20.32 -9.49
N LYS E 255 4.85 -19.04 -9.84
CA LYS E 255 5.18 -18.54 -11.22
C LYS E 255 6.53 -19.11 -11.71
N ALA E 256 6.90 -18.78 -12.95
CA ALA E 256 8.09 -19.30 -13.66
C ALA E 256 9.35 -18.59 -13.16
N GLN E 257 10.50 -19.20 -13.42
CA GLN E 257 11.82 -18.80 -12.85
C GLN E 257 12.07 -17.31 -13.18
N SER E 258 12.18 -16.97 -14.47
CA SER E 258 12.57 -15.61 -14.94
C SER E 258 11.56 -14.57 -14.44
N LEU E 259 10.33 -14.96 -14.08
CA LEU E 259 9.32 -14.01 -13.54
C LEU E 259 9.63 -13.69 -12.07
N LYS E 260 10.29 -14.59 -11.35
CA LYS E 260 10.78 -14.41 -9.95
C LYS E 260 12.07 -13.59 -9.97
N GLU E 261 13.04 -13.97 -10.80
CA GLU E 261 14.30 -13.20 -11.00
C GLU E 261 13.94 -11.71 -11.16
N THR E 262 12.94 -11.40 -11.99
CA THR E 262 12.46 -10.01 -12.21
C THR E 262 11.92 -9.43 -10.91
N GLU E 263 11.10 -10.16 -10.17
CA GLU E 263 10.51 -9.67 -8.89
C GLU E 263 11.63 -9.39 -7.88
N PHE E 264 12.66 -10.23 -7.85
CA PHE E 264 13.83 -10.05 -6.97
C PHE E 264 14.47 -8.70 -7.30
N ALA E 265 14.88 -8.56 -8.56
CA ALA E 265 15.55 -7.36 -9.13
C ALA E 265 14.74 -6.09 -8.77
N LEU E 266 13.42 -6.14 -8.95
CA LEU E 266 12.55 -4.99 -8.62
C LEU E 266 12.71 -4.70 -7.12
N SER E 267 12.61 -5.72 -6.27
CA SER E 267 12.64 -5.58 -4.79
C SER E 267 14.01 -5.05 -4.32
N ALA E 268 15.10 -5.53 -4.91
CA ALA E 268 16.49 -5.12 -4.57
C ALA E 268 16.66 -3.63 -4.86
N LEU E 269 16.29 -3.24 -6.09
CA LEU E 269 16.52 -1.89 -6.64
C LEU E 269 15.46 -0.89 -6.16
N MET E 270 14.39 -1.34 -5.52
CA MET E 270 13.23 -0.50 -5.12
C MET E 270 13.68 0.84 -4.51
N GLU E 271 14.70 0.84 -3.66
CA GLU E 271 15.03 2.06 -2.86
C GLU E 271 16.20 2.80 -3.48
N ILE E 272 16.77 2.29 -4.57
CA ILE E 272 18.08 2.78 -5.11
C ILE E 272 17.92 4.18 -5.74
N PRO E 273 16.91 4.44 -6.58
CA PRO E 273 16.70 5.79 -7.11
C PRO E 273 16.72 6.86 -6.02
N GLN E 274 15.88 6.76 -4.97
CA GLN E 274 15.76 7.84 -3.95
C GLN E 274 17.06 7.81 -3.12
N GLN E 275 17.67 6.63 -2.92
CA GLN E 275 18.93 6.50 -2.14
C GLN E 275 20.04 7.26 -2.88
N TYR E 276 20.21 7.01 -4.18
CA TYR E 276 21.21 7.69 -5.04
C TYR E 276 20.99 9.20 -4.93
N LYS E 277 19.76 9.65 -5.19
CA LYS E 277 19.40 11.09 -5.11
C LYS E 277 19.84 11.64 -3.75
N ALA E 278 19.58 10.90 -2.68
CA ALA E 278 19.91 11.32 -1.32
C ALA E 278 21.41 11.60 -1.22
N THR E 279 22.26 10.75 -1.82
CA THR E 279 23.74 10.89 -1.73
C THR E 279 24.15 12.22 -2.35
N ILE E 280 23.41 12.66 -3.37
CA ILE E 280 23.64 13.96 -4.05
C ILE E 280 23.11 15.10 -3.16
N GLU E 281 21.80 15.10 -2.88
CA GLU E 281 21.12 16.20 -2.15
C GLU E 281 21.73 16.39 -0.77
N LEU E 282 22.29 15.34 -0.15
CA LEU E 282 22.87 15.39 1.21
C LEU E 282 24.38 15.63 1.13
N ASN E 283 24.91 15.79 -0.09
CA ASN E 283 26.30 16.28 -0.31
C ASN E 283 27.31 15.20 0.10
N LEU E 284 27.08 13.95 -0.31
CA LEU E 284 27.92 12.77 0.04
C LEU E 284 28.66 12.23 -1.18
N LEU E 285 28.00 12.18 -2.35
CA LEU E 285 28.51 11.55 -3.58
C LEU E 285 29.85 12.18 -3.99
N GLY E 286 30.91 11.37 -4.07
CA GLY E 286 32.24 11.81 -4.49
C GLY E 286 32.98 12.55 -3.40
N ARG E 287 32.47 12.54 -2.16
CA ARG E 287 33.13 13.17 -1.00
C ARG E 287 33.64 12.11 -0.01
N ARG E 288 34.76 12.41 0.64
CA ARG E 288 35.22 11.70 1.86
C ARG E 288 34.52 12.32 3.06
N ASN E 289 34.15 11.52 4.05
CA ASN E 289 33.70 11.99 5.38
C ASN E 289 34.93 12.44 6.18
N GLY E 290 35.99 11.65 6.18
CA GLY E 290 37.28 11.98 6.82
C GLY E 290 37.53 11.20 8.09
N TYR E 291 36.50 10.73 8.80
CA TYR E 291 36.64 10.16 10.17
C TYR E 291 36.06 8.75 10.23
N ILE E 292 36.23 7.96 9.17
CA ILE E 292 35.78 6.55 9.14
C ILE E 292 36.99 5.68 9.40
N PRO E 293 37.13 5.07 10.60
CA PRO E 293 38.32 4.25 10.87
C PRO E 293 38.37 3.11 9.84
N GLU E 294 39.55 2.87 9.27
CA GLU E 294 39.83 1.81 8.27
C GLU E 294 39.63 0.44 8.94
N ARG E 295 38.83 -0.43 8.33
CA ARG E 295 38.68 -1.84 8.78
C ARG E 295 39.49 -2.77 7.87
N PHE E 296 40.14 -3.77 8.48
CA PHE E 296 40.98 -4.77 7.77
C PHE E 296 40.30 -6.12 7.84
N PRO E 297 39.97 -6.73 6.68
CA PRO E 297 39.36 -8.05 6.67
C PRO E 297 40.40 -9.12 7.03
N LEU E 298 40.03 -10.09 7.86
CA LEU E 298 40.83 -11.31 8.10
C LEU E 298 40.91 -12.11 6.80
N PRO E 299 41.93 -12.99 6.66
CA PRO E 299 42.03 -13.85 5.49
C PRO E 299 40.99 -14.97 5.53
N PRO E 300 40.73 -15.63 4.38
CA PRO E 300 39.73 -16.69 4.32
C PRO E 300 40.25 -17.90 5.09
N PRO E 301 39.37 -18.69 5.74
CA PRO E 301 39.82 -19.80 6.57
C PRO E 301 40.31 -20.98 5.72
N MET E 302 41.24 -21.75 6.28
CA MET E 302 42.20 -22.68 5.60
C MET E 302 41.97 -24.14 6.02
N ASP F 14 40.00 49.01 -4.92
CA ASP F 14 38.82 49.87 -5.31
C ASP F 14 38.64 49.81 -6.82
N ASN F 15 39.77 49.83 -7.54
CA ASN F 15 39.91 49.58 -9.01
C ASN F 15 39.48 48.13 -9.33
N LYS F 16 40.11 47.14 -8.68
CA LYS F 16 39.97 45.67 -8.94
C LYS F 16 38.48 45.29 -8.91
N LYS F 17 37.73 45.86 -7.96
CA LYS F 17 36.26 45.72 -7.78
C LYS F 17 35.56 46.02 -9.11
N ARG F 18 35.84 47.19 -9.69
CA ARG F 18 35.09 47.80 -10.81
C ARG F 18 35.47 47.13 -12.15
N LEU F 19 36.71 46.61 -12.26
CA LEU F 19 37.26 45.94 -13.48
C LEU F 19 36.66 44.53 -13.64
N GLU F 20 36.19 43.93 -12.55
CA GLU F 20 35.58 42.55 -12.54
C GLU F 20 34.11 42.68 -12.97
N ARG F 21 33.41 43.76 -12.56
CA ARG F 21 32.03 44.07 -12.99
C ARG F 21 32.03 44.62 -14.43
N LYS F 22 33.19 45.05 -14.94
CA LYS F 22 33.33 45.37 -16.38
C LYS F 22 33.26 44.08 -17.21
N TYR F 23 33.79 42.96 -16.68
CA TYR F 23 33.98 41.67 -17.40
C TYR F 23 33.02 40.60 -16.85
N SER F 24 32.08 40.99 -16.00
CA SER F 24 30.97 40.17 -15.41
C SER F 24 30.38 39.21 -16.44
N LYS F 25 29.71 39.73 -17.47
CA LYS F 25 29.09 38.89 -18.51
C LYS F 25 29.51 39.43 -19.87
N ILE F 26 29.76 38.54 -20.81
CA ILE F 26 30.19 38.86 -22.19
C ILE F 26 29.08 38.40 -23.12
N SER F 27 28.35 39.32 -23.71
CA SER F 27 27.29 39.05 -24.70
C SER F 27 27.90 38.64 -26.05
N ASP F 28 27.04 38.11 -26.93
CA ASP F 28 27.38 37.89 -28.36
C ASP F 28 27.48 39.27 -29.01
N ASP F 29 28.68 39.79 -29.23
CA ASP F 29 28.88 41.18 -29.72
C ASP F 29 29.42 41.15 -31.14
N TYR F 30 29.30 40.02 -31.86
CA TYR F 30 29.88 39.83 -33.21
C TYR F 30 28.93 38.96 -34.03
N SER F 31 28.69 39.34 -35.29
CA SER F 31 27.66 38.73 -36.16
C SER F 31 28.32 37.91 -37.26
N SER F 32 29.64 38.00 -37.41
CA SER F 32 30.39 37.26 -38.45
C SER F 32 31.76 36.87 -37.91
N LEU F 33 32.38 35.86 -38.51
CA LEU F 33 33.76 35.42 -38.16
C LEU F 33 34.73 36.60 -38.40
N GLU F 34 34.56 37.34 -39.50
CA GLU F 34 35.44 38.47 -39.92
C GLU F 34 35.49 39.50 -38.78
N GLN F 35 34.33 39.87 -38.21
CA GLN F 35 34.23 40.86 -37.09
C GLN F 35 35.13 40.42 -35.93
N VAL F 36 35.09 39.13 -35.61
CA VAL F 36 35.85 38.51 -34.48
C VAL F 36 37.34 38.50 -34.85
N THR F 37 37.67 37.99 -36.04
CA THR F 37 39.06 37.96 -36.58
C THR F 37 39.67 39.36 -36.42
N GLU F 38 38.89 40.39 -36.73
CA GLU F 38 39.32 41.82 -36.66
C GLU F 38 39.51 42.19 -35.18
N ALA F 39 38.49 41.91 -34.36
CA ALA F 39 38.49 42.23 -32.91
C ALA F 39 39.71 41.59 -32.24
N LEU F 40 40.13 40.41 -32.73
CA LEU F 40 41.30 39.65 -32.19
C LEU F 40 42.60 40.37 -32.57
N ALA F 41 42.70 40.84 -33.82
CA ALA F 41 43.83 41.67 -34.28
C ALA F 41 43.92 42.92 -33.40
N ARG F 42 42.83 43.72 -33.37
CA ARG F 42 42.76 44.98 -32.61
C ARG F 42 43.06 44.71 -31.12
N ALA F 43 42.81 43.50 -30.61
CA ALA F 43 43.05 43.14 -29.19
C ALA F 43 44.54 42.94 -28.94
N GLY F 44 45.30 42.59 -30.00
CA GLY F 44 46.74 42.30 -29.92
C GLY F 44 47.03 40.90 -29.40
N LEU F 45 46.26 39.92 -29.89
CA LEU F 45 46.50 38.47 -29.63
C LEU F 45 47.64 37.99 -30.53
N GLU F 46 48.75 37.56 -29.95
CA GLU F 46 49.99 37.18 -30.70
C GLU F 46 50.32 35.69 -30.57
N SER F 47 49.82 35.04 -29.51
CA SER F 47 50.16 33.66 -29.10
C SER F 47 48.95 33.09 -28.35
N SER F 48 48.53 31.87 -28.71
CA SER F 48 47.46 31.10 -28.00
C SER F 48 47.77 29.61 -28.11
N ASN F 49 47.27 28.80 -27.18
CA ASN F 49 47.35 27.32 -27.24
C ASN F 49 46.00 26.71 -26.84
N LEU F 50 45.66 25.57 -27.42
CA LEU F 50 44.41 24.84 -27.09
C LEU F 50 44.73 23.73 -26.10
N ILE F 51 43.75 23.42 -25.27
CA ILE F 51 43.66 22.15 -24.49
C ILE F 51 42.31 21.52 -24.82
N VAL F 52 42.26 20.20 -24.96
CA VAL F 52 40.99 19.49 -25.26
C VAL F 52 40.67 18.52 -24.13
N GLY F 53 39.41 18.52 -23.69
CA GLY F 53 38.83 17.56 -22.75
C GLY F 53 37.65 16.86 -23.38
N ILE F 54 37.56 15.54 -23.23
CA ILE F 54 36.43 14.77 -23.80
C ILE F 54 35.71 13.98 -22.70
N ASP F 55 34.40 14.22 -22.60
CA ASP F 55 33.41 13.58 -21.70
C ASP F 55 33.17 12.15 -22.15
N PHE F 56 33.62 11.17 -21.36
CA PHE F 56 33.34 9.73 -21.60
C PHE F 56 32.41 9.21 -20.49
N THR F 57 31.43 10.01 -20.04
CA THR F 57 30.47 9.58 -19.00
C THR F 57 29.36 8.76 -19.65
N LYS F 58 28.62 8.02 -18.83
CA LYS F 58 27.59 7.05 -19.27
C LYS F 58 26.39 7.81 -19.83
N SER F 59 26.16 9.07 -19.41
CA SER F 59 25.03 9.89 -19.93
C SER F 59 25.09 9.93 -21.47
N ASN F 60 26.28 9.87 -22.04
CA ASN F 60 26.45 9.88 -23.52
C ASN F 60 25.65 8.73 -24.13
N GLU F 61 25.29 7.70 -23.35
CA GLU F 61 24.55 6.51 -23.86
C GLU F 61 23.12 6.94 -24.25
N TRP F 62 22.52 7.86 -23.51
CA TRP F 62 21.10 8.22 -23.71
C TRP F 62 20.89 9.66 -24.22
N THR F 63 21.93 10.49 -24.27
CA THR F 63 21.79 11.88 -24.79
C THR F 63 21.84 11.86 -26.32
N GLY F 64 21.81 10.69 -26.95
CA GLY F 64 21.73 10.55 -28.41
C GLY F 64 20.32 10.27 -28.90
N ALA F 65 19.32 10.27 -28.00
CA ALA F 65 17.91 9.90 -28.27
C ALA F 65 17.44 10.57 -29.57
N ARG F 66 17.21 11.89 -29.58
CA ARG F 66 16.71 12.63 -30.78
C ARG F 66 17.86 12.91 -31.75
N SER F 67 18.95 13.49 -31.25
CA SER F 67 20.00 14.14 -32.06
C SER F 67 20.84 13.13 -32.83
N PHE F 68 20.90 11.87 -32.40
CA PHE F 68 21.79 10.86 -33.03
C PHE F 68 21.10 9.50 -33.14
N ASN F 69 19.78 9.50 -33.26
CA ASN F 69 19.01 8.34 -33.78
C ASN F 69 19.06 7.18 -32.76
N ARG F 70 18.82 7.49 -31.49
CA ARG F 70 18.65 6.52 -30.38
C ARG F 70 19.98 5.79 -30.12
N LYS F 71 21.10 6.21 -30.71
CA LYS F 71 22.46 5.63 -30.44
C LYS F 71 23.23 6.41 -29.36
N SER F 72 24.35 5.83 -28.90
CA SER F 72 25.31 6.45 -27.96
C SER F 72 26.11 7.50 -28.72
N LEU F 73 26.37 8.66 -28.11
CA LEU F 73 27.19 9.72 -28.74
C LEU F 73 28.60 9.20 -29.01
N HIS F 74 29.04 8.15 -28.30
CA HIS F 74 30.39 7.54 -28.48
C HIS F 74 30.30 6.27 -29.35
N PHE F 75 29.14 5.99 -29.96
CA PHE F 75 28.96 4.80 -30.82
C PHE F 75 29.93 4.87 -31.99
N ILE F 76 30.63 3.77 -32.31
CA ILE F 76 31.49 3.67 -33.52
C ILE F 76 30.72 2.96 -34.63
N GLY F 77 30.26 3.71 -35.63
CA GLY F 77 29.49 3.21 -36.79
C GLY F 77 30.30 3.26 -38.07
N SER F 78 29.62 3.32 -39.22
CA SER F 78 30.24 3.50 -40.57
C SER F 78 30.47 4.98 -40.82
N SER F 79 29.65 5.82 -40.19
CA SER F 79 29.70 7.30 -40.30
C SER F 79 30.05 7.90 -38.94
N PRO F 80 30.58 9.14 -38.89
CA PRO F 80 31.14 9.67 -37.64
C PRO F 80 30.06 10.07 -36.62
N ASN F 81 30.38 9.92 -35.33
CA ASN F 81 29.48 10.27 -34.20
C ASN F 81 29.73 11.73 -33.83
N PRO F 82 28.85 12.36 -33.03
CA PRO F 82 28.99 13.77 -32.70
C PRO F 82 30.35 14.16 -32.08
N TYR F 83 31.02 13.26 -31.37
CA TYR F 83 32.37 13.53 -30.82
C TYR F 83 33.37 13.61 -31.99
N GLU F 84 33.33 12.63 -32.88
CA GLU F 84 34.19 12.60 -34.08
C GLU F 84 33.96 13.86 -34.92
N GLN F 85 32.70 14.29 -35.03
CA GLN F 85 32.33 15.47 -35.86
C GLN F 85 32.95 16.72 -35.25
N ALA F 86 32.75 16.92 -33.95
CA ALA F 86 33.23 18.07 -33.17
C ALA F 86 34.76 18.11 -33.23
N ILE F 87 35.43 16.99 -32.99
CA ILE F 87 36.91 16.95 -33.11
C ILE F 87 37.27 17.43 -34.51
N THR F 88 36.63 16.87 -35.54
CA THR F 88 36.93 17.20 -36.96
C THR F 88 36.76 18.71 -37.17
N ILE F 89 35.60 19.27 -36.79
CA ILE F 89 35.25 20.69 -37.05
C ILE F 89 36.12 21.62 -36.20
N ILE F 90 36.47 21.23 -34.97
CA ILE F 90 37.42 22.03 -34.13
C ILE F 90 38.75 22.11 -34.87
N GLY F 91 39.24 20.97 -35.38
CA GLY F 91 40.49 20.89 -36.15
C GLY F 91 40.47 21.77 -37.39
N ARG F 92 39.31 21.92 -38.03
CA ARG F 92 39.21 22.67 -39.30
C ARG F 92 39.08 24.16 -39.01
N THR F 93 38.48 24.56 -37.89
CA THR F 93 38.15 25.98 -37.59
C THR F 93 39.11 26.60 -36.55
N LEU F 94 39.67 25.86 -35.61
CA LEU F 94 40.41 26.47 -34.47
C LEU F 94 41.86 26.03 -34.43
N ALA F 95 42.32 25.15 -35.30
CA ALA F 95 43.70 24.59 -35.22
C ALA F 95 44.71 25.73 -35.27
N ALA F 96 44.35 26.83 -35.95
CA ALA F 96 45.13 28.08 -36.04
C ALA F 96 45.49 28.60 -34.64
N PHE F 97 44.58 28.49 -33.67
CA PHE F 97 44.75 29.08 -32.32
C PHE F 97 45.63 28.20 -31.43
N ASP F 98 46.16 27.09 -31.93
CA ASP F 98 47.28 26.37 -31.25
C ASP F 98 48.55 26.64 -32.03
N GLU F 99 49.48 27.42 -31.46
CA GLU F 99 50.60 28.02 -32.24
C GLU F 99 51.57 26.91 -32.65
N ASP F 100 51.81 25.91 -31.78
CA ASP F 100 52.83 24.85 -32.01
C ASP F 100 52.19 23.57 -32.59
N ASN F 101 50.87 23.57 -32.79
CA ASN F 101 50.11 22.43 -33.36
C ASN F 101 50.31 21.14 -32.54
N LEU F 102 50.73 21.25 -31.28
CA LEU F 102 50.75 20.13 -30.30
C LEU F 102 49.57 20.35 -29.35
N ILE F 103 48.61 19.43 -29.30
CA ILE F 103 47.33 19.60 -28.55
C ILE F 103 47.33 18.65 -27.35
N PRO F 104 47.39 19.16 -26.10
CA PRO F 104 47.16 18.35 -24.92
C PRO F 104 45.69 17.90 -24.94
N CYS F 105 45.46 16.59 -24.86
CA CYS F 105 44.11 16.01 -24.96
C CYS F 105 43.88 15.07 -23.79
N TYR F 106 42.73 15.18 -23.13
CA TYR F 106 42.39 14.44 -21.88
C TYR F 106 40.97 13.89 -22.00
N GLY F 107 40.78 12.66 -21.50
CA GLY F 107 39.48 12.03 -21.28
C GLY F 107 39.11 12.13 -19.82
N PHE F 108 37.81 12.10 -19.52
CA PHE F 108 37.31 12.10 -18.12
C PHE F 108 35.92 11.45 -18.09
N GLY F 109 35.62 10.76 -16.99
CA GLY F 109 34.29 10.17 -16.73
C GLY F 109 34.15 8.73 -17.15
N ASP F 110 35.23 8.11 -17.65
CA ASP F 110 35.31 6.65 -17.84
C ASP F 110 35.54 6.01 -16.47
N ALA F 111 35.49 4.68 -16.40
CA ALA F 111 35.66 3.90 -15.14
C ALA F 111 37.00 4.22 -14.48
N SER F 112 38.04 4.57 -15.24
CA SER F 112 39.41 4.79 -14.70
C SER F 112 39.53 6.14 -14.00
N THR F 113 38.58 7.06 -14.20
CA THR F 113 38.70 8.48 -13.73
C THR F 113 37.47 8.94 -12.94
N HIS F 114 36.27 8.48 -13.30
CA HIS F 114 35.01 8.93 -12.68
C HIS F 114 35.00 10.47 -12.63
N ASP F 115 34.74 11.00 -11.44
CA ASP F 115 34.56 12.45 -11.20
C ASP F 115 35.80 12.99 -10.50
N GLN F 116 36.88 12.22 -10.40
CA GLN F 116 38.07 12.55 -9.57
C GLN F 116 39.24 12.92 -10.48
N ASP F 117 39.43 12.25 -11.62
CA ASP F 117 40.65 12.43 -12.43
C ASP F 117 40.32 12.68 -13.90
N VAL F 118 41.38 12.93 -14.68
CA VAL F 118 41.43 12.89 -16.17
C VAL F 118 42.50 11.89 -16.58
N PHE F 119 42.46 11.38 -17.80
CA PHE F 119 43.54 10.57 -18.39
C PHE F 119 44.05 11.27 -19.64
N SER F 120 45.37 11.21 -19.89
CA SER F 120 46.00 11.72 -21.14
C SER F 120 45.70 10.74 -22.29
N PHE F 121 45.51 11.27 -23.49
CA PHE F 121 45.25 10.46 -24.71
C PHE F 121 46.49 9.62 -25.04
N ASN F 122 47.68 10.11 -24.72
CA ASN F 122 48.95 9.42 -25.03
C ASN F 122 49.72 9.19 -23.73
N SER F 123 50.80 8.40 -23.78
CA SER F 123 51.41 7.70 -22.62
C SER F 123 52.05 8.65 -21.60
N GLU F 124 53.15 9.34 -21.91
CA GLU F 124 53.85 10.18 -20.90
C GLU F 124 53.20 11.55 -20.86
N ASP F 125 51.88 11.62 -21.04
CA ASP F 125 51.14 12.87 -21.34
C ASP F 125 51.80 13.55 -22.54
N ARG F 126 52.19 12.76 -23.55
CA ARG F 126 52.63 13.33 -24.84
C ARG F 126 51.41 14.00 -25.50
N PHE F 127 51.60 15.23 -25.94
CA PHE F 127 50.55 16.02 -26.63
C PHE F 127 50.32 15.38 -28.00
N CYS F 128 49.10 15.47 -28.49
CA CYS F 128 48.68 14.94 -29.81
C CYS F 128 49.32 15.80 -30.90
N ASN F 129 49.77 15.16 -31.98
CA ASN F 129 50.31 15.81 -33.19
C ASN F 129 49.12 16.28 -34.03
N GLY F 130 48.56 17.43 -33.64
CA GLY F 130 47.43 18.07 -34.34
C GLY F 130 46.14 17.31 -34.10
N PHE F 131 45.03 17.88 -34.56
CA PHE F 131 43.68 17.29 -34.44
C PHE F 131 43.62 15.98 -35.25
N GLU F 132 44.53 15.76 -36.21
CA GLU F 132 44.67 14.45 -36.91
C GLU F 132 44.81 13.36 -35.84
N GLU F 133 45.74 13.53 -34.90
CA GLU F 133 46.06 12.50 -33.87
C GLU F 133 44.99 12.50 -32.77
N VAL F 134 44.36 13.64 -32.49
CA VAL F 134 43.25 13.69 -31.50
C VAL F 134 42.16 12.73 -31.97
N LEU F 135 41.74 12.87 -33.24
CA LEU F 135 40.71 12.01 -33.87
C LEU F 135 41.21 10.56 -33.94
N SER F 136 42.40 10.34 -34.51
CA SER F 136 43.05 9.00 -34.59
C SER F 136 42.90 8.28 -33.23
N ARG F 137 43.28 8.96 -32.14
CA ARG F 137 43.39 8.35 -30.79
C ARG F 137 42.01 8.19 -30.16
N TYR F 138 41.11 9.15 -30.38
CA TYR F 138 39.71 9.02 -29.91
C TYR F 138 39.19 7.65 -30.35
N LYS F 139 39.30 7.37 -31.64
CA LYS F 139 38.85 6.11 -32.29
C LYS F 139 39.54 4.91 -31.63
N GLU F 140 40.85 4.97 -31.36
CA GLU F 140 41.60 3.82 -30.75
C GLU F 140 41.19 3.66 -29.28
N ILE F 141 40.77 4.73 -28.61
CA ILE F 141 40.59 4.76 -27.12
C ILE F 141 39.17 4.34 -26.76
N VAL F 142 38.16 4.87 -27.45
CA VAL F 142 36.75 4.80 -26.99
C VAL F 142 36.27 3.34 -26.90
N PRO F 143 36.68 2.41 -27.80
CA PRO F 143 36.27 1.01 -27.69
C PRO F 143 36.88 0.28 -26.49
N GLN F 144 37.94 0.84 -25.90
CA GLN F 144 38.63 0.28 -24.71
C GLN F 144 38.12 0.92 -23.41
N LEU F 145 37.06 1.72 -23.47
CA LEU F 145 36.61 2.53 -22.31
C LEU F 145 35.35 1.92 -21.72
N LYS F 146 35.13 2.07 -20.42
CA LYS F 146 33.79 1.87 -19.82
C LYS F 146 33.24 3.27 -19.51
N LEU F 147 32.26 3.72 -20.31
CA LEU F 147 31.57 5.00 -20.00
C LEU F 147 31.05 4.90 -18.56
N ALA F 148 31.32 5.90 -17.73
CA ALA F 148 31.09 5.84 -16.27
C ALA F 148 30.64 7.22 -15.76
N GLY F 149 31.16 7.66 -14.63
CA GLY F 149 30.68 8.87 -13.93
C GLY F 149 31.07 8.83 -12.46
N PRO F 150 30.55 9.72 -11.61
CA PRO F 150 29.68 10.81 -12.03
C PRO F 150 30.38 11.86 -12.92
N THR F 151 29.61 12.82 -13.42
CA THR F 151 30.07 13.84 -14.39
C THR F 151 30.45 15.14 -13.66
N SER F 152 31.72 15.56 -13.76
CA SER F 152 32.25 16.84 -13.21
C SER F 152 33.34 17.39 -14.14
N PHE F 153 33.36 18.72 -14.31
CA PHE F 153 34.39 19.41 -15.13
C PHE F 153 35.56 19.86 -14.25
N ALA F 154 35.48 19.68 -12.94
CA ALA F 154 36.56 20.10 -12.01
C ALA F 154 37.90 19.52 -12.45
N PRO F 155 38.03 18.18 -12.66
CA PRO F 155 39.33 17.62 -13.01
C PRO F 155 39.90 18.20 -14.31
N ILE F 156 39.10 18.28 -15.39
CA ILE F 156 39.62 18.79 -16.69
C ILE F 156 39.99 20.27 -16.54
N ILE F 157 39.22 21.06 -15.80
CA ILE F 157 39.53 22.49 -15.61
C ILE F 157 40.81 22.57 -14.75
N ASP F 158 40.95 21.73 -13.71
CA ASP F 158 42.20 21.68 -12.91
C ASP F 158 43.38 21.33 -13.81
N MET F 159 43.21 20.36 -14.71
CA MET F 159 44.29 19.97 -15.62
C MET F 159 44.71 21.18 -16.44
N ALA F 160 43.73 21.89 -17.02
CA ALA F 160 43.99 23.11 -17.83
C ALA F 160 44.72 24.13 -16.97
N MET F 161 44.24 24.37 -15.75
CA MET F 161 44.87 25.35 -14.83
C MET F 161 46.35 24.98 -14.64
N THR F 162 46.64 23.70 -14.42
CA THR F 162 48.02 23.22 -14.19
C THR F 162 48.85 23.50 -15.44
N ILE F 163 48.34 23.17 -16.63
CA ILE F 163 49.07 23.41 -17.91
C ILE F 163 49.42 24.90 -17.99
N VAL F 164 48.45 25.77 -17.69
CA VAL F 164 48.62 27.24 -17.85
C VAL F 164 49.67 27.72 -16.84
N GLU F 165 49.51 27.32 -15.58
CA GLU F 165 50.41 27.71 -14.49
C GLU F 165 51.84 27.27 -14.87
N GLN F 166 52.05 26.01 -15.23
CA GLN F 166 53.40 25.49 -15.57
C GLN F 166 53.98 26.21 -16.79
N SER F 167 53.17 26.77 -17.68
CA SER F 167 53.64 27.53 -18.86
C SER F 167 54.09 28.94 -18.47
N GLY F 168 53.91 29.32 -17.20
CA GLY F 168 54.14 30.70 -16.72
C GLY F 168 53.11 31.70 -17.25
N GLY F 169 51.84 31.31 -17.25
CA GLY F 169 50.71 32.20 -17.58
C GLY F 169 50.60 32.48 -19.08
N GLN F 170 50.88 31.50 -19.92
CA GLN F 170 50.62 31.64 -21.38
C GLN F 170 49.13 31.42 -21.62
N TYR F 171 48.52 32.28 -22.44
CA TYR F 171 47.07 32.22 -22.77
C TYR F 171 46.73 30.87 -23.39
N HIS F 172 45.79 30.16 -22.80
CA HIS F 172 45.25 28.88 -23.31
C HIS F 172 43.72 28.96 -23.43
N VAL F 173 43.18 28.22 -24.39
CA VAL F 173 41.73 27.97 -24.55
C VAL F 173 41.49 26.48 -24.31
N LEU F 174 40.80 26.14 -23.22
CA LEU F 174 40.30 24.78 -22.92
C LEU F 174 39.01 24.55 -23.70
N VAL F 175 38.99 23.55 -24.56
CA VAL F 175 37.78 23.14 -25.33
C VAL F 175 37.32 21.81 -24.74
N ILE F 176 36.19 21.83 -24.04
CA ILE F 176 35.51 20.64 -23.46
C ILE F 176 34.41 20.22 -24.41
N ILE F 177 34.51 19.02 -24.98
CA ILE F 177 33.41 18.38 -25.76
C ILE F 177 32.63 17.49 -24.78
N ALA F 178 31.33 17.73 -24.59
CA ALA F 178 30.51 17.09 -23.56
C ALA F 178 29.02 17.13 -23.90
N ASP F 179 28.23 16.26 -23.28
CA ASP F 179 26.75 16.19 -23.47
C ASP F 179 26.07 17.10 -22.46
N GLY F 180 26.86 17.75 -21.59
CA GLY F 180 26.37 18.83 -20.71
C GLY F 180 25.70 18.30 -19.47
N GLN F 181 25.56 16.98 -19.33
CA GLN F 181 24.79 16.35 -18.23
C GLN F 181 25.71 16.13 -17.03
N VAL F 182 26.04 17.24 -16.37
CA VAL F 182 26.78 17.24 -15.07
C VAL F 182 25.80 16.73 -14.03
N THR F 183 26.31 15.90 -13.12
CA THR F 183 25.52 15.20 -12.08
C THR F 183 24.77 16.24 -11.25
N ARG F 184 23.44 16.10 -11.15
CA ARG F 184 22.59 17.06 -10.41
C ARG F 184 21.47 16.31 -9.67
N SER F 185 21.00 16.91 -8.57
CA SER F 185 19.81 16.52 -7.77
C SER F 185 18.53 16.79 -8.58
N VAL F 186 18.00 15.74 -9.23
CA VAL F 186 16.88 15.83 -10.22
C VAL F 186 15.62 16.41 -9.58
N ASP F 187 15.52 16.40 -8.24
CA ASP F 187 14.28 16.79 -7.50
C ASP F 187 14.48 18.06 -6.66
N THR F 188 15.72 18.60 -6.56
CA THR F 188 15.94 19.86 -5.80
C THR F 188 15.15 20.98 -6.49
N GLU F 189 14.42 21.78 -5.72
CA GLU F 189 13.39 22.73 -6.25
C GLU F 189 14.01 24.14 -6.36
N ASN F 190 14.69 24.61 -5.31
CA ASN F 190 15.61 25.78 -5.36
C ASN F 190 16.85 25.39 -6.19
N GLY F 191 17.86 26.26 -6.22
CA GLY F 191 19.17 25.99 -6.85
C GLY F 191 20.18 25.52 -5.82
N GLN F 192 19.93 24.37 -5.18
CA GLN F 192 20.90 23.69 -4.26
C GLN F 192 21.73 22.72 -5.10
N LEU F 193 23.05 22.74 -4.92
CA LEU F 193 24.03 22.21 -5.92
C LEU F 193 24.54 20.82 -5.50
N SER F 194 24.64 19.89 -6.45
CA SER F 194 25.32 18.58 -6.27
C SER F 194 26.78 18.84 -5.90
N PRO F 195 27.49 17.85 -5.33
CA PRO F 195 28.94 17.98 -5.12
C PRO F 195 29.67 18.23 -6.44
N GLN F 196 29.20 17.63 -7.52
CA GLN F 196 29.82 17.69 -8.86
C GLN F 196 29.68 19.13 -9.38
N GLU F 197 28.46 19.68 -9.38
CA GLU F 197 28.21 21.11 -9.72
C GLU F 197 29.13 22.00 -8.86
N GLN F 198 29.12 21.79 -7.55
CA GLN F 198 29.81 22.69 -6.60
C GLN F 198 31.29 22.73 -6.97
N LYS F 199 31.91 21.56 -7.16
CA LYS F 199 33.37 21.44 -7.43
C LYS F 199 33.66 22.06 -8.80
N THR F 200 32.76 21.87 -9.77
CA THR F 200 32.87 22.39 -11.15
C THR F 200 32.84 23.92 -11.11
N VAL F 201 31.92 24.49 -10.34
CA VAL F 201 31.81 25.96 -10.17
C VAL F 201 33.07 26.46 -9.48
N ASP F 202 33.48 25.83 -8.38
CA ASP F 202 34.71 26.24 -7.63
C ASP F 202 35.88 26.29 -8.60
N ALA F 203 35.92 25.33 -9.55
CA ALA F 203 37.03 25.19 -10.51
C ALA F 203 36.97 26.35 -11.52
N ILE F 204 35.79 26.62 -12.07
CA ILE F 204 35.59 27.78 -12.98
C ILE F 204 36.02 29.06 -12.25
N VAL F 205 35.71 29.20 -10.97
CA VAL F 205 36.09 30.40 -10.18
C VAL F 205 37.62 30.45 -10.04
N GLN F 206 38.21 29.38 -9.52
CA GLN F 206 39.68 29.22 -9.36
C GLN F 206 40.39 29.61 -10.67
N ALA F 207 39.85 29.20 -11.81
CA ALA F 207 40.47 29.33 -13.14
C ALA F 207 40.45 30.79 -13.62
N SER F 208 39.64 31.64 -13.01
CA SER F 208 39.57 33.08 -13.37
C SER F 208 40.72 33.82 -12.69
N LYS F 209 41.58 33.10 -11.96
CA LYS F 209 42.86 33.63 -11.42
C LYS F 209 43.97 33.42 -12.45
N LEU F 210 43.64 32.89 -13.63
CA LEU F 210 44.62 32.44 -14.66
C LEU F 210 44.16 32.87 -16.04
N PRO F 211 45.10 33.07 -16.98
CA PRO F 211 44.76 33.46 -18.34
C PRO F 211 44.25 32.26 -19.15
N LEU F 212 43.05 31.80 -18.78
CA LEU F 212 42.41 30.59 -19.33
C LEU F 212 41.00 30.94 -19.76
N SER F 213 40.72 30.71 -21.04
CA SER F 213 39.37 30.74 -21.65
C SER F 213 38.85 29.29 -21.72
N ILE F 214 37.56 29.09 -21.45
CA ILE F 214 36.86 27.78 -21.53
C ILE F 214 35.77 27.90 -22.60
N VAL F 215 35.68 26.88 -23.44
CA VAL F 215 34.64 26.74 -24.48
C VAL F 215 34.06 25.32 -24.37
N LEU F 216 32.78 25.23 -24.00
CA LEU F 216 32.01 23.97 -23.91
C LEU F 216 31.37 23.75 -25.27
N VAL F 217 31.88 22.78 -26.03
CA VAL F 217 31.25 22.31 -27.29
C VAL F 217 30.25 21.21 -26.93
N GLY F 218 28.98 21.59 -26.82
CA GLY F 218 27.85 20.71 -26.45
C GLY F 218 27.46 19.80 -27.60
N VAL F 219 27.46 18.48 -27.38
CA VAL F 219 26.93 17.48 -28.35
C VAL F 219 25.69 16.83 -27.74
N GLY F 220 24.81 16.32 -28.59
CA GLY F 220 23.58 15.60 -28.20
C GLY F 220 22.45 16.51 -27.75
N ASP F 221 21.49 15.93 -27.04
CA ASP F 221 20.11 16.43 -26.87
C ASP F 221 20.04 17.54 -25.81
N GLY F 222 21.04 17.65 -24.95
CA GLY F 222 20.86 18.46 -23.74
C GLY F 222 20.01 17.69 -22.74
N PRO F 223 19.34 18.33 -21.76
CA PRO F 223 19.18 19.79 -21.71
C PRO F 223 20.48 20.56 -21.43
N TRP F 224 20.42 21.89 -21.54
CA TRP F 224 21.61 22.78 -21.48
C TRP F 224 21.48 23.85 -20.41
N ASP F 225 20.49 23.75 -19.51
CA ASP F 225 20.23 24.79 -18.49
C ASP F 225 21.56 25.12 -17.78
N MET F 226 22.35 24.10 -17.45
CA MET F 226 23.52 24.24 -16.55
C MET F 226 24.71 24.81 -17.33
N MET F 227 24.87 24.43 -18.60
CA MET F 227 25.95 24.96 -19.46
C MET F 227 25.71 26.47 -19.65
N ARG F 228 24.45 26.89 -19.79
CA ARG F 228 24.09 28.33 -19.86
C ARG F 228 24.40 29.01 -18.52
N GLU F 229 24.15 28.33 -17.40
CA GLU F 229 24.49 28.86 -16.05
C GLU F 229 25.99 29.15 -16.02
N PHE F 230 26.82 28.23 -16.54
CA PHE F 230 28.29 28.34 -16.54
C PHE F 230 28.70 29.47 -17.48
N ASP F 231 27.98 29.61 -18.59
CA ASP F 231 28.24 30.66 -19.62
C ASP F 231 28.01 32.04 -19.01
N ASP F 232 26.87 32.25 -18.34
CA ASP F 232 26.29 33.62 -18.17
C ASP F 232 26.20 34.02 -16.70
N ASN F 233 26.36 33.12 -15.74
CA ASN F 233 25.89 33.45 -14.36
C ASN F 233 26.71 32.71 -13.30
N ILE F 234 27.95 33.16 -13.05
CA ILE F 234 28.77 32.64 -11.91
C ILE F 234 29.37 33.85 -11.21
N PRO F 235 28.62 34.44 -10.27
CA PRO F 235 29.00 35.68 -9.62
C PRO F 235 30.44 35.74 -9.11
N ALA F 236 30.93 34.67 -8.48
CA ALA F 236 32.16 34.68 -7.63
C ALA F 236 33.43 34.84 -8.49
N ARG F 237 33.33 34.62 -9.80
CA ARG F 237 34.52 34.56 -10.68
C ARG F 237 34.94 35.98 -11.09
N ALA F 238 36.23 36.14 -11.38
CA ALA F 238 36.88 37.43 -11.68
C ALA F 238 36.45 37.93 -13.07
N PHE F 239 36.12 37.03 -14.00
CA PHE F 239 35.68 37.42 -15.35
C PHE F 239 34.96 36.25 -16.04
N ASP F 240 34.12 36.56 -17.02
CA ASP F 240 33.36 35.53 -17.75
C ASP F 240 34.38 34.74 -18.58
N ASN F 241 34.76 33.56 -18.08
CA ASN F 241 35.82 32.74 -18.68
C ASN F 241 35.22 31.51 -19.35
N PHE F 242 33.91 31.49 -19.60
CA PHE F 242 33.18 30.27 -20.06
C PHE F 242 32.23 30.64 -21.21
N GLN F 243 32.39 29.96 -22.35
CA GLN F 243 31.43 30.07 -23.47
C GLN F 243 30.78 28.71 -23.70
N PHE F 244 29.47 28.72 -23.97
CA PHE F 244 28.70 27.53 -24.36
C PHE F 244 28.42 27.58 -25.86
N VAL F 245 28.67 26.48 -26.56
CA VAL F 245 28.40 26.32 -28.01
C VAL F 245 27.52 25.10 -28.20
N ASN F 246 26.26 25.29 -28.56
CA ASN F 246 25.36 24.16 -28.90
C ASN F 246 25.74 23.65 -30.28
N PHE F 247 26.67 22.71 -30.35
CA PHE F 247 27.22 22.17 -31.61
C PHE F 247 26.15 21.36 -32.36
N THR F 248 25.25 20.63 -31.67
CA THR F 248 24.27 19.80 -32.42
C THR F 248 23.18 20.72 -32.99
N GLU F 249 22.78 21.79 -32.28
CA GLU F 249 21.84 22.80 -32.84
C GLU F 249 22.39 23.36 -34.16
N ILE F 250 23.70 23.62 -34.23
CA ILE F 250 24.36 24.25 -35.42
C ILE F 250 24.40 23.23 -36.56
N MET F 251 24.79 21.98 -36.29
CA MET F 251 24.94 20.95 -37.35
C MET F 251 23.57 20.47 -37.83
N ALA F 252 22.52 20.64 -37.01
CA ALA F 252 21.12 20.25 -37.32
C ALA F 252 20.61 21.07 -38.51
N LYS F 253 21.00 22.36 -38.55
CA LYS F 253 20.49 23.35 -39.52
C LYS F 253 20.69 22.89 -40.96
N ASN F 254 19.87 23.43 -41.87
CA ASN F 254 19.64 22.82 -43.22
C ASN F 254 20.69 23.29 -44.23
N LYS F 255 21.37 24.42 -43.93
CA LYS F 255 22.40 25.10 -44.75
C LYS F 255 23.62 24.19 -45.03
N ALA F 256 24.55 24.69 -45.85
CA ALA F 256 25.69 23.93 -46.40
C ALA F 256 26.78 23.81 -45.33
N GLN F 257 27.70 22.85 -45.54
CA GLN F 257 28.71 22.43 -44.53
C GLN F 257 29.51 23.66 -44.09
N SER F 258 30.25 24.28 -45.02
CA SER F 258 31.19 25.40 -44.75
C SER F 258 30.45 26.58 -44.11
N LEU F 259 29.12 26.70 -44.27
CA LEU F 259 28.34 27.79 -43.62
C LEU F 259 28.11 27.49 -42.14
N LYS F 260 28.11 26.21 -41.75
CA LYS F 260 28.00 25.74 -40.35
C LYS F 260 29.37 25.83 -39.68
N GLU F 261 30.43 25.31 -40.33
CA GLU F 261 31.82 25.44 -39.83
C GLU F 261 32.05 26.89 -39.40
N THR F 262 31.65 27.87 -40.22
CA THR F 262 31.80 29.31 -39.93
C THR F 262 30.99 29.66 -38.68
N GLU F 263 29.74 29.22 -38.58
CA GLU F 263 28.86 29.55 -37.43
C GLU F 263 29.46 28.96 -36.14
N PHE F 264 30.05 27.77 -36.23
CA PHE F 264 30.70 27.12 -35.08
C PHE F 264 31.83 28.04 -34.60
N ALA F 265 32.77 28.31 -35.50
CA ALA F 265 33.97 29.16 -35.28
C ALA F 265 33.55 30.49 -34.64
N LEU F 266 32.51 31.12 -35.16
CA LEU F 266 32.01 32.41 -34.60
C LEU F 266 31.59 32.17 -33.15
N SER F 267 30.81 31.12 -32.89
CA SER F 267 30.24 30.83 -31.56
C SER F 267 31.37 30.48 -30.56
N ALA F 268 32.39 29.72 -30.98
CA ALA F 268 33.53 29.32 -30.13
C ALA F 268 34.30 30.57 -29.70
N LEU F 269 34.65 31.40 -30.67
CA LEU F 269 35.54 32.58 -30.52
C LEU F 269 34.78 33.78 -29.95
N MET F 270 33.45 33.73 -29.87
CA MET F 270 32.60 34.89 -29.48
C MET F 270 33.16 35.62 -28.25
N GLU F 271 33.65 34.90 -27.24
CA GLU F 271 33.98 35.53 -25.93
C GLU F 271 35.48 35.79 -25.83
N ILE F 272 36.26 35.39 -26.85
CA ILE F 272 37.75 35.32 -26.75
C ILE F 272 38.35 36.72 -26.73
N PRO F 273 37.96 37.67 -27.62
CA PRO F 273 38.48 39.03 -27.54
C PRO F 273 38.37 39.62 -26.12
N GLN F 274 37.18 39.64 -25.50
CA GLN F 274 37.01 40.30 -24.17
C GLN F 274 37.74 39.45 -23.13
N GLN F 275 37.77 38.13 -23.29
CA GLN F 275 38.43 37.20 -22.34
C GLN F 275 39.94 37.51 -22.36
N TYR F 276 40.56 37.57 -23.54
CA TYR F 276 42.00 37.90 -23.71
C TYR F 276 42.27 39.23 -23.02
N LYS F 277 41.50 40.27 -23.38
CA LYS F 277 41.66 41.62 -22.78
C LYS F 277 41.62 41.49 -21.27
N ALA F 278 40.68 40.70 -20.74
CA ALA F 278 40.50 40.53 -19.29
C ALA F 278 41.82 40.03 -18.68
N THR F 279 42.50 39.08 -19.33
CA THR F 279 43.75 38.47 -18.80
C THR F 279 44.80 39.58 -18.63
N ILE F 280 44.78 40.56 -19.52
CA ILE F 280 45.70 41.74 -19.48
C ILE F 280 45.23 42.70 -18.37
N GLU F 281 44.02 43.23 -18.50
CA GLU F 281 43.49 44.29 -17.59
C GLU F 281 43.44 43.78 -16.14
N LEU F 282 43.30 42.47 -15.92
CA LEU F 282 43.21 41.87 -14.56
C LEU F 282 44.59 41.40 -14.11
N ASN F 283 45.61 41.59 -14.95
CA ASN F 283 47.03 41.42 -14.55
C ASN F 283 47.36 39.93 -14.38
N LEU F 284 46.94 39.11 -15.34
CA LEU F 284 47.10 37.63 -15.32
C LEU F 284 48.07 37.13 -16.39
N LEU F 285 48.01 37.72 -17.59
CA LEU F 285 48.76 37.27 -18.79
C LEU F 285 50.26 37.26 -18.50
N GLY F 286 50.90 36.10 -18.63
CA GLY F 286 52.35 35.95 -18.43
C GLY F 286 52.74 35.94 -16.97
N ARG F 287 51.78 35.83 -16.05
CA ARG F 287 52.04 35.74 -14.60
C ARG F 287 51.68 34.34 -14.07
N ARG F 288 52.46 33.88 -13.08
CA ARG F 288 52.08 32.74 -12.21
C ARG F 288 51.19 33.25 -11.08
N ASN F 289 50.17 32.49 -10.70
CA ASN F 289 49.36 32.74 -9.50
C ASN F 289 50.16 32.32 -8.27
N GLY F 290 50.77 31.13 -8.31
CA GLY F 290 51.65 30.61 -7.25
C GLY F 290 51.02 29.52 -6.41
N TYR F 291 49.69 29.43 -6.31
CA TYR F 291 48.99 28.53 -5.36
C TYR F 291 48.03 27.61 -6.09
N ILE F 292 48.40 27.14 -7.27
CA ILE F 292 47.58 26.18 -8.07
C ILE F 292 48.16 24.79 -7.85
N PRO F 293 47.50 23.91 -7.06
CA PRO F 293 48.07 22.58 -6.84
C PRO F 293 48.19 21.86 -8.19
N GLU F 294 49.35 21.24 -8.43
CA GLU F 294 49.70 20.50 -9.68
C GLU F 294 48.78 19.28 -9.79
N ARG F 295 48.13 19.10 -10.94
CA ARG F 295 47.34 17.88 -11.23
C ARG F 295 48.11 16.96 -12.19
N PHE F 296 48.03 15.66 -11.92
CA PHE F 296 48.69 14.60 -12.72
C PHE F 296 47.64 13.79 -13.46
N PRO F 297 47.70 13.75 -14.80
CA PRO F 297 46.77 12.93 -15.57
C PRO F 297 47.11 11.45 -15.42
N LEU F 298 46.12 10.58 -15.26
CA LEU F 298 46.30 9.11 -15.36
C LEU F 298 46.68 8.76 -16.80
N PRO F 299 47.29 7.59 -17.01
CA PRO F 299 47.60 7.12 -18.37
C PRO F 299 46.35 6.69 -19.11
N PRO F 300 46.42 6.57 -20.45
CA PRO F 300 45.26 6.16 -21.25
C PRO F 300 44.97 4.70 -20.97
N PRO F 301 43.70 4.27 -21.00
CA PRO F 301 43.37 2.87 -20.71
C PRO F 301 43.79 1.95 -21.87
N MET F 302 44.22 0.71 -21.54
CA MET F 302 45.12 -0.18 -22.35
C MET F 302 44.39 -1.49 -22.67
N LYS G 16 17.86 -1.38 34.83
CA LYS G 16 19.00 -2.30 35.22
C LYS G 16 18.67 -2.99 36.55
N LYS G 17 18.07 -2.24 37.49
CA LYS G 17 17.55 -2.72 38.81
C LYS G 17 16.65 -3.95 38.59
N ARG G 18 15.65 -3.81 37.73
CA ARG G 18 14.52 -4.76 37.55
C ARG G 18 14.97 -6.00 36.75
N LEU G 19 15.94 -5.84 35.84
CA LEU G 19 16.49 -6.91 34.95
C LEU G 19 17.39 -7.88 35.74
N GLU G 20 17.94 -7.43 36.88
CA GLU G 20 18.82 -8.24 37.75
C GLU G 20 17.96 -9.13 38.65
N ARG G 21 16.82 -8.61 39.11
CA ARG G 21 15.81 -9.37 39.92
C ARG G 21 15.01 -10.30 38.98
N LYS G 22 15.04 -10.06 37.67
CA LYS G 22 14.49 -11.04 36.69
C LYS G 22 15.38 -12.29 36.65
N TYR G 23 16.69 -12.14 36.82
CA TYR G 23 17.72 -13.21 36.64
C TYR G 23 18.33 -13.62 37.99
N SER G 24 17.76 -13.13 39.09
CA SER G 24 18.08 -13.48 40.50
C SER G 24 18.39 -14.96 40.66
N LYS G 25 17.41 -15.85 40.48
CA LYS G 25 17.63 -17.30 40.66
C LYS G 25 17.08 -18.04 39.45
N ILE G 26 17.77 -19.09 39.02
CA ILE G 26 17.40 -19.88 37.81
C ILE G 26 17.09 -21.29 38.29
N SER G 27 15.83 -21.68 38.25
CA SER G 27 15.38 -23.07 38.59
C SER G 27 15.77 -24.07 37.50
N ASP G 28 15.69 -25.35 37.85
CA ASP G 28 15.78 -26.47 36.89
C ASP G 28 14.50 -26.47 36.05
N ASP G 29 14.56 -25.95 34.82
CA ASP G 29 13.35 -25.74 33.99
C ASP G 29 13.33 -26.72 32.83
N TYR G 30 14.10 -27.81 32.86
CA TYR G 30 14.29 -28.73 31.70
C TYR G 30 14.44 -30.16 32.20
N SER G 31 13.79 -31.12 31.56
CA SER G 31 13.69 -32.53 32.03
C SER G 31 14.49 -33.45 31.11
N SER G 32 14.99 -32.95 29.98
CA SER G 32 15.74 -33.77 29.00
C SER G 32 16.82 -32.92 28.35
N LEU G 33 17.85 -33.57 27.78
CA LEU G 33 18.92 -32.88 27.01
C LEU G 33 18.29 -32.15 25.82
N GLU G 34 17.35 -32.79 25.12
CA GLU G 34 16.68 -32.26 23.89
C GLU G 34 16.03 -30.91 24.23
N GLN G 35 15.30 -30.83 25.35
CA GLN G 35 14.60 -29.58 25.78
C GLN G 35 15.61 -28.43 25.88
N VAL G 36 16.79 -28.72 26.45
CA VAL G 36 17.87 -27.72 26.67
C VAL G 36 18.49 -27.37 25.32
N THR G 37 18.86 -28.37 24.52
CA THR G 37 19.40 -28.18 23.14
C THR G 37 18.48 -27.22 22.38
N GLU G 38 17.16 -27.40 22.51
CA GLU G 38 16.14 -26.57 21.83
C GLU G 38 16.17 -25.17 22.44
N ALA G 39 16.10 -25.08 23.77
CA ALA G 39 16.10 -23.80 24.52
C ALA G 39 17.34 -22.98 24.16
N LEU G 40 18.46 -23.65 23.86
CA LEU G 40 19.73 -23.00 23.47
C LEU G 40 19.61 -22.44 22.06
N ALA G 41 19.00 -23.19 21.13
CA ALA G 41 18.67 -22.72 19.77
C ALA G 41 17.77 -21.47 19.88
N ARG G 42 16.61 -21.61 20.53
CA ARG G 42 15.63 -20.51 20.73
C ARG G 42 16.31 -19.30 21.40
N ALA G 43 17.37 -19.51 22.19
CA ALA G 43 18.09 -18.42 22.89
C ALA G 43 18.99 -17.66 21.90
N GLY G 44 19.39 -18.33 20.82
CA GLY G 44 20.31 -17.81 19.79
C GLY G 44 21.76 -17.97 20.20
N LEU G 45 22.13 -19.08 20.84
CA LEU G 45 23.53 -19.40 21.19
C LEU G 45 24.20 -19.97 19.95
N GLU G 46 25.21 -19.27 19.42
CA GLU G 46 25.87 -19.62 18.13
C GLU G 46 27.35 -20.00 18.36
N SER G 47 27.95 -19.53 19.46
CA SER G 47 29.40 -19.67 19.78
C SER G 47 29.55 -19.77 21.30
N SER G 48 30.32 -20.74 21.78
CA SER G 48 30.71 -20.89 23.21
C SER G 48 32.12 -21.47 23.31
N ASN G 49 32.80 -21.25 24.43
CA ASN G 49 34.11 -21.87 24.74
C ASN G 49 34.12 -22.33 26.20
N LEU G 50 34.83 -23.41 26.48
CA LEU G 50 34.96 -23.95 27.86
C LEU G 50 36.27 -23.45 28.46
N ILE G 51 36.27 -23.31 29.78
CA ILE G 51 37.50 -23.22 30.63
C ILE G 51 37.36 -24.28 31.71
N VAL G 52 38.45 -24.96 32.05
CA VAL G 52 38.41 -26.02 33.11
C VAL G 52 39.35 -25.62 34.24
N GLY G 53 38.86 -25.77 35.47
CA GLY G 53 39.63 -25.61 36.71
C GLY G 53 39.55 -26.87 37.54
N ILE G 54 40.68 -27.33 38.06
CA ILE G 54 40.71 -28.58 38.88
C ILE G 54 41.31 -28.31 40.26
N ASP G 55 40.51 -28.66 41.28
CA ASP G 55 40.81 -28.56 42.73
C ASP G 55 41.86 -29.62 43.10
N PHE G 56 43.06 -29.21 43.45
CA PHE G 56 44.13 -30.10 43.95
C PHE G 56 44.40 -29.78 45.43
N THR G 57 43.36 -29.47 46.21
CA THR G 57 43.51 -29.19 47.67
C THR G 57 43.58 -30.50 48.43
N LYS G 58 44.06 -30.44 49.66
CA LYS G 58 44.34 -31.63 50.51
C LYS G 58 43.02 -32.26 50.94
N SER G 59 41.91 -31.49 51.01
CA SER G 59 40.58 -32.05 51.37
C SER G 59 40.25 -33.26 50.50
N ASN G 60 40.71 -33.27 49.25
CA ASN G 60 40.50 -34.41 48.31
C ASN G 60 41.00 -35.72 48.94
N GLU G 61 41.88 -35.63 49.94
CA GLU G 61 42.47 -36.84 50.60
C GLU G 61 41.37 -37.55 51.40
N TRP G 62 40.45 -36.81 52.02
CA TRP G 62 39.43 -37.40 52.94
C TRP G 62 38.00 -37.31 52.40
N THR G 63 37.74 -36.60 51.31
CA THR G 63 36.37 -36.51 50.73
C THR G 63 36.10 -37.76 49.87
N GLY G 64 36.99 -38.76 49.90
CA GLY G 64 36.78 -40.05 49.22
C GLY G 64 36.29 -41.14 50.16
N ALA G 65 35.99 -40.80 51.42
CA ALA G 65 35.62 -41.74 52.50
C ALA G 65 34.58 -42.73 51.98
N ARG G 66 33.32 -42.31 51.76
CA ARG G 66 32.20 -43.18 51.31
C ARG G 66 32.30 -43.40 49.80
N SER G 67 32.37 -42.32 49.04
CA SER G 67 32.12 -42.30 47.58
C SER G 67 33.25 -43.00 46.81
N PHE G 68 34.46 -43.12 47.34
CA PHE G 68 35.61 -43.69 46.59
C PHE G 68 36.46 -44.60 47.48
N ASN G 69 35.84 -45.25 48.46
CA ASN G 69 36.40 -46.46 49.13
C ASN G 69 37.62 -46.06 49.97
N ARG G 70 37.49 -44.99 50.75
CA ARG G 70 38.48 -44.52 51.76
C ARG G 70 39.78 -44.07 51.06
N LYS G 71 39.80 -43.93 49.73
CA LYS G 71 40.98 -43.39 48.97
C LYS G 71 40.86 -41.88 48.71
N SER G 72 41.95 -41.29 48.23
CA SER G 72 42.05 -39.87 47.80
C SER G 72 41.36 -39.76 46.44
N LEU G 73 40.59 -38.68 46.24
CA LEU G 73 39.89 -38.43 44.96
C LEU G 73 40.92 -38.31 43.83
N HIS G 74 42.18 -37.98 44.15
CA HIS G 74 43.29 -37.83 43.16
C HIS G 74 44.16 -39.08 43.13
N PHE G 75 43.77 -40.17 43.79
CA PHE G 75 44.54 -41.44 43.79
C PHE G 75 44.69 -41.97 42.36
N ILE G 76 45.88 -42.37 41.93
CA ILE G 76 46.10 -43.03 40.62
C ILE G 76 46.16 -44.54 40.82
N GLY G 77 45.09 -45.24 40.45
CA GLY G 77 44.95 -46.71 40.54
C GLY G 77 45.00 -47.36 39.16
N SER G 78 44.42 -48.56 39.01
CA SER G 78 44.28 -49.29 37.73
C SER G 78 43.00 -48.83 37.03
N SER G 79 42.04 -48.34 37.80
CA SER G 79 40.75 -47.80 37.30
C SER G 79 40.66 -46.31 37.61
N PRO G 80 39.84 -45.55 36.87
CA PRO G 80 39.87 -44.09 36.97
C PRO G 80 39.25 -43.55 38.27
N ASN G 81 39.80 -42.45 38.77
CA ASN G 81 39.30 -41.76 40.00
C ASN G 81 38.23 -40.76 39.60
N PRO G 82 37.45 -40.21 40.55
CA PRO G 82 36.34 -39.31 40.20
C PRO G 82 36.74 -38.09 39.34
N TYR G 83 37.97 -37.59 39.47
CA TYR G 83 38.47 -36.47 38.63
C TYR G 83 38.61 -37.00 37.19
N GLU G 84 39.28 -38.13 37.02
CA GLU G 84 39.48 -38.76 35.68
C GLU G 84 38.11 -39.04 35.05
N GLN G 85 37.14 -39.49 35.85
CA GLN G 85 35.79 -39.84 35.35
C GLN G 85 35.10 -38.58 34.81
N ALA G 86 35.08 -37.52 35.63
CA ALA G 86 34.47 -36.22 35.33
C ALA G 86 35.13 -35.63 34.08
N ILE G 87 36.45 -35.61 34.02
CA ILE G 87 37.16 -35.10 32.82
C ILE G 87 36.64 -35.90 31.61
N THR G 88 36.63 -37.22 31.71
CA THR G 88 36.24 -38.12 30.60
C THR G 88 34.80 -37.77 30.18
N ILE G 89 33.85 -37.74 31.12
CA ILE G 89 32.40 -37.53 30.85
C ILE G 89 32.16 -36.09 30.36
N ILE G 90 32.89 -35.09 30.86
CA ILE G 90 32.77 -33.70 30.35
C ILE G 90 33.18 -33.71 28.88
N GLY G 91 34.29 -34.37 28.55
CA GLY G 91 34.77 -34.51 27.16
C GLY G 91 33.77 -35.19 26.25
N ARG G 92 33.01 -36.15 26.77
CA ARG G 92 32.06 -36.94 25.94
C ARG G 92 30.76 -36.18 25.78
N THR G 93 30.35 -35.34 26.74
CA THR G 93 29.02 -34.68 26.76
C THR G 93 29.08 -33.20 26.39
N LEU G 94 30.17 -32.47 26.66
CA LEU G 94 30.16 -30.99 26.52
C LEU G 94 31.23 -30.52 25.53
N ALA G 95 32.02 -31.41 24.92
CA ALA G 95 33.13 -31.01 24.02
C ALA G 95 32.59 -30.14 22.90
N ALA G 96 31.33 -30.39 22.50
CA ALA G 96 30.57 -29.61 21.50
C ALA G 96 30.61 -28.11 21.86
N PHE G 97 30.49 -27.76 23.14
CA PHE G 97 30.36 -26.36 23.60
C PHE G 97 31.70 -25.64 23.62
N ASP G 98 32.81 -26.29 23.25
CA ASP G 98 34.07 -25.57 22.93
C ASP G 98 34.26 -25.58 21.42
N GLU G 99 34.11 -24.43 20.77
CA GLU G 99 33.94 -24.37 19.29
C GLU G 99 35.26 -24.76 18.62
N ASP G 100 36.41 -24.35 19.18
CA ASP G 100 37.75 -24.55 18.55
C ASP G 100 38.44 -25.80 19.11
N ASN G 101 37.81 -26.51 20.05
CA ASN G 101 38.35 -27.74 20.68
C ASN G 101 39.75 -27.50 21.30
N LEU G 102 40.10 -26.25 21.61
CA LEU G 102 41.27 -25.90 22.46
C LEU G 102 40.73 -25.52 23.84
N ILE G 103 41.11 -26.25 24.89
CA ILE G 103 40.52 -26.08 26.26
C ILE G 103 41.59 -25.51 27.18
N PRO G 104 41.44 -24.25 27.65
CA PRO G 104 42.30 -23.73 28.71
C PRO G 104 42.01 -24.53 29.99
N CYS G 105 43.04 -25.11 30.58
CA CYS G 105 42.91 -25.97 31.78
C CYS G 105 43.87 -25.48 32.86
N TYR G 106 43.37 -25.36 34.09
CA TYR G 106 44.12 -24.79 35.24
C TYR G 106 43.94 -25.67 36.48
N GLY G 107 45.01 -25.84 37.23
CA GLY G 107 45.00 -26.43 38.57
C GLY G 107 45.06 -25.34 39.62
N PHE G 108 44.55 -25.61 40.82
CA PHE G 108 44.62 -24.68 41.97
C PHE G 108 44.57 -25.47 43.27
N GLY G 109 45.27 -24.98 44.31
CA GLY G 109 45.22 -25.53 45.67
C GLY G 109 46.33 -26.53 45.97
N ASP G 110 47.23 -26.76 45.03
CA ASP G 110 48.50 -27.50 45.29
C ASP G 110 49.46 -26.55 46.01
N ALA G 111 50.60 -27.07 46.46
CA ALA G 111 51.63 -26.32 47.21
C ALA G 111 52.11 -25.09 46.41
N SER G 112 52.11 -25.15 45.07
CA SER G 112 52.65 -24.07 44.20
C SER G 112 51.68 -22.89 44.11
N THR G 113 50.42 -23.04 44.49
CA THR G 113 49.36 -22.02 44.24
C THR G 113 48.55 -21.67 45.49
N HIS G 114 48.32 -22.63 46.39
CA HIS G 114 47.50 -22.44 47.60
C HIS G 114 46.18 -21.76 47.19
N ASP G 115 45.85 -20.67 47.89
CA ASP G 115 44.56 -19.97 47.74
C ASP G 115 44.80 -18.67 46.96
N GLN G 116 45.99 -18.48 46.38
CA GLN G 116 46.43 -17.19 45.77
C GLN G 116 46.43 -17.30 44.25
N ASP G 117 46.85 -18.44 43.68
CA ASP G 117 47.09 -18.54 42.22
C ASP G 117 46.41 -19.77 41.63
N VAL G 118 46.51 -19.87 40.30
CA VAL G 118 46.25 -21.09 39.48
C VAL G 118 47.51 -21.41 38.70
N PHE G 119 47.67 -22.66 38.24
CA PHE G 119 48.75 -23.04 37.29
C PHE G 119 48.09 -23.56 36.02
N SER G 120 48.70 -23.28 34.86
CA SER G 120 48.29 -23.84 33.54
C SER G 120 48.76 -25.29 33.45
N PHE G 121 47.97 -26.14 32.81
CA PHE G 121 48.29 -27.58 32.60
C PHE G 121 49.50 -27.68 31.66
N ASN G 122 49.69 -26.73 30.76
CA ASN G 122 50.82 -26.76 29.79
C ASN G 122 51.67 -25.50 29.95
N SER G 123 52.91 -25.57 29.48
CA SER G 123 53.86 -24.43 29.53
C SER G 123 53.30 -23.38 28.57
N GLU G 124 53.65 -22.14 28.81
CA GLU G 124 53.27 -20.98 27.95
C GLU G 124 51.77 -20.70 28.09
N ASP G 125 51.06 -21.38 28.98
CA ASP G 125 49.58 -21.44 29.04
C ASP G 125 49.07 -21.85 27.66
N ARG G 126 49.72 -22.83 27.04
CA ARG G 126 49.16 -23.49 25.84
C ARG G 126 47.90 -24.24 26.26
N PHE G 127 46.82 -24.03 25.52
CA PHE G 127 45.51 -24.68 25.77
C PHE G 127 45.67 -26.14 25.40
N CYS G 128 44.93 -27.00 26.10
CA CYS G 128 44.93 -28.46 25.85
C CYS G 128 44.24 -28.74 24.52
N ASN G 129 44.78 -29.69 23.76
CA ASN G 129 44.21 -30.20 22.48
C ASN G 129 43.12 -31.18 22.83
N GLY G 130 41.94 -30.66 23.15
CA GLY G 130 40.75 -31.43 23.49
C GLY G 130 40.86 -32.04 24.87
N PHE G 131 39.77 -32.62 25.34
CA PHE G 131 39.67 -33.31 26.64
C PHE G 131 40.60 -34.54 26.65
N GLU G 132 40.99 -35.06 25.48
CA GLU G 132 42.06 -36.09 25.34
C GLU G 132 43.29 -35.63 26.12
N GLU G 133 43.77 -34.40 25.84
CA GLU G 133 45.02 -33.86 26.44
C GLU G 133 44.75 -33.41 27.87
N VAL G 134 43.54 -32.96 28.21
CA VAL G 134 43.19 -32.59 29.61
C VAL G 134 43.44 -33.83 30.47
N LEU G 135 42.86 -34.96 30.10
CA LEU G 135 43.01 -36.25 30.81
C LEU G 135 44.47 -36.70 30.79
N SER G 136 45.10 -36.76 29.61
CA SER G 136 46.52 -37.12 29.44
C SER G 136 47.36 -36.36 30.49
N ARG G 137 47.17 -35.04 30.59
CA ARG G 137 48.03 -34.14 31.40
C ARG G 137 47.67 -34.26 32.88
N TYR G 138 46.38 -34.41 33.19
CA TYR G 138 45.96 -34.62 34.60
C TYR G 138 46.79 -35.75 35.18
N LYS G 139 46.82 -36.88 34.47
CA LYS G 139 47.58 -38.10 34.86
C LYS G 139 49.08 -37.78 35.00
N GLU G 140 49.69 -37.01 34.10
CA GLU G 140 51.14 -36.67 34.15
C GLU G 140 51.41 -35.72 35.31
N ILE G 141 50.43 -34.89 35.69
CA ILE G 141 50.63 -33.74 36.62
C ILE G 141 50.42 -34.19 38.07
N VAL G 142 49.36 -34.95 38.34
CA VAL G 142 48.88 -35.16 39.74
C VAL G 142 49.93 -35.89 40.57
N PRO G 143 50.74 -36.85 40.04
CA PRO G 143 51.80 -37.49 40.81
C PRO G 143 52.94 -36.54 41.19
N GLN G 144 53.06 -35.40 40.51
CA GLN G 144 54.09 -34.38 40.79
C GLN G 144 53.56 -33.28 41.72
N LEU G 145 52.38 -33.43 42.29
CA LEU G 145 51.69 -32.36 43.04
C LEU G 145 51.78 -32.65 44.54
N LYS G 146 51.83 -31.63 45.37
CA LYS G 146 51.51 -31.73 46.82
C LYS G 146 50.13 -31.11 47.01
N LEU G 147 49.13 -31.95 47.24
CA LEU G 147 47.76 -31.44 47.56
C LEU G 147 47.93 -30.51 48.77
N ALA G 148 47.35 -29.31 48.72
CA ALA G 148 47.60 -28.25 49.71
C ALA G 148 46.31 -27.46 49.94
N GLY G 149 46.41 -26.13 50.03
CA GLY G 149 45.31 -25.25 50.42
C GLY G 149 45.86 -23.91 50.88
N PRO G 150 45.03 -23.02 51.48
CA PRO G 150 43.61 -23.27 51.64
C PRO G 150 42.83 -23.30 50.31
N THR G 151 41.54 -23.61 50.39
CA THR G 151 40.66 -23.80 49.20
C THR G 151 39.86 -22.52 48.93
N SER G 152 40.06 -21.91 47.75
CA SER G 152 39.29 -20.73 47.24
C SER G 152 39.12 -20.84 45.72
N PHE G 153 37.94 -20.43 45.23
CA PHE G 153 37.63 -20.41 43.78
C PHE G 153 37.96 -19.03 43.18
N ALA G 154 38.34 -18.06 44.00
CA ALA G 154 38.68 -16.69 43.53
C ALA G 154 39.70 -16.75 42.38
N PRO G 155 40.86 -17.41 42.54
CA PRO G 155 41.86 -17.41 41.49
C PRO G 155 41.36 -18.03 40.18
N ILE G 156 40.69 -19.18 40.22
CA ILE G 156 40.21 -19.83 38.96
C ILE G 156 39.11 -18.96 38.31
N ILE G 157 38.24 -18.34 39.11
CA ILE G 157 37.19 -17.46 38.55
C ILE G 157 37.88 -16.22 37.96
N ASP G 158 38.89 -15.66 38.63
CA ASP G 158 39.68 -14.52 38.09
C ASP G 158 40.30 -14.93 36.76
N MET G 159 40.88 -16.13 36.70
CA MET G 159 41.54 -16.61 35.47
C MET G 159 40.49 -16.62 34.34
N ALA G 160 39.32 -17.19 34.60
CA ALA G 160 38.21 -17.24 33.62
C ALA G 160 37.83 -15.83 33.21
N MET G 161 37.68 -14.92 34.17
CA MET G 161 37.31 -13.52 33.88
C MET G 161 38.34 -12.92 32.91
N THR G 162 39.62 -13.15 33.15
CA THR G 162 40.73 -12.61 32.32
C THR G 162 40.60 -13.20 30.91
N ILE G 163 40.38 -14.51 30.79
CA ILE G 163 40.23 -15.16 29.46
C ILE G 163 39.09 -14.49 28.71
N VAL G 164 37.96 -14.26 29.38
CA VAL G 164 36.74 -13.71 28.74
C VAL G 164 37.01 -12.28 28.31
N GLU G 165 37.56 -11.48 29.22
CA GLU G 165 37.88 -10.07 28.95
C GLU G 165 38.83 -9.99 27.74
N GLN G 166 39.93 -10.73 27.74
CA GLN G 166 40.93 -10.70 26.64
C GLN G 166 40.31 -11.17 25.31
N SER G 167 39.26 -11.99 25.33
CA SER G 167 38.54 -12.44 24.11
C SER G 167 37.63 -11.33 23.55
N GLY G 168 37.49 -10.22 24.27
CA GLY G 168 36.51 -9.17 23.93
C GLY G 168 35.07 -9.59 24.20
N GLY G 169 34.83 -10.26 25.33
CA GLY G 169 33.48 -10.60 25.81
C GLY G 169 32.86 -11.75 25.04
N GLN G 170 33.65 -12.74 24.62
CA GLN G 170 33.10 -13.98 24.02
C GLN G 170 32.57 -14.86 25.16
N TYR G 171 31.37 -15.39 24.99
CA TYR G 171 30.70 -16.27 25.99
C TYR G 171 31.59 -17.47 26.30
N HIS G 172 31.92 -17.66 27.58
CA HIS G 172 32.65 -18.84 28.08
C HIS G 172 31.87 -19.52 29.20
N VAL G 173 32.07 -20.82 29.33
CA VAL G 173 31.58 -21.63 30.48
C VAL G 173 32.82 -22.16 31.22
N LEU G 174 33.02 -21.67 32.47
CA LEU G 174 34.04 -22.19 33.41
C LEU G 174 33.47 -23.44 34.08
N VAL G 175 34.16 -24.56 33.92
CA VAL G 175 33.80 -25.84 34.57
C VAL G 175 34.85 -26.12 35.64
N ILE G 176 34.45 -25.99 36.91
CA ILE G 176 35.30 -26.27 38.10
C ILE G 176 34.96 -27.67 38.59
N ILE G 177 35.92 -28.58 38.53
CA ILE G 177 35.81 -29.93 39.15
C ILE G 177 36.44 -29.84 40.54
N ALA G 178 35.68 -30.11 41.61
CA ALA G 178 36.09 -29.83 43.00
C ALA G 178 35.31 -30.72 43.98
N ASP G 179 35.84 -30.88 45.20
CA ASP G 179 35.19 -31.67 46.28
C ASP G 179 34.30 -30.74 47.11
N GLY G 180 34.28 -29.45 46.78
CA GLY G 180 33.32 -28.48 47.33
C GLY G 180 33.76 -27.94 48.66
N GLN G 181 34.88 -28.44 49.22
CA GLN G 181 35.31 -28.10 50.60
C GLN G 181 36.18 -26.84 50.57
N VAL G 182 35.51 -25.71 50.37
CA VAL G 182 36.10 -24.35 50.49
C VAL G 182 36.33 -24.11 51.97
N THR G 183 37.45 -23.48 52.29
CA THR G 183 37.90 -23.20 53.67
C THR G 183 36.82 -22.40 54.40
N ARG G 184 36.37 -22.91 55.56
CA ARG G 184 35.27 -22.29 56.34
C ARG G 184 35.58 -22.35 57.85
N SER G 185 35.02 -21.39 58.58
CA SER G 185 35.04 -21.27 60.06
C SER G 185 34.16 -22.34 60.70
N VAL G 186 34.78 -23.43 61.14
CA VAL G 186 34.11 -24.72 61.53
C VAL G 186 33.07 -24.48 62.64
N ASP G 187 33.18 -23.39 63.41
CA ASP G 187 32.34 -23.14 64.63
C ASP G 187 31.39 -21.96 64.45
N THR G 188 31.51 -21.17 63.37
CA THR G 188 30.62 -19.99 63.17
C THR G 188 29.18 -20.51 63.02
N GLU G 189 28.23 -19.87 63.73
CA GLU G 189 26.84 -20.39 63.93
C GLU G 189 25.90 -19.72 62.90
N ASN G 190 25.95 -18.40 62.78
CA ASN G 190 25.37 -17.64 61.64
C ASN G 190 26.19 -17.94 60.37
N GLY G 191 25.91 -17.21 59.28
CA GLY G 191 26.69 -17.28 58.03
C GLY G 191 27.73 -16.17 57.97
N GLN G 192 28.69 -16.15 58.91
CA GLN G 192 29.87 -15.25 58.90
C GLN G 192 31.01 -15.96 58.15
N LEU G 193 31.67 -15.27 57.22
CA LEU G 193 32.39 -15.92 56.09
C LEU G 193 33.91 -15.94 56.32
N SER G 194 34.56 -17.05 56.03
CA SER G 194 36.05 -17.16 55.98
C SER G 194 36.58 -16.16 54.94
N PRO G 195 37.88 -15.80 54.99
CA PRO G 195 38.48 -15.01 53.91
C PRO G 195 38.33 -15.68 52.54
N GLN G 196 38.40 -17.01 52.52
CA GLN G 196 38.35 -17.82 51.28
C GLN G 196 36.95 -17.72 50.69
N GLU G 197 35.91 -17.98 51.49
CA GLU G 197 34.50 -17.78 51.10
C GLU G 197 34.32 -16.35 50.58
N GLN G 198 34.76 -15.36 51.36
CA GLN G 198 34.48 -13.94 51.06
C GLN G 198 35.07 -13.62 49.69
N LYS G 199 36.31 -14.01 49.43
CA LYS G 199 37.02 -13.68 48.16
C LYS G 199 36.34 -14.44 47.02
N THR G 200 35.90 -15.67 47.27
CA THR G 200 35.20 -16.54 46.28
C THR G 200 33.86 -15.89 45.90
N VAL G 201 33.12 -15.40 46.88
CA VAL G 201 31.83 -14.69 46.63
C VAL G 201 32.12 -13.41 45.86
N ASP G 202 33.10 -12.61 46.29
CA ASP G 202 33.46 -11.34 45.62
C ASP G 202 33.77 -11.64 44.14
N ALA G 203 34.39 -12.79 43.88
CA ALA G 203 34.82 -13.21 42.53
C ALA G 203 33.58 -13.57 41.71
N ILE G 204 32.69 -14.37 42.27
CA ILE G 204 31.38 -14.71 41.62
C ILE G 204 30.64 -13.40 41.29
N VAL G 205 30.66 -12.43 42.18
CA VAL G 205 29.98 -11.12 41.96
C VAL G 205 30.68 -10.38 40.82
N GLN G 206 31.99 -10.18 40.92
CA GLN G 206 32.84 -9.53 39.87
C GLN G 206 32.51 -10.16 38.50
N ALA G 207 32.37 -11.48 38.45
CA ALA G 207 32.24 -12.26 37.20
C ALA G 207 30.88 -12.05 36.55
N SER G 208 29.91 -11.50 37.28
CA SER G 208 28.57 -11.23 36.73
C SER G 208 28.60 -9.90 35.95
N LYS G 209 29.78 -9.28 35.87
CA LYS G 209 30.01 -8.11 34.99
C LYS G 209 30.49 -8.60 33.61
N LEU G 210 30.53 -9.92 33.39
CA LEU G 210 31.12 -10.55 32.19
C LEU G 210 30.26 -11.70 31.70
N PRO G 211 30.32 -11.99 30.38
CA PRO G 211 29.54 -13.09 29.81
C PRO G 211 30.18 -14.44 30.14
N LEU G 212 30.08 -14.81 31.41
CA LEU G 212 30.72 -16.02 31.98
C LEU G 212 29.68 -16.79 32.78
N SER G 213 29.50 -18.06 32.39
CA SER G 213 28.74 -19.07 33.15
C SER G 213 29.73 -19.93 33.93
N ILE G 214 29.37 -20.29 35.16
CA ILE G 214 30.18 -21.18 36.04
C ILE G 214 29.36 -22.45 36.32
N VAL G 215 30.02 -23.60 36.22
CA VAL G 215 29.42 -24.93 36.52
C VAL G 215 30.40 -25.67 37.43
N LEU G 216 29.97 -25.92 38.67
CA LEU G 216 30.72 -26.69 39.67
C LEU G 216 30.34 -28.15 39.51
N VAL G 217 31.24 -28.97 38.98
CA VAL G 217 31.11 -30.45 38.91
C VAL G 217 31.67 -31.01 40.23
N GLY G 218 30.79 -31.27 41.19
CA GLY G 218 31.14 -31.81 42.52
C GLY G 218 31.51 -33.28 42.46
N VAL G 219 32.69 -33.64 42.95
CA VAL G 219 33.11 -35.05 43.13
C VAL G 219 33.24 -35.34 44.63
N GLY G 220 33.10 -36.61 45.01
CA GLY G 220 33.25 -37.07 46.40
C GLY G 220 32.03 -36.80 47.27
N ASP G 221 32.26 -36.84 48.59
CA ASP G 221 31.23 -37.04 49.63
C ASP G 221 30.49 -35.74 49.93
N GLY G 222 31.03 -34.58 49.59
CA GLY G 222 30.51 -33.32 50.15
C GLY G 222 31.01 -33.17 51.58
N PRO G 223 30.36 -32.38 52.46
CA PRO G 223 29.04 -31.81 52.19
C PRO G 223 29.02 -30.73 51.10
N TRP G 224 27.82 -30.28 50.71
CA TRP G 224 27.62 -29.38 49.55
C TRP G 224 26.87 -28.10 49.92
N ASP G 225 26.70 -27.82 51.21
CA ASP G 225 25.91 -26.66 51.71
C ASP G 225 26.37 -25.40 50.95
N MET G 226 27.69 -25.24 50.77
CA MET G 226 28.27 -23.97 50.29
C MET G 226 28.13 -23.88 48.76
N MET G 227 28.27 -25.00 48.05
CA MET G 227 28.10 -25.06 46.58
C MET G 227 26.65 -24.67 46.26
N ARG G 228 25.68 -25.13 47.06
CA ARG G 228 24.26 -24.74 46.93
C ARG G 228 24.09 -23.25 47.20
N GLU G 229 24.82 -22.71 48.18
CA GLU G 229 24.79 -21.26 48.48
C GLU G 229 25.22 -20.49 47.23
N PHE G 230 26.27 -20.97 46.56
CA PHE G 230 26.85 -20.32 45.35
C PHE G 230 25.84 -20.47 44.21
N ASP G 231 25.17 -21.61 44.13
CA ASP G 231 24.17 -21.92 43.08
C ASP G 231 22.98 -20.94 43.20
N ASP G 232 22.42 -20.77 44.40
CA ASP G 232 21.03 -20.30 44.56
C ASP G 232 20.94 -18.95 45.29
N ASN G 233 21.99 -18.48 45.94
CA ASN G 233 21.77 -17.40 46.93
C ASN G 233 23.01 -16.52 47.07
N ILE G 234 23.25 -15.62 46.11
CA ILE G 234 24.30 -14.57 46.23
C ILE G 234 23.69 -13.25 45.79
N PRO G 235 23.04 -12.55 46.71
CA PRO G 235 22.28 -11.34 46.40
C PRO G 235 23.01 -10.32 45.52
N ALA G 236 24.30 -10.06 45.79
CA ALA G 236 25.03 -8.87 45.25
C ALA G 236 25.31 -9.00 43.75
N ARG G 237 25.17 -10.20 43.19
CA ARG G 237 25.58 -10.47 41.79
C ARG G 237 24.47 -10.05 40.83
N ALA G 238 24.85 -9.69 39.61
CA ALA G 238 23.97 -9.15 38.55
C ALA G 238 23.05 -10.25 38.01
N PHE G 239 23.46 -11.51 38.05
CA PHE G 239 22.62 -12.63 37.57
C PHE G 239 23.15 -13.96 38.09
N ASP G 240 22.29 -14.98 38.15
CA ASP G 240 22.67 -16.32 38.64
C ASP G 240 23.64 -16.90 37.62
N ASN G 241 24.94 -16.82 37.91
CA ASN G 241 26.02 -17.23 36.98
C ASN G 241 26.65 -18.53 37.45
N PHE G 242 26.03 -19.27 38.38
CA PHE G 242 26.65 -20.44 39.04
C PHE G 242 25.66 -21.62 39.07
N GLN G 243 26.08 -22.76 38.53
CA GLN G 243 25.30 -24.03 38.65
C GLN G 243 26.13 -25.04 39.44
N PHE G 244 25.47 -25.79 40.32
CA PHE G 244 26.05 -26.93 41.07
C PHE G 244 25.56 -28.24 40.44
N VAL G 245 26.47 -29.17 40.19
CA VAL G 245 26.17 -30.52 39.66
C VAL G 245 26.81 -31.55 40.60
N ASN G 246 26.00 -32.29 41.34
CA ASN G 246 26.49 -33.39 42.20
C ASN G 246 26.83 -34.60 41.29
N PHE G 247 28.04 -34.65 40.78
CA PHE G 247 28.49 -35.67 39.82
C PHE G 247 28.54 -37.05 40.49
N THR G 248 28.91 -37.18 41.77
CA THR G 248 29.04 -38.54 42.38
C THR G 248 27.62 -39.05 42.66
N GLU G 249 26.67 -38.19 43.08
CA GLU G 249 25.25 -38.61 43.25
C GLU G 249 24.72 -39.21 41.93
N ILE G 250 25.07 -38.64 40.78
CA ILE G 250 24.59 -39.08 39.44
C ILE G 250 25.24 -40.41 39.08
N MET G 251 26.55 -40.56 39.26
CA MET G 251 27.27 -41.79 38.86
C MET G 251 26.96 -42.94 39.84
N ALA G 252 26.51 -42.62 41.06
CA ALA G 252 26.13 -43.59 42.11
C ALA G 252 24.94 -44.43 41.64
N LYS G 253 24.00 -43.77 40.95
CA LYS G 253 22.68 -44.33 40.57
C LYS G 253 22.85 -45.65 39.78
N ASN G 254 21.76 -46.42 39.79
CA ASN G 254 21.66 -47.85 39.38
C ASN G 254 21.67 -48.01 37.85
N LYS G 255 21.18 -47.00 37.11
CA LYS G 255 20.92 -47.05 35.64
C LYS G 255 22.23 -47.22 34.85
N ALA G 256 22.12 -47.34 33.52
CA ALA G 256 23.24 -47.65 32.60
C ALA G 256 24.06 -46.39 32.35
N GLN G 257 25.30 -46.57 31.87
CA GLN G 257 26.33 -45.51 31.73
C GLN G 257 25.76 -44.33 30.94
N SER G 258 25.41 -44.56 29.67
CA SER G 258 24.99 -43.47 28.73
C SER G 258 23.73 -42.77 29.25
N LEU G 259 22.96 -43.38 30.15
CA LEU G 259 21.76 -42.72 30.74
C LEU G 259 22.19 -41.72 31.83
N LYS G 260 23.34 -41.94 32.47
CA LYS G 260 23.97 -41.04 33.47
C LYS G 260 24.68 -39.88 32.75
N GLU G 261 25.52 -40.21 31.74
CA GLU G 261 26.18 -39.20 30.88
C GLU G 261 25.14 -38.15 30.47
N THR G 262 23.97 -38.58 30.02
CA THR G 262 22.86 -37.68 29.60
C THR G 262 22.40 -36.83 30.80
N GLU G 263 22.20 -37.44 31.97
CA GLU G 263 21.72 -36.70 33.17
C GLU G 263 22.77 -35.66 33.59
N PHE G 264 24.05 -35.99 33.46
CA PHE G 264 25.16 -35.06 33.77
C PHE G 264 25.00 -33.82 32.87
N ALA G 265 25.03 -34.07 31.55
CA ALA G 265 24.93 -33.06 30.48
C ALA G 265 23.72 -32.14 30.75
N LEU G 266 22.58 -32.73 31.08
CA LEU G 266 21.36 -31.95 31.38
C LEU G 266 21.65 -31.03 32.58
N SER G 267 22.23 -31.58 33.65
CA SER G 267 22.47 -30.84 34.93
C SER G 267 23.48 -29.70 34.70
N ALA G 268 24.53 -29.94 33.89
CA ALA G 268 25.57 -28.93 33.57
C ALA G 268 24.94 -27.74 32.85
N LEU G 269 24.19 -28.05 31.79
CA LEU G 269 23.62 -27.07 30.84
C LEU G 269 22.32 -26.43 31.40
N MET G 270 21.77 -26.96 32.48
CA MET G 270 20.47 -26.52 33.04
C MET G 270 20.35 -24.98 33.11
N GLU G 271 21.40 -24.25 33.47
CA GLU G 271 21.24 -22.79 33.75
C GLU G 271 21.72 -21.97 32.55
N ILE G 272 22.24 -22.63 31.50
CA ILE G 272 22.98 -21.96 30.39
C ILE G 272 22.04 -21.11 29.54
N PRO G 273 20.87 -21.61 29.09
CA PRO G 273 19.94 -20.77 28.34
C PRO G 273 19.66 -19.42 29.02
N GLN G 274 19.22 -19.39 30.29
CA GLN G 274 18.83 -18.12 30.96
C GLN G 274 20.11 -17.31 31.20
N GLN G 275 21.25 -17.98 31.47
CA GLN G 275 22.55 -17.30 31.73
C GLN G 275 22.96 -16.57 30.45
N TYR G 276 22.94 -17.26 29.29
CA TYR G 276 23.28 -16.68 27.98
C TYR G 276 22.39 -15.46 27.75
N LYS G 277 21.07 -15.64 27.87
CA LYS G 277 20.09 -14.53 27.69
C LYS G 277 20.52 -13.35 28.56
N ALA G 278 20.89 -13.62 29.81
CA ALA G 278 21.28 -12.58 30.78
C ALA G 278 22.43 -11.76 30.20
N THR G 279 23.42 -12.42 29.58
CA THR G 279 24.63 -11.73 29.05
C THR G 279 24.20 -10.73 27.98
N ILE G 280 23.14 -11.05 27.25
CA ILE G 280 22.56 -10.16 26.20
C ILE G 280 21.77 -9.04 26.89
N GLU G 281 20.73 -9.39 27.64
CA GLU G 281 19.79 -8.41 28.26
C GLU G 281 20.54 -7.45 29.19
N LEU G 282 21.66 -7.88 29.78
CA LEU G 282 22.45 -7.05 30.73
C LEU G 282 23.59 -6.34 30.00
N ASN G 283 23.68 -6.54 28.69
CA ASN G 283 24.55 -5.73 27.80
C ASN G 283 26.02 -6.09 28.04
N LEU G 284 26.34 -7.39 28.10
CA LEU G 284 27.68 -7.92 28.42
C LEU G 284 28.30 -8.63 27.21
N LEU G 285 27.50 -9.39 26.47
CA LEU G 285 27.96 -10.27 25.37
C LEU G 285 28.69 -9.43 24.30
N GLY G 286 29.94 -9.76 24.03
CA GLY G 286 30.77 -9.10 23.00
C GLY G 286 31.27 -7.76 23.45
N ARG G 287 31.14 -7.43 24.75
CA ARG G 287 31.67 -6.17 25.33
C ARG G 287 32.85 -6.47 26.28
N ARG G 288 33.82 -5.56 26.31
CA ARG G 288 34.82 -5.48 27.39
C ARG G 288 34.22 -4.67 28.54
N ASN G 289 34.49 -5.08 29.77
CA ASN G 289 34.16 -4.29 30.98
C ASN G 289 35.16 -3.13 31.11
N GLY G 290 36.46 -3.42 30.94
CA GLY G 290 37.53 -2.43 30.93
C GLY G 290 38.39 -2.47 32.19
N TYR G 291 37.87 -2.94 33.32
CA TYR G 291 38.55 -2.80 34.65
C TYR G 291 38.72 -4.17 35.31
N ILE G 292 39.03 -5.19 34.51
CA ILE G 292 39.30 -6.56 35.04
C ILE G 292 40.81 -6.73 35.08
N PRO G 293 41.44 -6.71 36.27
CA PRO G 293 42.89 -6.85 36.33
C PRO G 293 43.28 -8.21 35.74
N GLU G 294 44.30 -8.22 34.89
CA GLU G 294 44.84 -9.41 34.18
C GLU G 294 45.43 -10.37 35.21
N ARG G 295 45.02 -11.64 35.16
CA ARG G 295 45.65 -12.71 35.97
C ARG G 295 46.59 -13.55 35.11
N PHE G 296 47.76 -13.89 35.68
CA PHE G 296 48.81 -14.69 35.02
C PHE G 296 48.92 -16.04 35.70
N PRO G 297 48.69 -17.14 34.96
CA PRO G 297 48.80 -18.47 35.54
C PRO G 297 50.27 -18.84 35.76
N LEU G 298 50.60 -19.45 36.90
CA LEU G 298 51.92 -20.09 37.13
C LEU G 298 52.07 -21.25 36.17
N PRO G 299 53.33 -21.68 35.91
CA PRO G 299 53.58 -22.85 35.08
C PRO G 299 53.22 -24.14 35.81
N PRO G 300 53.07 -25.26 35.07
CA PRO G 300 52.70 -26.55 35.67
C PRO G 300 53.88 -27.07 36.48
N PRO G 301 53.64 -27.75 37.62
CA PRO G 301 54.72 -28.10 38.54
C PRO G 301 55.55 -29.28 38.03
N MET G 302 56.75 -29.39 38.59
CA MET G 302 57.61 -30.62 38.65
C MET G 302 57.63 -31.11 40.10
N SER H 13 0.68 -45.20 19.61
CA SER H 13 1.17 -45.99 20.80
C SER H 13 2.60 -46.53 20.57
N ASP H 14 3.36 -45.88 19.68
CA ASP H 14 4.85 -45.87 19.64
C ASP H 14 5.34 -44.94 20.76
N ASN H 15 4.64 -43.81 20.91
CA ASN H 15 4.83 -42.77 21.94
C ASN H 15 4.55 -43.36 23.33
N LYS H 16 3.34 -43.92 23.53
CA LYS H 16 2.79 -44.44 24.83
C LYS H 16 3.81 -45.39 25.47
N LYS H 17 4.44 -46.25 24.65
CA LYS H 17 5.49 -47.22 25.03
C LYS H 17 6.60 -46.49 25.80
N ARG H 18 7.15 -45.42 25.21
CA ARG H 18 8.38 -44.73 25.64
C ARG H 18 8.10 -43.84 26.87
N LEU H 19 6.88 -43.31 26.99
CA LEU H 19 6.43 -42.38 28.08
C LEU H 19 6.21 -43.15 29.39
N GLU H 20 5.96 -44.47 29.31
CA GLU H 20 5.72 -45.34 30.50
C GLU H 20 7.07 -45.74 31.10
N ARG H 21 8.08 -45.98 30.24
CA ARG H 21 9.48 -46.27 30.67
C ARG H 21 10.18 -44.98 31.11
N LYS H 22 9.64 -43.81 30.76
CA LYS H 22 10.10 -42.52 31.33
C LYS H 22 9.69 -42.43 32.82
N TYR H 23 8.54 -42.99 33.18
CA TYR H 23 7.89 -42.85 34.52
C TYR H 23 7.93 -44.18 35.29
N SER H 24 8.66 -45.17 34.77
CA SER H 24 8.95 -46.50 35.38
C SER H 24 9.17 -46.40 36.89
N LYS H 25 10.26 -45.76 37.32
CA LYS H 25 10.56 -45.65 38.77
C LYS H 25 10.89 -44.21 39.11
N ILE H 26 10.46 -43.74 40.27
CA ILE H 26 10.63 -42.34 40.72
C ILE H 26 11.50 -42.38 41.97
N SER H 27 12.75 -41.91 41.85
CA SER H 27 13.68 -41.79 43.00
C SER H 27 13.30 -40.65 43.93
N ASP H 28 13.88 -40.66 45.11
CA ASP H 28 13.85 -39.53 46.07
C ASP H 28 14.71 -38.41 45.47
N ASP H 29 14.10 -37.39 44.86
CA ASP H 29 14.84 -36.34 44.12
C ASP H 29 14.79 -35.03 44.87
N TYR H 30 14.43 -35.02 46.16
CA TYR H 30 14.18 -33.76 46.92
C TYR H 30 14.66 -33.95 48.37
N SER H 31 15.36 -32.97 48.92
CA SER H 31 16.07 -33.07 50.22
C SER H 31 15.36 -32.23 51.27
N SER H 32 14.40 -31.40 50.87
CA SER H 32 13.64 -30.51 51.81
C SER H 32 12.20 -30.39 51.35
N LEU H 33 11.30 -30.00 52.25
CA LEU H 33 9.88 -29.71 51.93
C LEU H 33 9.81 -28.59 50.89
N GLU H 34 10.62 -27.54 51.05
CA GLU H 34 10.66 -26.33 50.18
C GLU H 34 10.90 -26.77 48.72
N GLN H 35 11.90 -27.65 48.50
CA GLN H 35 12.26 -28.15 47.15
C GLN H 35 11.02 -28.77 46.49
N VAL H 36 10.26 -29.55 47.25
CA VAL H 36 9.05 -30.28 46.78
C VAL H 36 7.94 -29.25 46.53
N THR H 37 7.68 -28.37 47.49
CA THR H 37 6.68 -27.26 47.36
C THR H 37 6.92 -26.54 46.03
N GLU H 38 8.20 -26.28 45.72
CA GLU H 38 8.62 -25.56 44.48
C GLU H 38 8.33 -26.48 43.28
N ALA H 39 8.81 -27.72 43.34
CA ALA H 39 8.65 -28.72 42.26
C ALA H 39 7.16 -28.93 41.94
N LEU H 40 6.29 -28.78 42.94
CA LEU H 40 4.82 -28.91 42.79
C LEU H 40 4.28 -27.71 42.03
N ALA H 41 4.74 -26.50 42.37
CA ALA H 41 4.42 -25.26 41.63
C ALA H 41 4.86 -25.45 40.16
N ARG H 42 6.15 -25.71 39.94
CA ARG H 42 6.74 -25.90 38.58
C ARG H 42 5.98 -26.99 37.83
N ALA H 43 5.38 -27.97 38.52
CA ALA H 43 4.62 -29.07 37.88
C ALA H 43 3.24 -28.59 37.40
N GLY H 44 2.75 -27.51 38.02
CA GLY H 44 1.43 -26.91 37.73
C GLY H 44 0.33 -27.61 38.48
N LEU H 45 0.55 -28.03 39.73
CA LEU H 45 -0.49 -28.66 40.59
C LEU H 45 -1.34 -27.54 41.18
N GLU H 46 -2.62 -27.49 40.82
CA GLU H 46 -3.56 -26.40 41.18
C GLU H 46 -4.68 -26.91 42.10
N SER H 47 -4.97 -28.22 42.06
CA SER H 47 -6.11 -28.85 42.75
C SER H 47 -5.71 -30.29 43.09
N SER H 48 -5.96 -30.73 44.33
CA SER H 48 -5.78 -32.13 44.79
C SER H 48 -6.83 -32.45 45.85
N ASN H 49 -7.14 -33.73 46.03
CA ASN H 49 -8.02 -34.23 47.13
C ASN H 49 -7.41 -35.48 47.73
N LEU H 50 -7.60 -35.68 49.03
CA LEU H 50 -7.09 -36.87 49.75
C LEU H 50 -8.21 -37.89 49.87
N ILE H 51 -7.83 -39.16 49.87
CA ILE H 51 -8.67 -40.30 50.33
C ILE H 51 -7.85 -41.05 51.38
N VAL H 52 -8.51 -41.49 52.46
CA VAL H 52 -7.81 -42.22 53.55
C VAL H 52 -8.38 -43.62 53.67
N GLY H 53 -7.49 -44.59 53.78
CA GLY H 53 -7.81 -46.00 54.03
C GLY H 53 -7.07 -46.49 55.24
N ILE H 54 -7.76 -47.18 56.14
CA ILE H 54 -7.14 -47.65 57.40
C ILE H 54 -7.28 -49.16 57.53
N ASP H 55 -6.13 -49.82 57.70
CA ASP H 55 -5.93 -51.28 57.90
C ASP H 55 -6.43 -51.65 59.30
N PHE H 56 -7.52 -52.40 59.39
CA PHE H 56 -8.03 -52.96 60.67
C PHE H 56 -7.87 -54.49 60.66
N THR H 57 -6.76 -55.01 60.10
CA THR H 57 -6.50 -56.47 60.09
C THR H 57 -5.90 -56.89 61.42
N LYS H 58 -5.93 -58.20 61.69
CA LYS H 58 -5.54 -58.78 62.99
C LYS H 58 -4.02 -58.69 63.14
N SER H 59 -3.25 -58.63 62.03
CA SER H 59 -1.76 -58.50 62.11
C SER H 59 -1.38 -57.31 62.99
N ASN H 60 -2.21 -56.27 63.01
CA ASN H 60 -1.98 -55.07 63.86
C ASN H 60 -1.81 -55.48 65.32
N GLU H 61 -2.28 -56.68 65.70
CA GLU H 61 -2.21 -57.16 67.11
C GLU H 61 -0.75 -57.45 67.47
N TRP H 62 0.04 -57.96 66.53
CA TRP H 62 1.43 -58.40 66.83
C TRP H 62 2.51 -57.54 66.15
N THR H 63 2.15 -56.62 65.25
CA THR H 63 3.15 -55.73 64.60
C THR H 63 3.48 -54.56 65.54
N GLY H 64 3.01 -54.60 66.79
CA GLY H 64 3.38 -53.59 67.81
C GLY H 64 4.47 -54.08 68.75
N ALA H 65 5.04 -55.25 68.49
CA ALA H 65 6.03 -55.94 69.36
C ALA H 65 7.10 -54.94 69.83
N ARG H 66 8.02 -54.52 68.94
CA ARG H 66 9.12 -53.58 69.28
C ARG H 66 8.62 -52.14 69.32
N SER H 67 7.96 -51.70 68.24
CA SER H 67 7.70 -50.28 67.96
C SER H 67 6.65 -49.69 68.90
N PHE H 68 5.78 -50.48 69.53
CA PHE H 68 4.68 -49.95 70.37
C PHE H 68 4.50 -50.78 71.64
N ASN H 69 5.59 -51.38 72.14
CA ASN H 69 5.70 -51.85 73.54
C ASN H 69 4.76 -53.06 73.75
N ARG H 70 4.80 -54.01 72.81
CA ARG H 70 4.11 -55.33 72.89
C ARG H 70 2.59 -55.14 72.87
N LYS H 71 2.07 -53.94 72.57
CA LYS H 71 0.60 -53.68 72.42
C LYS H 71 0.15 -53.77 70.94
N SER H 72 -1.17 -53.77 70.73
CA SER H 72 -1.84 -53.72 69.41
C SER H 72 -1.72 -52.31 68.87
N LEU H 73 -1.43 -52.17 67.57
CA LEU H 73 -1.32 -50.83 66.93
C LEU H 73 -2.67 -50.10 67.04
N HIS H 74 -3.78 -50.83 67.23
CA HIS H 74 -5.15 -50.24 67.37
C HIS H 74 -5.57 -50.17 68.84
N PHE H 75 -4.65 -50.41 69.78
CA PHE H 75 -4.95 -50.36 71.23
C PHE H 75 -5.46 -48.96 71.59
N ILE H 76 -6.55 -48.86 72.35
CA ILE H 76 -7.05 -47.56 72.89
C ILE H 76 -6.58 -47.40 74.33
N GLY H 77 -5.58 -46.53 74.53
CA GLY H 77 -4.98 -46.19 75.83
C GLY H 77 -5.38 -44.74 76.18
N SER H 78 -4.64 -44.08 77.08
CA SER H 78 -4.82 -42.65 77.44
C SER H 78 -4.03 -41.77 76.47
N SER H 79 -3.00 -42.35 75.87
CA SER H 79 -2.11 -41.67 74.90
C SER H 79 -2.26 -42.34 73.53
N PRO H 80 -1.96 -41.61 72.43
CA PRO H 80 -2.33 -42.06 71.11
C PRO H 80 -1.50 -43.22 70.57
N ASN H 81 -2.13 -44.11 69.81
CA ASN H 81 -1.49 -45.29 69.17
C ASN H 81 -0.96 -44.86 67.81
N PRO H 82 -0.11 -45.67 67.14
CA PRO H 82 0.48 -45.25 65.86
C PRO H 82 -0.53 -44.85 64.76
N TYR H 83 -1.74 -45.41 64.77
CA TYR H 83 -2.80 -45.01 63.82
C TYR H 83 -3.24 -43.59 64.17
N GLU H 84 -3.54 -43.34 65.44
CA GLU H 84 -3.98 -42.00 65.92
C GLU H 84 -2.88 -40.98 65.61
N GLN H 85 -1.60 -41.36 65.77
CA GLN H 85 -0.44 -40.46 65.55
C GLN H 85 -0.40 -40.06 64.08
N ALA H 86 -0.43 -41.06 63.19
CA ALA H 86 -0.38 -40.91 61.73
C ALA H 86 -1.56 -40.06 61.27
N ILE H 87 -2.77 -40.36 61.71
CA ILE H 87 -3.96 -39.53 61.36
C ILE H 87 -3.65 -38.09 61.76
N THR H 88 -3.18 -37.87 63.00
CA THR H 88 -2.93 -36.53 63.55
C THR H 88 -1.87 -35.83 62.66
N ILE H 89 -0.74 -36.48 62.41
CA ILE H 89 0.40 -35.88 61.64
C ILE H 89 0.01 -35.68 60.17
N ILE H 90 -0.78 -36.56 59.58
CA ILE H 90 -1.28 -36.36 58.18
C ILE H 90 -2.12 -35.08 58.17
N GLY H 91 -3.02 -34.93 59.14
CA GLY H 91 -3.86 -33.73 59.30
C GLY H 91 -3.05 -32.45 59.46
N ARG H 92 -1.89 -32.53 60.11
CA ARG H 92 -1.07 -31.33 60.41
C ARG H 92 -0.20 -31.00 59.20
N THR H 93 0.22 -31.97 58.40
CA THR H 93 1.20 -31.78 57.31
C THR H 93 0.55 -31.77 55.91
N LEU H 94 -0.56 -32.48 55.67
CA LEU H 94 -1.06 -32.67 54.29
C LEU H 94 -2.48 -32.13 54.13
N ALA H 95 -3.11 -31.59 55.17
CA ALA H 95 -4.54 -31.17 55.11
C ALA H 95 -4.74 -30.17 53.97
N ALA H 96 -3.69 -29.39 53.68
CA ALA H 96 -3.60 -28.42 52.55
C ALA H 96 -3.96 -29.11 51.25
N PHE H 97 -3.52 -30.35 51.04
CA PHE H 97 -3.67 -31.08 49.75
C PHE H 97 -5.08 -31.64 49.57
N ASP H 98 -5.99 -31.45 50.53
CA ASP H 98 -7.44 -31.68 50.30
C ASP H 98 -8.12 -30.31 50.18
N GLU H 99 -8.54 -29.93 48.97
CA GLU H 99 -8.91 -28.52 48.67
C GLU H 99 -10.21 -28.19 49.42
N ASP H 100 -11.16 -29.11 49.54
CA ASP H 100 -12.49 -28.83 50.14
C ASP H 100 -12.54 -29.24 51.63
N ASN H 101 -11.45 -29.78 52.17
CA ASN H 101 -11.34 -30.21 53.58
C ASN H 101 -12.44 -31.22 53.96
N LEU H 102 -13.04 -31.91 52.98
CA LEU H 102 -13.92 -33.08 53.20
C LEU H 102 -13.09 -34.31 52.81
N ILE H 103 -12.86 -35.24 53.74
CA ILE H 103 -11.95 -36.39 53.55
C ILE H 103 -12.77 -37.68 53.50
N PRO H 104 -12.86 -38.36 52.33
CA PRO H 104 -13.43 -39.71 52.27
C PRO H 104 -12.51 -40.64 53.06
N CYS H 105 -13.07 -41.34 54.04
CA CYS H 105 -12.28 -42.22 54.93
C CYS H 105 -12.93 -43.60 54.96
N TYR H 106 -12.12 -44.65 54.82
CA TYR H 106 -12.58 -46.06 54.69
C TYR H 106 -11.72 -46.96 55.60
N GLY H 107 -12.38 -47.92 56.23
CA GLY H 107 -11.74 -49.03 56.94
C GLY H 107 -11.76 -50.29 56.08
N PHE H 108 -10.82 -51.19 56.29
CA PHE H 108 -10.78 -52.51 55.60
C PHE H 108 -10.05 -53.52 56.48
N GLY H 109 -10.48 -54.78 56.42
CA GLY H 109 -9.81 -55.92 57.07
C GLY H 109 -10.39 -56.28 58.43
N ASP H 110 -11.45 -55.59 58.86
CA ASP H 110 -12.26 -56.00 60.02
C ASP H 110 -13.16 -57.16 59.58
N ALA H 111 -13.88 -57.77 60.53
CA ALA H 111 -14.77 -58.92 60.29
C ALA H 111 -15.83 -58.57 59.24
N SER H 112 -16.26 -57.32 59.13
CA SER H 112 -17.36 -56.90 58.22
C SER H 112 -16.90 -56.81 56.76
N THR H 113 -15.60 -56.80 56.50
CA THR H 113 -15.04 -56.51 55.14
C THR H 113 -14.01 -57.54 54.68
N HIS H 114 -13.21 -58.09 55.60
CA HIS H 114 -12.12 -59.04 55.28
C HIS H 114 -11.29 -58.47 54.12
N ASP H 115 -11.10 -59.28 53.09
CA ASP H 115 -10.22 -58.96 51.94
C ASP H 115 -11.08 -58.61 50.74
N GLN H 116 -12.40 -58.44 50.92
CA GLN H 116 -13.39 -58.30 49.81
C GLN H 116 -13.86 -56.85 49.73
N ASP H 117 -14.08 -56.17 50.87
CA ASP H 117 -14.76 -54.84 50.87
C ASP H 117 -13.98 -53.82 51.69
N VAL H 118 -14.49 -52.58 51.66
CA VAL H 118 -14.16 -51.46 52.59
C VAL H 118 -15.47 -51.00 53.24
N PHE H 119 -15.37 -50.32 54.38
CA PHE H 119 -16.53 -49.64 55.01
C PHE H 119 -16.23 -48.14 55.10
N SER H 120 -17.24 -47.30 54.92
CA SER H 120 -17.15 -45.83 55.12
C SER H 120 -17.15 -45.53 56.62
N PHE H 121 -16.40 -44.52 57.04
CA PHE H 121 -16.32 -44.07 58.45
C PHE H 121 -17.67 -43.50 58.88
N ASN H 122 -18.42 -42.91 57.95
CA ASN H 122 -19.74 -42.30 58.27
C ASN H 122 -20.84 -42.98 57.45
N SER H 123 -22.08 -42.89 57.92
CA SER H 123 -23.24 -43.48 57.22
C SER H 123 -23.41 -42.65 55.94
N GLU H 124 -23.99 -43.26 54.93
CA GLU H 124 -24.32 -42.61 53.63
C GLU H 124 -23.02 -42.33 52.86
N ASP H 125 -21.89 -42.84 53.33
CA ASP H 125 -20.53 -42.49 52.84
C ASP H 125 -20.37 -40.97 52.89
N ARG H 126 -20.88 -40.34 53.96
CA ARG H 126 -20.58 -38.90 54.19
C ARG H 126 -19.08 -38.77 54.49
N PHE H 127 -18.43 -37.84 53.79
CA PHE H 127 -16.99 -37.57 53.96
C PHE H 127 -16.80 -36.92 55.33
N CYS H 128 -15.66 -37.18 55.95
CA CYS H 128 -15.29 -36.62 57.27
C CYS H 128 -15.04 -35.12 57.12
N ASN H 129 -15.48 -34.35 58.12
CA ASN H 129 -15.23 -32.88 58.21
C ASN H 129 -13.83 -32.70 58.78
N GLY H 130 -12.84 -32.80 57.89
CA GLY H 130 -11.42 -32.61 58.23
C GLY H 130 -10.87 -33.79 58.99
N PHE H 131 -9.55 -33.80 59.18
CA PHE H 131 -8.83 -34.84 59.95
C PHE H 131 -9.29 -34.83 61.42
N GLU H 132 -9.88 -33.72 61.90
CA GLU H 132 -10.56 -33.65 63.23
C GLU H 132 -11.53 -34.82 63.33
N GLU H 133 -12.43 -34.96 62.35
CA GLU H 133 -13.51 -35.98 62.36
C GLU H 133 -12.94 -37.36 62.00
N VAL H 134 -11.88 -37.43 61.19
CA VAL H 134 -11.22 -38.74 60.87
C VAL H 134 -10.77 -39.35 62.20
N LEU H 135 -10.03 -38.58 62.99
CA LEU H 135 -9.53 -39.01 64.33
C LEU H 135 -10.71 -39.29 65.27
N SER H 136 -11.63 -38.35 65.43
CA SER H 136 -12.85 -38.48 66.26
C SER H 136 -13.48 -39.86 65.98
N ARG H 137 -13.69 -40.20 64.70
CA ARG H 137 -14.47 -41.40 64.27
C ARG H 137 -13.61 -42.65 64.42
N TYR H 138 -12.32 -42.57 64.13
CA TYR H 138 -11.41 -43.71 64.34
C TYR H 138 -11.61 -44.23 65.77
N LYS H 139 -11.53 -43.33 66.73
CA LYS H 139 -11.70 -43.61 68.18
C LYS H 139 -13.08 -44.23 68.44
N GLU H 140 -14.17 -43.71 67.83
CA GLU H 140 -15.54 -44.23 68.08
C GLU H 140 -15.70 -45.61 67.43
N ILE H 141 -14.94 -45.89 66.36
CA ILE H 141 -15.17 -47.08 65.48
C ILE H 141 -14.37 -48.27 65.99
N VAL H 142 -13.10 -48.07 66.34
CA VAL H 142 -12.12 -49.19 66.55
C VAL H 142 -12.58 -50.10 67.71
N PRO H 143 -13.19 -49.60 68.80
CA PRO H 143 -13.70 -50.45 69.87
C PRO H 143 -14.86 -51.35 69.45
N GLN H 144 -15.54 -51.01 68.36
CA GLN H 144 -16.69 -51.78 67.81
C GLN H 144 -16.24 -52.73 66.70
N LEU H 145 -14.95 -52.91 66.50
CA LEU H 145 -14.40 -53.68 65.35
C LEU H 145 -13.90 -55.03 65.85
N LYS H 146 -13.97 -56.05 65.02
CA LYS H 146 -13.16 -57.29 65.19
C LYS H 146 -12.04 -57.22 64.16
N LEU H 147 -10.82 -56.94 64.58
CA LEU H 147 -9.65 -57.00 63.67
C LEU H 147 -9.67 -58.39 63.03
N ALA H 148 -9.53 -58.46 61.72
CA ALA H 148 -9.74 -59.70 60.94
C ALA H 148 -8.76 -59.75 59.77
N GLY H 149 -9.22 -60.17 58.61
CA GLY H 149 -8.36 -60.42 57.43
C GLY H 149 -9.10 -61.31 56.44
N PRO H 150 -8.42 -61.86 55.41
CA PRO H 150 -7.03 -61.55 55.16
C PRO H 150 -6.78 -60.09 54.73
N THR H 151 -5.52 -59.73 54.54
CA THR H 151 -5.08 -58.35 54.24
C THR H 151 -4.86 -58.18 52.73
N SER H 152 -5.64 -57.28 52.10
CA SER H 152 -5.47 -56.87 50.68
C SER H 152 -5.77 -55.37 50.53
N PHE H 153 -5.02 -54.69 49.67
CA PHE H 153 -5.22 -53.25 49.35
C PHE H 153 -6.15 -53.11 48.12
N ALA H 154 -6.52 -54.20 47.47
CA ALA H 154 -7.39 -54.17 46.27
C ALA H 154 -8.67 -53.38 46.56
N PRO H 155 -9.44 -53.69 47.62
CA PRO H 155 -10.70 -52.99 47.84
C PRO H 155 -10.49 -51.48 48.06
N ILE H 156 -9.54 -51.07 48.90
CA ILE H 156 -9.33 -49.61 49.17
C ILE H 156 -8.86 -48.91 47.89
N ILE H 157 -8.00 -49.55 47.11
CA ILE H 157 -7.52 -48.95 45.83
C ILE H 157 -8.71 -48.88 44.87
N ASP H 158 -9.55 -49.90 44.81
CA ASP H 158 -10.78 -49.88 43.97
C ASP H 158 -11.69 -48.73 44.41
N MET H 159 -11.84 -48.55 45.73
CA MET H 159 -12.69 -47.47 46.26
C MET H 159 -12.14 -46.13 45.73
N ALA H 160 -10.83 -45.92 45.87
CA ALA H 160 -10.16 -44.69 45.40
C ALA H 160 -10.40 -44.52 43.90
N MET H 161 -10.21 -45.59 43.13
CA MET H 161 -10.41 -45.54 41.66
C MET H 161 -11.84 -45.05 41.37
N THR H 162 -12.83 -45.58 42.07
CA THR H 162 -14.25 -45.22 41.87
C THR H 162 -14.42 -43.73 42.19
N ILE H 163 -13.88 -43.26 43.31
CA ILE H 163 -14.01 -41.82 43.70
C ILE H 163 -13.44 -40.96 42.58
N VAL H 164 -12.27 -41.34 42.04
CA VAL H 164 -11.56 -40.53 41.01
C VAL H 164 -12.39 -40.53 39.73
N GLU H 165 -12.82 -41.71 39.30
CA GLU H 165 -13.63 -41.87 38.07
C GLU H 165 -14.89 -41.01 38.20
N GLN H 166 -15.66 -41.15 39.29
CA GLN H 166 -16.92 -40.40 39.48
C GLN H 166 -16.66 -38.88 39.54
N SER H 167 -15.47 -38.42 39.91
CA SER H 167 -15.10 -36.98 39.94
C SER H 167 -14.80 -36.46 38.52
N GLY H 168 -14.78 -37.34 37.52
CA GLY H 168 -14.35 -37.00 36.15
C GLY H 168 -12.85 -36.76 36.07
N GLY H 169 -12.06 -37.60 36.72
CA GLY H 169 -10.59 -37.60 36.60
C GLY H 169 -9.94 -36.46 37.35
N GLN H 170 -10.48 -36.05 38.50
CA GLN H 170 -9.79 -35.07 39.37
C GLN H 170 -8.68 -35.80 40.14
N TYR H 171 -7.50 -35.20 40.18
CA TYR H 171 -6.30 -35.76 40.86
C TYR H 171 -6.62 -36.01 42.33
N HIS H 172 -6.43 -37.26 42.77
CA HIS H 172 -6.56 -37.65 44.20
C HIS H 172 -5.27 -38.33 44.67
N VAL H 173 -5.00 -38.21 45.96
CA VAL H 173 -3.94 -38.96 46.67
C VAL H 173 -4.64 -39.86 47.69
N LEU H 174 -4.55 -41.18 47.47
CA LEU H 174 -4.98 -42.22 48.44
C LEU H 174 -3.86 -42.39 49.47
N VAL H 175 -4.18 -42.17 50.74
CA VAL H 175 -3.24 -42.39 51.86
C VAL H 175 -3.73 -43.62 52.62
N ILE H 176 -2.99 -44.72 52.51
CA ILE H 176 -3.26 -46.00 53.21
C ILE H 176 -2.37 -46.04 54.45
N ILE H 177 -2.96 -46.04 55.63
CA ILE H 177 -2.24 -46.28 56.91
C ILE H 177 -2.37 -47.77 57.23
N ALA H 178 -1.26 -48.50 57.33
CA ALA H 178 -1.24 -49.97 57.40
C ALA H 178 0.06 -50.46 58.03
N ASP H 179 0.06 -51.71 58.52
CA ASP H 179 1.24 -52.37 59.15
C ASP H 179 2.03 -53.10 58.07
N GLY H 180 1.54 -53.07 56.83
CA GLY H 180 2.29 -53.54 55.65
C GLY H 180 2.21 -55.04 55.48
N GLN H 181 1.54 -55.74 56.40
CA GLN H 181 1.49 -57.22 56.42
C GLN H 181 0.29 -57.67 55.57
N VAL H 182 0.47 -57.55 54.24
CA VAL H 182 -0.42 -58.13 53.22
C VAL H 182 -0.19 -59.64 53.27
N THR H 183 -1.27 -60.40 53.14
CA THR H 183 -1.29 -61.86 53.24
C THR H 183 -0.31 -62.44 52.21
N ARG H 184 0.65 -63.25 52.64
CA ARG H 184 1.70 -63.80 51.75
C ARG H 184 1.99 -65.25 52.11
N SER H 185 2.44 -66.00 51.09
CA SER H 185 3.03 -67.37 51.21
C SER H 185 4.42 -67.25 51.85
N VAL H 186 4.53 -67.43 53.17
CA VAL H 186 5.75 -67.08 53.96
C VAL H 186 6.94 -67.96 53.50
N ASP H 187 6.66 -69.09 52.83
CA ASP H 187 7.61 -70.16 52.49
C ASP H 187 7.77 -70.31 50.97
N THR H 188 7.05 -69.56 50.14
CA THR H 188 7.20 -69.65 48.65
C THR H 188 8.63 -69.25 48.30
N GLU H 189 9.26 -70.06 47.43
CA GLU H 189 10.72 -70.13 47.14
C GLU H 189 11.05 -69.21 45.95
N ASN H 190 10.34 -69.36 44.83
CA ASN H 190 10.33 -68.40 43.69
C ASN H 190 9.53 -67.16 44.15
N GLY H 191 9.22 -66.26 43.21
CA GLY H 191 8.31 -65.11 43.43
C GLY H 191 6.89 -65.43 42.98
N GLN H 192 6.25 -66.40 43.63
CA GLN H 192 4.82 -66.77 43.40
C GLN H 192 3.99 -65.98 44.42
N LEU H 193 2.90 -65.36 43.97
CA LEU H 193 2.13 -64.35 44.75
C LEU H 193 0.88 -64.97 45.37
N SER H 194 0.57 -64.62 46.62
CA SER H 194 -0.73 -64.95 47.27
C SER H 194 -1.87 -64.37 46.45
N PRO H 195 -3.12 -64.85 46.60
CA PRO H 195 -4.26 -64.19 45.96
C PRO H 195 -4.37 -62.72 46.35
N GLN H 196 -4.04 -62.40 47.60
CA GLN H 196 -4.16 -61.04 48.18
C GLN H 196 -3.14 -60.13 47.49
N GLU H 197 -1.87 -60.54 47.43
CA GLU H 197 -0.80 -59.83 46.69
C GLU H 197 -1.26 -59.65 45.23
N GLN H 198 -1.70 -60.72 44.59
CA GLN H 198 -1.99 -60.71 43.13
C GLN H 198 -3.06 -59.64 42.88
N LYS H 199 -4.13 -59.65 43.67
CA LYS H 199 -5.29 -58.74 43.48
C LYS H 199 -4.83 -57.30 43.77
N THR H 200 -3.98 -57.13 44.79
CA THR H 200 -3.41 -55.82 45.22
C THR H 200 -2.55 -55.26 44.08
N VAL H 201 -1.71 -56.08 43.48
CA VAL H 201 -0.86 -55.65 42.33
C VAL H 201 -1.78 -55.31 41.15
N ASP H 202 -2.74 -56.18 40.81
CA ASP H 202 -3.68 -55.93 39.70
C ASP H 202 -4.36 -54.58 39.91
N ALA H 203 -4.66 -54.24 41.16
CA ALA H 203 -5.36 -53.00 41.55
C ALA H 203 -4.43 -51.80 41.32
N ILE H 204 -3.19 -51.89 41.81
CA ILE H 204 -2.15 -50.85 41.57
C ILE H 204 -2.00 -50.64 40.05
N VAL H 205 -2.02 -51.71 39.27
CA VAL H 205 -1.89 -51.61 37.79
C VAL H 205 -3.12 -50.92 37.22
N GLN H 206 -4.31 -51.42 37.52
CA GLN H 206 -5.61 -50.83 37.08
C GLN H 206 -5.62 -49.33 37.39
N ALA H 207 -5.12 -48.92 38.55
CA ALA H 207 -5.19 -47.55 39.06
C ALA H 207 -4.25 -46.61 38.30
N SER H 208 -3.31 -47.15 37.55
CA SER H 208 -2.37 -46.33 36.74
C SER H 208 -3.07 -45.92 35.43
N LYS H 209 -4.33 -46.31 35.26
CA LYS H 209 -5.21 -45.83 34.17
C LYS H 209 -5.95 -44.57 34.63
N LEU H 210 -5.65 -44.06 35.83
CA LEU H 210 -6.38 -42.94 36.47
C LEU H 210 -5.41 -41.98 37.14
N PRO H 211 -5.79 -40.70 37.27
CA PRO H 211 -4.98 -39.72 37.97
C PRO H 211 -5.05 -39.90 39.49
N LEU H 212 -4.42 -40.97 39.95
CA LEU H 212 -4.40 -41.41 41.37
C LEU H 212 -2.96 -41.68 41.79
N SER H 213 -2.54 -40.98 42.82
CA SER H 213 -1.29 -41.24 43.58
C SER H 213 -1.65 -42.04 44.84
N ILE H 214 -0.80 -43.00 45.20
CA ILE H 214 -0.94 -43.84 46.43
C ILE H 214 0.27 -43.57 47.32
N VAL H 215 0.00 -43.38 48.61
CA VAL H 215 1.03 -43.20 49.65
C VAL H 215 0.70 -44.16 50.80
N LEU H 216 1.57 -45.14 51.01
CA LEU H 216 1.47 -46.12 52.12
C LEU H 216 2.21 -45.52 53.32
N VAL H 217 1.48 -45.09 54.33
CA VAL H 217 2.03 -44.66 55.64
C VAL H 217 2.15 -45.90 56.52
N GLY H 218 3.34 -46.50 56.56
CA GLY H 218 3.65 -47.72 57.34
C GLY H 218 3.75 -47.42 58.83
N VAL H 219 2.96 -48.12 59.64
CA VAL H 219 3.07 -48.08 61.13
C VAL H 219 3.56 -49.45 61.60
N GLY H 220 4.22 -49.47 62.77
CA GLY H 220 4.67 -50.70 63.43
C GLY H 220 5.96 -51.28 62.83
N ASP H 221 6.19 -52.56 63.11
CA ASP H 221 7.52 -53.21 63.05
C ASP H 221 7.90 -53.59 61.62
N GLY H 222 6.96 -53.67 60.70
CA GLY H 222 7.25 -54.33 59.40
C GLY H 222 7.24 -55.85 59.62
N PRO H 223 7.86 -56.66 58.75
CA PRO H 223 8.76 -56.17 57.70
C PRO H 223 8.07 -55.39 56.56
N TRP H 224 8.88 -54.80 55.67
CA TRP H 224 8.41 -53.85 54.64
C TRP H 224 8.86 -54.28 53.25
N ASP H 225 9.39 -55.49 53.07
CA ASP H 225 9.91 -55.95 51.76
C ASP H 225 8.85 -55.70 50.68
N MET H 226 7.58 -55.95 50.99
CA MET H 226 6.49 -55.96 49.98
C MET H 226 6.05 -54.53 49.67
N MET H 227 6.02 -53.65 50.68
CA MET H 227 5.68 -52.22 50.48
C MET H 227 6.74 -51.60 49.56
N ARG H 228 8.00 -51.97 49.72
CA ARG H 228 9.10 -51.54 48.82
C ARG H 228 8.89 -52.10 47.42
N GLU H 229 8.42 -53.33 47.31
CA GLU H 229 8.10 -53.94 46.00
C GLU H 229 7.04 -53.07 45.30
N PHE H 230 6.02 -52.64 46.05
CA PHE H 230 4.91 -51.81 45.53
C PHE H 230 5.45 -50.43 45.15
N ASP H 231 6.39 -49.91 45.95
CA ASP H 231 7.03 -48.59 45.73
C ASP H 231 7.82 -48.60 44.41
N ASP H 232 8.67 -49.62 44.19
CA ASP H 232 9.84 -49.50 43.28
C ASP H 232 9.75 -50.47 42.10
N ASN H 233 8.87 -51.46 42.12
CA ASN H 233 9.06 -52.59 41.18
C ASN H 233 7.74 -53.25 40.82
N ILE H 234 6.93 -52.61 39.97
CA ILE H 234 5.71 -53.26 39.39
C ILE H 234 5.69 -52.96 37.90
N PRO H 235 6.37 -53.81 37.12
CA PRO H 235 6.56 -53.59 35.69
C PRO H 235 5.30 -53.20 34.91
N ALA H 236 4.16 -53.87 35.17
CA ALA H 236 2.96 -53.87 34.29
C ALA H 236 2.23 -52.52 34.35
N ARG H 237 2.54 -51.66 35.32
CA ARG H 237 1.78 -50.41 35.55
C ARG H 237 2.29 -49.31 34.63
N ALA H 238 1.43 -48.35 34.31
CA ALA H 238 1.69 -47.25 33.36
C ALA H 238 2.67 -46.23 33.95
N PHE H 239 2.71 -46.09 35.27
CA PHE H 239 3.64 -45.15 35.93
C PHE H 239 3.76 -45.48 37.43
N ASP H 240 4.86 -45.06 38.04
CA ASP H 240 5.11 -45.32 39.49
C ASP H 240 4.07 -44.51 40.26
N ASN H 241 3.00 -45.15 40.70
CA ASN H 241 1.86 -44.48 41.36
C ASN H 241 1.86 -44.80 42.86
N PHE H 242 2.96 -45.32 43.40
CA PHE H 242 3.00 -45.84 44.80
C PHE H 242 4.25 -45.32 45.52
N GLN H 243 4.04 -44.67 46.66
CA GLN H 243 5.15 -44.28 47.55
C GLN H 243 4.99 -45.00 48.89
N PHE H 244 6.11 -45.48 49.43
CA PHE H 244 6.19 -46.08 50.78
C PHE H 244 6.82 -45.07 51.75
N VAL H 245 6.20 -44.86 52.90
CA VAL H 245 6.71 -43.97 53.98
C VAL H 245 6.77 -44.79 55.26
N ASN H 246 7.98 -45.10 55.74
CA ASN H 246 8.17 -45.78 57.03
C ASN H 246 7.94 -44.77 58.15
N PHE H 247 6.70 -44.61 58.59
CA PHE H 247 6.31 -43.58 59.59
C PHE H 247 6.92 -43.91 60.95
N THR H 248 7.06 -45.18 61.36
CA THR H 248 7.57 -45.48 62.73
C THR H 248 9.08 -45.26 62.71
N GLU H 249 9.80 -45.58 61.62
CA GLU H 249 11.25 -45.27 61.49
C GLU H 249 11.48 -43.76 61.70
N ILE H 250 10.60 -42.91 61.16
CA ILE H 250 10.72 -41.43 61.22
C ILE H 250 10.44 -40.95 62.65
N MET H 251 9.38 -41.44 63.30
CA MET H 251 9.01 -40.99 64.66
C MET H 251 9.99 -41.56 65.70
N ALA H 252 10.69 -42.65 65.39
CA ALA H 252 11.69 -43.30 66.27
C ALA H 252 12.87 -42.36 66.51
N LYS H 253 13.25 -41.61 65.48
CA LYS H 253 14.48 -40.77 65.44
C LYS H 253 14.48 -39.76 66.59
N ASN H 254 15.69 -39.28 66.91
CA ASN H 254 16.08 -38.58 68.16
C ASN H 254 15.63 -37.11 68.15
N LYS H 255 15.50 -36.50 66.97
CA LYS H 255 15.25 -35.05 66.75
C LYS H 255 13.88 -34.62 67.30
N ALA H 256 13.57 -33.32 67.22
CA ALA H 256 12.38 -32.69 67.81
C ALA H 256 11.16 -32.96 66.93
N GLN H 257 9.96 -32.79 67.50
CA GLN H 257 8.66 -33.19 66.89
C GLN H 257 8.54 -32.57 65.50
N SER H 258 8.50 -31.23 65.42
CA SER H 258 8.25 -30.47 64.17
C SER H 258 9.30 -30.80 63.11
N LEU H 259 10.48 -31.31 63.49
CA LEU H 259 11.54 -31.70 62.52
C LEU H 259 11.20 -33.06 61.88
N LYS H 260 10.45 -33.91 62.59
CA LYS H 260 9.94 -35.21 62.10
C LYS H 260 8.70 -34.99 61.21
N GLU H 261 7.74 -34.20 61.69
CA GLU H 261 6.54 -33.80 60.90
C GLU H 261 7.01 -33.37 59.50
N THR H 262 8.05 -32.54 59.42
CA THR H 262 8.63 -32.06 58.14
C THR H 262 9.15 -33.26 57.33
N GLU H 263 9.90 -34.16 57.96
CA GLU H 263 10.49 -35.34 57.24
C GLU H 263 9.37 -36.24 56.73
N PHE H 264 8.27 -36.38 57.48
CA PHE H 264 7.10 -37.18 57.06
C PHE H 264 6.57 -36.57 55.76
N ALA H 265 6.19 -35.29 55.84
CA ALA H 265 5.62 -34.48 54.73
C ALA H 265 6.51 -34.62 53.49
N LEU H 266 7.82 -34.49 53.65
CA LEU H 266 8.77 -34.63 52.52
C LEU H 266 8.61 -36.04 51.92
N SER H 267 8.61 -37.08 52.76
CA SER H 267 8.57 -38.49 52.33
C SER H 267 7.24 -38.80 51.62
N ALA H 268 6.11 -38.27 52.13
CA ALA H 268 4.77 -38.48 51.54
C ALA H 268 4.72 -37.90 50.12
N LEU H 269 5.15 -36.63 50.02
CA LEU H 269 5.04 -35.81 48.79
C LEU H 269 6.17 -36.13 47.79
N MET H 270 7.19 -36.88 48.20
CA MET H 270 8.39 -37.16 47.37
C MET H 270 8.04 -37.53 45.92
N GLU H 271 7.00 -38.32 45.68
CA GLU H 271 6.77 -38.88 44.31
C GLU H 271 5.67 -38.08 43.60
N ILE H 272 5.08 -37.08 44.27
CA ILE H 272 3.85 -36.41 43.79
C ILE H 272 4.13 -35.56 42.55
N PRO H 273 5.18 -34.71 42.52
CA PRO H 273 5.50 -33.95 41.31
C PRO H 273 5.54 -34.83 40.05
N GLN H 274 6.35 -35.90 40.02
CA GLN H 274 6.52 -36.73 38.78
C GLN H 274 5.20 -37.49 38.55
N GLN H 275 4.50 -37.88 39.63
CA GLN H 275 3.22 -38.64 39.51
C GLN H 275 2.18 -37.73 38.82
N TYR H 276 2.04 -36.50 39.31
CA TYR H 276 1.10 -35.49 38.74
C TYR H 276 1.43 -35.31 37.26
N LYS H 277 2.69 -35.02 36.96
CA LYS H 277 3.16 -34.83 35.55
C LYS H 277 2.71 -36.04 34.73
N ALA H 278 2.89 -37.24 35.27
CA ALA H 278 2.55 -38.49 34.55
C ALA H 278 1.06 -38.46 34.16
N THR H 279 0.19 -38.00 35.06
CA THR H 279 -1.28 -38.00 34.81
C THR H 279 -1.58 -37.10 33.60
N ILE H 280 -0.78 -36.06 33.42
CA ILE H 280 -0.88 -35.13 32.26
C ILE H 280 -0.29 -35.81 31.02
N GLU H 281 0.99 -36.16 31.05
CA GLU H 281 1.73 -36.70 29.89
C GLU H 281 1.07 -37.98 29.37
N LEU H 282 0.41 -38.76 30.26
CA LEU H 282 -0.23 -40.04 29.89
C LEU H 282 -1.70 -39.83 29.57
N ASN H 283 -2.16 -38.57 29.62
CA ASN H 283 -3.49 -38.17 29.09
C ASN H 283 -4.61 -38.71 29.99
N LEU H 284 -4.46 -38.55 31.30
CA LEU H 284 -5.40 -39.08 32.32
C LEU H 284 -6.13 -37.95 33.04
N LEU H 285 -5.42 -36.86 33.37
CA LEU H 285 -5.94 -35.77 34.22
C LEU H 285 -7.20 -35.16 33.61
N GLY H 286 -8.31 -35.17 34.34
CA GLY H 286 -9.59 -34.58 33.91
C GLY H 286 -10.31 -35.46 32.90
N ARG H 287 -9.86 -36.70 32.68
CA ARG H 287 -10.52 -37.67 31.78
C ARG H 287 -11.16 -38.82 32.59
N ARG H 288 -12.27 -39.34 32.08
CA ARG H 288 -12.84 -40.65 32.50
C ARG H 288 -12.14 -41.75 31.69
N ASN H 289 -11.85 -42.88 32.33
CA ASN H 289 -11.40 -44.12 31.65
C ASN H 289 -12.59 -44.77 30.97
N GLY H 290 -13.72 -44.88 31.67
CA GLY H 290 -14.99 -45.40 31.14
C GLY H 290 -15.33 -46.79 31.64
N TYR H 291 -14.35 -47.61 32.03
CA TYR H 291 -14.56 -49.06 32.31
C TYR H 291 -14.08 -49.41 33.72
N ILE H 292 -14.30 -48.52 34.68
CA ILE H 292 -13.96 -48.77 36.11
C ILE H 292 -15.23 -49.19 36.83
N PRO H 293 -15.41 -50.48 37.17
CA PRO H 293 -16.64 -50.90 37.85
C PRO H 293 -16.76 -50.13 39.16
N GLU H 294 -17.97 -49.59 39.42
CA GLU H 294 -18.30 -48.78 40.62
C GLU H 294 -18.19 -49.68 41.86
N ARG H 295 -17.45 -49.26 42.88
CA ARG H 295 -17.41 -49.96 44.18
C ARG H 295 -18.27 -49.22 45.20
N PHE H 296 -19.01 -49.99 46.00
CA PHE H 296 -19.90 -49.48 47.05
C PHE H 296 -19.34 -49.83 48.41
N PRO H 297 -19.05 -48.82 49.26
CA PRO H 297 -18.55 -49.09 50.60
C PRO H 297 -19.68 -49.61 51.49
N LEU H 298 -19.39 -50.61 52.32
CA LEU H 298 -20.31 -51.04 53.40
C LEU H 298 -20.43 -49.92 54.41
N PRO H 299 -21.51 -49.92 55.23
CA PRO H 299 -21.65 -48.94 56.29
C PRO H 299 -20.70 -49.20 57.44
N PRO H 300 -20.47 -48.22 58.33
CA PRO H 300 -19.55 -48.39 59.45
C PRO H 300 -20.18 -49.34 60.45
N PRO H 301 -19.38 -50.08 61.22
CA PRO H 301 -19.89 -50.72 62.42
C PRO H 301 -20.06 -49.70 63.56
N SER I 13 -8.81 0.10 -54.01
CA SER I 13 -10.04 -0.67 -54.38
C SER I 13 -9.68 -2.12 -54.82
N ASP I 14 -8.50 -2.62 -54.42
CA ASP I 14 -8.17 -4.06 -54.28
C ASP I 14 -8.83 -4.59 -53.00
N ASN I 15 -8.78 -3.75 -51.95
CA ASN I 15 -9.43 -3.91 -50.62
C ASN I 15 -10.96 -3.95 -50.79
N LYS I 16 -11.55 -2.91 -51.38
CA LYS I 16 -13.02 -2.68 -51.55
C LYS I 16 -13.69 -3.93 -52.16
N LYS I 17 -13.03 -4.56 -53.13
CA LYS I 17 -13.43 -5.84 -53.78
C LYS I 17 -13.72 -6.90 -52.71
N ARG I 18 -12.75 -7.12 -51.82
CA ARG I 18 -12.69 -8.25 -50.85
C ARG I 18 -13.63 -7.98 -49.65
N LEU I 19 -13.87 -6.71 -49.30
CA LEU I 19 -14.73 -6.25 -48.16
C LEU I 19 -16.22 -6.43 -48.50
N GLU I 20 -16.57 -6.46 -49.80
CA GLU I 20 -17.96 -6.62 -50.29
C GLU I 20 -18.31 -8.11 -50.27
N ARG I 21 -17.35 -8.99 -50.61
CA ARG I 21 -17.49 -10.46 -50.52
C ARG I 21 -17.40 -10.92 -49.06
N LYS I 22 -16.88 -10.09 -48.16
CA LYS I 22 -16.95 -10.35 -46.69
C LYS I 22 -18.41 -10.19 -46.22
N TYR I 23 -19.18 -9.27 -46.81
CA TYR I 23 -20.55 -8.87 -46.37
C TYR I 23 -21.60 -9.34 -47.38
N SER I 24 -21.20 -10.16 -48.36
CA SER I 24 -22.04 -10.84 -49.39
C SER I 24 -23.36 -11.31 -48.80
N LYS I 25 -23.31 -12.31 -47.93
CA LYS I 25 -24.52 -12.87 -47.30
C LYS I 25 -24.31 -12.90 -45.80
N ILE I 26 -25.37 -12.59 -45.05
CA ILE I 26 -25.34 -12.54 -43.57
C ILE I 26 -26.29 -13.64 -43.08
N SER I 27 -25.73 -14.70 -42.52
CA SER I 27 -26.49 -15.82 -41.90
C SER I 27 -27.12 -15.39 -40.57
N ASP I 28 -28.05 -16.23 -40.11
CA ASP I 28 -28.62 -16.13 -38.74
C ASP I 28 -27.51 -16.57 -37.78
N ASP I 29 -26.85 -15.63 -37.12
CA ASP I 29 -25.65 -15.93 -36.27
C ASP I 29 -26.00 -15.72 -34.80
N TYR I 30 -27.28 -15.65 -34.42
CA TYR I 30 -27.71 -15.29 -33.05
C TYR I 30 -28.95 -16.12 -32.69
N SER I 31 -29.01 -16.65 -31.47
CA SER I 31 -30.07 -17.60 -31.02
C SER I 31 -30.99 -16.91 -30.02
N SER I 32 -30.64 -15.72 -29.55
CA SER I 32 -31.45 -14.99 -28.54
C SER I 32 -31.36 -13.49 -28.81
N LEU I 33 -32.34 -12.74 -28.30
CA LEU I 33 -32.34 -11.26 -28.36
C LEU I 33 -31.09 -10.72 -27.65
N GLU I 34 -30.74 -11.28 -26.48
CA GLU I 34 -29.61 -10.84 -25.62
C GLU I 34 -28.32 -10.88 -26.45
N GLN I 35 -28.07 -11.98 -27.17
CA GLN I 35 -26.86 -12.15 -28.01
C GLN I 35 -26.73 -10.98 -28.99
N VAL I 36 -27.85 -10.60 -29.61
CA VAL I 36 -27.93 -9.52 -30.63
C VAL I 36 -27.71 -8.18 -29.92
N THR I 37 -28.45 -7.92 -28.84
CA THR I 37 -28.32 -6.70 -28.01
C THR I 37 -26.84 -6.48 -27.68
N GLU I 38 -26.14 -7.56 -27.34
CA GLU I 38 -24.70 -7.54 -26.97
C GLU I 38 -23.88 -7.22 -28.23
N ALA I 39 -24.13 -7.97 -29.31
CA ALA I 39 -23.41 -7.82 -30.60
C ALA I 39 -23.55 -6.37 -31.09
N LEU I 40 -24.69 -5.73 -30.81
CA LEU I 40 -24.97 -4.32 -31.21
C LEU I 40 -24.11 -3.36 -30.37
N ALA I 41 -24.00 -3.61 -29.06
CA ALA I 41 -23.10 -2.87 -28.15
C ALA I 41 -21.66 -3.01 -28.68
N ARG I 42 -21.17 -4.25 -28.79
CA ARG I 42 -19.79 -4.55 -29.26
C ARG I 42 -19.56 -3.92 -30.64
N ALA I 43 -20.59 -3.72 -31.45
CA ALA I 43 -20.47 -3.11 -32.80
C ALA I 43 -20.26 -1.59 -32.70
N GLY I 44 -20.71 -1.00 -31.59
CA GLY I 44 -20.65 0.44 -31.31
C GLY I 44 -21.81 1.17 -31.97
N LEU I 45 -23.02 0.58 -31.94
CA LEU I 45 -24.26 1.25 -32.42
C LEU I 45 -24.73 2.18 -31.30
N GLU I 46 -24.73 3.49 -31.57
CA GLU I 46 -25.03 4.54 -30.57
C GLU I 46 -26.30 5.30 -30.95
N SER I 47 -26.67 5.32 -32.24
CA SER I 47 -27.79 6.12 -32.80
C SER I 47 -28.37 5.33 -33.97
N SER I 48 -29.70 5.21 -34.02
CA SER I 48 -30.48 4.60 -35.14
C SER I 48 -31.83 5.30 -35.28
N ASN I 49 -32.43 5.26 -36.46
CA ASN I 49 -33.82 5.75 -36.71
C ASN I 49 -34.56 4.75 -37.59
N LEU I 50 -35.86 4.63 -37.39
CA LEU I 50 -36.72 3.74 -38.19
C LEU I 50 -37.41 4.56 -39.27
N ILE I 51 -37.66 3.90 -40.39
CA ILE I 51 -38.63 4.36 -41.43
C ILE I 51 -39.61 3.21 -41.64
N VAL I 52 -40.89 3.51 -41.82
CA VAL I 52 -41.91 2.46 -42.06
C VAL I 52 -42.56 2.68 -43.42
N GLY I 53 -42.69 1.59 -44.17
CA GLY I 53 -43.44 1.53 -45.43
C GLY I 53 -44.53 0.47 -45.34
N ILE I 54 -45.73 0.79 -45.80
CA ILE I 54 -46.86 -0.16 -45.75
C ILE I 54 -47.44 -0.37 -47.16
N ASP I 55 -47.48 -1.65 -47.56
CA ASP I 55 -48.02 -2.19 -48.83
C ASP I 55 -49.56 -2.09 -48.81
N PHE I 56 -50.13 -1.23 -49.63
CA PHE I 56 -51.59 -1.11 -49.82
C PHE I 56 -51.95 -1.60 -51.23
N THR I 57 -51.31 -2.64 -51.73
CA THR I 57 -51.63 -3.22 -53.07
C THR I 57 -52.83 -4.15 -52.94
N LYS I 58 -53.46 -4.45 -54.07
CA LYS I 58 -54.71 -5.23 -54.14
C LYS I 58 -54.41 -6.69 -53.80
N SER I 59 -53.18 -7.19 -54.00
CA SER I 59 -52.81 -8.58 -53.64
C SER I 59 -53.20 -8.87 -52.19
N ASN I 60 -53.14 -7.86 -51.32
CA ASN I 60 -53.54 -8.00 -49.90
C ASN I 60 -54.95 -8.58 -49.79
N GLU I 61 -55.76 -8.46 -50.86
CA GLU I 61 -57.18 -8.92 -50.84
C GLU I 61 -57.20 -10.45 -50.79
N TRP I 62 -56.27 -11.12 -51.46
CA TRP I 62 -56.30 -12.60 -51.59
C TRP I 62 -55.15 -13.30 -50.85
N THR I 63 -54.16 -12.58 -50.33
CA THR I 63 -53.05 -13.21 -49.56
C THR I 63 -53.51 -13.47 -48.12
N GLY I 64 -54.80 -13.28 -47.81
CA GLY I 64 -55.37 -13.63 -46.49
C GLY I 64 -56.09 -14.97 -46.49
N ALA I 65 -56.03 -15.72 -47.61
CA ALA I 65 -56.77 -16.99 -47.83
C ALA I 65 -56.63 -17.89 -46.60
N ARG I 66 -55.45 -18.48 -46.35
CA ARG I 66 -55.22 -19.42 -45.22
C ARG I 66 -54.99 -18.64 -43.92
N SER I 67 -54.04 -17.69 -43.95
CA SER I 67 -53.46 -17.06 -42.75
C SER I 67 -54.44 -16.14 -42.02
N PHE I 68 -55.47 -15.62 -42.69
CA PHE I 68 -56.39 -14.62 -42.07
C PHE I 68 -57.85 -14.90 -42.48
N ASN I 69 -58.18 -16.17 -42.72
CA ASN I 69 -59.59 -16.66 -42.71
C ASN I 69 -60.36 -16.06 -43.91
N ARG I 70 -59.74 -16.11 -45.10
CA ARG I 70 -60.35 -15.75 -46.41
C ARG I 70 -60.68 -14.25 -46.44
N LYS I 71 -60.21 -13.44 -45.48
CA LYS I 71 -60.37 -11.95 -45.49
C LYS I 71 -59.15 -11.24 -46.10
N SER I 72 -59.31 -9.94 -46.36
CA SER I 72 -58.23 -9.01 -46.84
C SER I 72 -57.31 -8.72 -45.66
N LEU I 73 -56.00 -8.69 -45.89
CA LEU I 73 -55.01 -8.36 -44.85
C LEU I 73 -55.26 -6.94 -44.33
N HIS I 74 -55.94 -6.08 -45.09
CA HIS I 74 -56.27 -4.69 -44.69
C HIS I 74 -57.72 -4.58 -44.19
N PHE I 75 -58.42 -5.71 -44.00
CA PHE I 75 -59.82 -5.71 -43.52
C PHE I 75 -59.89 -5.07 -42.14
N ILE I 76 -60.84 -4.17 -41.90
CA ILE I 76 -61.11 -3.60 -40.55
C ILE I 76 -62.28 -4.35 -39.88
N GLY I 77 -61.95 -5.23 -38.93
CA GLY I 77 -62.92 -6.08 -38.21
C GLY I 77 -63.04 -5.70 -36.75
N SER I 78 -63.42 -6.67 -35.92
CA SER I 78 -63.57 -6.53 -34.45
C SER I 78 -62.21 -6.77 -33.78
N SER I 79 -61.35 -7.54 -34.43
CA SER I 79 -59.99 -7.85 -33.95
C SER I 79 -58.98 -7.27 -34.94
N PRO I 80 -57.71 -7.06 -34.55
CA PRO I 80 -56.72 -6.46 -35.44
C PRO I 80 -56.28 -7.38 -36.59
N ASN I 81 -56.00 -6.79 -37.75
CA ASN I 81 -55.55 -7.50 -38.97
C ASN I 81 -54.04 -7.62 -38.94
N PRO I 82 -53.42 -8.46 -39.78
CA PRO I 82 -51.96 -8.65 -39.73
C PRO I 82 -51.12 -7.37 -39.84
N TYR I 83 -51.61 -6.34 -40.52
CA TYR I 83 -50.90 -5.03 -40.61
C TYR I 83 -50.95 -4.38 -39.23
N GLU I 84 -52.14 -4.32 -38.62
CA GLU I 84 -52.34 -3.73 -37.27
C GLU I 84 -51.46 -4.49 -36.28
N GLN I 85 -51.37 -5.81 -36.40
CA GLN I 85 -50.59 -6.68 -35.47
C GLN I 85 -49.11 -6.32 -35.56
N ALA I 86 -48.59 -6.32 -36.79
CA ALA I 86 -47.17 -6.03 -37.12
C ALA I 86 -46.83 -4.61 -36.64
N ILE I 87 -47.65 -3.62 -36.94
CA ILE I 87 -47.40 -2.23 -36.45
C ILE I 87 -47.29 -2.31 -34.92
N THR I 88 -48.24 -2.95 -34.27
CA THR I 88 -48.29 -3.04 -32.79
C THR I 88 -47.00 -3.70 -32.28
N ILE I 89 -46.65 -4.87 -32.81
CA ILE I 89 -45.47 -5.68 -32.35
C ILE I 89 -44.16 -4.95 -32.68
N ILE I 90 -44.07 -4.26 -33.82
CA ILE I 90 -42.87 -3.44 -34.16
C ILE I 90 -42.72 -2.36 -33.08
N GLY I 91 -43.81 -1.67 -32.74
CA GLY I 91 -43.83 -0.63 -31.69
C GLY I 91 -43.39 -1.18 -30.33
N ARG I 92 -43.72 -2.43 -30.03
CA ARG I 92 -43.44 -3.02 -28.70
C ARG I 92 -41.99 -3.53 -28.66
N THR I 93 -41.42 -3.97 -29.78
CA THR I 93 -40.09 -4.63 -29.82
C THR I 93 -38.98 -3.73 -30.37
N LEU I 94 -39.25 -2.77 -31.25
CA LEU I 94 -38.17 -2.05 -31.97
C LEU I 94 -38.23 -0.53 -31.70
N ALA I 95 -39.20 -0.03 -30.94
CA ALA I 95 -39.41 1.44 -30.78
C ALA I 95 -38.13 2.06 -30.22
N ALA I 96 -37.37 1.29 -29.44
CA ALA I 96 -36.03 1.63 -28.88
C ALA I 96 -35.10 2.12 -30.00
N PHE I 97 -35.14 1.48 -31.18
CA PHE I 97 -34.19 1.75 -32.28
C PHE I 97 -34.57 3.01 -33.07
N ASP I 98 -35.65 3.73 -32.70
CA ASP I 98 -35.86 5.11 -33.19
C ASP I 98 -35.55 6.08 -32.04
N GLU I 99 -34.45 6.82 -32.15
CA GLU I 99 -33.86 7.54 -31.00
C GLU I 99 -34.80 8.69 -30.59
N ASP I 100 -35.43 9.37 -31.55
CA ASP I 100 -36.26 10.58 -31.28
C ASP I 100 -37.76 10.22 -31.19
N ASN I 101 -38.12 8.96 -31.37
CA ASN I 101 -39.51 8.47 -31.33
C ASN I 101 -40.43 9.22 -32.31
N LEU I 102 -39.87 9.84 -33.34
CA LEU I 102 -40.61 10.37 -34.52
C LEU I 102 -40.39 9.39 -35.67
N ILE I 103 -41.45 8.78 -36.19
CA ILE I 103 -41.35 7.69 -37.21
C ILE I 103 -41.88 8.20 -38.55
N PRO I 104 -41.02 8.37 -39.58
CA PRO I 104 -41.50 8.63 -40.93
C PRO I 104 -42.25 7.39 -41.41
N CYS I 105 -43.49 7.56 -41.84
CA CYS I 105 -44.36 6.44 -42.26
C CYS I 105 -44.94 6.75 -43.64
N TYR I 106 -44.90 5.77 -44.55
CA TYR I 106 -45.29 5.92 -45.97
C TYR I 106 -46.16 4.74 -46.39
N GLY I 107 -47.20 5.03 -47.17
CA GLY I 107 -48.00 4.03 -47.88
C GLY I 107 -47.57 3.96 -49.34
N PHE I 108 -47.79 2.81 -49.98
CA PHE I 108 -47.49 2.62 -51.42
C PHE I 108 -48.40 1.53 -51.99
N GLY I 109 -48.80 1.69 -53.26
CA GLY I 109 -49.55 0.66 -54.01
C GLY I 109 -51.05 0.87 -53.98
N ASP I 110 -51.52 1.95 -53.36
CA ASP I 110 -52.93 2.39 -53.49
C ASP I 110 -53.09 3.10 -54.84
N ALA I 111 -54.32 3.45 -55.21
CA ALA I 111 -54.66 4.12 -56.48
C ALA I 111 -53.87 5.42 -56.67
N SER I 112 -53.51 6.12 -55.58
CA SER I 112 -52.84 7.44 -55.65
C SER I 112 -51.35 7.30 -55.97
N THR I 113 -50.76 6.11 -55.85
CA THR I 113 -49.28 5.90 -55.94
C THR I 113 -48.89 4.79 -56.92
N HIS I 114 -49.69 3.73 -57.01
CA HIS I 114 -49.38 2.55 -57.85
C HIS I 114 -47.92 2.10 -57.56
N ASP I 115 -47.14 1.95 -58.63
CA ASP I 115 -45.78 1.40 -58.58
C ASP I 115 -44.78 2.54 -58.75
N GLN I 116 -45.26 3.82 -58.77
CA GLN I 116 -44.42 5.00 -59.08
C GLN I 116 -44.08 5.78 -57.82
N ASP I 117 -45.00 5.91 -56.86
CA ASP I 117 -44.80 6.86 -55.72
C ASP I 117 -45.06 6.18 -54.37
N VAL I 118 -44.82 6.93 -53.31
CA VAL I 118 -45.27 6.70 -51.91
C VAL I 118 -46.09 7.91 -51.46
N PHE I 119 -46.93 7.74 -50.45
CA PHE I 119 -47.62 8.87 -49.77
C PHE I 119 -47.20 8.87 -48.31
N SER I 120 -47.05 10.06 -47.72
CA SER I 120 -46.82 10.25 -46.27
C SER I 120 -48.13 10.02 -45.51
N PHE I 121 -48.04 9.43 -44.32
CA PHE I 121 -49.20 9.17 -43.43
C PHE I 121 -49.80 10.50 -42.98
N ASN I 122 -48.98 11.54 -42.83
CA ASN I 122 -49.44 12.86 -42.35
C ASN I 122 -49.12 13.92 -43.41
N SER I 123 -49.68 15.12 -43.29
CA SER I 123 -49.83 16.13 -44.37
C SER I 123 -48.50 16.71 -44.86
N GLU I 124 -47.72 17.44 -44.07
CA GLU I 124 -46.49 18.11 -44.57
C GLU I 124 -45.33 17.11 -44.55
N ASP I 125 -45.60 15.82 -44.75
CA ASP I 125 -44.68 14.70 -44.41
C ASP I 125 -44.25 14.86 -42.94
N ARG I 126 -45.17 15.24 -42.07
CA ARG I 126 -44.93 15.23 -40.61
C ARG I 126 -44.77 13.77 -40.18
N PHE I 127 -43.71 13.50 -39.44
CA PHE I 127 -43.41 12.14 -38.93
C PHE I 127 -44.44 11.83 -37.85
N CYS I 128 -44.78 10.55 -37.72
CA CYS I 128 -45.75 10.04 -36.72
C CYS I 128 -45.12 10.16 -35.33
N ASN I 129 -45.94 10.55 -34.35
CA ASN I 129 -45.57 10.61 -32.92
C ASN I 129 -45.66 9.19 -32.37
N GLY I 130 -44.61 8.42 -32.60
CA GLY I 130 -44.49 7.03 -32.09
C GLY I 130 -45.37 6.09 -32.88
N PHE I 131 -45.21 4.79 -32.62
CA PHE I 131 -46.02 3.73 -33.25
C PHE I 131 -47.49 3.87 -32.82
N GLU I 132 -47.79 4.58 -31.72
CA GLU I 132 -49.18 4.96 -31.33
C GLU I 132 -49.85 5.62 -32.54
N GLU I 133 -49.21 6.63 -33.12
CA GLU I 133 -49.80 7.44 -34.22
C GLU I 133 -49.70 6.66 -35.54
N VAL I 134 -48.70 5.80 -35.73
CA VAL I 134 -48.60 4.95 -36.94
C VAL I 134 -49.88 4.12 -37.01
N LEU I 135 -50.20 3.42 -35.92
CA LEU I 135 -51.42 2.58 -35.81
C LEU I 135 -52.68 3.44 -35.93
N SER I 136 -52.79 4.50 -35.13
CA SER I 136 -53.92 5.46 -35.17
C SER I 136 -54.22 5.81 -36.65
N ARG I 137 -53.20 6.19 -37.41
CA ARG I 137 -53.35 6.76 -38.77
C ARG I 137 -53.62 5.64 -39.77
N TYR I 138 -52.98 4.48 -39.61
CA TYR I 138 -53.27 3.31 -40.47
C TYR I 138 -54.78 3.10 -40.51
N LYS I 139 -55.38 3.03 -39.33
CA LYS I 139 -56.85 2.82 -39.14
C LYS I 139 -57.63 3.95 -39.83
N GLU I 140 -57.22 5.21 -39.71
CA GLU I 140 -57.95 6.37 -40.32
C GLU I 140 -57.78 6.34 -41.84
N ILE I 141 -56.67 5.78 -42.35
CA ILE I 141 -56.25 5.92 -43.76
C ILE I 141 -56.84 4.78 -44.61
N VAL I 142 -56.76 3.54 -44.12
CA VAL I 142 -57.01 2.34 -44.97
C VAL I 142 -58.44 2.34 -45.51
N PRO I 143 -59.48 2.78 -44.77
CA PRO I 143 -60.84 2.83 -45.32
C PRO I 143 -61.02 3.86 -46.43
N GLN I 144 -60.11 4.82 -46.56
CA GLN I 144 -60.15 5.88 -47.59
C GLN I 144 -59.26 5.50 -48.79
N LEU I 145 -58.77 4.26 -48.86
CA LEU I 145 -57.78 3.84 -49.87
C LEU I 145 -58.49 2.98 -50.92
N LYS I 146 -58.02 3.00 -52.16
CA LYS I 146 -58.30 1.93 -53.14
C LYS I 146 -57.04 1.10 -53.26
N LEU I 147 -57.05 -0.11 -52.69
CA LEU I 147 -55.91 -1.05 -52.86
C LEU I 147 -55.72 -1.21 -54.37
N ALA I 148 -54.49 -1.08 -54.84
CA ALA I 148 -54.16 -0.99 -56.28
C ALA I 148 -52.83 -1.71 -56.56
N GLY I 149 -51.98 -1.11 -57.39
CA GLY I 149 -50.75 -1.75 -57.88
C GLY I 149 -50.28 -1.07 -59.16
N PRO I 150 -49.32 -1.64 -59.91
CA PRO I 150 -48.63 -2.86 -59.50
C PRO I 150 -47.76 -2.69 -58.25
N THR I 151 -47.17 -3.80 -57.80
CA THR I 151 -46.40 -3.86 -56.53
C THR I 151 -44.90 -3.73 -56.81
N SER I 152 -44.26 -2.68 -56.28
CA SER I 152 -42.78 -2.45 -56.34
C SER I 152 -42.30 -1.80 -55.04
N PHE I 153 -41.11 -2.19 -54.57
CA PHE I 153 -40.47 -1.60 -53.38
C PHE I 153 -39.53 -0.44 -53.77
N ALA I 154 -39.34 -0.20 -55.06
CA ALA I 154 -38.45 0.89 -55.55
C ALA I 154 -38.82 2.23 -54.88
N PRO I 155 -40.09 2.67 -54.95
CA PRO I 155 -40.44 3.98 -54.39
C PRO I 155 -40.16 4.08 -52.88
N ILE I 156 -40.56 3.09 -52.09
CA ILE I 156 -40.36 3.15 -50.60
C ILE I 156 -38.85 3.10 -50.30
N ILE I 157 -38.08 2.31 -51.04
CA ILE I 157 -36.62 2.23 -50.81
C ILE I 157 -36.01 3.58 -51.23
N ASP I 158 -36.46 4.18 -52.34
CA ASP I 158 -35.99 5.53 -52.76
C ASP I 158 -36.32 6.54 -51.67
N MET I 159 -37.52 6.47 -51.10
CA MET I 159 -37.93 7.41 -50.04
C MET I 159 -36.94 7.29 -48.88
N ALA I 160 -36.66 6.07 -48.45
CA ALA I 160 -35.70 5.78 -47.34
C ALA I 160 -34.34 6.35 -47.71
N MET I 161 -33.87 6.09 -48.93
CA MET I 161 -32.55 6.59 -49.40
C MET I 161 -32.51 8.11 -49.24
N THR I 162 -33.57 8.80 -49.66
CA THR I 162 -33.65 10.28 -49.60
C THR I 162 -33.59 10.72 -48.14
N ILE I 163 -34.35 10.07 -47.26
CA ILE I 163 -34.34 10.43 -45.80
C ILE I 163 -32.91 10.30 -45.29
N VAL I 164 -32.22 9.23 -45.63
CA VAL I 164 -30.86 8.93 -45.10
C VAL I 164 -29.89 9.98 -45.64
N GLU I 165 -29.93 10.22 -46.95
CA GLU I 165 -29.05 11.19 -47.61
C GLU I 165 -29.26 12.57 -46.95
N GLN I 166 -30.50 13.04 -46.86
CA GLN I 166 -30.80 14.39 -46.29
C GLN I 166 -30.37 14.47 -44.81
N SER I 167 -30.28 13.36 -44.08
CA SER I 167 -29.81 13.33 -42.67
C SER I 167 -28.27 13.46 -42.59
N GLY I 168 -27.59 13.44 -43.73
CA GLY I 168 -26.11 13.39 -43.76
C GLY I 168 -25.57 12.02 -43.36
N GLY I 169 -26.20 10.94 -43.82
CA GLY I 169 -25.70 9.57 -43.64
C GLY I 169 -25.90 9.06 -42.24
N GLN I 170 -26.99 9.42 -41.57
CA GLN I 170 -27.35 8.81 -40.27
C GLN I 170 -27.95 7.42 -40.54
N TYR I 171 -27.51 6.42 -39.80
CA TYR I 171 -27.99 5.02 -39.89
C TYR I 171 -29.50 4.98 -39.69
N HIS I 172 -30.22 4.43 -40.67
CA HIS I 172 -31.67 4.17 -40.61
C HIS I 172 -31.96 2.70 -40.90
N VAL I 173 -33.06 2.21 -40.33
CA VAL I 173 -33.65 0.89 -40.65
C VAL I 173 -35.02 1.15 -41.27
N LEU I 174 -35.16 0.81 -42.55
CA LEU I 174 -36.46 0.78 -43.29
C LEU I 174 -37.16 -0.52 -42.95
N VAL I 175 -38.36 -0.43 -42.38
CA VAL I 175 -39.22 -1.60 -42.08
C VAL I 175 -40.40 -1.54 -43.05
N ILE I 176 -40.41 -2.46 -44.01
CA ILE I 176 -41.51 -2.62 -45.00
C ILE I 176 -42.42 -3.74 -44.52
N ILE I 177 -43.68 -3.42 -44.22
CA ILE I 177 -44.73 -4.44 -43.94
C ILE I 177 -45.47 -4.69 -45.25
N ALA I 178 -45.48 -5.94 -45.74
CA ALA I 178 -45.96 -6.29 -47.10
C ALA I 178 -46.34 -7.77 -47.17
N ASP I 179 -47.14 -8.13 -48.18
CA ASP I 179 -47.60 -9.52 -48.43
C ASP I 179 -46.60 -10.22 -49.35
N GLY I 180 -45.57 -9.50 -49.79
CA GLY I 180 -44.42 -10.07 -50.50
C GLY I 180 -44.69 -10.29 -51.96
N GLN I 181 -45.90 -10.01 -52.43
CA GLN I 181 -46.34 -10.31 -53.82
C GLN I 181 -45.98 -9.12 -54.72
N VAL I 182 -44.70 -8.97 -55.00
CA VAL I 182 -44.14 -8.04 -56.01
C VAL I 182 -44.54 -8.60 -57.37
N THR I 183 -44.93 -7.71 -58.27
CA THR I 183 -45.47 -8.04 -59.61
C THR I 183 -44.42 -8.87 -60.36
N ARG I 184 -44.80 -10.04 -60.85
CA ARG I 184 -43.87 -11.00 -61.50
C ARG I 184 -44.58 -11.65 -62.70
N SER I 185 -43.78 -12.07 -63.68
CA SER I 185 -44.15 -12.95 -64.82
C SER I 185 -44.40 -14.37 -64.30
N VAL I 186 -45.66 -14.73 -64.05
CA VAL I 186 -46.06 -15.95 -63.27
C VAL I 186 -45.54 -17.22 -63.98
N ASP I 187 -45.26 -17.14 -65.29
CA ASP I 187 -44.95 -18.30 -66.17
C ASP I 187 -43.51 -18.25 -66.68
N THR I 188 -42.73 -17.19 -66.42
CA THR I 188 -41.29 -17.15 -66.83
C THR I 188 -40.57 -18.31 -66.10
N GLU I 189 -39.74 -19.08 -66.83
CA GLU I 189 -39.20 -20.38 -66.36
C GLU I 189 -37.79 -20.18 -65.80
N ASN I 190 -36.92 -19.46 -66.53
CA ASN I 190 -35.65 -18.91 -66.00
C ASN I 190 -35.99 -17.77 -65.01
N GLY I 191 -34.97 -17.05 -64.54
CA GLY I 191 -35.13 -15.85 -63.70
C GLY I 191 -35.08 -14.57 -64.53
N GLN I 192 -36.04 -14.40 -65.46
CA GLN I 192 -36.23 -13.15 -66.25
C GLN I 192 -37.23 -12.27 -65.48
N LEU I 193 -36.88 -10.99 -65.30
CA LEU I 193 -37.46 -10.15 -64.21
C LEU I 193 -38.53 -9.20 -64.76
N SER I 194 -39.65 -9.06 -64.07
CA SER I 194 -40.67 -8.02 -64.35
C SER I 194 -40.03 -6.64 -64.24
N PRO I 195 -40.64 -5.58 -64.80
CA PRO I 195 -40.14 -4.22 -64.56
C PRO I 195 -40.11 -3.87 -63.07
N GLN I 196 -41.10 -4.38 -62.34
CA GLN I 196 -41.28 -4.09 -60.89
C GLN I 196 -40.12 -4.73 -60.12
N GLU I 197 -39.87 -6.02 -60.34
CA GLU I 197 -38.69 -6.73 -59.76
C GLU I 197 -37.42 -5.97 -60.11
N GLN I 198 -37.24 -5.65 -61.38
CA GLN I 198 -35.97 -5.07 -61.88
C GLN I 198 -35.71 -3.76 -61.12
N LYS I 199 -36.71 -2.90 -61.03
CA LYS I 199 -36.58 -1.56 -60.41
C LYS I 199 -36.35 -1.74 -58.89
N THR I 200 -37.01 -2.72 -58.29
CA THR I 200 -36.89 -3.06 -56.85
C THR I 200 -35.47 -3.53 -56.56
N VAL I 201 -34.92 -4.40 -57.40
CA VAL I 201 -33.53 -4.89 -57.24
C VAL I 201 -32.57 -3.70 -57.43
N ASP I 202 -32.75 -2.91 -58.48
CA ASP I 202 -31.89 -1.72 -58.75
C ASP I 202 -31.88 -0.83 -57.52
N ALA I 203 -33.01 -0.72 -56.84
CA ALA I 203 -33.20 0.15 -55.66
C ALA I 203 -32.42 -0.42 -54.48
N ILE I 204 -32.57 -1.72 -54.22
CA ILE I 204 -31.79 -2.43 -53.18
C ILE I 204 -30.30 -2.24 -53.45
N VAL I 205 -29.87 -2.29 -54.70
CA VAL I 205 -28.43 -2.11 -55.07
C VAL I 205 -28.03 -0.66 -54.78
N GLN I 206 -28.76 0.30 -55.33
CA GLN I 206 -28.54 1.75 -55.11
C GLN I 206 -28.40 2.03 -53.61
N ALA I 207 -29.23 1.41 -52.79
CA ALA I 207 -29.35 1.67 -51.34
C ALA I 207 -28.13 1.15 -50.57
N SER I 208 -27.34 0.28 -51.18
CA SER I 208 -26.11 -0.25 -50.53
C SER I 208 -24.97 0.76 -50.68
N LYS I 209 -25.26 1.92 -51.28
CA LYS I 209 -24.34 3.09 -51.31
C LYS I 209 -24.59 3.98 -50.09
N LEU I 210 -25.50 3.55 -49.20
CA LEU I 210 -25.98 4.38 -48.06
C LEU I 210 -26.08 3.54 -46.79
N PRO I 211 -25.95 4.18 -45.62
CA PRO I 211 -26.08 3.47 -44.35
C PRO I 211 -27.55 3.18 -44.02
N LEU I 212 -28.12 2.26 -44.79
CA LEU I 212 -29.54 1.86 -44.72
C LEU I 212 -29.63 0.34 -44.63
N SER I 213 -30.30 -0.13 -43.58
CA SER I 213 -30.75 -1.52 -43.39
C SER I 213 -32.22 -1.61 -43.78
N ILE I 214 -32.61 -2.71 -44.43
CA ILE I 214 -34.01 -2.99 -44.84
C ILE I 214 -34.46 -4.28 -44.14
N VAL I 215 -35.66 -4.24 -43.60
CA VAL I 215 -36.32 -5.40 -42.95
C VAL I 215 -37.73 -5.52 -43.53
N LEU I 216 -37.97 -6.62 -44.24
CA LEU I 216 -39.29 -6.96 -44.82
C LEU I 216 -40.04 -7.77 -43.77
N VAL I 217 -41.05 -7.19 -43.14
CA VAL I 217 -41.98 -7.90 -42.23
C VAL I 217 -43.11 -8.45 -43.09
N GLY I 218 -43.01 -9.74 -43.46
CA GLY I 218 -43.99 -10.44 -44.31
C GLY I 218 -45.25 -10.80 -43.55
N VAL I 219 -46.40 -10.37 -44.05
CA VAL I 219 -47.73 -10.76 -43.51
C VAL I 219 -48.44 -11.61 -44.58
N GLY I 220 -49.35 -12.48 -44.15
CA GLY I 220 -50.17 -13.34 -45.02
C GLY I 220 -49.45 -14.56 -45.57
N ASP I 221 -50.00 -15.12 -46.64
CA ASP I 221 -49.78 -16.53 -47.06
C ASP I 221 -48.45 -16.69 -47.81
N GLY I 222 -47.87 -15.61 -48.33
CA GLY I 222 -46.79 -15.76 -49.31
C GLY I 222 -47.39 -16.14 -50.65
N PRO I 223 -46.64 -16.72 -51.61
CA PRO I 223 -45.30 -17.24 -51.38
C PRO I 223 -44.23 -16.18 -51.10
N TRP I 224 -43.03 -16.63 -50.71
CA TRP I 224 -41.94 -15.76 -50.23
C TRP I 224 -40.65 -16.01 -51.02
N ASP I 225 -40.68 -16.75 -52.13
CA ASP I 225 -39.45 -17.06 -52.89
C ASP I 225 -38.69 -15.77 -53.18
N MET I 226 -39.39 -14.68 -53.50
CA MET I 226 -38.77 -13.42 -53.99
C MET I 226 -38.18 -12.64 -52.80
N MET I 227 -38.86 -12.63 -51.65
CA MET I 227 -38.38 -11.96 -50.43
C MET I 227 -37.08 -12.65 -49.99
N ARG I 228 -37.00 -13.97 -50.10
CA ARG I 228 -35.76 -14.74 -49.83
C ARG I 228 -34.68 -14.38 -50.84
N GLU I 229 -35.03 -14.16 -52.09
CA GLU I 229 -34.07 -13.72 -53.14
C GLU I 229 -33.46 -12.39 -52.69
N PHE I 230 -34.29 -11.48 -52.19
CA PHE I 230 -33.88 -10.13 -51.75
C PHE I 230 -33.01 -10.27 -50.49
N ASP I 231 -33.36 -11.22 -49.62
CA ASP I 231 -32.63 -11.49 -48.35
C ASP I 231 -31.21 -11.98 -48.68
N ASP I 232 -31.06 -12.97 -49.57
CA ASP I 232 -29.88 -13.87 -49.58
C ASP I 232 -29.07 -13.76 -50.87
N ASN I 233 -29.60 -13.15 -51.93
CA ASN I 233 -28.99 -13.39 -53.25
C ASN I 233 -29.17 -12.19 -54.18
N ILE I 234 -28.42 -11.12 -53.97
CA ILE I 234 -28.36 -9.98 -54.92
C ILE I 234 -26.90 -9.61 -55.12
N PRO I 235 -26.21 -10.30 -56.04
CA PRO I 235 -24.76 -10.17 -56.21
C PRO I 235 -24.26 -8.72 -56.31
N ALA I 236 -24.96 -7.87 -57.06
CA ALA I 236 -24.50 -6.54 -57.51
C ALA I 236 -24.36 -5.55 -56.35
N ARG I 237 -24.96 -5.83 -55.19
CA ARG I 237 -25.03 -4.86 -54.08
C ARG I 237 -23.75 -4.94 -53.24
N ALA I 238 -23.40 -3.84 -52.58
CA ALA I 238 -22.14 -3.67 -51.82
C ALA I 238 -22.18 -4.50 -50.53
N PHE I 239 -23.35 -4.75 -49.97
CA PHE I 239 -23.48 -5.56 -48.73
C PHE I 239 -24.92 -6.03 -48.56
N ASP I 240 -25.11 -7.11 -47.81
CA ASP I 240 -26.45 -7.69 -47.57
C ASP I 240 -27.20 -6.68 -46.70
N ASN I 241 -28.05 -5.89 -47.32
CA ASN I 241 -28.79 -4.78 -46.66
C ASN I 241 -30.26 -5.15 -46.48
N PHE I 242 -30.63 -6.42 -46.63
CA PHE I 242 -32.05 -6.86 -46.67
C PHE I 242 -32.25 -8.08 -45.78
N GLN I 243 -33.17 -7.99 -44.83
CA GLN I 243 -33.60 -9.14 -44.01
C GLN I 243 -35.08 -9.42 -44.30
N PHE I 244 -35.41 -10.70 -44.40
CA PHE I 244 -36.81 -11.18 -44.52
C PHE I 244 -37.26 -11.77 -43.18
N VAL I 245 -38.43 -11.36 -42.71
CA VAL I 245 -39.04 -11.87 -41.46
C VAL I 245 -40.43 -12.38 -41.80
N ASN I 246 -40.62 -13.70 -41.75
CA ASN I 246 -41.96 -14.31 -41.96
C ASN I 246 -42.78 -14.09 -40.69
N PHE I 247 -43.47 -12.97 -40.58
CA PHE I 247 -44.21 -12.58 -39.36
C PHE I 247 -45.41 -13.51 -39.15
N THR I 248 -46.09 -13.99 -40.19
CA THR I 248 -47.30 -14.84 -39.96
C THR I 248 -46.83 -16.24 -39.55
N GLU I 249 -45.72 -16.75 -40.09
CA GLU I 249 -45.13 -18.05 -39.63
C GLU I 249 -44.85 -17.98 -38.12
N ILE I 250 -44.35 -16.86 -37.63
CA ILE I 250 -43.97 -16.66 -36.20
C ILE I 250 -45.24 -16.58 -35.34
N MET I 251 -46.24 -15.80 -35.75
CA MET I 251 -47.47 -15.62 -34.92
C MET I 251 -48.35 -16.88 -34.99
N ALA I 252 -48.18 -17.73 -36.01
CA ALA I 252 -48.90 -19.01 -36.19
C ALA I 252 -48.56 -19.98 -35.06
N LYS I 253 -47.30 -19.97 -34.63
CA LYS I 253 -46.71 -20.95 -33.68
C LYS I 253 -47.51 -21.00 -32.37
N ASN I 254 -47.35 -22.11 -31.66
CA ASN I 254 -48.19 -22.60 -30.54
C ASN I 254 -47.89 -21.84 -29.23
N LYS I 255 -46.66 -21.34 -29.06
CA LYS I 255 -46.12 -20.72 -27.82
C LYS I 255 -46.88 -19.43 -27.45
N ALA I 256 -46.53 -18.82 -26.33
CA ALA I 256 -47.22 -17.64 -25.74
C ALA I 256 -46.81 -16.37 -26.48
N GLN I 257 -47.61 -15.31 -26.34
CA GLN I 257 -47.49 -14.03 -27.09
C GLN I 257 -46.07 -13.49 -26.94
N SER I 258 -45.66 -13.14 -25.71
CA SER I 258 -44.37 -12.45 -25.44
C SER I 258 -43.19 -13.32 -25.91
N LEU I 259 -43.37 -14.64 -26.07
CA LEU I 259 -42.29 -15.53 -26.58
C LEU I 259 -42.15 -15.39 -28.11
N LYS I 260 -43.23 -15.02 -28.80
CA LYS I 260 -43.26 -14.72 -30.26
C LYS I 260 -42.71 -13.32 -30.51
N GLU I 261 -43.20 -12.31 -29.77
CA GLU I 261 -42.66 -10.92 -29.82
C GLU I 261 -41.13 -10.99 -29.79
N THR I 262 -40.55 -11.78 -28.89
CA THR I 262 -39.09 -11.97 -28.75
C THR I 262 -38.53 -12.58 -30.04
N GLU I 263 -39.17 -13.62 -30.58
CA GLU I 263 -38.67 -14.30 -31.81
C GLU I 263 -38.71 -13.31 -32.99
N PHE I 264 -39.74 -12.45 -33.05
CA PHE I 264 -39.87 -11.42 -34.09
C PHE I 264 -38.64 -10.51 -34.00
N ALA I 265 -38.46 -9.89 -32.82
CA ALA I 265 -37.36 -8.95 -32.50
C ALA I 265 -36.02 -9.57 -32.91
N LEU I 266 -35.80 -10.83 -32.55
CA LEU I 266 -34.54 -11.52 -32.90
C LEU I 266 -34.42 -11.56 -34.42
N SER I 267 -35.48 -11.96 -35.13
CA SER I 267 -35.48 -12.14 -36.61
C SER I 267 -35.28 -10.78 -37.31
N ALA I 268 -35.90 -9.70 -36.82
CA ALA I 268 -35.77 -8.34 -37.40
C ALA I 268 -34.31 -7.87 -37.31
N LEU I 269 -33.75 -7.98 -36.10
CA LEU I 269 -32.41 -7.45 -35.74
C LEU I 269 -31.28 -8.38 -36.20
N MET I 270 -31.60 -9.59 -36.63
CA MET I 270 -30.60 -10.64 -36.96
C MET I 270 -29.43 -10.09 -37.80
N GLU I 271 -29.70 -9.21 -38.77
CA GLU I 271 -28.66 -8.82 -39.77
C GLU I 271 -28.07 -7.46 -39.40
N ILE I 272 -28.58 -6.82 -38.34
CA ILE I 272 -28.28 -5.38 -38.04
C ILE I 272 -26.83 -5.21 -37.59
N PRO I 273 -26.29 -6.03 -36.66
CA PRO I 273 -24.88 -5.92 -36.28
C PRO I 273 -23.95 -5.89 -37.51
N GLN I 274 -24.01 -6.88 -38.39
CA GLN I 274 -23.05 -6.97 -39.54
C GLN I 274 -23.39 -5.84 -40.51
N GLN I 275 -24.67 -5.47 -40.65
CA GLN I 275 -25.10 -4.38 -41.57
C GLN I 275 -24.49 -3.06 -41.08
N TYR I 276 -24.64 -2.75 -39.79
CA TYR I 276 -24.07 -1.53 -39.17
C TYR I 276 -22.57 -1.51 -39.43
N LYS I 277 -21.87 -2.59 -39.07
CA LYS I 277 -20.41 -2.72 -39.28
C LYS I 277 -20.09 -2.41 -40.74
N ALA I 278 -20.87 -2.95 -41.67
CA ALA I 278 -20.65 -2.76 -43.11
C ALA I 278 -20.66 -1.25 -43.43
N THR I 279 -21.58 -0.49 -42.86
CA THR I 279 -21.71 0.97 -43.14
C THR I 279 -20.41 1.68 -42.75
N ILE I 280 -19.76 1.17 -41.70
CA ILE I 280 -18.44 1.70 -41.23
C ILE I 280 -17.33 1.22 -42.19
N GLU I 281 -17.14 -0.09 -42.29
CA GLU I 281 -16.03 -0.72 -43.07
C GLU I 281 -16.08 -0.27 -44.54
N LEU I 282 -17.27 0.03 -45.07
CA LEU I 282 -17.46 0.43 -46.49
C LEU I 282 -17.47 1.95 -46.62
N ASN I 283 -17.29 2.66 -45.50
CA ASN I 283 -17.02 4.12 -45.49
C ASN I 283 -18.30 4.90 -45.87
N LEU I 284 -19.44 4.54 -45.29
CA LEU I 284 -20.77 5.11 -45.61
C LEU I 284 -21.33 5.93 -44.43
N LEU I 285 -21.15 5.44 -43.20
CA LEU I 285 -21.77 6.01 -41.98
C LEU I 285 -21.35 7.47 -41.81
N GLY I 286 -22.33 8.37 -41.75
CA GLY I 286 -22.11 9.82 -41.52
C GLY I 286 -21.61 10.52 -42.77
N ARG I 287 -21.65 9.84 -43.92
CA ARG I 287 -21.24 10.45 -45.22
C ARG I 287 -22.48 10.64 -46.11
N ARG I 288 -22.46 11.70 -46.92
CA ARG I 288 -23.34 11.85 -48.10
C ARG I 288 -22.71 11.12 -49.28
N ASN I 289 -23.52 10.45 -50.09
CA ASN I 289 -23.10 9.89 -51.39
C ASN I 289 -22.96 11.02 -52.40
N GLY I 290 -23.95 11.92 -52.46
CA GLY I 290 -23.93 13.13 -53.30
C GLY I 290 -24.85 13.02 -54.50
N TYR I 291 -25.18 11.83 -54.99
CA TYR I 291 -25.88 11.64 -56.29
C TYR I 291 -27.15 10.81 -56.10
N ILE I 292 -27.86 11.04 -55.00
CA ILE I 292 -29.16 10.36 -54.72
C ILE I 292 -30.27 11.34 -55.09
N PRO I 293 -30.99 11.13 -56.20
CA PRO I 293 -32.05 12.06 -56.57
C PRO I 293 -33.10 12.09 -55.44
N GLU I 294 -33.52 13.30 -55.04
CA GLU I 294 -34.51 13.56 -53.98
C GLU I 294 -35.87 13.00 -54.41
N ARG I 295 -36.50 12.20 -53.57
CA ARG I 295 -37.90 11.74 -53.78
C ARG I 295 -38.87 12.54 -52.88
N PHE I 296 -40.03 12.88 -53.45
CA PHE I 296 -41.09 13.67 -52.77
C PHE I 296 -42.30 12.79 -52.53
N PRO I 297 -42.71 12.59 -51.27
CA PRO I 297 -43.90 11.81 -50.98
C PRO I 297 -45.16 12.58 -51.36
N LEU I 298 -46.14 11.93 -51.98
CA LEU I 298 -47.50 12.51 -52.17
C LEU I 298 -48.15 12.65 -50.80
N PRO I 299 -49.18 13.52 -50.67
CA PRO I 299 -49.93 13.65 -49.43
C PRO I 299 -50.83 12.44 -49.19
N PRO I 300 -51.31 12.25 -47.95
CA PRO I 300 -52.18 11.12 -47.62
C PRO I 300 -53.52 11.31 -48.29
N PRO I 301 -54.20 10.23 -48.70
CA PRO I 301 -55.42 10.37 -49.50
C PRO I 301 -56.61 10.81 -48.64
N MET I 302 -57.55 11.51 -49.31
CA MET I 302 -58.86 12.09 -48.86
C MET I 302 -58.90 12.25 -47.34
CA CA J . -54.77 -1.61 6.29
CA CA K . -37.75 0.27 -10.62
CA CA L . -38.24 -3.23 -9.80
MG MG M . -27.87 -0.38 8.55
S SO4 N . -25.53 6.45 -5.55
O1 SO4 N . -25.27 7.02 -4.22
O2 SO4 N . -26.84 6.83 -5.98
O3 SO4 N . -24.62 7.02 -6.50
O4 SO4 N . -25.36 5.00 -5.52
S SO4 O . -57.00 -20.90 -2.29
O1 SO4 O . -57.02 -19.94 -1.20
O2 SO4 O . -57.67 -22.10 -1.88
O3 SO4 O . -57.67 -20.35 -3.44
O4 SO4 O . -55.64 -21.23 -2.66
CA CA P . 1.60 11.37 -23.94
CA CA Q . 1.19 13.17 -27.11
CA CA R . -11.12 31.49 -20.61
MG MG S . -19.05 6.83 -27.92
S SO4 T . -0.80 36.97 -38.73
O1 SO4 T . -2.16 36.48 -38.79
O2 SO4 T . -0.48 37.32 -37.37
O3 SO4 T . -0.69 38.13 -39.56
O4 SO4 T . 0.11 35.95 -39.22
S SO4 U . -6.49 -0.55 -22.15
O1 SO4 U . -5.96 0.77 -22.36
O2 SO4 U . -7.66 -0.43 -21.32
O3 SO4 U . -6.83 -1.14 -23.44
O4 SO4 U . -5.49 -1.34 -21.46
CA CA V . 1.37 65.86 -26.51
CA CA W . 20.10 52.86 -30.79
CA CA X . 21.92 53.27 -27.76
MG MG Y . 6.50 40.21 -20.78
S SO4 Z . 21.80 41.73 -18.60
O1 SO4 Z . 22.44 42.98 -18.93
O2 SO4 Z . 20.81 41.99 -17.58
O3 SO4 Z . 21.20 41.14 -19.79
O4 SO4 Z . 22.80 40.83 -18.10
S SO4 AA . 3.34 65.45 -47.36
O1 SO4 AA . 3.77 66.35 -46.32
O2 SO4 AA . 2.16 64.72 -46.91
O3 SO4 AA . 3.05 66.23 -48.54
O4 SO4 AA . 4.38 64.50 -47.64
S SO4 BA . -11.73 57.54 -18.18
O1 SO4 BA . -12.31 58.77 -18.70
O2 SO4 BA . -12.50 57.05 -17.08
O3 SO4 BA . -11.72 56.55 -19.21
O4 SO4 BA . -10.38 57.79 -17.74
S SO4 CA . 28.31 56.30 -12.37
O1 SO4 CA . 27.21 56.76 -13.17
O2 SO4 CA . 27.89 56.11 -11.01
O3 SO4 CA . 28.79 55.05 -12.90
O4 SO4 CA . 29.37 57.27 -12.40
CA CA DA . -2.10 -11.57 16.92
CA CA EA . -4.43 -14.22 16.04
CA CA FA . -23.81 -6.80 26.25
MG MG GA . -3.65 -21.84 35.98
S SO4 HA . -29.52 -19.82 9.99
O1 SO4 HA . -29.28 -18.54 9.40
O2 SO4 HA . -29.90 -19.63 11.39
O3 SO4 HA . -30.57 -20.48 9.27
O4 SO4 HA . -28.33 -20.64 9.89
S SO4 IA . -17.32 1.23 18.22
O1 SO4 IA . -18.43 2.10 17.94
O2 SO4 IA . -17.62 0.47 19.41
O3 SO4 IA . -17.12 0.33 17.11
O4 SO4 IA . -16.12 2.01 18.46
S SO4 JA . -25.88 -10.99 24.88
O1 SO4 JA . -26.47 -10.39 26.04
O2 SO4 JA . -26.46 -10.38 23.70
O3 SO4 JA . -26.16 -12.40 24.86
O4 SO4 JA . -24.44 -10.77 24.91
CA CA KA . 33.34 -3.56 -8.39
CA CA LA . 14.21 1.22 3.58
CA CA MA . 11.78 -0.94 1.97
MG MG NA . 22.78 -15.76 13.26
S SO4 OA . 35.92 15.99 -0.71
O1 SO4 OA . 37.22 16.50 -0.33
O2 SO4 OA . 34.87 16.71 -0.03
O3 SO4 OA . 35.71 16.11 -2.13
O4 SO4 OA . 35.86 14.60 -0.34
S SO4 PA . 8.02 -12.98 9.59
O1 SO4 PA . 9.07 -12.05 9.92
O2 SO4 PA . 6.89 -12.67 10.43
O3 SO4 PA . 7.68 -12.85 8.19
O4 SO4 PA . 8.47 -14.33 9.82
CA CA QA . 28.13 33.21 -24.01
CA CA RA . 30.19 33.53 -21.06
CA CA SA . 49.87 23.67 -28.18
MG MG TA . 27.47 12.52 -17.74
S SO4 UA . 55.24 36.51 -12.36
O1 SO4 UA . 54.30 37.58 -12.32
O2 SO4 UA . 55.04 35.63 -11.22
O3 SO4 UA . 55.05 35.75 -13.56
O4 SO4 UA . 56.56 37.06 -12.34
CA CA VA . 38.14 -23.21 23.30
CA CA WA . 22.27 -21.11 39.95
CA CA XA . 21.05 -24.57 40.22
MG MG YA . 39.35 -28.04 49.69
S SO4 ZA . 32.64 -2.79 23.54
O1 SO4 ZA . 31.73 -2.17 24.46
O2 SO4 ZA . 33.26 -1.78 22.73
O3 SO4 ZA . 31.92 -3.71 22.69
O4 SO4 ZA . 33.66 -3.50 24.28
CA CA AB . 9.57 -44.40 46.66
CA CA BB . 7.38 -45.36 43.90
CA CA CB . -11.70 -33.69 49.63
MG MG DB . -2.46 -57.51 57.76
S SO4 EB . -13.31 -36.99 28.89
O1 SO4 EB . -13.31 -36.35 30.19
O2 SO4 EB . -14.61 -36.86 28.30
O3 SO4 EB . -12.99 -38.39 29.03
O4 SO4 EB . -12.33 -36.35 28.05
S SO4 FB . 12.45 -54.36 56.75
O1 SO4 FB . 11.56 -53.76 55.80
O2 SO4 FB . 11.98 -54.09 58.09
O3 SO4 FB . 12.50 -55.79 56.51
O4 SO4 FB . 13.77 -53.80 56.57
CA CA GB . -36.93 8.94 -35.92
CA CA HB . -31.61 -13.20 -43.75
CA CA IB . -29.97 -10.75 -45.87
MG MG JB . -48.93 -6.65 -54.14
S SO4 KB . -42.97 -20.21 -49.29
O1 SO4 KB . -44.37 -19.81 -49.20
O2 SO4 KB . -42.29 -19.52 -48.23
O3 SO4 KB . -42.38 -19.90 -50.60
O4 SO4 KB . -42.84 -21.63 -49.06
S SO4 LB . -18.96 13.73 -46.02
O1 SO4 LB . -18.34 15.03 -45.92
O2 SO4 LB . -19.34 13.28 -44.70
O3 SO4 LB . -20.13 13.83 -46.85
O4 SO4 LB . -18.00 12.79 -46.57
S SO4 MB . -51.93 15.44 -40.70
O1 SO4 MB . -50.83 16.03 -39.96
O2 SO4 MB . -53.09 16.27 -40.53
O3 SO4 MB . -52.20 14.11 -40.21
O4 SO4 MB . -51.62 15.36 -42.09
#